data_6LNB
#
_entry.id   6LNB
#
_cell.length_a   1.00
_cell.length_b   1.00
_cell.length_c   1.00
_cell.angle_alpha   90.00
_cell.angle_beta   90.00
_cell.angle_gamma   90.00
#
_symmetry.space_group_name_H-M   'P 1'
#
loop_
_entity.id
_entity.type
_entity.pdbx_description
1 polymer 'CRISPR-associated protein Cas7'
2 polymer 'CRISPR-associated protein Cas8'
3 polymer 'CRISPR-associated protein Cas6'
4 polymer 'Transposition protein TniQ'
5 polymer 'CRISPR RNA (60-MER)'
6 polymer 'Target DNA strand (51-MER)'
7 polymer 'Non-target DNA strand (51-MER)'
#
loop_
_entity_poly.entity_id
_entity_poly.type
_entity_poly.pdbx_seq_one_letter_code
_entity_poly.pdbx_strand_id
1 'polypeptide(L)'
;GSMKLPTNLAYERSIDPSDVCFFVVWPDDRKTPLTYNSRTLLGQMEAASLAYDVSGQPIKSATAEALAQGNPHQVDFCHV
PYGASHIECSFSVSFSSELRQPYKCNSSKVKQTLVQLVELYETKIGWTELATRYLMNICNGKWLWKNTRKAYCWNIVLTP
WPWNGEKVGFEDIRTNYTSRQDFKNNKNWSAIVEMIKTAFSSTDGLAIFEVRATLHLPTNAMVRPSQVFTEKESGSKSKS
KTQNSRVFQSTTIDGERSPILGAFKTGAAIATIDDWYPEATEPLRVGRFGVHREDVTCYRHPSTGKDFFSILQQAEHYIE
VLSANKTPAQETINDMHFLMANLIKGGMFQHKGD
;
G,F,E,D,C,B
2 'polypeptide(L)'
;MQTLKELIASNPDDLTTELKRAFRPLTPHIAIDGNELDALTILVNLTDKTDDQKDLLDRAKCKQKLRDEKWWASCINCVN
YRQSHNPKFPDIRSEGVIRTQALGELPSFLLSSSKIPPYHWSYSHDSKYVNKSAFLTNEFCWDGEISCLGELLKDADHPL
WNTLKKLGCSQKTCKAMAKQLADITLTTINVTLAPNYLTQISLPDSDTSYISLSPVASLSMQSHFHQRLQDENRHSAITR
FSRTTNMGVTAMTCGGAFRMLKSGAKFSSPPHHRLNSKRSWLTSEHVQSLKQYQRLNKSLIPENSRIALRRKYKIELQNM
VRSWFAMQDHTLDSNILIQHLNHDLSYLGATKRFAYDPAMTKLFTELLKRELSNSINNGEQHTNGSFLVLPNIRVCGATA
LSSPVTVGIPSLTAFFGFVHAFERNINRTTSSFRVESFAICVHQLHVEKRGLTAEFVEKGDGTISAPATRDDWQCDVVFS
LILNTNFAQHIDQDTLVTSLPKRLARGSAKIAIDDFKHINSFSTLETAIESLPIEAGRWLSLYAQSNNNLSDLLAAMTED
HQLMASCVGYHLLEEPKDKPNSLRGYKHAIAECIIGLINSITFSSETDPNTIFWSLKNYQNYLVVQPRSINDETTDKSSL
;
H
3 'polypeptide(L)'
;VKWYYKTITFLPELCNNESLAAKCLRVLHGFNYQYETRNIGVSFPLWCDATVGKKISFVSKNKIELDLLLKQHYFVQMEQ
LQYFHISNTVLVPEDCTYVSFRRCQSIDKLTAAGLARKIRRLEKRALSRGEQFDPSSFAQKEHTAIAHYHSLGESSKQTN
RNFRLNIRMLSEQPREGNSIFSSYGLSNSENSFQPVPLI
;
A
4 'polypeptide(L)'
;MFLQRPKPYSDESLESFFIRVANKNGYGDVHRFLEATKRFLQDIDHNGYQTFPTDITRINPYSAKNSSSARTASFLKLAQ
LTFNEPPELLGLAINRTNMKYSPSTSAVVRGAEVFPRSLLRTHSIPCCPLCLRENGYASYLWHFQGYEYCHSHNVPLITT
CSCGKEFDYRVSGLKGICCKCKEPITLTSRENGHEAACTVSNWLAGHESKPLPNLPKSYRWGLVHWWMGIKDSEFDHFSF
VQFFSNWPRSFHSIIEDEVEFNLEHAVVSTSELRLKDLLGRLFFGSIRLPERNLQHNIILGELLCYLENRLWQDKGLIAN
LKMNALEATVMLNCSLDQIASMVEQRILKPNRKSKPNSPLDVTDYLFHFGDIFCLWLAEFQSDEFNRSFYVSRW
;
J,I
5 'polyribonucleotide' CUGAUAACUUCACGGCGGGCUUGAUGUCCGCGUCUACCUGGUGAACUGCCGAGUAGGUAG M
6 'polydeoxyribonucleotide'
;(DA)(DA)(DA)(DC)(DC)(DT)(DT)(DG)(DG)(DG)(DA)(DG)(DG)(DT)(DA)(DG)(DA)(DC)(DG)(DC)
(DG)(DG)(DA)(DC)(DA)(DT)(DC)(DA)(DA)(DG)(DC)(DC)(DC)(DG)(DC)(DC)(DG)(DT)(DG)(DA)
(DA)(DG)(DG)(DT)(DC)(DT)(DT)(DA)(DG)(DG)(DG)
;
N
7 'polydeoxyribonucleotide'
;(DC)(DC)(DC)(DT)(DA)(DA)(DG)(DA)(DC)(DC)(DT)(DT)(DC)(DA)(DC)(DG)(DG)(DC)(DT)(DT)
(DT)(DA)(DA)(DA)(DG)(DA)(DT)(DG)(DT)(DC)(DT)(DT)(DT)(DA)(DA)(DC)(DT)(DA)(DC)(DC)
(DT)(DC)(DC)(DC)(DA)(DA)(DG)(DG)(DT)(DT)(DT)
;
O
#
loop_
_chem_comp.id
_chem_comp.type
_chem_comp.name
_chem_comp.formula
A RNA linking ADENOSINE-5'-MONOPHOSPHATE 'C10 H14 N5 O7 P'
C RNA linking CYTIDINE-5'-MONOPHOSPHATE 'C9 H14 N3 O8 P'
DA DNA linking 2'-DEOXYADENOSINE-5'-MONOPHOSPHATE 'C10 H14 N5 O6 P'
DC DNA linking 2'-DEOXYCYTIDINE-5'-MONOPHOSPHATE 'C9 H14 N3 O7 P'
DG DNA linking 2'-DEOXYGUANOSINE-5'-MONOPHOSPHATE 'C10 H14 N5 O7 P'
DT DNA linking THYMIDINE-5'-MONOPHOSPHATE 'C10 H15 N2 O8 P'
G RNA linking GUANOSINE-5'-MONOPHOSPHATE 'C10 H14 N5 O8 P'
U RNA linking URIDINE-5'-MONOPHOSPHATE 'C9 H13 N2 O9 P'
#
# COMPACT_ATOMS: atom_id res chain seq x y z
N LYS A 4 37.53 -28.36 66.00
CA LYS A 4 36.44 -28.18 65.05
C LYS A 4 36.84 -27.14 64.01
N LEU A 5 35.87 -26.74 63.16
CA LEU A 5 36.06 -25.81 62.03
C LEU A 5 37.19 -26.25 61.11
N PRO A 6 36.96 -27.23 60.24
CA PRO A 6 38.03 -27.75 59.39
C PRO A 6 38.51 -26.72 58.36
N THR A 7 39.59 -27.09 57.67
CA THR A 7 40.35 -26.16 56.85
C THR A 7 39.68 -25.80 55.53
N ASN A 8 38.60 -26.48 55.14
CA ASN A 8 37.74 -25.98 54.07
C ASN A 8 36.33 -26.54 54.23
N LEU A 9 35.35 -25.63 54.30
CA LEU A 9 33.94 -25.97 54.38
C LEU A 9 33.15 -24.85 53.74
N ALA A 10 32.17 -25.21 52.91
CA ALA A 10 31.41 -24.21 52.19
C ALA A 10 30.04 -24.76 51.84
N TYR A 11 29.03 -23.90 51.92
CA TYR A 11 27.71 -24.16 51.37
C TYR A 11 27.50 -23.25 50.17
N GLU A 12 26.28 -23.22 49.65
CA GLU A 12 25.90 -22.17 48.72
C GLU A 12 24.43 -21.84 48.92
N ARG A 13 23.99 -20.75 48.30
CA ARG A 13 22.78 -20.07 48.71
C ARG A 13 21.52 -20.83 48.29
N SER A 14 20.46 -20.65 49.07
CA SER A 14 19.18 -21.30 48.80
C SER A 14 18.09 -20.32 48.43
N ILE A 15 18.42 -19.03 48.29
CA ILE A 15 17.50 -18.00 47.83
C ILE A 15 18.25 -17.14 46.82
N ASP A 16 17.67 -16.95 45.63
CA ASP A 16 18.31 -16.10 44.63
C ASP A 16 17.33 -15.26 43.83
N PRO A 17 17.36 -13.94 43.99
CA PRO A 17 16.51 -13.07 43.16
C PRO A 17 17.19 -12.63 41.87
N SER A 18 16.49 -11.84 41.08
CA SER A 18 17.00 -11.17 39.90
C SER A 18 16.85 -9.65 40.11
N ASP A 19 17.06 -8.88 39.05
CA ASP A 19 16.96 -7.44 39.15
C ASP A 19 15.54 -6.94 38.88
N VAL A 20 15.29 -5.69 39.27
CA VAL A 20 13.95 -5.11 39.30
C VAL A 20 13.88 -4.05 38.21
N CYS A 21 13.43 -4.43 37.01
CA CYS A 21 13.37 -3.49 35.91
C CYS A 21 12.13 -2.61 36.04
N PHE A 22 12.25 -1.36 35.63
CA PHE A 22 11.17 -0.38 35.75
C PHE A 22 10.51 -0.12 34.41
N PHE A 23 9.20 0.15 34.43
CA PHE A 23 8.42 0.46 33.25
C PHE A 23 7.40 1.53 33.60
N VAL A 24 7.09 2.38 32.63
CA VAL A 24 6.11 3.45 32.78
C VAL A 24 4.85 3.03 32.03
N VAL A 25 3.69 3.21 32.66
CA VAL A 25 2.43 2.91 31.99
C VAL A 25 1.66 4.20 31.75
N TRP A 26 0.95 4.22 30.64
CA TRP A 26 0.25 5.38 30.14
C TRP A 26 -1.25 5.21 30.36
N PRO A 27 -2.04 6.29 30.30
CA PRO A 27 -3.48 6.13 30.51
C PRO A 27 -4.18 5.32 29.42
N ASP A 28 -3.66 5.29 28.20
CA ASP A 28 -4.23 4.39 27.21
C ASP A 28 -3.53 3.03 27.17
N ASP A 29 -3.29 2.46 28.35
CA ASP A 29 -2.74 1.11 28.61
C ASP A 29 -1.56 0.76 27.70
N ARG A 30 -0.53 1.58 27.77
CA ARG A 30 0.65 1.43 26.92
C ARG A 30 1.87 1.38 27.84
N LYS A 31 2.92 0.71 27.40
CA LYS A 31 4.07 0.46 28.27
C LYS A 31 5.37 0.81 27.57
N THR A 32 6.12 1.73 28.16
CA THR A 32 7.46 2.12 27.77
C THR A 32 8.38 2.01 28.97
N PRO A 33 9.66 1.68 28.75
CA PRO A 33 10.60 1.63 29.88
C PRO A 33 10.99 3.01 30.37
N LEU A 34 11.37 3.08 31.64
CA LEU A 34 11.78 4.32 32.25
C LEU A 34 13.25 4.62 31.94
N THR A 35 13.54 5.87 31.62
CA THR A 35 14.87 6.28 31.20
C THR A 35 15.41 7.41 32.09
N TYR A 36 16.67 7.75 31.87
CA TYR A 36 17.33 8.81 32.63
C TYR A 36 18.35 9.49 31.75
N ASN A 37 18.78 10.68 32.16
CA ASN A 37 19.90 11.34 31.51
C ASN A 37 20.65 12.21 32.51
N SER A 38 21.91 12.49 32.18
CA SER A 38 22.82 13.20 33.06
C SER A 38 22.48 14.69 33.11
N ARG A 39 22.91 15.34 34.19
CA ARG A 39 22.54 16.71 34.46
C ARG A 39 23.59 17.35 35.35
N THR A 40 24.11 18.49 34.93
CA THR A 40 25.07 19.23 35.73
C THR A 40 24.39 20.33 36.50
N LEU A 41 25.01 20.73 37.62
CA LEU A 41 24.37 21.65 38.54
C LEU A 41 25.42 22.50 39.22
N LEU A 42 24.97 23.61 39.78
CA LEU A 42 25.84 24.55 40.47
C LEU A 42 25.53 24.44 41.95
N GLY A 43 26.44 23.83 42.70
CA GLY A 43 26.31 23.73 44.14
C GLY A 43 26.87 24.94 44.84
N GLN A 44 27.33 24.72 46.07
CA GLN A 44 27.96 25.79 46.83
C GLN A 44 28.98 25.17 47.78
N MET A 45 29.97 25.97 48.16
CA MET A 45 31.02 25.52 49.07
C MET A 45 30.43 25.29 50.45
N GLU A 46 30.32 24.02 50.85
CA GLU A 46 29.69 23.66 52.12
C GLU A 46 30.45 22.61 52.91
N ALA A 47 31.62 22.18 52.46
CA ALA A 47 32.37 21.19 53.21
C ALA A 47 33.05 21.83 54.41
N ALA A 48 33.22 21.05 55.47
CA ALA A 48 33.85 21.56 56.67
C ALA A 48 35.35 21.76 56.49
N SER A 49 35.98 20.96 55.65
CA SER A 49 37.41 21.01 55.42
C SER A 49 37.83 22.08 54.41
N LEU A 50 36.94 23.01 54.07
CA LEU A 50 37.28 24.14 53.23
C LEU A 50 37.47 25.43 54.01
N ALA A 51 36.81 25.57 55.15
CA ALA A 51 37.00 26.71 56.03
C ALA A 51 37.93 26.42 57.19
N TYR A 52 37.69 25.35 57.94
CA TYR A 52 38.51 24.94 59.07
C TYR A 52 39.52 23.92 58.60
N ASP A 53 40.73 23.94 59.16
CA ASP A 53 41.70 22.91 58.77
C ASP A 53 41.72 21.74 59.76
N VAL A 54 42.13 21.98 61.01
CA VAL A 54 42.15 20.99 62.09
C VAL A 54 41.81 21.69 63.41
N SER A 55 40.70 21.29 64.02
CA SER A 55 40.28 21.69 65.38
C SER A 55 40.18 23.21 65.53
N GLY A 56 39.27 23.79 64.76
CA GLY A 56 39.23 25.23 64.64
C GLY A 56 40.32 25.68 63.71
N GLN A 57 40.90 26.86 63.98
CA GLN A 57 41.89 27.54 63.15
C GLN A 57 41.39 27.69 61.72
N PRO A 58 40.47 28.61 61.44
CA PRO A 58 39.98 28.79 60.07
C PRO A 58 41.10 29.22 59.12
N ILE A 59 41.04 28.70 57.90
CA ILE A 59 42.10 28.93 56.92
C ILE A 59 42.07 30.38 56.47
N LYS A 60 43.23 31.03 56.48
CA LYS A 60 43.28 32.45 56.16
C LYS A 60 43.14 32.70 54.67
N SER A 61 43.46 31.72 53.83
CA SER A 61 43.35 31.86 52.39
C SER A 61 41.97 31.50 51.85
N ALA A 62 40.97 31.39 52.72
CA ALA A 62 39.59 31.11 52.34
C ALA A 62 38.74 32.18 53.01
N THR A 63 38.56 33.30 52.33
CA THR A 63 37.92 34.48 52.87
C THR A 63 36.44 34.50 52.52
N ALA A 64 35.76 35.60 52.85
CA ALA A 64 34.32 35.72 52.66
C ALA A 64 33.90 35.81 51.19
N GLU A 65 34.83 36.04 50.27
CA GLU A 65 34.51 35.99 48.85
C GLU A 65 34.92 34.67 48.21
N ALA A 66 35.96 34.02 48.72
CA ALA A 66 36.34 32.70 48.22
C ALA A 66 35.30 31.64 48.57
N LEU A 67 34.65 31.76 49.72
CA LEU A 67 33.60 30.82 50.09
C LEU A 67 32.32 31.01 49.29
N ALA A 68 32.10 32.21 48.74
CA ALA A 68 30.87 32.49 48.00
C ALA A 68 31.02 32.23 46.51
N GLN A 69 31.91 31.33 46.12
CA GLN A 69 32.00 30.89 44.75
C GLN A 69 30.93 29.84 44.48
N GLY A 70 31.00 29.20 43.31
CA GLY A 70 30.17 28.06 43.06
C GLY A 70 31.05 26.87 42.72
N ASN A 71 30.53 25.66 42.85
CA ASN A 71 31.30 24.55 42.33
C ASN A 71 30.41 23.58 41.55
N PRO A 72 30.72 23.36 40.28
CA PRO A 72 29.91 22.45 39.48
C PRO A 72 30.23 20.99 39.76
N HIS A 73 29.20 20.16 39.71
CA HIS A 73 29.29 18.71 39.84
C HIS A 73 28.19 18.11 39.00
N GLN A 74 28.50 17.00 38.32
CA GLN A 74 27.57 16.37 37.41
C GLN A 74 26.93 15.16 38.08
N VAL A 75 25.59 15.03 37.94
CA VAL A 75 24.85 13.91 38.52
C VAL A 75 24.00 13.25 37.43
N ASP A 76 23.37 12.14 37.80
CA ASP A 76 22.28 11.55 37.01
C ASP A 76 20.96 11.84 37.70
N PHE A 77 19.89 11.76 36.92
CA PHE A 77 18.59 12.20 37.37
C PHE A 77 17.52 11.38 36.66
N CYS A 78 16.56 10.88 37.43
CA CYS A 78 15.46 10.09 36.90
C CYS A 78 14.16 10.50 37.57
N HIS A 79 13.10 10.60 36.79
CA HIS A 79 11.80 10.98 37.35
C HIS A 79 10.69 10.31 36.56
N VAL A 80 9.48 10.42 37.09
CA VAL A 80 8.28 9.92 36.41
C VAL A 80 7.85 10.98 35.39
N PRO A 81 7.67 10.62 34.13
CA PRO A 81 7.32 11.62 33.11
C PRO A 81 5.90 12.11 33.27
N TYR A 82 5.61 13.23 32.61
CA TYR A 82 4.33 13.89 32.76
C TYR A 82 3.24 13.12 32.04
N GLY A 83 2.08 13.00 32.68
CA GLY A 83 0.95 12.33 32.07
C GLY A 83 1.06 10.82 32.00
N ALA A 84 1.68 10.19 32.98
CA ALA A 84 1.70 8.75 33.10
C ALA A 84 0.72 8.28 34.17
N SER A 85 0.39 6.99 34.12
CA SER A 85 -0.54 6.43 35.11
C SER A 85 0.19 6.08 36.40
N HIS A 86 1.15 5.17 36.32
CA HIS A 86 1.93 4.72 37.47
C HIS A 86 3.21 4.06 36.97
N ILE A 87 3.94 3.46 37.91
CA ILE A 87 5.14 2.68 37.63
C ILE A 87 4.82 1.23 37.97
N GLU A 88 5.35 0.29 37.18
CA GLU A 88 5.24 -1.12 37.55
C GLU A 88 6.63 -1.77 37.53
N CYS A 89 6.86 -2.69 38.47
CA CYS A 89 8.20 -3.16 38.81
C CYS A 89 8.26 -4.69 38.77
N SER A 90 8.57 -5.26 37.61
CA SER A 90 8.77 -6.70 37.48
C SER A 90 9.97 -7.17 38.28
N PHE A 91 9.91 -8.44 38.72
CA PHE A 91 10.84 -9.07 39.66
C PHE A 91 10.48 -10.55 39.79
N SER A 92 11.48 -11.39 40.10
CA SER A 92 11.26 -12.82 40.30
C SER A 92 12.18 -13.37 41.39
N VAL A 93 11.69 -14.36 42.14
CA VAL A 93 12.41 -15.00 43.24
C VAL A 93 12.44 -16.50 42.93
N SER A 94 13.26 -17.25 43.66
CA SER A 94 13.17 -18.71 43.65
C SER A 94 13.63 -19.23 45.00
N PHE A 95 13.30 -20.49 45.27
CA PHE A 95 13.68 -21.18 46.50
C PHE A 95 14.13 -22.59 46.15
N SER A 96 15.05 -23.13 46.95
CA SER A 96 15.54 -24.48 46.72
C SER A 96 16.04 -25.06 48.04
N SER A 97 16.69 -26.21 47.96
CA SER A 97 17.16 -26.96 49.12
C SER A 97 18.63 -27.29 48.91
N GLU A 98 19.49 -26.35 49.28
CA GLU A 98 20.93 -26.58 49.23
C GLU A 98 21.57 -26.41 50.59
N LEU A 99 20.76 -26.09 51.60
CA LEU A 99 21.19 -26.01 52.99
C LEU A 99 21.30 -27.37 53.64
N ARG A 100 20.84 -28.43 52.98
CA ARG A 100 20.85 -29.76 53.56
C ARG A 100 22.16 -30.50 53.32
N GLN A 101 22.79 -30.30 52.16
CA GLN A 101 24.04 -30.98 51.85
C GLN A 101 25.16 -29.98 51.63
N PRO A 102 26.34 -30.20 52.21
CA PRO A 102 27.46 -29.28 52.00
C PRO A 102 28.04 -29.34 50.59
N TYR A 103 28.74 -28.27 50.24
CA TYR A 103 29.42 -28.13 48.95
C TYR A 103 30.90 -28.48 49.04
N LYS A 104 31.50 -28.37 50.22
CA LYS A 104 32.85 -28.84 50.47
C LYS A 104 32.87 -29.87 51.60
N CYS A 105 34.02 -30.50 51.78
CA CYS A 105 34.12 -31.78 52.49
C CYS A 105 35.49 -31.85 53.18
N ASN A 106 35.95 -33.09 53.40
CA ASN A 106 37.23 -33.61 53.95
C ASN A 106 37.29 -33.60 55.47
N SER A 107 36.15 -33.50 56.15
CA SER A 107 36.05 -33.86 57.56
C SER A 107 34.70 -34.53 57.76
N SER A 108 34.73 -35.80 58.16
CA SER A 108 33.50 -36.58 58.24
C SER A 108 32.72 -36.29 59.51
N LYS A 109 33.40 -35.92 60.60
CA LYS A 109 32.71 -35.72 61.86
C LYS A 109 31.90 -34.43 61.87
N VAL A 110 32.25 -33.47 61.02
CA VAL A 110 31.44 -32.27 60.93
C VAL A 110 30.49 -32.35 59.74
N LYS A 111 30.73 -33.28 58.81
CA LYS A 111 29.80 -33.43 57.69
C LYS A 111 28.53 -34.14 58.13
N GLN A 112 28.66 -35.20 58.93
CA GLN A 112 27.47 -35.89 59.40
C GLN A 112 26.79 -35.13 60.54
N THR A 113 27.51 -34.25 61.22
CA THR A 113 26.89 -33.47 62.29
C THR A 113 26.06 -32.33 61.71
N LEU A 114 26.54 -31.70 60.64
CA LEU A 114 25.82 -30.55 60.08
C LEU A 114 24.69 -30.99 59.16
N VAL A 115 24.58 -32.29 58.87
CA VAL A 115 23.39 -32.76 58.17
C VAL A 115 22.40 -33.35 59.16
N GLN A 116 22.86 -33.80 60.32
CA GLN A 116 21.94 -34.28 61.36
C GLN A 116 21.22 -33.13 62.03
N LEU A 117 21.92 -32.01 62.22
CA LEU A 117 21.33 -30.84 62.87
C LEU A 117 20.23 -30.22 62.02
N VAL A 118 20.33 -30.36 60.70
CA VAL A 118 19.24 -29.93 59.82
C VAL A 118 18.05 -30.86 59.95
N GLU A 119 18.30 -32.17 60.09
CA GLU A 119 17.22 -33.14 60.20
C GLU A 119 16.47 -33.01 61.52
N LEU A 120 17.17 -32.66 62.60
CA LEU A 120 16.53 -32.59 63.90
C LEU A 120 15.95 -31.21 64.17
N TYR A 121 16.33 -30.20 63.40
CA TYR A 121 15.60 -28.93 63.43
C TYR A 121 14.35 -29.02 62.56
N GLU A 122 14.36 -29.89 61.56
CA GLU A 122 13.27 -29.97 60.60
C GLU A 122 12.01 -30.52 61.24
N THR A 123 12.13 -31.61 62.00
CA THR A 123 10.96 -32.28 62.54
C THR A 123 10.56 -31.76 63.91
N LYS A 124 11.51 -31.28 64.70
CA LYS A 124 11.18 -30.84 66.05
C LYS A 124 10.50 -29.47 66.04
N ILE A 125 11.20 -28.45 65.56
CA ILE A 125 10.64 -27.10 65.42
C ILE A 125 10.77 -26.68 63.96
N GLY A 126 9.73 -26.94 63.18
CA GLY A 126 9.80 -26.90 61.74
C GLY A 126 9.91 -25.49 61.17
N TRP A 127 9.75 -25.44 59.84
CA TRP A 127 10.11 -24.26 59.06
C TRP A 127 9.05 -23.18 59.07
N THR A 128 8.08 -23.22 59.99
CA THR A 128 7.02 -22.22 59.94
C THR A 128 7.47 -20.88 60.52
N GLU A 129 8.65 -20.81 61.11
CA GLU A 129 9.15 -19.54 61.65
C GLU A 129 9.89 -18.75 60.58
N LEU A 130 10.88 -19.37 59.93
CA LEU A 130 11.68 -18.64 58.96
C LEU A 130 10.92 -18.37 57.67
N ALA A 131 10.08 -19.31 57.23
CA ALA A 131 9.48 -19.19 55.91
C ALA A 131 8.32 -18.21 55.89
N THR A 132 7.92 -17.67 57.05
CA THR A 132 7.00 -16.55 57.04
C THR A 132 7.75 -15.23 57.08
N ARG A 133 8.94 -15.20 57.69
CA ARG A 133 9.74 -13.98 57.69
C ARG A 133 10.30 -13.71 56.30
N TYR A 134 10.74 -14.75 55.59
CA TYR A 134 11.21 -14.56 54.22
C TYR A 134 10.09 -14.20 53.27
N LEU A 135 8.84 -14.53 53.63
CA LEU A 135 7.73 -14.21 52.75
C LEU A 135 7.05 -12.91 53.14
N MET A 136 7.23 -12.44 54.36
CA MET A 136 6.69 -11.12 54.69
C MET A 136 7.56 -10.01 54.15
N ASN A 137 8.84 -10.26 53.88
CA ASN A 137 9.67 -9.22 53.28
C ASN A 137 9.36 -9.04 51.80
N ILE A 138 9.04 -10.12 51.10
CA ILE A 138 8.68 -10.02 49.68
C ILE A 138 7.34 -9.32 49.52
N CYS A 139 6.33 -9.80 50.25
CA CYS A 139 4.95 -9.37 50.08
C CYS A 139 4.63 -8.05 50.79
N ASN A 140 5.61 -7.36 51.35
CA ASN A 140 5.40 -6.06 51.95
C ASN A 140 5.78 -4.93 51.01
N GLY A 141 6.88 -5.10 50.28
CA GLY A 141 7.43 -4.03 49.48
C GLY A 141 8.72 -3.52 50.09
N LYS A 142 9.42 -4.42 50.77
CA LYS A 142 10.72 -4.13 51.38
C LYS A 142 11.83 -4.14 50.33
N TRP A 143 11.56 -4.67 49.16
CA TRP A 143 12.51 -4.86 48.08
C TRP A 143 12.58 -3.68 47.12
N LEU A 144 11.91 -2.57 47.44
CA LEU A 144 12.02 -1.33 46.68
C LEU A 144 12.85 -0.29 47.41
N TRP A 145 13.00 -0.43 48.73
CA TRP A 145 13.94 0.21 49.63
C TRP A 145 13.74 1.70 49.90
N LYS A 146 13.30 2.45 48.91
CA LYS A 146 13.10 3.89 49.07
C LYS A 146 11.99 4.44 48.21
N ASN A 147 11.34 3.64 47.39
CA ASN A 147 10.37 4.15 46.44
C ASN A 147 8.96 4.14 46.97
N THR A 148 8.74 3.51 48.11
CA THR A 148 7.44 3.48 48.74
C THR A 148 7.27 4.61 49.75
N ARG A 149 8.35 5.24 50.17
CA ARG A 149 8.23 6.46 50.96
C ARG A 149 7.93 7.61 50.00
N LYS A 150 7.08 8.53 50.44
CA LYS A 150 6.55 9.65 49.65
C LYS A 150 5.77 9.13 48.43
N ALA A 151 4.94 8.12 48.64
CA ALA A 151 4.13 7.52 47.60
C ALA A 151 2.68 7.45 48.06
N TYR A 152 1.76 7.39 47.11
CA TYR A 152 0.34 7.33 47.47
C TYR A 152 -0.05 5.93 47.95
N CYS A 153 0.21 4.91 47.13
CA CYS A 153 -0.18 3.54 47.45
C CYS A 153 0.64 2.59 46.59
N TRP A 154 0.73 1.33 47.02
CA TRP A 154 1.30 0.32 46.15
C TRP A 154 0.63 -1.02 46.40
N ASN A 155 0.78 -1.92 45.42
CA ASN A 155 0.01 -3.16 45.35
C ASN A 155 0.91 -4.27 44.83
N ILE A 156 1.07 -5.34 45.59
CA ILE A 156 1.88 -6.49 45.19
C ILE A 156 0.97 -7.57 44.64
N VAL A 157 1.37 -8.18 43.53
CA VAL A 157 0.66 -9.29 42.90
C VAL A 157 1.69 -10.35 42.52
N LEU A 158 1.54 -11.57 43.03
CA LEU A 158 2.57 -12.59 42.85
C LEU A 158 2.01 -13.87 42.25
N THR A 159 2.76 -14.44 41.31
CA THR A 159 2.35 -15.63 40.59
C THR A 159 3.18 -16.81 41.07
N PRO A 160 2.63 -17.78 41.79
CA PRO A 160 3.41 -18.93 42.24
C PRO A 160 3.59 -19.97 41.14
N TRP A 161 4.50 -20.92 41.42
CA TRP A 161 4.72 -22.08 40.57
C TRP A 161 5.35 -23.14 41.47
N PRO A 162 4.91 -24.41 41.41
CA PRO A 162 3.73 -24.92 40.70
C PRO A 162 2.44 -24.67 41.47
N TRP A 163 1.50 -23.99 40.82
CA TRP A 163 0.29 -23.48 41.45
C TRP A 163 -0.90 -23.89 40.61
N ASN A 164 -2.05 -24.04 41.26
CA ASN A 164 -3.31 -24.36 40.58
C ASN A 164 -4.39 -23.46 41.18
N GLY A 165 -4.55 -22.28 40.58
CA GLY A 165 -5.46 -21.29 41.11
C GLY A 165 -5.17 -19.93 40.51
N GLU A 166 -5.77 -18.91 41.11
CA GLU A 166 -5.66 -17.55 40.59
C GLU A 166 -4.40 -16.89 41.16
N LYS A 167 -3.93 -15.86 40.45
CA LYS A 167 -2.79 -15.07 40.89
C LYS A 167 -3.09 -14.38 42.21
N VAL A 168 -2.42 -14.80 43.27
CA VAL A 168 -2.62 -14.21 44.59
C VAL A 168 -2.00 -12.81 44.61
N GLY A 169 -2.79 -11.82 44.98
CA GLY A 169 -2.33 -10.45 44.98
C GLY A 169 -2.74 -9.75 46.26
N PHE A 170 -1.86 -8.85 46.73
CA PHE A 170 -2.08 -8.12 47.96
C PHE A 170 -2.36 -6.67 47.60
N GLU A 171 -3.48 -6.14 48.09
CA GLU A 171 -3.81 -4.74 47.82
C GLU A 171 -3.14 -3.82 48.83
N ASP A 172 -3.62 -2.57 48.92
CA ASP A 172 -2.97 -1.42 49.57
C ASP A 172 -2.39 -1.72 50.95
N ILE A 173 -1.06 -1.55 51.05
CA ILE A 173 -0.28 -2.13 52.13
C ILE A 173 -0.10 -1.12 53.27
N ARG A 174 -0.13 0.17 52.94
CA ARG A 174 0.05 1.20 53.96
C ARG A 174 -1.11 1.25 54.95
N THR A 175 -2.31 0.86 54.52
CA THR A 175 -3.45 0.82 55.43
C THR A 175 -3.77 -0.59 55.91
N ASN A 176 -3.85 -1.57 55.01
CA ASN A 176 -4.35 -2.89 55.37
C ASN A 176 -3.27 -3.77 56.00
N TYR A 177 -2.24 -4.10 55.22
CA TYR A 177 -1.26 -5.12 55.61
C TYR A 177 -0.18 -4.51 56.50
N THR A 178 -0.57 -4.22 57.74
CA THR A 178 0.34 -3.56 58.68
C THR A 178 1.24 -4.55 59.41
N SER A 179 0.65 -5.48 60.16
CA SER A 179 1.40 -6.37 61.03
C SER A 179 1.37 -7.80 60.48
N ARG A 180 1.93 -8.73 61.26
CA ARG A 180 1.97 -10.14 60.91
C ARG A 180 0.58 -10.78 60.88
N GLN A 181 -0.40 -10.17 61.54
CA GLN A 181 -1.75 -10.72 61.60
C GLN A 181 -2.44 -10.70 60.25
N ASP A 182 -2.50 -9.54 59.59
CA ASP A 182 -3.33 -9.39 58.40
C ASP A 182 -2.75 -10.10 57.19
N PHE A 183 -1.45 -10.40 57.18
CA PHE A 183 -0.94 -11.28 56.14
C PHE A 183 -1.46 -12.70 56.32
N LYS A 184 -1.71 -13.11 57.58
CA LYS A 184 -2.17 -14.46 57.84
C LYS A 184 -3.66 -14.63 57.59
N ASN A 185 -4.44 -13.55 57.63
CA ASN A 185 -5.86 -13.61 57.32
C ASN A 185 -6.13 -13.37 55.85
N ASN A 186 -5.45 -14.10 54.99
CA ASN A 186 -5.68 -14.06 53.56
C ASN A 186 -5.87 -15.49 53.10
N LYS A 187 -6.75 -15.68 52.12
CA LYS A 187 -7.23 -17.01 51.74
C LYS A 187 -6.23 -17.79 50.88
N ASN A 188 -5.01 -17.28 50.70
CA ASN A 188 -3.98 -18.03 50.01
C ASN A 188 -2.69 -18.12 50.81
N TRP A 189 -2.72 -17.73 52.08
CA TRP A 189 -1.49 -17.57 52.85
C TRP A 189 -0.89 -18.91 53.26
N SER A 190 -1.72 -19.87 53.65
CA SER A 190 -1.19 -21.15 54.12
C SER A 190 -0.82 -22.06 52.94
N ALA A 191 -1.21 -21.71 51.73
CA ALA A 191 -0.85 -22.52 50.58
C ALA A 191 0.49 -22.08 49.99
N ILE A 192 0.93 -20.87 50.31
CA ILE A 192 2.20 -20.40 49.76
C ILE A 192 3.32 -20.49 50.78
N VAL A 193 3.01 -20.50 52.08
CA VAL A 193 4.05 -20.78 53.07
C VAL A 193 4.43 -22.25 53.02
N GLU A 194 3.43 -23.12 52.84
CA GLU A 194 3.68 -24.55 52.87
C GLU A 194 4.39 -25.04 51.61
N MET A 195 4.30 -24.29 50.51
CA MET A 195 5.09 -24.66 49.35
C MET A 195 6.51 -24.12 49.44
N ILE A 196 6.78 -23.24 50.41
CA ILE A 196 8.16 -22.92 50.76
C ILE A 196 8.70 -23.97 51.73
N LYS A 197 7.87 -24.42 52.67
CA LYS A 197 8.21 -25.53 53.55
C LYS A 197 8.47 -26.82 52.77
N THR A 198 7.77 -27.00 51.66
CA THR A 198 8.02 -28.15 50.80
C THR A 198 9.35 -28.01 50.08
N ALA A 199 9.79 -26.79 49.80
CA ALA A 199 11.02 -26.58 49.05
C ALA A 199 12.25 -26.85 49.90
N PHE A 200 12.25 -26.39 51.15
CA PHE A 200 13.43 -26.56 52.00
C PHE A 200 13.59 -28.00 52.44
N SER A 201 12.48 -28.72 52.62
CA SER A 201 12.49 -30.01 53.28
C SER A 201 12.46 -31.19 52.30
N SER A 202 12.58 -30.94 51.01
CA SER A 202 12.59 -32.02 50.03
C SER A 202 13.93 -32.06 49.32
N THR A 203 14.44 -33.27 49.10
CA THR A 203 15.62 -33.45 48.27
C THR A 203 15.27 -33.09 46.83
N ASP A 204 15.85 -31.99 46.36
CA ASP A 204 15.61 -31.40 45.03
C ASP A 204 14.14 -31.03 44.84
N GLY A 205 13.69 -30.09 45.67
CA GLY A 205 12.41 -29.43 45.48
C GLY A 205 12.63 -27.99 45.06
N LEU A 206 11.61 -27.38 44.45
CA LEU A 206 11.78 -26.06 43.85
C LEU A 206 10.50 -25.26 44.01
N ALA A 207 10.66 -23.95 44.20
CA ALA A 207 9.55 -23.02 44.24
C ALA A 207 9.95 -21.76 43.48
N ILE A 208 8.98 -21.13 42.82
CA ILE A 208 9.23 -19.94 42.00
C ILE A 208 8.09 -18.96 42.21
N PHE A 209 8.43 -17.71 42.57
CA PHE A 209 7.46 -16.63 42.69
C PHE A 209 7.86 -15.51 41.72
N GLU A 210 6.93 -15.08 40.88
CA GLU A 210 7.12 -13.88 40.09
C GLU A 210 6.31 -12.73 40.68
N VAL A 211 7.00 -11.72 41.18
CA VAL A 211 6.40 -10.64 41.94
C VAL A 211 6.18 -9.46 41.00
N ARG A 212 5.09 -8.72 41.22
CA ARG A 212 4.70 -7.63 40.35
C ARG A 212 4.12 -6.51 41.19
N ALA A 213 4.77 -5.35 41.19
CA ALA A 213 4.30 -4.21 41.97
C ALA A 213 3.69 -3.16 41.06
N THR A 214 2.79 -2.36 41.61
CA THR A 214 2.21 -1.20 40.95
C THR A 214 2.34 -0.02 41.90
N LEU A 215 2.95 1.06 41.43
CA LEU A 215 3.43 2.12 42.31
C LEU A 215 2.90 3.47 41.86
N HIS A 216 1.99 4.03 42.63
CA HIS A 216 1.41 5.35 42.35
C HIS A 216 2.21 6.42 43.08
N LEU A 217 2.73 7.39 42.33
CA LEU A 217 3.60 8.44 42.80
C LEU A 217 3.02 9.80 42.44
N PRO A 218 3.46 10.90 43.08
CA PRO A 218 2.95 12.22 42.69
C PRO A 218 3.54 12.74 41.39
N THR A 219 3.24 13.99 41.04
CA THR A 219 3.61 14.52 39.73
C THR A 219 5.09 14.85 39.67
N ASN A 220 5.76 14.26 38.67
CA ASN A 220 7.20 14.42 38.40
C ASN A 220 8.07 14.00 39.59
N ALA A 221 7.62 13.00 40.35
CA ALA A 221 8.41 12.54 41.48
C ALA A 221 9.63 11.76 41.00
N MET A 222 10.70 11.84 41.78
CA MET A 222 11.94 11.18 41.43
C MET A 222 11.88 9.69 41.75
N VAL A 223 12.79 8.94 41.15
CA VAL A 223 12.92 7.49 41.35
C VAL A 223 14.37 7.20 41.72
N ARG A 224 14.57 6.31 42.70
CA ARG A 224 15.87 6.02 43.29
C ARG A 224 16.33 4.60 42.99
N PRO A 225 17.12 4.39 41.94
CA PRO A 225 17.76 3.07 41.74
C PRO A 225 19.09 2.92 42.47
N SER A 226 19.79 1.82 42.21
CA SER A 226 21.08 1.55 42.82
C SER A 226 22.20 2.22 42.03
N GLN A 227 23.38 2.29 42.64
CA GLN A 227 24.50 3.05 42.12
C GLN A 227 25.73 2.16 41.95
N VAL A 228 26.67 2.60 41.13
CA VAL A 228 27.85 1.81 40.82
C VAL A 228 28.89 1.98 41.91
N PHE A 229 29.92 1.15 41.87
CA PHE A 229 31.03 1.15 42.83
C PHE A 229 32.36 1.17 42.08
N THR A 230 32.49 2.11 41.15
CA THR A 230 33.75 2.30 40.45
C THR A 230 34.73 3.04 41.34
N GLU A 231 35.97 2.58 41.34
CA GLU A 231 37.02 3.17 42.16
C GLU A 231 37.97 3.97 41.30
N LYS A 232 38.32 5.16 41.76
CA LYS A 232 39.25 6.01 41.03
C LYS A 232 40.09 6.78 42.04
N THR A 242 33.80 16.31 35.28
CA THR A 242 33.51 17.32 36.27
C THR A 242 33.24 16.54 37.57
N GLN A 243 33.88 15.36 37.66
CA GLN A 243 33.75 14.42 38.77
C GLN A 243 32.30 14.00 38.98
N ASN A 244 31.82 13.23 38.01
CA ASN A 244 30.45 12.70 37.99
C ASN A 244 30.16 11.87 39.23
N SER A 245 29.13 12.28 39.96
CA SER A 245 28.56 11.56 41.10
C SER A 245 27.24 10.95 40.68
N ARG A 246 26.81 9.90 41.39
CA ARG A 246 25.56 9.18 41.15
C ARG A 246 25.49 8.62 39.73
N VAL A 247 26.33 7.65 39.44
CA VAL A 247 26.20 6.90 38.20
C VAL A 247 25.35 5.66 38.46
N PHE A 248 24.29 5.49 37.68
CA PHE A 248 23.29 4.46 37.93
C PHE A 248 23.67 3.13 37.27
N GLN A 249 23.39 2.04 37.98
CA GLN A 249 23.46 0.71 37.37
C GLN A 249 22.33 0.58 36.36
N SER A 250 22.62 -0.02 35.20
CA SER A 250 21.68 0.05 34.11
C SER A 250 21.70 -1.24 33.30
N THR A 251 20.65 -1.42 32.49
CA THR A 251 20.57 -2.49 31.51
C THR A 251 20.03 -1.90 30.22
N THR A 252 19.87 -2.73 29.21
CA THR A 252 19.25 -2.33 27.95
C THR A 252 17.94 -3.10 27.78
N ILE A 253 16.82 -2.39 27.88
CA ILE A 253 15.50 -2.92 27.56
C ILE A 253 15.04 -2.25 26.28
N ASP A 254 14.70 -3.06 25.27
CA ASP A 254 14.15 -2.60 23.99
C ASP A 254 15.09 -1.65 23.24
N GLY A 255 16.40 -1.83 23.41
CA GLY A 255 17.34 -0.89 22.84
C GLY A 255 17.38 0.45 23.53
N GLU A 256 16.98 0.51 24.80
CA GLU A 256 16.92 1.75 25.56
C GLU A 256 17.56 1.53 26.92
N ARG A 257 18.20 2.58 27.45
CA ARG A 257 18.81 2.47 28.76
C ARG A 257 17.74 2.47 29.85
N SER A 258 18.05 1.82 30.97
CA SER A 258 17.08 1.63 32.05
C SER A 258 17.77 1.29 33.36
N PRO A 259 17.50 2.02 34.44
CA PRO A 259 18.12 1.72 35.74
C PRO A 259 17.50 0.49 36.39
N ILE A 260 18.34 -0.37 36.99
CA ILE A 260 17.93 -1.73 37.31
C ILE A 260 17.59 -2.00 38.78
N LEU A 261 18.02 -1.15 39.71
CA LEU A 261 17.91 -1.37 41.16
C LEU A 261 18.44 -2.74 41.58
N GLY A 262 19.74 -2.93 41.36
CA GLY A 262 20.51 -3.99 42.00
C GLY A 262 20.22 -5.42 41.62
N ALA A 263 21.11 -6.33 41.98
CA ALA A 263 20.83 -7.75 41.98
C ALA A 263 21.17 -8.40 43.31
N PHE A 264 22.27 -7.99 43.92
CA PHE A 264 22.56 -8.35 45.31
C PHE A 264 21.94 -7.38 46.29
N LYS A 265 21.42 -6.25 45.81
CA LYS A 265 20.70 -5.35 46.70
C LYS A 265 19.31 -5.90 47.00
N THR A 266 18.81 -6.80 46.16
CA THR A 266 17.50 -7.39 46.42
C THR A 266 17.63 -8.61 47.33
N GLY A 267 18.75 -9.32 47.26
CA GLY A 267 19.02 -10.37 48.23
C GLY A 267 19.27 -9.84 49.62
N ALA A 268 19.65 -8.57 49.74
CA ALA A 268 19.84 -7.96 51.05
C ALA A 268 18.53 -7.44 51.62
N ALA A 269 17.53 -7.20 50.77
CA ALA A 269 16.23 -6.76 51.25
C ALA A 269 15.43 -7.91 51.82
N ILE A 270 15.48 -9.07 51.16
CA ILE A 270 14.70 -10.23 51.58
C ILE A 270 15.21 -10.81 52.89
N ALA A 271 16.53 -10.84 53.08
CA ALA A 271 17.12 -11.48 54.26
C ALA A 271 17.32 -10.53 55.42
N THR A 272 16.46 -9.52 55.57
CA THR A 272 16.53 -8.62 56.73
C THR A 272 15.54 -9.15 57.76
N ILE A 273 15.97 -10.19 58.47
CA ILE A 273 15.11 -10.88 59.44
C ILE A 273 15.72 -10.97 60.82
N ASP A 274 17.01 -10.74 60.99
CA ASP A 274 17.74 -11.00 62.22
C ASP A 274 17.37 -9.98 63.29
N ASP A 275 16.53 -10.36 64.24
CA ASP A 275 16.30 -9.56 65.43
C ASP A 275 16.54 -10.39 66.68
N TRP A 276 17.60 -11.20 66.71
CA TRP A 276 17.90 -12.05 67.85
C TRP A 276 19.23 -11.67 68.49
N TYR A 277 19.61 -10.42 68.37
CA TYR A 277 20.84 -9.88 68.94
C TYR A 277 20.52 -9.22 70.28
N PRO A 278 21.55 -9.00 71.17
CA PRO A 278 21.25 -8.57 72.56
C PRO A 278 20.46 -7.28 72.80
N GLU A 279 20.11 -6.51 71.78
CA GLU A 279 19.23 -5.38 72.03
C GLU A 279 17.91 -5.55 71.27
N ALA A 280 18.01 -5.90 70.00
CA ALA A 280 16.90 -6.43 69.18
C ALA A 280 15.75 -5.44 69.00
N THR A 281 16.05 -4.30 68.37
CA THR A 281 14.96 -3.44 67.89
C THR A 281 14.65 -3.68 66.41
N GLU A 282 15.63 -3.50 65.54
CA GLU A 282 15.40 -3.55 64.12
C GLU A 282 16.03 -4.81 63.53
N PRO A 283 15.40 -5.43 62.53
CA PRO A 283 16.04 -6.56 61.84
C PRO A 283 17.30 -6.15 61.10
N LEU A 284 18.19 -7.12 60.90
CA LEU A 284 19.50 -6.90 60.32
C LEU A 284 19.70 -7.76 59.09
N ARG A 285 20.68 -7.35 58.28
CA ARG A 285 21.22 -8.22 57.26
C ARG A 285 21.85 -9.43 57.92
N VAL A 286 21.44 -10.62 57.49
CA VAL A 286 21.93 -11.86 58.10
C VAL A 286 23.38 -12.07 57.71
N GLY A 287 24.25 -12.17 58.71
CA GLY A 287 25.67 -12.39 58.47
C GLY A 287 26.33 -12.84 59.76
N ARG A 288 27.62 -13.10 59.66
CA ARG A 288 28.34 -13.68 60.78
C ARG A 288 28.88 -12.65 61.75
N PHE A 289 29.03 -11.40 61.34
CA PHE A 289 29.41 -10.35 62.28
C PHE A 289 28.30 -9.39 62.59
N GLY A 290 27.11 -9.58 62.00
CA GLY A 290 25.91 -8.79 62.26
C GLY A 290 26.03 -7.28 62.13
N VAL A 291 26.48 -6.81 60.98
CA VAL A 291 26.92 -5.43 60.84
C VAL A 291 25.75 -4.55 60.41
N HIS A 292 25.69 -3.36 60.98
CA HIS A 292 24.66 -2.37 60.69
C HIS A 292 25.28 -1.31 59.77
N ARG A 293 24.76 -1.22 58.54
CA ARG A 293 25.43 -0.43 57.51
C ARG A 293 25.35 1.07 57.78
N GLU A 294 24.28 1.53 58.40
CA GLU A 294 24.14 2.95 58.69
C GLU A 294 24.87 3.37 59.95
N ASP A 295 25.32 2.43 60.76
CA ASP A 295 26.38 2.66 61.72
C ASP A 295 27.68 2.14 61.13
N VAL A 296 28.73 2.06 61.94
CA VAL A 296 29.85 1.18 61.65
C VAL A 296 30.00 0.08 62.68
N THR A 297 29.08 0.00 63.63
CA THR A 297 29.19 -0.95 64.73
C THR A 297 28.93 -2.38 64.25
N CYS A 298 29.33 -3.32 65.08
CA CYS A 298 29.04 -4.73 64.86
C CYS A 298 28.29 -5.26 66.07
N TYR A 299 27.00 -5.52 65.89
CA TYR A 299 26.24 -6.29 66.85
C TYR A 299 26.55 -7.75 66.55
N ARG A 300 26.66 -8.57 67.61
CA ARG A 300 27.28 -9.91 67.57
C ARG A 300 28.75 -9.82 67.14
N HIS A 301 29.50 -9.01 67.88
CA HIS A 301 30.94 -8.95 67.74
C HIS A 301 31.56 -10.25 68.24
N PRO A 302 32.78 -10.64 67.75
CA PRO A 302 33.49 -11.80 68.31
C PRO A 302 34.19 -11.55 69.66
N SER A 303 33.50 -10.85 70.55
CA SER A 303 33.80 -10.83 71.97
C SER A 303 32.56 -11.00 72.83
N THR A 304 31.37 -10.72 72.30
CA THR A 304 30.12 -11.01 72.99
C THR A 304 29.87 -12.51 73.07
N GLY A 305 30.45 -13.29 72.16
CA GLY A 305 30.22 -14.72 72.11
C GLY A 305 29.05 -15.13 71.25
N LYS A 306 28.44 -14.19 70.52
CA LYS A 306 27.23 -14.46 69.76
C LYS A 306 27.41 -14.35 68.26
N ASP A 307 28.65 -14.22 67.78
CA ASP A 307 28.89 -14.35 66.34
C ASP A 307 28.70 -15.79 65.89
N PHE A 308 28.71 -15.99 64.57
CA PHE A 308 28.30 -17.27 64.01
C PHE A 308 29.27 -18.40 64.32
N PHE A 309 30.57 -18.11 64.37
CA PHE A 309 31.53 -19.18 64.61
C PHE A 309 31.63 -19.56 66.09
N SER A 310 31.00 -18.82 66.98
CA SER A 310 30.86 -19.25 68.36
C SER A 310 29.48 -19.82 68.66
N ILE A 311 28.70 -20.11 67.62
CA ILE A 311 27.40 -20.76 67.77
C ILE A 311 27.47 -22.02 66.92
N LEU A 312 28.31 -22.01 65.89
CA LEU A 312 28.55 -23.21 65.10
C LEU A 312 29.44 -24.19 65.83
N GLN A 313 30.16 -23.77 66.87
CA GLN A 313 31.00 -24.64 67.67
C GLN A 313 30.28 -25.19 68.90
N GLN A 314 28.95 -25.20 68.88
CA GLN A 314 28.16 -26.04 69.78
C GLN A 314 27.21 -26.91 68.98
N ALA A 315 27.64 -27.37 67.79
CA ALA A 315 26.75 -28.06 66.89
C ALA A 315 26.41 -29.46 67.41
N GLU A 316 27.33 -30.06 68.16
CA GLU A 316 27.01 -31.31 68.83
C GLU A 316 26.25 -31.06 70.13
N HIS A 317 26.29 -29.83 70.65
CA HIS A 317 25.52 -29.52 71.84
C HIS A 317 24.05 -29.31 71.51
N TYR A 318 23.74 -28.77 70.33
CA TYR A 318 22.34 -28.63 69.96
C TYR A 318 21.74 -29.93 69.43
N ILE A 319 22.56 -30.95 69.20
CA ILE A 319 22.01 -32.29 69.03
C ILE A 319 21.46 -32.79 70.36
N GLU A 320 22.18 -32.51 71.45
CA GLU A 320 21.84 -33.02 72.76
C GLU A 320 20.74 -32.25 73.46
N VAL A 321 20.21 -31.19 72.86
CA VAL A 321 19.10 -30.43 73.41
C VAL A 321 17.81 -30.71 72.66
N LEU A 322 17.88 -30.91 71.34
CA LEU A 322 16.70 -31.23 70.55
C LEU A 322 16.12 -32.60 70.87
N SER A 323 16.94 -33.54 71.36
CA SER A 323 16.41 -34.85 71.70
C SER A 323 15.56 -34.81 72.97
N ALA A 324 15.95 -33.96 73.94
CA ALA A 324 15.15 -33.80 75.15
C ALA A 324 13.84 -33.09 74.83
N ASN A 325 12.76 -33.55 75.47
CA ASN A 325 11.45 -32.98 75.22
C ASN A 325 11.32 -31.58 75.79
N LYS A 326 12.05 -31.29 76.87
CA LYS A 326 12.06 -29.95 77.46
C LYS A 326 12.97 -29.07 76.63
N THR A 327 12.40 -28.35 75.67
CA THR A 327 13.15 -27.36 74.91
C THR A 327 12.92 -26.00 75.51
N PRO A 328 13.97 -25.27 75.92
CA PRO A 328 13.77 -23.95 76.56
C PRO A 328 13.15 -22.92 75.64
N ALA A 329 13.80 -22.69 74.50
CA ALA A 329 13.34 -21.84 73.39
C ALA A 329 13.20 -20.36 73.79
N GLN A 330 13.77 -19.92 74.90
CA GLN A 330 13.82 -18.50 75.16
C GLN A 330 15.09 -17.84 74.61
N GLU A 331 16.27 -18.44 74.84
CA GLU A 331 17.50 -17.98 74.21
C GLU A 331 18.36 -19.19 73.86
N THR A 332 17.75 -20.23 73.31
CA THR A 332 18.53 -21.37 72.83
C THR A 332 18.07 -21.90 71.48
N ILE A 333 16.91 -21.51 70.97
CA ILE A 333 16.57 -21.72 69.57
C ILE A 333 16.58 -20.43 68.79
N ASN A 334 16.63 -19.28 69.46
CA ASN A 334 17.07 -18.06 68.80
C ASN A 334 18.52 -18.20 68.34
N ASP A 335 19.32 -18.98 69.08
CA ASP A 335 20.63 -19.37 68.62
C ASP A 335 20.55 -20.46 67.57
N MET A 336 19.37 -21.02 67.34
CA MET A 336 19.20 -21.96 66.24
C MET A 336 18.38 -21.39 65.09
N HIS A 337 17.53 -20.39 65.35
CA HIS A 337 16.94 -19.67 64.23
C HIS A 337 18.01 -18.84 63.53
N PHE A 338 18.93 -18.25 64.29
CA PHE A 338 20.04 -17.53 63.70
C PHE A 338 21.01 -18.48 63.00
N LEU A 339 21.18 -19.68 63.53
CA LEU A 339 22.14 -20.62 62.94
C LEU A 339 21.60 -21.18 61.63
N MET A 340 20.29 -21.32 61.49
CA MET A 340 19.75 -21.85 60.25
C MET A 340 19.50 -20.76 59.22
N ALA A 341 19.55 -19.51 59.63
CA ALA A 341 19.48 -18.42 58.66
C ALA A 341 20.79 -18.30 57.91
N ASN A 342 21.92 -18.46 58.60
CA ASN A 342 23.22 -18.40 57.94
C ASN A 342 23.54 -19.62 57.11
N LEU A 343 22.75 -20.69 57.17
CA LEU A 343 23.03 -21.82 56.27
C LEU A 343 22.29 -21.68 54.96
N ILE A 344 21.18 -20.95 54.97
CA ILE A 344 20.40 -20.74 53.75
C ILE A 344 21.10 -19.74 52.84
N LYS A 345 21.73 -18.73 53.42
CA LYS A 345 22.39 -17.71 52.62
C LYS A 345 23.91 -17.76 52.66
N GLY A 346 24.50 -18.58 53.53
CA GLY A 346 25.92 -18.45 53.75
C GLY A 346 26.75 -19.23 52.77
N GLY A 347 27.87 -19.78 53.23
CA GLY A 347 28.62 -20.66 52.38
C GLY A 347 30.11 -20.42 52.16
N MET A 348 30.80 -19.79 53.09
CA MET A 348 32.26 -19.76 53.09
C MET A 348 32.80 -19.99 54.49
N PHE A 349 32.25 -20.97 55.20
CA PHE A 349 32.53 -21.11 56.63
C PHE A 349 33.87 -21.80 56.81
N GLN A 350 34.91 -20.99 57.02
CA GLN A 350 36.28 -21.48 57.03
C GLN A 350 37.11 -20.48 57.82
N HIS A 351 37.91 -20.95 58.77
CA HIS A 351 38.41 -20.06 59.82
C HIS A 351 39.62 -19.24 59.38
N LYS A 352 40.73 -19.91 59.09
CA LYS A 352 41.99 -19.21 58.95
C LYS A 352 42.31 -18.81 57.52
N GLY A 353 41.41 -19.06 56.58
CA GLY A 353 41.68 -18.74 55.19
C GLY A 353 40.46 -18.86 54.31
N ASP A 354 40.52 -18.27 53.12
CA ASP A 354 39.46 -18.30 52.10
C ASP A 354 38.12 -17.79 52.62
N MET B 3 31.01 18.66 73.18
CA MET B 3 30.55 18.26 71.85
C MET B 3 31.65 18.40 70.80
N LYS B 4 31.82 17.35 70.01
CA LYS B 4 32.75 17.33 68.90
C LYS B 4 32.21 16.34 67.87
N LEU B 5 32.42 16.65 66.59
CA LEU B 5 31.65 15.90 65.62
C LEU B 5 32.50 14.86 64.90
N PRO B 6 31.92 13.70 64.53
CA PRO B 6 32.73 12.59 64.03
C PRO B 6 33.09 12.67 62.55
N THR B 7 33.66 11.59 62.03
CA THR B 7 34.16 11.51 60.67
C THR B 7 33.16 10.93 59.67
N ASN B 8 31.98 10.52 60.12
CA ASN B 8 30.89 10.11 59.23
C ASN B 8 29.61 10.63 59.83
N LEU B 9 28.98 11.61 59.19
CA LEU B 9 27.71 12.16 59.65
C LEU B 9 26.97 12.64 58.42
N ALA B 10 25.64 12.46 58.40
CA ALA B 10 24.83 12.70 57.21
C ALA B 10 23.35 12.69 57.58
N TYR B 11 22.58 13.61 56.98
CA TYR B 11 21.12 13.52 56.98
C TYR B 11 20.61 13.48 55.54
N GLU B 12 19.35 13.08 55.39
CA GLU B 12 18.60 13.23 54.14
C GLU B 12 17.73 14.48 54.20
N ARG B 13 17.03 14.77 53.10
CA ARG B 13 16.06 15.87 53.06
C ARG B 13 14.87 15.62 53.97
N SER B 14 14.10 16.68 54.17
CA SER B 14 12.71 16.55 54.59
C SER B 14 11.75 17.18 53.60
N ILE B 15 12.21 18.07 52.74
CA ILE B 15 11.41 18.71 51.72
C ILE B 15 11.95 18.29 50.36
N ASP B 16 11.06 17.87 49.46
CA ASP B 16 11.46 17.28 48.18
C ASP B 16 10.58 17.78 47.05
N PRO B 17 10.94 18.89 46.41
CA PRO B 17 10.15 19.41 45.28
C PRO B 17 10.64 18.89 43.94
N SER B 18 9.86 19.19 42.90
CA SER B 18 10.12 18.70 41.54
C SER B 18 10.15 19.80 40.50
N ASP B 19 10.15 19.41 39.22
CA ASP B 19 10.19 20.35 38.10
C ASP B 19 8.88 21.09 37.94
N VAL B 20 8.93 22.24 37.26
CA VAL B 20 7.74 23.05 37.00
C VAL B 20 7.45 23.03 35.50
N CYS B 21 6.57 22.14 35.07
CA CYS B 21 6.20 22.07 33.67
C CYS B 21 5.26 23.21 33.30
N PHE B 22 5.47 23.80 32.12
CA PHE B 22 4.68 24.93 31.64
C PHE B 22 3.70 24.48 30.56
N PHE B 23 2.54 25.13 30.49
CA PHE B 23 1.54 24.84 29.49
C PHE B 23 0.83 26.12 29.04
N VAL B 24 0.43 26.14 27.77
CA VAL B 24 -0.29 27.25 27.16
C VAL B 24 -1.77 26.91 27.10
N VAL B 25 -2.62 27.81 27.57
CA VAL B 25 -4.06 27.59 27.63
C VAL B 25 -4.73 28.56 26.66
N TRP B 26 -5.66 28.04 25.87
CA TRP B 26 -6.35 28.73 24.78
C TRP B 26 -7.76 29.13 25.21
N PRO B 27 -8.40 30.07 24.49
CA PRO B 27 -9.80 30.38 24.80
C PRO B 27 -10.80 29.29 24.43
N ASP B 28 -10.37 28.23 23.75
CA ASP B 28 -11.18 27.03 23.55
C ASP B 28 -11.19 26.12 24.78
N ASP B 29 -10.35 26.42 25.78
CA ASP B 29 -10.02 25.57 26.92
C ASP B 29 -9.41 24.24 26.49
N ARG B 30 -8.26 24.35 25.81
CA ARG B 30 -7.37 23.23 25.58
C ARG B 30 -5.94 23.67 25.86
N LYS B 31 -5.07 22.70 26.10
CA LYS B 31 -3.74 22.95 26.65
C LYS B 31 -2.68 22.26 25.80
N THR B 32 -1.64 23.01 25.42
CA THR B 32 -0.48 22.51 24.72
C THR B 32 0.78 22.85 25.49
N PRO B 33 1.89 22.15 25.27
CA PRO B 33 3.16 22.55 25.87
C PRO B 33 3.68 23.87 25.29
N LEU B 34 4.66 24.42 26.00
CA LEU B 34 5.33 25.63 25.58
C LEU B 34 6.64 25.26 24.90
N THR B 35 6.97 25.96 23.82
CA THR B 35 8.13 25.64 23.01
C THR B 35 9.04 26.85 22.90
N TYR B 36 10.26 26.62 22.43
CA TYR B 36 11.21 27.69 22.21
C TYR B 36 11.99 27.44 20.93
N ASN B 37 12.82 28.41 20.58
CA ASN B 37 13.56 28.45 19.34
C ASN B 37 14.87 29.19 19.57
N SER B 38 15.89 28.81 18.82
CA SER B 38 17.16 29.54 18.83
C SER B 38 17.16 30.56 17.71
N ARG B 39 17.41 31.81 18.05
CA ARG B 39 17.58 32.86 17.06
C ARG B 39 18.93 33.53 17.28
N THR B 40 19.53 33.98 16.20
CA THR B 40 20.82 34.65 16.26
C THR B 40 20.65 36.17 16.19
N LEU B 41 21.65 36.87 16.72
CA LEU B 41 21.53 38.30 16.97
C LEU B 41 22.74 39.02 16.39
N LEU B 42 22.69 40.34 16.49
CA LEU B 42 23.76 41.22 16.02
C LEU B 42 23.86 42.38 17.00
N GLY B 43 24.96 42.45 17.72
CA GLY B 43 25.13 43.48 18.73
C GLY B 43 26.38 44.30 18.51
N GLN B 44 26.79 45.05 19.52
CA GLN B 44 27.90 45.98 19.39
C GLN B 44 29.15 45.48 20.12
N MET B 45 30.26 46.14 19.81
CA MET B 45 31.51 46.00 20.57
C MET B 45 31.37 46.87 21.82
N GLU B 46 31.01 46.24 22.94
CA GLU B 46 30.63 47.03 24.10
C GLU B 46 31.20 46.45 25.40
N ALA B 47 32.36 45.81 25.33
CA ALA B 47 33.06 45.29 26.49
C ALA B 47 34.26 46.18 26.80
N ALA B 48 34.56 46.35 28.09
CA ALA B 48 35.67 47.20 28.47
C ALA B 48 37.02 46.55 28.22
N SER B 49 37.08 45.22 28.16
CA SER B 49 38.29 44.49 27.86
C SER B 49 38.51 44.34 26.37
N LEU B 50 37.93 45.23 25.57
CA LEU B 50 37.96 45.19 24.12
C LEU B 50 38.47 46.48 23.53
N ALA B 51 38.54 47.56 24.30
CA ALA B 51 39.09 48.83 23.86
C ALA B 51 40.11 49.38 24.85
N TYR B 52 40.55 48.59 25.83
CA TYR B 52 41.46 49.02 26.88
C TYR B 52 42.52 47.95 27.12
N ASP B 53 43.50 48.28 27.95
CA ASP B 53 44.53 47.35 28.37
C ASP B 53 44.43 47.07 29.87
N VAL B 54 44.99 45.93 30.26
CA VAL B 54 44.87 45.43 31.63
C VAL B 54 45.66 46.33 32.58
N SER B 55 44.92 47.03 33.44
CA SER B 55 45.40 48.09 34.33
C SER B 55 46.17 49.16 33.54
N GLY B 56 45.48 49.74 32.57
CA GLY B 56 46.14 50.73 31.74
C GLY B 56 45.27 51.68 30.94
N GLN B 57 45.71 51.94 29.72
CA GLN B 57 45.27 53.02 28.84
C GLN B 57 44.59 52.40 27.63
N PRO B 58 43.79 53.19 26.89
CA PRO B 58 43.12 52.63 25.71
C PRO B 58 44.08 52.15 24.62
N ILE B 59 43.85 50.92 24.17
CA ILE B 59 44.70 50.25 23.20
C ILE B 59 44.51 50.88 21.82
N LYS B 60 45.56 50.84 21.00
CA LYS B 60 45.57 51.49 19.70
C LYS B 60 45.37 50.50 18.55
N SER B 61 44.61 49.44 18.79
CA SER B 61 44.05 48.64 17.72
C SER B 61 42.56 48.84 17.56
N ALA B 62 41.88 49.31 18.62
CA ALA B 62 40.45 49.60 18.59
C ALA B 62 40.26 51.04 18.14
N THR B 63 40.22 51.22 16.82
CA THR B 63 40.09 52.52 16.22
C THR B 63 38.62 52.90 16.12
N ALA B 64 38.32 53.99 15.40
CA ALA B 64 36.93 54.42 15.27
C ALA B 64 36.14 53.50 14.35
N GLU B 65 36.80 52.89 13.37
CA GLU B 65 36.14 51.95 12.49
C GLU B 65 35.86 50.63 13.20
N ALA B 66 36.89 50.04 13.80
CA ALA B 66 36.84 48.68 14.30
C ALA B 66 36.04 48.53 15.59
N LEU B 67 35.52 49.61 16.18
CA LEU B 67 34.58 49.50 17.27
C LEU B 67 33.14 49.66 16.83
N ALA B 68 32.90 49.84 15.53
CA ALA B 68 31.56 50.00 14.98
C ALA B 68 31.15 48.82 14.12
N GLN B 69 31.80 47.67 14.28
CA GLN B 69 31.41 46.47 13.58
C GLN B 69 30.34 45.74 14.40
N GLY B 70 30.02 44.50 14.05
CA GLY B 70 28.95 43.76 14.69
C GLY B 70 29.42 42.49 15.34
N ASN B 71 28.84 42.18 16.50
CA ASN B 71 29.03 40.90 17.17
C ASN B 71 27.83 39.99 16.89
N PRO B 72 27.98 38.93 16.10
CA PRO B 72 26.91 37.94 16.01
C PRO B 72 26.98 36.89 17.11
N HIS B 73 25.82 36.53 17.64
CA HIS B 73 25.71 35.58 18.73
C HIS B 73 24.36 34.86 18.65
N GLN B 74 24.35 33.59 19.02
CA GLN B 74 23.15 32.77 19.00
C GLN B 74 22.65 32.58 20.43
N VAL B 75 21.37 32.85 20.66
CA VAL B 75 20.72 32.64 21.95
C VAL B 75 19.43 31.85 21.72
N ASP B 76 18.89 31.31 22.81
CA ASP B 76 17.55 30.75 22.82
C ASP B 76 16.55 31.82 23.25
N PHE B 77 15.27 31.54 23.01
CA PHE B 77 14.24 32.56 23.13
C PHE B 77 12.89 31.89 23.25
N CYS B 78 12.07 32.31 24.21
CA CYS B 78 10.79 31.68 24.48
C CYS B 78 9.77 32.74 24.85
N HIS B 79 8.67 32.81 24.12
CA HIS B 79 7.62 33.80 24.34
C HIS B 79 6.26 33.13 24.32
N VAL B 80 5.27 33.81 24.88
CA VAL B 80 3.89 33.33 24.81
C VAL B 80 3.36 33.59 23.40
N PRO B 81 2.77 32.60 22.73
CA PRO B 81 2.24 32.84 21.39
C PRO B 81 1.02 33.75 21.39
N TYR B 82 0.77 34.32 20.22
CA TYR B 82 -0.32 35.25 20.02
C TYR B 82 -1.66 34.55 20.16
N GLY B 83 -2.58 35.18 20.87
CA GLY B 83 -3.95 34.70 20.94
C GLY B 83 -4.23 33.74 22.07
N ALA B 84 -3.22 33.34 22.85
CA ALA B 84 -3.43 32.48 23.99
C ALA B 84 -4.11 33.25 25.12
N SER B 85 -4.57 32.52 26.12
CA SER B 85 -5.23 33.14 27.26
C SER B 85 -4.30 33.31 28.45
N HIS B 86 -3.71 32.22 28.94
CA HIS B 86 -2.82 32.31 30.09
C HIS B 86 -1.86 31.12 30.11
N ILE B 87 -1.03 31.07 31.15
CA ILE B 87 0.03 30.07 31.32
C ILE B 87 -0.31 29.20 32.54
N GLU B 88 0.00 27.90 32.45
CA GLU B 88 -0.37 26.92 33.47
C GLU B 88 0.88 26.20 33.95
N CYS B 89 1.06 26.12 35.26
CA CYS B 89 2.29 25.61 35.89
C CYS B 89 1.94 24.54 36.91
N SER B 90 2.82 23.56 37.13
CA SER B 90 2.48 22.46 38.02
C SER B 90 3.70 21.77 38.60
N PHE B 91 3.67 21.47 39.90
CA PHE B 91 4.70 20.68 40.57
C PHE B 91 4.11 20.12 41.87
N SER B 92 4.94 19.44 42.67
CA SER B 92 4.49 18.81 43.91
C SER B 92 5.62 18.73 44.92
N VAL B 93 5.29 18.92 46.20
CA VAL B 93 6.27 18.90 47.29
C VAL B 93 5.82 17.90 48.35
N SER B 94 6.73 17.03 48.77
CA SER B 94 6.52 16.13 49.90
C SER B 94 7.25 16.63 51.13
N PHE B 95 6.64 16.44 52.30
CA PHE B 95 7.21 16.78 53.60
C PHE B 95 7.27 15.51 54.45
N SER B 96 8.46 14.93 54.59
CA SER B 96 8.66 13.79 55.47
C SER B 96 9.16 14.24 56.83
N SER B 97 9.58 13.28 57.65
CA SER B 97 10.32 13.56 58.89
C SER B 97 11.55 12.67 58.86
N GLU B 98 12.59 13.14 58.20
CA GLU B 98 13.87 12.44 58.16
C GLU B 98 14.93 13.24 58.90
N LEU B 99 14.50 14.23 59.69
CA LEU B 99 15.34 15.05 60.54
C LEU B 99 15.38 14.57 61.98
N ARG B 100 14.60 13.54 62.32
CA ARG B 100 14.50 13.10 63.71
C ARG B 100 15.80 12.43 64.16
N GLN B 101 16.18 11.36 63.49
CA GLN B 101 17.43 10.67 63.75
C GLN B 101 18.36 10.85 62.55
N PRO B 102 19.67 10.74 62.75
CA PRO B 102 20.58 10.78 61.60
C PRO B 102 20.49 9.58 60.67
N TYR B 103 21.27 9.64 59.60
CA TYR B 103 21.25 8.62 58.56
C TYR B 103 22.51 7.77 58.54
N LYS B 104 23.64 8.31 59.00
CA LYS B 104 24.90 7.58 59.05
C LYS B 104 25.75 8.27 60.09
N CYS B 105 26.10 7.59 61.18
CA CYS B 105 26.60 8.42 62.27
C CYS B 105 27.93 7.96 62.88
N ASN B 106 28.18 6.66 62.99
CA ASN B 106 29.37 5.95 63.48
C ASN B 106 29.81 6.33 64.90
N SER B 107 29.01 7.08 65.65
CA SER B 107 29.38 7.49 67.00
C SER B 107 28.11 7.57 67.82
N SER B 108 28.00 6.69 68.82
CA SER B 108 26.79 6.57 69.61
C SER B 108 26.58 7.73 70.57
N LYS B 109 27.58 8.56 70.80
CA LYS B 109 27.44 9.65 71.76
C LYS B 109 26.82 10.89 71.12
N VAL B 110 27.26 11.25 69.92
CA VAL B 110 26.69 12.41 69.26
C VAL B 110 25.33 12.09 68.66
N LYS B 111 25.02 10.81 68.47
CA LYS B 111 23.69 10.44 68.00
C LYS B 111 22.63 10.69 69.08
N GLN B 112 22.99 10.48 70.34
CA GLN B 112 22.06 10.74 71.43
C GLN B 112 21.80 12.22 71.60
N THR B 113 22.77 13.06 71.25
CA THR B 113 22.61 14.50 71.39
C THR B 113 21.70 15.06 70.30
N LEU B 114 21.89 14.60 69.06
CA LEU B 114 21.10 15.12 67.95
C LEU B 114 19.65 14.64 68.01
N VAL B 115 19.42 13.49 68.66
CA VAL B 115 18.06 12.99 68.78
C VAL B 115 17.31 13.73 69.88
N GLN B 116 17.94 13.96 71.03
CA GLN B 116 17.23 14.63 72.10
C GLN B 116 17.24 16.14 71.97
N LEU B 117 17.88 16.68 70.93
CA LEU B 117 17.76 18.11 70.67
C LEU B 117 16.58 18.40 69.76
N VAL B 118 16.28 17.48 68.85
CA VAL B 118 15.06 17.58 68.04
C VAL B 118 13.84 17.37 68.92
N GLU B 119 13.95 16.49 69.92
CA GLU B 119 12.79 16.22 70.79
C GLU B 119 12.51 17.37 71.75
N LEU B 120 13.55 18.00 72.31
CA LEU B 120 13.32 19.17 73.14
C LEU B 120 12.88 20.37 72.30
N TYR B 121 13.20 20.38 71.02
CA TYR B 121 12.71 21.44 70.14
C TYR B 121 11.20 21.35 69.95
N GLU B 122 10.69 20.12 69.79
CA GLU B 122 9.27 19.92 69.50
C GLU B 122 8.38 20.34 70.66
N THR B 123 8.89 20.26 71.89
CA THR B 123 8.03 20.42 73.05
C THR B 123 7.95 21.86 73.52
N LYS B 124 9.04 22.62 73.37
CA LYS B 124 9.09 23.95 73.95
C LYS B 124 8.92 25.06 72.92
N ILE B 125 9.61 24.97 71.78
CA ILE B 125 9.52 25.99 70.73
C ILE B 125 9.05 25.25 69.48
N GLY B 126 7.75 25.23 69.24
CA GLY B 126 7.15 24.29 68.31
C GLY B 126 7.41 24.61 66.85
N TRP B 127 6.64 23.94 66.00
CA TRP B 127 6.81 24.04 64.56
C TRP B 127 5.89 25.08 63.93
N THR B 128 5.38 26.02 64.72
CA THR B 128 4.51 27.05 64.15
C THR B 128 5.31 28.16 63.49
N GLU B 129 6.61 28.21 63.74
CA GLU B 129 7.42 29.29 63.18
C GLU B 129 8.18 28.85 61.94
N LEU B 130 8.70 27.62 61.93
CA LEU B 130 9.36 27.15 60.72
C LEU B 130 8.38 26.75 59.64
N ALA B 131 7.34 25.98 60.00
CA ALA B 131 6.48 25.40 58.96
C ALA B 131 5.59 26.44 58.30
N THR B 132 5.33 27.55 58.99
CA THR B 132 4.62 28.66 58.36
C THR B 132 5.48 29.31 57.28
N ARG B 133 6.79 29.37 57.49
CA ARG B 133 7.69 30.04 56.54
C ARG B 133 7.86 29.25 55.24
N TYR B 134 7.90 27.93 55.30
CA TYR B 134 8.01 27.17 54.06
C TYR B 134 6.70 27.16 53.28
N LEU B 135 5.58 27.18 54.00
CA LEU B 135 4.28 27.23 53.33
C LEU B 135 4.01 28.62 52.78
N MET B 136 4.61 29.64 53.37
CA MET B 136 4.48 31.01 52.91
C MET B 136 5.05 31.20 51.52
N ASN B 137 6.17 30.54 51.21
CA ASN B 137 6.80 30.73 49.91
C ASN B 137 6.13 29.91 48.81
N ILE B 138 5.49 28.79 49.16
CA ILE B 138 4.79 28.00 48.15
C ILE B 138 3.49 28.68 47.74
N CYS B 139 2.92 29.52 48.60
CA CYS B 139 1.59 30.08 48.38
C CYS B 139 1.61 31.53 47.93
N ASN B 140 2.76 32.05 47.48
CA ASN B 140 2.74 33.33 46.79
C ASN B 140 3.70 33.37 45.61
N GLY B 141 4.01 32.20 45.05
CA GLY B 141 4.71 32.12 43.78
C GLY B 141 6.17 32.53 43.77
N LYS B 142 6.91 32.23 44.83
CA LYS B 142 8.34 32.55 44.83
C LYS B 142 9.13 31.50 44.06
N TRP B 143 8.50 30.42 43.67
CA TRP B 143 9.09 29.37 42.85
C TRP B 143 9.01 29.67 41.35
N LEU B 144 8.58 30.87 40.95
CA LEU B 144 8.55 31.29 39.56
C LEU B 144 9.65 32.26 39.20
N TRP B 145 10.14 33.01 40.19
CA TRP B 145 11.37 33.80 40.29
C TRP B 145 11.46 35.09 39.48
N LYS B 146 10.92 35.12 38.29
CA LYS B 146 10.95 36.32 37.46
C LYS B 146 9.76 36.41 36.53
N ASN B 147 8.84 35.45 36.58
CA ASN B 147 7.73 35.40 35.67
C ASN B 147 6.52 36.09 36.25
N THR B 148 6.52 36.31 37.55
CA THR B 148 5.57 37.18 38.20
C THR B 148 6.00 38.63 38.14
N ARG B 149 7.26 38.89 37.82
CA ARG B 149 7.70 40.26 37.56
C ARG B 149 7.12 40.69 36.23
N LYS B 150 6.50 41.88 36.23
CA LYS B 150 5.87 42.50 35.05
C LYS B 150 4.71 41.63 34.53
N ALA B 151 3.80 41.27 35.43
CA ALA B 151 2.64 40.46 35.08
C ALA B 151 1.39 41.07 35.71
N TYR B 152 0.23 40.76 35.11
CA TYR B 152 -1.02 41.35 35.57
C TYR B 152 -1.46 40.75 36.90
N CYS B 153 -1.63 39.43 36.94
CA CYS B 153 -2.23 38.78 38.10
C CYS B 153 -1.92 37.29 38.03
N TRP B 154 -1.56 36.69 39.17
CA TRP B 154 -1.37 35.25 39.23
C TRP B 154 -2.10 34.66 40.44
N ASN B 155 -2.57 33.43 40.28
CA ASN B 155 -3.42 32.76 41.25
C ASN B 155 -2.91 31.34 41.46
N ILE B 156 -3.00 30.84 42.70
CA ILE B 156 -2.42 29.56 43.09
C ILE B 156 -3.50 28.69 43.72
N VAL B 157 -3.58 27.42 43.30
CA VAL B 157 -4.57 26.46 43.82
C VAL B 157 -3.85 25.18 44.25
N LEU B 158 -4.05 24.79 45.51
CA LEU B 158 -3.41 23.63 46.12
C LEU B 158 -4.37 22.47 46.24
N THR B 159 -3.86 21.25 46.20
CA THR B 159 -4.62 20.04 46.57
C THR B 159 -3.80 19.12 47.47
N PRO B 160 -4.01 19.18 48.79
CA PRO B 160 -3.16 18.42 49.70
C PRO B 160 -3.62 16.97 49.87
N TRP B 161 -2.72 16.17 50.43
CA TRP B 161 -2.94 14.79 50.77
C TRP B 161 -2.28 14.51 52.11
N PRO B 162 -2.94 13.81 53.04
CA PRO B 162 -4.30 13.29 53.00
C PRO B 162 -5.31 14.36 53.41
N TRP B 163 -6.51 14.33 52.84
CA TRP B 163 -7.39 15.48 52.90
C TRP B 163 -8.78 15.06 52.47
N ASN B 164 -9.78 15.67 53.10
CA ASN B 164 -11.17 15.53 52.69
C ASN B 164 -11.85 16.89 52.75
N GLY B 165 -12.33 17.34 51.62
CA GLY B 165 -12.86 18.68 51.49
C GLY B 165 -12.69 19.16 50.05
N GLU B 166 -12.33 20.43 49.92
CA GLU B 166 -12.19 21.08 48.63
C GLU B 166 -10.75 21.56 48.45
N LYS B 167 -10.46 22.07 47.26
CA LYS B 167 -9.11 22.52 46.95
C LYS B 167 -8.84 23.88 47.60
N VAL B 168 -7.64 24.02 48.15
CA VAL B 168 -7.20 25.29 48.72
C VAL B 168 -6.89 26.23 47.57
N GLY B 169 -7.28 27.50 47.71
CA GLY B 169 -7.01 28.44 46.65
C GLY B 169 -6.74 29.86 47.10
N PHE B 170 -5.70 30.47 46.54
CA PHE B 170 -5.31 31.85 46.83
C PHE B 170 -5.40 32.62 45.53
N GLU B 171 -6.04 33.79 45.56
CA GLU B 171 -6.28 34.53 44.33
C GLU B 171 -5.83 35.97 44.45
N ASP B 172 -5.36 36.51 43.31
CA ASP B 172 -4.92 37.90 43.15
C ASP B 172 -3.78 38.23 44.13
N ILE B 173 -2.65 37.57 43.91
CA ILE B 173 -1.51 37.75 44.81
C ILE B 173 -0.68 38.92 44.30
N ARG B 174 -1.18 40.14 44.51
CA ARG B 174 -0.34 41.32 44.58
C ARG B 174 -0.98 42.26 45.59
N THR B 175 -2.28 42.11 45.76
CA THR B 175 -3.13 43.02 46.52
C THR B 175 -3.71 42.39 47.77
N ASN B 176 -4.11 41.12 47.70
CA ASN B 176 -4.76 40.45 48.81
C ASN B 176 -3.76 39.74 49.73
N TYR B 177 -2.83 38.99 49.16
CA TYR B 177 -1.94 38.14 49.95
C TYR B 177 -0.54 38.73 49.95
N THR B 178 -0.28 39.60 50.91
CA THR B 178 0.98 40.32 51.00
C THR B 178 1.74 40.05 52.28
N SER B 179 1.08 40.14 53.42
CA SER B 179 1.73 40.08 54.72
C SER B 179 1.55 38.69 55.34
N ARG B 180 1.92 38.57 56.61
CA ARG B 180 1.75 37.32 57.34
C ARG B 180 0.32 37.15 57.82
N GLN B 181 -0.37 38.26 58.12
CA GLN B 181 -1.76 38.18 58.58
C GLN B 181 -2.70 37.88 57.41
N ASP B 182 -2.31 38.24 56.19
CA ASP B 182 -3.16 38.08 55.01
C ASP B 182 -3.41 36.63 54.64
N PHE B 183 -2.59 35.71 55.12
CA PHE B 183 -2.88 34.29 54.95
C PHE B 183 -3.59 33.69 56.15
N LYS B 184 -3.40 34.29 57.34
CA LYS B 184 -4.10 33.82 58.53
C LYS B 184 -5.60 34.05 58.41
N ASN B 185 -5.99 35.20 57.85
CA ASN B 185 -7.39 35.50 57.57
C ASN B 185 -7.83 34.69 56.36
N ASN B 186 -8.13 33.42 56.61
CA ASN B 186 -8.51 32.50 55.55
C ASN B 186 -9.43 31.45 56.15
N LYS B 187 -10.15 30.75 55.28
CA LYS B 187 -11.01 29.65 55.67
C LYS B 187 -10.29 28.32 55.70
N ASN B 188 -9.03 28.27 55.28
CA ASN B 188 -8.40 26.97 55.04
C ASN B 188 -6.95 26.94 55.49
N TRP B 189 -6.52 27.88 56.33
CA TRP B 189 -5.11 28.06 56.62
C TRP B 189 -4.62 27.22 57.79
N SER B 190 -5.39 27.19 58.88
CA SER B 190 -4.98 26.41 60.04
C SER B 190 -4.97 24.91 59.73
N ALA B 191 -5.88 24.46 58.88
CA ALA B 191 -6.02 23.04 58.58
C ALA B 191 -4.82 22.49 57.81
N ILE B 192 -4.09 23.35 57.08
CA ILE B 192 -2.94 22.87 56.33
C ILE B 192 -1.62 23.11 57.05
N VAL B 193 -1.61 23.91 58.11
CA VAL B 193 -0.37 24.04 58.89
C VAL B 193 -0.19 22.86 59.84
N GLU B 194 -1.27 22.37 60.46
CA GLU B 194 -1.12 21.20 61.33
C GLU B 194 -0.96 19.89 60.57
N MET B 195 -0.96 19.89 59.25
CA MET B 195 -0.58 18.67 58.56
C MET B 195 0.85 18.72 58.06
N ILE B 196 1.51 19.87 58.13
CA ILE B 196 2.96 19.95 57.96
C ILE B 196 3.67 19.68 59.28
N LYS B 197 3.09 20.16 60.40
CA LYS B 197 3.67 19.91 61.71
C LYS B 197 3.57 18.43 62.08
N THR B 198 2.42 17.82 61.81
CA THR B 198 2.22 16.40 62.07
C THR B 198 3.10 15.54 61.17
N ALA B 199 3.48 16.05 60.00
CA ALA B 199 4.47 15.37 59.18
C ALA B 199 5.84 15.42 59.85
N PHE B 200 6.23 16.58 60.38
CA PHE B 200 7.52 16.72 61.05
C PHE B 200 7.55 16.04 62.42
N SER B 201 6.52 16.25 63.24
CA SER B 201 6.60 15.87 64.65
C SER B 201 6.47 14.36 64.83
N SER B 202 5.47 13.76 64.20
CA SER B 202 5.28 12.32 64.32
C SER B 202 6.32 11.58 63.48
N THR B 203 6.49 10.30 63.78
CA THR B 203 7.37 9.44 63.01
C THR B 203 6.55 8.64 62.01
N ASP B 204 7.16 8.39 60.85
CA ASP B 204 6.48 7.93 59.62
C ASP B 204 5.31 8.85 59.30
N GLY B 205 5.62 10.13 59.20
CA GLY B 205 4.61 11.15 58.95
C GLY B 205 4.83 11.83 57.62
N LEU B 206 3.79 11.93 56.81
CA LEU B 206 3.92 12.32 55.42
C LEU B 206 2.81 13.29 55.07
N ALA B 207 3.11 14.22 54.17
CA ALA B 207 2.14 15.16 53.62
C ALA B 207 2.57 15.56 52.23
N ILE B 208 1.64 15.49 51.28
CA ILE B 208 1.94 15.77 49.87
C ILE B 208 1.04 16.90 49.42
N PHE B 209 1.66 17.97 48.90
CA PHE B 209 0.94 19.05 48.26
C PHE B 209 1.22 18.98 46.77
N GLU B 210 0.27 19.41 45.96
CA GLU B 210 0.42 19.33 44.51
C GLU B 210 -0.11 20.63 43.91
N VAL B 211 0.81 21.52 43.54
CA VAL B 211 0.53 22.94 43.36
C VAL B 211 0.28 23.22 41.89
N ARG B 212 -0.62 24.16 41.60
CA ARG B 212 -0.95 24.55 40.24
C ARG B 212 -1.29 26.03 40.20
N ALA B 213 -0.79 26.75 39.18
CA ALA B 213 -0.93 28.19 39.12
C ALA B 213 -1.26 28.67 37.71
N THR B 214 -1.80 29.89 37.63
CA THR B 214 -2.16 30.52 36.36
C THR B 214 -1.55 31.92 36.28
N LEU B 215 -0.85 32.20 35.17
CA LEU B 215 -0.18 33.48 34.96
C LEU B 215 -0.81 34.26 33.83
N HIS B 216 -1.09 35.54 34.05
CA HIS B 216 -1.60 36.43 33.02
C HIS B 216 -0.52 37.43 32.63
N LEU B 217 -0.11 37.39 31.38
CA LEU B 217 0.97 38.19 30.84
C LEU B 217 0.45 39.07 29.72
N PRO B 218 1.12 40.18 29.42
CA PRO B 218 0.76 40.95 28.21
C PRO B 218 1.11 40.25 26.91
N THR B 219 0.83 40.92 25.79
CA THR B 219 0.87 40.27 24.47
C THR B 219 2.29 39.92 24.05
N ASN B 220 2.49 38.65 23.67
CA ASN B 220 3.77 38.09 23.23
C ASN B 220 4.89 38.24 24.26
N ALA B 221 4.54 38.25 25.54
CA ALA B 221 5.50 38.48 26.59
C ALA B 221 6.47 37.30 26.71
N MET B 222 7.59 37.55 27.36
CA MET B 222 8.71 36.62 27.34
C MET B 222 8.73 35.77 28.62
N VAL B 223 9.04 34.48 28.45
CA VAL B 223 9.13 33.52 29.54
C VAL B 223 10.61 33.21 29.79
N ARG B 224 10.98 33.08 31.08
CA ARG B 224 12.38 33.01 31.50
C ARG B 224 12.60 31.76 32.35
N PRO B 225 12.94 30.63 31.72
CA PRO B 225 13.19 29.39 32.47
C PRO B 225 14.61 29.26 33.00
N SER B 226 14.96 28.07 33.52
CA SER B 226 16.29 27.77 34.02
C SER B 226 17.24 27.42 32.86
N GLN B 227 18.55 27.57 33.13
CA GLN B 227 19.59 27.46 32.11
C GLN B 227 20.64 26.43 32.51
N VAL B 228 21.33 25.87 31.52
CA VAL B 228 22.29 24.80 31.79
C VAL B 228 23.66 25.36 32.14
N PHE B 229 24.53 24.50 32.68
CA PHE B 229 25.93 24.80 32.95
C PHE B 229 26.76 24.20 31.82
N THR B 230 27.54 25.04 31.15
CA THR B 230 28.64 24.54 30.33
C THR B 230 29.93 25.26 30.70
N GLN B 243 29.77 28.93 19.78
CA GLN B 243 29.14 28.71 21.06
C GLN B 243 27.70 29.26 21.08
N ASN B 244 26.93 28.82 22.06
CA ASN B 244 25.52 29.17 22.20
C ASN B 244 25.33 29.75 23.61
N SER B 245 25.22 31.06 23.69
CA SER B 245 24.82 31.70 24.94
C SER B 245 23.36 31.38 25.24
N ARG B 246 23.04 31.24 26.52
CA ARG B 246 21.69 31.09 27.04
C ARG B 246 21.00 29.85 26.46
N VAL B 247 21.47 28.69 26.91
CA VAL B 247 20.86 27.39 26.58
C VAL B 247 19.91 27.00 27.72
N PHE B 248 18.75 26.45 27.37
CA PHE B 248 17.67 26.17 28.31
C PHE B 248 17.59 24.70 28.70
N GLN B 249 16.98 24.44 29.86
CA GLN B 249 16.86 23.08 30.39
C GLN B 249 15.57 22.44 29.90
N SER B 250 15.67 21.26 29.29
CA SER B 250 14.59 20.67 28.52
C SER B 250 14.17 19.31 29.06
N THR B 251 12.86 19.01 28.96
CA THR B 251 12.33 17.66 29.01
C THR B 251 11.26 17.51 27.94
N THR B 252 10.86 16.25 27.71
CA THR B 252 9.86 15.91 26.72
C THR B 252 8.49 15.82 27.37
N ILE B 253 7.57 16.66 26.93
CA ILE B 253 6.20 16.66 27.42
C ILE B 253 5.29 16.42 26.23
N ASP B 254 4.56 15.28 26.28
CA ASP B 254 3.75 14.60 25.26
C ASP B 254 4.28 14.73 23.82
N GLY B 255 5.59 14.49 23.65
CA GLY B 255 6.16 14.40 22.33
C GLY B 255 6.78 15.67 21.78
N GLU B 256 7.00 16.68 22.62
CA GLU B 256 7.68 17.88 22.17
C GLU B 256 8.87 18.18 23.06
N ARG B 257 9.46 19.36 22.91
CA ARG B 257 10.52 19.85 23.77
C ARG B 257 10.01 21.08 24.50
N SER B 258 10.31 21.18 25.79
CA SER B 258 9.76 22.24 26.62
C SER B 258 10.75 22.63 27.70
N PRO B 259 10.76 23.89 28.12
CA PRO B 259 11.60 24.29 29.26
C PRO B 259 10.93 23.97 30.60
N ILE B 260 11.76 23.76 31.63
CA ILE B 260 11.28 23.08 32.82
C ILE B 260 11.38 23.89 34.12
N LEU B 261 12.18 24.95 34.19
CA LEU B 261 12.43 25.75 35.40
C LEU B 261 12.98 24.91 36.58
N GLY B 262 13.50 23.71 36.36
CA GLY B 262 14.42 23.08 37.30
C GLY B 262 13.90 22.46 38.57
N ALA B 263 14.60 21.43 39.06
CA ALA B 263 14.20 20.70 40.25
C ALA B 263 14.90 21.18 41.52
N PHE B 264 16.20 21.47 41.44
CA PHE B 264 16.92 22.01 42.58
C PHE B 264 16.66 23.50 42.75
N LYS B 265 16.33 24.19 41.66
CA LYS B 265 16.14 25.63 41.72
C LYS B 265 14.84 25.99 42.42
N THR B 266 13.80 25.17 42.27
CA THR B 266 12.56 25.44 42.98
C THR B 266 12.65 24.97 44.43
N GLY B 267 13.65 24.16 44.77
CA GLY B 267 13.91 23.88 46.16
C GLY B 267 14.68 24.99 46.85
N ALA B 268 15.36 25.83 46.07
CA ALA B 268 16.10 26.95 46.64
C ALA B 268 15.24 28.18 46.83
N ALA B 269 13.98 28.12 46.42
CA ALA B 269 13.04 29.21 46.66
C ALA B 269 12.07 28.88 47.80
N ILE B 270 11.79 27.59 48.00
CA ILE B 270 11.09 27.15 49.19
C ILE B 270 11.92 27.44 50.43
N ALA B 271 13.24 27.30 50.33
CA ALA B 271 14.14 27.39 51.48
C ALA B 271 14.86 28.72 51.58
N THR B 272 14.19 29.83 51.29
CA THR B 272 14.68 31.17 51.61
C THR B 272 13.88 31.66 52.82
N ILE B 273 14.33 31.30 54.01
CA ILE B 273 13.62 31.67 55.23
C ILE B 273 14.58 32.34 56.21
N ASP B 274 15.86 32.35 55.85
CA ASP B 274 16.91 32.78 56.76
C ASP B 274 17.01 34.31 56.75
N ASP B 275 16.56 34.94 57.83
CA ASP B 275 16.79 36.36 58.05
C ASP B 275 17.23 36.63 59.47
N TRP B 276 17.99 35.72 60.07
CA TRP B 276 18.47 35.88 61.43
C TRP B 276 19.95 36.20 61.49
N TYR B 277 20.58 36.43 60.35
CA TYR B 277 22.02 36.69 60.27
C TYR B 277 22.32 38.08 60.86
N PRO B 278 23.60 38.38 61.24
CA PRO B 278 23.88 39.62 62.00
C PRO B 278 23.60 40.97 61.32
N GLU B 279 23.03 40.98 60.12
CA GLU B 279 22.56 42.24 59.52
C GLU B 279 21.05 42.28 59.31
N ALA B 280 20.42 41.17 58.91
CA ALA B 280 18.97 40.95 58.93
C ALA B 280 18.22 41.96 58.06
N THR B 281 18.48 41.88 56.75
CA THR B 281 17.79 42.72 55.78
C THR B 281 16.91 41.90 54.83
N GLU B 282 17.48 40.93 54.13
CA GLU B 282 16.77 40.17 53.12
C GLU B 282 16.82 38.68 53.46
N PRO B 283 15.74 37.94 53.27
CA PRO B 283 15.76 36.49 53.54
C PRO B 283 16.69 35.75 52.60
N LEU B 284 17.66 35.06 53.17
CA LEU B 284 18.67 34.35 52.42
C LEU B 284 18.30 32.88 52.27
N ARG B 285 18.98 32.23 51.34
CA ARG B 285 18.88 30.79 51.19
C ARG B 285 19.66 30.13 52.33
N VAL B 286 19.05 29.14 52.99
CA VAL B 286 19.71 28.50 54.13
C VAL B 286 20.91 27.68 53.65
N GLY B 287 22.04 27.86 54.31
CA GLY B 287 23.26 27.13 54.00
C GLY B 287 24.10 27.05 55.24
N ARG B 288 25.25 26.35 55.12
CA ARG B 288 26.13 26.21 56.28
C ARG B 288 26.84 27.51 56.60
N PHE B 289 27.31 28.22 55.57
CA PHE B 289 28.01 29.46 55.79
C PHE B 289 27.21 30.69 55.41
N GLY B 290 26.01 30.51 54.87
CA GLY B 290 25.11 31.63 54.59
C GLY B 290 25.54 32.51 53.44
N VAL B 291 25.77 31.91 52.27
CA VAL B 291 26.31 32.66 51.15
C VAL B 291 25.20 33.49 50.49
N HIS B 292 25.62 34.47 49.71
CA HIS B 292 24.71 35.39 49.05
C HIS B 292 25.19 35.56 47.62
N ARG B 293 24.27 35.79 46.69
CA ARG B 293 24.64 35.92 45.30
C ARG B 293 24.32 37.28 44.68
N GLU B 294 23.53 38.12 45.34
CA GLU B 294 23.29 39.46 44.83
C GLU B 294 24.53 40.32 45.00
N ASP B 295 25.22 40.14 46.11
CA ASP B 295 26.64 40.46 46.26
C ASP B 295 27.36 39.19 46.69
N VAL B 296 28.66 39.14 46.43
CA VAL B 296 29.34 37.86 46.29
C VAL B 296 30.12 37.61 47.57
N THR B 297 29.59 38.07 48.69
CA THR B 297 30.20 37.86 49.99
C THR B 297 29.41 36.84 50.80
N CYS B 298 29.95 36.49 51.96
CA CYS B 298 29.30 35.60 52.91
C CYS B 298 29.01 36.37 54.20
N TYR B 299 27.74 36.62 54.48
CA TYR B 299 27.35 36.87 55.85
C TYR B 299 27.34 35.53 56.56
N ARG B 300 27.46 35.55 57.89
CA ARG B 300 27.73 34.35 58.72
C ARG B 300 29.01 33.64 58.29
N HIS B 301 30.09 34.40 58.17
CA HIS B 301 31.43 33.85 58.00
C HIS B 301 31.85 33.17 59.30
N PRO B 302 32.72 32.15 59.24
CA PRO B 302 33.17 31.48 60.48
C PRO B 302 33.93 32.36 61.47
N SER B 303 34.49 33.49 61.04
CA SER B 303 35.12 34.40 61.99
C SER B 303 34.10 35.18 62.81
N THR B 304 32.82 35.16 62.43
CA THR B 304 31.77 35.77 63.22
C THR B 304 31.22 34.85 64.30
N GLY B 305 31.50 33.56 64.22
CA GLY B 305 30.97 32.62 65.18
C GLY B 305 29.48 32.37 65.05
N LYS B 306 28.96 32.40 63.82
CA LYS B 306 27.53 32.25 63.59
C LYS B 306 27.20 31.26 62.49
N ASP B 307 28.16 30.46 62.05
CA ASP B 307 27.90 29.50 60.99
C ASP B 307 27.33 28.22 61.58
N PHE B 308 27.29 27.14 60.79
CA PHE B 308 26.71 25.90 61.27
C PHE B 308 27.65 25.20 62.25
N PHE B 309 28.90 24.97 61.84
CA PHE B 309 29.84 24.14 62.59
C PHE B 309 30.29 24.75 63.91
N SER B 310 29.95 26.00 64.19
CA SER B 310 30.19 26.59 65.49
C SER B 310 28.97 26.55 66.40
N ILE B 311 27.81 26.20 65.85
CA ILE B 311 26.59 26.06 66.66
C ILE B 311 26.37 24.58 66.89
N LEU B 312 26.83 23.75 65.95
CA LEU B 312 26.72 22.30 66.12
C LEU B 312 27.63 21.81 67.23
N GLN B 313 28.83 22.39 67.35
CA GLN B 313 29.74 21.98 68.41
C GLN B 313 29.39 22.56 69.77
N GLN B 314 28.36 23.39 69.86
CA GLN B 314 27.88 23.90 71.14
C GLN B 314 26.50 23.38 71.47
N ALA B 315 26.09 22.24 70.89
CA ALA B 315 24.72 21.75 71.02
C ALA B 315 24.45 21.24 72.43
N GLU B 316 25.50 20.80 73.13
CA GLU B 316 25.35 20.37 74.52
C GLU B 316 24.99 21.54 75.43
N HIS B 317 25.43 22.74 75.06
CA HIS B 317 25.08 23.93 75.83
C HIS B 317 23.61 24.31 75.67
N TYR B 318 23.04 24.08 74.48
CA TYR B 318 21.66 24.49 74.23
C TYR B 318 20.66 23.58 74.93
N ILE B 319 21.08 22.40 75.37
CA ILE B 319 20.18 21.48 76.06
C ILE B 319 19.78 22.04 77.41
N GLU B 320 20.75 22.54 78.18
CA GLU B 320 20.43 23.19 79.45
C GLU B 320 20.21 24.69 79.30
N VAL B 321 19.42 25.08 78.29
CA VAL B 321 18.81 26.40 78.20
C VAL B 321 17.32 26.13 78.03
N LEU B 322 17.01 24.99 77.43
CA LEU B 322 15.65 24.57 77.13
C LEU B 322 14.94 23.93 78.32
N SER B 323 15.60 23.83 79.47
CA SER B 323 15.04 23.16 80.63
C SER B 323 14.54 24.15 81.67
N LYS B 326 12.04 28.48 82.35
CA LYS B 326 12.30 29.79 81.80
C LYS B 326 12.50 29.73 80.28
N THR B 327 11.94 30.70 79.56
CA THR B 327 12.04 30.72 78.11
C THR B 327 13.39 31.26 77.68
N PRO B 328 13.94 30.76 76.57
CA PRO B 328 15.22 31.27 76.07
C PRO B 328 15.08 32.69 75.54
N ALA B 329 16.22 33.35 75.32
CA ALA B 329 16.15 34.81 75.32
C ALA B 329 15.67 35.43 74.01
N GLN B 330 16.54 35.58 73.01
CA GLN B 330 16.06 35.70 71.64
C GLN B 330 17.02 35.03 70.66
N GLU B 331 18.32 35.23 70.87
CA GLU B 331 19.30 34.75 69.91
C GLU B 331 19.59 33.27 70.09
N THR B 332 19.36 32.73 71.28
CA THR B 332 19.40 31.30 71.44
C THR B 332 18.23 30.65 70.72
N ILE B 333 17.09 31.33 70.66
CA ILE B 333 15.99 30.86 69.82
C ILE B 333 16.34 31.02 68.35
N ASN B 334 16.95 32.15 67.97
CA ASN B 334 17.23 32.41 66.56
C ASN B 334 18.41 31.59 66.05
N ASP B 335 19.16 30.95 66.95
CA ASP B 335 20.18 30.00 66.51
C ASP B 335 19.67 28.57 66.54
N MET B 336 18.58 28.33 67.27
CA MET B 336 17.91 27.04 67.21
C MET B 336 17.06 26.90 65.96
N HIS B 337 16.50 28.00 65.47
CA HIS B 337 15.81 27.95 64.18
C HIS B 337 16.80 27.73 63.05
N PHE B 338 17.99 28.29 63.18
CA PHE B 338 18.99 28.10 62.14
C PHE B 338 19.59 26.71 62.20
N LEU B 339 19.68 26.11 63.39
CA LEU B 339 20.23 24.76 63.48
C LEU B 339 19.24 23.74 62.93
N MET B 340 17.95 23.94 63.21
CA MET B 340 16.92 23.03 62.70
C MET B 340 16.74 23.16 61.20
N ALA B 341 16.99 24.34 60.64
CA ALA B 341 16.77 24.54 59.22
C ALA B 341 17.87 23.89 58.39
N ASN B 342 19.05 23.66 58.97
CA ASN B 342 20.09 22.95 58.26
C ASN B 342 19.97 21.43 58.38
N LEU B 343 19.21 20.94 59.35
CA LEU B 343 19.00 19.50 59.44
C LEU B 343 17.90 19.04 58.51
N ILE B 344 16.91 19.89 58.26
CA ILE B 344 15.89 19.63 57.26
C ILE B 344 16.53 19.58 55.87
N LYS B 345 17.48 20.46 55.62
CA LYS B 345 18.25 20.49 54.38
C LYS B 345 19.33 19.40 54.33
N GLY B 346 19.53 18.65 55.41
CA GLY B 346 20.76 17.99 55.84
C GLY B 346 21.75 17.42 54.85
N GLY B 347 23.03 17.71 55.09
CA GLY B 347 24.03 17.73 54.04
C GLY B 347 25.44 17.18 54.26
N MET B 348 25.60 16.04 54.94
CA MET B 348 26.89 15.36 55.15
C MET B 348 27.88 16.20 55.97
N PHE B 349 27.56 16.33 57.26
CA PHE B 349 28.35 17.15 58.18
C PHE B 349 29.60 16.44 58.72
N GLN B 350 30.41 15.87 57.84
CA GLN B 350 31.66 15.25 58.23
C GLN B 350 32.71 16.32 58.55
N HIS B 351 33.77 15.90 59.25
CA HIS B 351 35.01 16.66 59.33
C HIS B 351 36.12 15.73 59.79
N LYS B 352 37.28 15.85 59.12
CA LYS B 352 38.52 15.11 59.41
C LYS B 352 38.33 13.60 59.38
N LYS C 4 39.03 51.29 40.36
CA LYS C 4 37.60 51.09 40.20
C LYS C 4 37.33 49.94 39.24
N LEU C 5 36.08 49.84 38.75
CA LEU C 5 35.56 48.77 37.90
C LEU C 5 35.81 47.39 38.51
N PRO C 6 35.02 46.98 39.51
CA PRO C 6 35.20 45.65 40.12
C PRO C 6 34.98 44.51 39.14
N THR C 7 35.49 43.34 39.49
CA THR C 7 35.55 42.22 38.56
C THR C 7 34.20 41.55 38.32
N ASN C 8 33.17 41.90 39.08
CA ASN C 8 31.78 41.57 38.76
C ASN C 8 30.96 42.83 38.90
N LEU C 9 30.32 43.25 37.81
CA LEU C 9 29.38 44.37 37.89
C LEU C 9 28.38 44.21 36.76
N ALA C 10 27.09 44.11 37.09
CA ALA C 10 26.08 43.86 36.08
C ALA C 10 24.76 44.50 36.48
N TYR C 11 24.10 45.07 35.48
CA TYR C 11 22.74 45.58 35.54
C TYR C 11 21.87 44.80 34.59
N GLU C 12 20.57 45.03 34.65
CA GLU C 12 19.61 44.38 33.77
C GLU C 12 18.64 45.41 33.20
N ARG C 13 17.75 44.95 32.33
CA ARG C 13 16.90 45.83 31.55
C ARG C 13 15.87 46.54 32.42
N SER C 14 15.43 47.69 31.94
CA SER C 14 14.29 48.36 32.52
C SER C 14 13.19 48.61 31.50
N ILE C 15 13.39 48.21 30.25
CA ILE C 15 12.41 48.36 29.18
C ILE C 15 12.33 47.04 28.44
N ASP C 16 11.13 46.48 28.34
CA ASP C 16 10.92 45.18 27.68
C ASP C 16 9.82 45.22 26.63
N PRO C 17 10.15 45.48 25.37
CA PRO C 17 9.20 45.30 24.28
C PRO C 17 9.27 43.88 23.74
N SER C 18 8.28 43.53 22.94
CA SER C 18 8.11 42.17 22.44
C SER C 18 8.18 42.16 20.91
N ASP C 19 7.88 41.02 20.30
CA ASP C 19 7.69 40.95 18.86
C ASP C 19 6.49 41.79 18.42
N VAL C 20 6.50 42.16 17.14
CA VAL C 20 5.39 42.87 16.50
C VAL C 20 4.67 41.84 15.64
N CYS C 21 3.37 42.01 15.45
CA CYS C 21 2.61 41.13 14.56
C CYS C 21 1.99 41.96 13.45
N PHE C 22 1.69 41.29 12.32
CA PHE C 22 1.14 41.94 11.15
C PHE C 22 -0.19 41.28 10.79
N PHE C 23 -1.20 42.08 10.52
CA PHE C 23 -2.52 41.54 10.18
C PHE C 23 -3.13 42.30 9.02
N VAL C 24 -3.64 41.55 8.06
CA VAL C 24 -4.41 42.12 6.96
C VAL C 24 -5.85 42.27 7.40
N VAL C 25 -6.39 43.48 7.29
CA VAL C 25 -7.79 43.72 7.54
C VAL C 25 -8.50 43.78 6.20
N TRP C 26 -9.57 43.03 6.08
CA TRP C 26 -10.45 42.98 4.93
C TRP C 26 -11.58 43.97 5.12
N PRO C 27 -12.27 44.41 4.05
CA PRO C 27 -13.33 45.42 4.22
C PRO C 27 -14.55 44.95 4.98
N ASP C 28 -14.70 43.65 5.22
CA ASP C 28 -15.74 43.11 6.10
C ASP C 28 -15.36 43.19 7.57
N ASP C 29 -14.18 43.76 7.89
CA ASP C 29 -13.56 43.75 9.21
C ASP C 29 -13.38 42.33 9.75
N ARG C 30 -12.72 41.50 8.95
CA ARG C 30 -12.08 40.29 9.43
C ARG C 30 -10.58 40.47 9.34
N LYS C 31 -9.84 39.56 9.98
CA LYS C 31 -8.39 39.69 10.11
C LYS C 31 -7.72 38.35 9.85
N THR C 32 -6.77 38.32 8.92
CA THR C 32 -5.94 37.17 8.67
C THR C 32 -4.47 37.56 8.88
N PRO C 33 -3.60 36.61 9.22
CA PRO C 33 -2.17 36.92 9.29
C PRO C 33 -1.60 37.27 7.93
N LEU C 34 -0.72 38.26 7.93
CA LEU C 34 0.03 38.60 6.73
C LEU C 34 1.01 37.47 6.41
N THR C 35 0.98 37.01 5.16
CA THR C 35 1.77 35.86 4.74
C THR C 35 2.69 36.27 3.61
N TYR C 36 3.68 35.42 3.32
CA TYR C 36 4.66 35.73 2.29
C TYR C 36 5.08 34.47 1.56
N ASN C 37 5.78 34.66 0.44
CA ASN C 37 6.24 33.59 -0.40
C ASN C 37 7.66 33.90 -0.87
N SER C 38 8.26 32.96 -1.59
CA SER C 38 9.62 33.10 -2.07
C SER C 38 9.60 33.04 -3.58
N ARG C 39 10.43 33.87 -4.22
CA ARG C 39 10.43 33.93 -5.68
C ARG C 39 11.85 34.10 -6.19
N THR C 40 12.12 33.44 -7.31
CA THR C 40 13.41 33.51 -7.97
C THR C 40 13.38 34.62 -9.01
N LEU C 41 14.35 35.53 -8.94
CA LEU C 41 14.44 36.65 -9.85
C LEU C 41 15.66 36.49 -10.74
N LEU C 42 15.90 37.50 -11.57
CA LEU C 42 16.97 37.47 -12.58
C LEU C 42 17.52 38.87 -12.72
N GLY C 43 18.71 39.12 -12.16
CA GLY C 43 19.38 40.39 -12.30
C GLY C 43 20.41 40.36 -13.41
N GLN C 44 21.26 41.38 -13.42
CA GLN C 44 22.37 41.45 -14.35
C GLN C 44 23.65 41.75 -13.58
N MET C 45 24.78 41.52 -14.25
CA MET C 45 26.11 41.63 -13.64
C MET C 45 26.39 43.08 -13.27
N GLU C 46 26.32 43.41 -11.99
CA GLU C 46 26.46 44.79 -11.55
C GLU C 46 27.53 45.02 -10.50
N ALA C 47 28.09 43.98 -9.90
CA ALA C 47 29.14 44.17 -8.91
C ALA C 47 30.44 44.60 -9.57
N ALA C 48 31.15 45.53 -8.93
CA ALA C 48 32.39 46.06 -9.46
C ALA C 48 33.54 45.07 -9.40
N SER C 49 33.40 43.98 -8.64
CA SER C 49 34.41 42.96 -8.49
C SER C 49 34.34 41.91 -9.60
N LEU C 50 33.58 42.18 -10.65
CA LEU C 50 33.47 41.32 -11.82
C LEU C 50 34.16 41.89 -13.04
N ALA C 51 34.27 43.21 -13.15
CA ALA C 51 34.90 43.87 -14.28
C ALA C 51 36.29 44.39 -13.98
N TYR C 52 36.76 44.31 -12.74
CA TYR C 52 38.02 44.92 -12.34
C TYR C 52 38.82 43.94 -11.50
N ASP C 53 39.86 44.44 -10.86
CA ASP C 53 40.78 43.65 -10.04
C ASP C 53 41.01 44.31 -8.70
N VAL C 54 41.91 43.72 -7.92
CA VAL C 54 42.45 44.38 -6.74
C VAL C 54 43.27 45.59 -7.15
N SER C 55 43.94 45.50 -8.30
CA SER C 55 44.72 46.61 -8.83
C SER C 55 43.82 47.77 -9.23
N GLY C 56 42.84 47.51 -10.10
CA GLY C 56 41.95 48.55 -10.58
C GLY C 56 41.94 48.66 -12.09
N GLN C 57 42.55 47.68 -12.76
CA GLN C 57 42.64 47.55 -14.21
C GLN C 57 41.85 46.34 -14.68
N PRO C 58 41.12 46.46 -15.79
CA PRO C 58 40.07 45.50 -16.11
C PRO C 58 40.61 44.15 -16.57
N ILE C 59 39.89 43.10 -16.19
CA ILE C 59 40.33 41.75 -16.53
C ILE C 59 40.00 41.45 -17.99
N LYS C 60 40.62 40.40 -18.51
CA LYS C 60 40.39 39.99 -19.89
C LYS C 60 39.42 38.82 -20.01
N SER C 61 39.10 38.16 -18.90
CA SER C 61 38.19 37.02 -18.94
C SER C 61 36.74 37.43 -19.08
N ALA C 62 36.43 38.70 -18.82
CA ALA C 62 35.06 39.21 -18.83
C ALA C 62 34.99 40.34 -19.85
N THR C 63 34.60 40.00 -21.08
CA THR C 63 34.45 40.94 -22.17
C THR C 63 33.02 41.47 -22.22
N ALA C 64 32.65 42.14 -23.31
CA ALA C 64 31.31 42.71 -23.44
C ALA C 64 30.23 41.68 -23.70
N GLU C 65 30.60 40.40 -23.87
CA GLU C 65 29.66 39.30 -24.02
C GLU C 65 29.31 38.65 -22.70
N ALA C 66 30.31 38.45 -21.82
CA ALA C 66 30.09 37.75 -20.57
C ALA C 66 29.52 38.65 -19.48
N LEU C 67 29.60 39.96 -19.65
CA LEU C 67 28.87 40.91 -18.81
C LEU C 67 27.42 41.06 -19.20
N ALA C 68 26.99 40.41 -20.28
CA ALA C 68 25.62 40.57 -20.76
C ALA C 68 24.77 39.35 -20.47
N GLN C 69 25.28 38.40 -19.70
CA GLN C 69 24.48 37.28 -19.23
C GLN C 69 23.93 37.58 -17.85
N GLY C 70 22.65 37.31 -17.67
CA GLY C 70 22.01 37.55 -16.40
C GLY C 70 22.19 36.39 -15.44
N ASN C 71 22.55 36.71 -14.21
CA ASN C 71 22.59 35.64 -13.22
C ASN C 71 21.39 35.71 -12.27
N PRO C 72 20.86 34.56 -11.86
CA PRO C 72 19.67 34.56 -11.00
C PRO C 72 19.98 34.55 -9.52
N HIS C 73 18.99 35.00 -8.74
CA HIS C 73 19.09 35.04 -7.29
C HIS C 73 17.74 34.66 -6.72
N GLN C 74 17.56 34.84 -5.42
CA GLN C 74 16.32 34.45 -4.77
C GLN C 74 16.09 35.28 -3.53
N VAL C 75 14.87 35.78 -3.36
CA VAL C 75 14.49 36.62 -2.23
C VAL C 75 13.18 36.10 -1.65
N ASP C 76 12.88 36.58 -0.45
CA ASP C 76 11.55 36.49 0.11
C ASP C 76 10.82 37.79 -0.14
N PHE C 77 9.51 37.72 -0.34
CA PHE C 77 8.77 38.85 -0.85
C PHE C 77 7.40 38.90 -0.19
N CYS C 78 7.07 40.05 0.41
CA CYS C 78 5.81 40.23 1.10
C CYS C 78 5.17 41.52 0.63
N HIS C 79 3.87 41.49 0.35
CA HIS C 79 3.14 42.65 -0.12
C HIS C 79 1.75 42.66 0.49
N VAL C 80 1.08 43.79 0.40
CA VAL C 80 -0.31 43.90 0.87
C VAL C 80 -1.23 43.36 -0.22
N PRO C 81 -2.10 42.40 0.09
CA PRO C 81 -2.93 41.80 -0.96
C PRO C 81 -4.00 42.75 -1.47
N TYR C 82 -4.50 42.43 -2.66
CA TYR C 82 -5.40 43.31 -3.38
C TYR C 82 -6.78 43.28 -2.74
N GLY C 83 -7.33 44.46 -2.49
CA GLY C 83 -8.63 44.58 -1.88
C GLY C 83 -8.60 44.74 -0.38
N ALA C 84 -7.43 44.62 0.24
CA ALA C 84 -7.31 44.80 1.68
C ALA C 84 -7.52 46.25 2.07
N SER C 85 -8.17 46.47 3.21
CA SER C 85 -8.41 47.82 3.67
C SER C 85 -7.13 48.46 4.20
N HIS C 86 -6.53 47.85 5.22
CA HIS C 86 -5.31 48.35 5.81
C HIS C 86 -4.51 47.19 6.41
N ILE C 87 -3.52 47.54 7.24
CA ILE C 87 -2.66 46.61 7.95
C ILE C 87 -2.67 47.02 9.42
N GLU C 88 -2.78 46.05 10.33
CA GLU C 88 -2.68 46.32 11.76
C GLU C 88 -1.39 45.74 12.33
N CYS C 89 -0.76 46.51 13.21
CA CYS C 89 0.54 46.17 13.78
C CYS C 89 0.45 46.38 15.29
N SER C 90 0.86 45.38 16.08
CA SER C 90 0.65 45.44 17.51
C SER C 90 1.80 44.79 18.27
N PHE C 91 2.16 45.37 19.42
CA PHE C 91 3.16 44.80 20.32
C PHE C 91 2.82 45.21 21.75
N SER C 92 3.74 44.97 22.69
CA SER C 92 3.55 45.34 24.09
C SER C 92 4.89 45.61 24.77
N VAL C 93 4.92 46.62 25.64
CA VAL C 93 6.15 47.11 26.26
C VAL C 93 5.88 47.35 27.75
N SER C 94 6.86 47.06 28.59
CA SER C 94 6.76 47.24 30.03
C SER C 94 7.95 48.01 30.58
N PHE C 95 7.68 49.05 31.37
CA PHE C 95 8.69 49.88 32.00
C PHE C 95 8.77 49.52 33.48
N SER C 96 9.90 48.98 33.91
CA SER C 96 10.10 48.56 35.28
C SER C 96 11.24 49.36 35.91
N SER C 97 11.63 48.96 37.12
CA SER C 97 12.57 49.76 37.91
C SER C 97 13.74 48.91 38.40
N GLU C 98 14.38 48.19 37.48
CA GLU C 98 15.64 47.50 37.76
C GLU C 98 16.85 48.43 37.78
N LEU C 99 16.69 49.72 37.52
CA LEU C 99 17.81 50.65 37.52
C LEU C 99 18.15 51.17 38.92
N ARG C 100 17.40 50.75 39.94
CA ARG C 100 17.59 51.30 41.29
C ARG C 100 18.76 50.65 42.02
N GLN C 101 18.99 49.35 41.83
CA GLN C 101 20.09 48.64 42.44
C GLN C 101 20.70 47.71 41.40
N PRO C 102 21.99 47.39 41.53
CA PRO C 102 22.63 46.52 40.54
C PRO C 102 22.31 45.05 40.78
N TYR C 103 22.43 44.29 39.69
CA TYR C 103 22.13 42.87 39.75
C TYR C 103 23.25 42.05 40.37
N LYS C 104 24.50 42.50 40.28
CA LYS C 104 25.63 41.86 40.92
C LYS C 104 26.74 42.87 41.04
N CYS C 105 27.37 42.98 42.22
CA CYS C 105 28.25 44.14 42.35
C CYS C 105 29.64 43.82 42.88
N ASN C 106 29.78 42.85 43.79
CA ASN C 106 31.06 42.35 44.30
C ASN C 106 31.89 43.40 45.04
N SER C 107 31.26 44.50 45.47
CA SER C 107 31.95 45.60 46.14
C SER C 107 30.90 46.45 46.84
N SER C 108 31.07 46.71 48.13
CA SER C 108 30.06 47.46 48.85
C SER C 108 30.34 48.95 48.90
N LYS C 109 31.44 49.42 48.30
CA LYS C 109 31.66 50.85 48.16
C LYS C 109 31.23 51.37 46.80
N VAL C 110 31.47 50.60 45.75
CA VAL C 110 30.97 50.94 44.41
C VAL C 110 29.45 50.78 44.37
N LYS C 111 28.90 49.88 45.18
CA LYS C 111 27.45 49.71 45.23
C LYS C 111 26.77 50.92 45.86
N GLN C 112 27.30 51.41 46.98
CA GLN C 112 26.66 52.56 47.64
C GLN C 112 26.92 53.86 46.91
N THR C 113 27.75 53.86 45.87
CA THR C 113 27.87 55.02 45.00
C THR C 113 26.82 54.98 43.91
N LEU C 114 26.69 53.83 43.23
CA LEU C 114 25.77 53.72 42.10
C LEU C 114 24.32 53.67 42.56
N VAL C 115 24.08 53.36 43.84
CA VAL C 115 22.74 53.50 44.40
C VAL C 115 22.47 54.96 44.74
N GLN C 116 23.50 55.70 45.18
CA GLN C 116 23.28 57.03 45.72
C GLN C 116 23.01 58.06 44.62
N LEU C 117 23.76 58.04 43.53
CA LEU C 117 23.56 59.07 42.52
C LEU C 117 22.35 58.82 41.63
N VAL C 118 21.67 57.68 41.76
CA VAL C 118 20.35 57.54 41.17
C VAL C 118 19.33 58.24 42.05
N GLU C 119 19.65 58.40 43.33
CA GLU C 119 18.75 59.12 44.24
C GLU C 119 18.99 60.63 44.17
N LEU C 120 20.21 61.03 43.80
CA LEU C 120 20.49 62.46 43.59
C LEU C 120 19.92 62.94 42.27
N TYR C 121 19.88 62.06 41.27
CA TYR C 121 19.41 62.44 39.95
C TYR C 121 17.92 62.68 39.93
N GLU C 122 17.17 61.99 40.77
CA GLU C 122 15.73 62.19 40.79
C GLU C 122 15.27 63.26 41.76
N THR C 123 16.17 63.77 42.60
CA THR C 123 15.81 64.86 43.52
C THR C 123 16.13 66.22 42.91
N LYS C 124 17.32 66.36 42.32
CA LYS C 124 17.68 67.60 41.64
C LYS C 124 17.00 67.69 40.28
N ILE C 125 17.32 66.78 39.38
CA ILE C 125 16.64 66.68 38.10
C ILE C 125 15.38 65.83 38.28
N GLY C 126 14.50 65.84 37.29
CA GLY C 126 13.38 64.91 37.27
C GLY C 126 13.68 63.71 36.38
N TRP C 127 12.67 62.85 36.25
CA TRP C 127 12.67 61.82 35.22
C TRP C 127 11.95 62.29 33.97
N THR C 128 11.51 63.55 33.93
CA THR C 128 10.65 64.03 32.87
C THR C 128 11.39 64.08 31.54
N GLU C 129 12.70 64.35 31.58
CA GLU C 129 13.47 64.54 30.35
C GLU C 129 13.71 63.22 29.63
N LEU C 130 13.88 62.13 30.38
CA LEU C 130 14.07 60.83 29.75
C LEU C 130 12.74 60.18 29.40
N ALA C 131 11.73 60.31 30.28
CA ALA C 131 10.47 59.63 30.05
C ALA C 131 9.71 60.20 28.86
N THR C 132 9.78 61.52 28.66
CA THR C 132 9.21 62.15 27.48
C THR C 132 9.89 61.65 26.21
N ARG C 133 11.21 61.50 26.25
CA ARG C 133 11.95 61.19 25.05
C ARG C 133 11.88 59.70 24.69
N TYR C 134 11.52 58.83 25.64
CA TYR C 134 11.17 57.46 25.28
C TYR C 134 9.76 57.36 24.74
N LEU C 135 8.83 58.12 25.31
CA LEU C 135 7.43 57.99 24.95
C LEU C 135 7.12 58.64 23.61
N MET C 136 7.96 59.55 23.13
CA MET C 136 7.69 60.18 21.84
C MET C 136 7.95 59.24 20.69
N ASN C 137 9.03 58.47 20.73
CA ASN C 137 9.27 57.53 19.65
C ASN C 137 8.66 56.16 19.90
N ILE C 138 7.69 56.08 20.82
CA ILE C 138 6.70 55.00 20.83
C ILE C 138 5.40 55.44 20.18
N CYS C 139 4.95 56.66 20.48
CA CYS C 139 3.69 57.22 20.04
C CYS C 139 3.73 57.79 18.63
N ASN C 140 4.80 57.64 17.86
CA ASN C 140 4.77 58.08 16.47
C ASN C 140 5.30 57.06 15.48
N GLY C 141 5.50 55.82 15.88
CA GLY C 141 5.86 54.79 14.93
C GLY C 141 7.29 54.80 14.47
N LYS C 142 8.22 55.11 15.37
CA LYS C 142 9.64 54.94 15.08
C LYS C 142 10.01 53.49 14.91
N TRP C 143 9.29 52.60 15.59
CA TRP C 143 9.53 51.17 15.64
C TRP C 143 9.03 50.42 14.41
N LEU C 144 8.46 51.11 13.42
CA LEU C 144 8.06 50.51 12.16
C LEU C 144 9.18 50.55 11.12
N TRP C 145 10.11 51.50 11.27
CA TRP C 145 11.45 51.63 10.69
C TRP C 145 11.58 51.98 9.22
N LYS C 146 10.66 51.53 8.36
CA LYS C 146 10.77 51.82 6.94
C LYS C 146 9.39 51.99 6.35
N ASN C 147 8.38 51.53 7.09
CA ASN C 147 7.07 51.37 6.54
C ASN C 147 6.24 52.64 6.59
N THR C 148 6.55 53.55 7.51
CA THR C 148 5.86 54.82 7.56
C THR C 148 6.21 55.71 6.38
N ARG C 149 7.41 55.58 5.84
CA ARG C 149 7.70 56.17 4.54
C ARG C 149 6.87 55.47 3.48
N LYS C 150 6.37 56.23 2.51
CA LYS C 150 5.58 55.75 1.38
C LYS C 150 4.28 55.09 1.84
N ALA C 151 3.66 55.69 2.84
CA ALA C 151 2.32 55.35 3.29
C ALA C 151 1.44 56.58 3.19
N TYR C 152 0.13 56.37 3.10
CA TYR C 152 -0.77 57.52 3.05
C TYR C 152 -1.02 58.09 4.43
N CYS C 153 -1.20 57.22 5.43
CA CYS C 153 -1.59 57.65 6.77
C CYS C 153 -1.32 56.51 7.74
N TRP C 154 -1.04 56.87 8.98
CA TRP C 154 -0.95 55.86 10.05
C TRP C 154 -1.43 56.50 11.34
N ASN C 155 -1.97 55.65 12.21
CA ASN C 155 -2.52 56.07 13.50
C ASN C 155 -1.97 55.16 14.57
N ILE C 156 -1.98 55.61 15.82
CA ILE C 156 -1.54 54.81 16.96
C ILE C 156 -2.51 55.01 18.11
N VAL C 157 -3.05 53.91 18.61
CA VAL C 157 -3.88 53.90 19.81
C VAL C 157 -3.25 52.94 20.84
N LEU C 158 -2.98 53.44 22.03
CA LEU C 158 -2.37 52.65 23.09
C LEU C 158 -3.28 52.57 24.30
N THR C 159 -3.26 51.42 24.98
CA THR C 159 -4.00 51.22 26.22
C THR C 159 -3.04 50.89 27.37
N PRO C 160 -2.84 51.78 28.32
CA PRO C 160 -1.91 51.53 29.42
C PRO C 160 -2.52 50.69 30.54
N TRP C 161 -1.64 50.19 31.41
CA TRP C 161 -2.02 49.46 32.60
C TRP C 161 -1.06 49.92 33.69
N PRO C 162 -1.56 50.30 34.88
CA PRO C 162 -2.95 50.35 35.35
C PRO C 162 -3.61 51.67 34.99
N TRP C 163 -4.90 51.64 34.66
CA TRP C 163 -5.48 52.79 33.99
C TRP C 163 -6.98 52.84 34.23
N ASN C 164 -7.48 54.04 34.51
CA ASN C 164 -8.90 54.29 34.61
C ASN C 164 -9.24 55.35 33.57
N GLY C 165 -9.97 54.96 32.56
CA GLY C 165 -10.27 55.90 31.50
C GLY C 165 -10.42 55.17 30.17
N GLU C 166 -10.32 55.94 29.11
CA GLU C 166 -10.46 55.42 27.76
C GLU C 166 -9.08 55.03 27.23
N LYS C 167 -9.00 54.78 25.93
CA LYS C 167 -7.73 54.57 25.27
C LYS C 167 -7.23 55.88 24.67
N VAL C 168 -5.91 55.98 24.56
CA VAL C 168 -5.24 57.21 24.14
C VAL C 168 -4.98 57.12 22.64
N GLY C 169 -5.36 58.16 21.91
CA GLY C 169 -5.35 58.11 20.45
C GLY C 169 -4.40 59.15 19.86
N PHE C 170 -3.79 58.78 18.74
CA PHE C 170 -2.86 59.64 18.01
C PHE C 170 -3.17 59.49 16.52
N GLU C 171 -4.04 60.34 16.00
CA GLU C 171 -4.53 60.22 14.63
C GLU C 171 -3.74 61.12 13.70
N ASP C 172 -3.30 60.55 12.57
CA ASP C 172 -2.67 61.25 11.44
C ASP C 172 -1.41 61.99 11.87
N ILE C 173 -0.40 61.19 12.22
CA ILE C 173 0.81 61.70 12.87
C ILE C 173 1.71 62.47 11.91
N ARG C 174 1.49 62.39 10.60
CA ARG C 174 2.32 63.17 9.69
C ARG C 174 1.94 64.65 9.71
N THR C 175 0.66 64.97 9.86
CA THR C 175 0.25 66.37 9.89
C THR C 175 0.21 66.94 11.30
N ASN C 176 -0.36 66.20 12.25
CA ASN C 176 -0.61 66.76 13.58
C ASN C 176 0.63 66.69 14.48
N TYR C 177 1.14 65.49 14.73
CA TYR C 177 2.14 65.27 15.77
C TYR C 177 3.54 65.28 15.15
N THR C 178 4.16 66.45 15.14
CA THR C 178 5.50 66.60 14.57
C THR C 178 6.59 66.84 15.61
N SER C 179 6.26 67.39 16.78
CA SER C 179 7.28 67.81 17.72
C SER C 179 6.70 67.82 19.13
N ARG C 180 7.51 68.29 20.08
CA ARG C 180 7.22 68.13 21.51
C ARG C 180 6.00 68.90 21.96
N GLN C 181 5.66 70.01 21.29
CA GLN C 181 4.49 70.75 21.72
C GLN C 181 3.21 70.12 21.18
N ASP C 182 3.29 69.44 20.04
CA ASP C 182 2.12 68.76 19.50
C ASP C 182 1.73 67.55 20.35
N PHE C 183 2.72 66.80 20.85
CA PHE C 183 2.44 65.69 21.76
C PHE C 183 1.87 66.17 23.07
N LYS C 184 2.43 67.26 23.61
CA LYS C 184 2.00 67.81 24.90
C LYS C 184 0.57 68.37 24.84
N ASN C 185 0.07 68.68 23.64
CA ASN C 185 -1.26 69.20 23.47
C ASN C 185 -2.34 68.12 23.44
N ASN C 186 -1.95 66.84 23.44
CA ASN C 186 -2.90 65.76 23.70
C ASN C 186 -3.38 65.88 25.14
N LYS C 187 -4.66 65.61 25.37
CA LYS C 187 -5.20 65.74 26.72
C LYS C 187 -4.76 64.61 27.63
N ASN C 188 -4.56 63.41 27.10
CA ASN C 188 -4.02 62.30 27.88
C ASN C 188 -2.51 62.16 27.69
N TRP C 189 -1.75 63.25 27.86
CA TRP C 189 -0.30 63.15 27.78
C TRP C 189 0.38 63.34 29.12
N SER C 190 -0.16 64.20 29.98
CA SER C 190 0.44 64.38 31.29
C SER C 190 0.23 63.15 32.16
N ALA C 191 -0.92 62.48 32.01
CA ALA C 191 -1.22 61.34 32.87
C ALA C 191 -0.39 60.12 32.50
N ILE C 192 0.01 59.97 31.23
CA ILE C 192 0.83 58.83 30.85
C ILE C 192 2.32 59.13 30.84
N VAL C 193 2.73 60.37 31.12
CA VAL C 193 4.14 60.64 31.33
C VAL C 193 4.47 60.63 32.82
N GLU C 194 3.49 60.86 33.70
CA GLU C 194 3.77 60.73 35.12
C GLU C 194 3.53 59.32 35.61
N MET C 195 3.12 58.42 34.74
CA MET C 195 3.01 57.00 35.05
C MET C 195 4.28 56.26 34.72
N ILE C 196 5.18 56.85 33.94
CA ILE C 196 6.51 56.32 33.77
C ILE C 196 7.45 56.87 34.85
N LYS C 197 7.24 58.10 35.30
CA LYS C 197 8.03 58.65 36.39
C LYS C 197 7.73 57.94 37.71
N THR C 198 6.49 57.49 37.93
CA THR C 198 6.23 56.72 39.13
C THR C 198 6.68 55.27 39.02
N ALA C 199 6.87 54.76 37.80
CA ALA C 199 7.41 53.43 37.64
C ALA C 199 8.89 53.39 38.00
N PHE C 200 9.68 54.34 37.47
CA PHE C 200 11.11 54.35 37.73
C PHE C 200 11.44 54.73 39.17
N SER C 201 10.60 55.54 39.81
CA SER C 201 10.94 56.10 41.11
C SER C 201 10.74 55.10 42.24
N SER C 202 9.56 54.51 42.32
CA SER C 202 9.26 53.64 43.44
C SER C 202 9.86 52.26 43.23
N THR C 203 10.18 51.60 44.34
CA THR C 203 10.55 50.19 44.28
C THR C 203 9.34 49.36 43.88
N ASP C 204 9.62 48.23 43.22
CA ASP C 204 8.73 47.30 42.52
C ASP C 204 7.63 47.97 41.69
N GLY C 205 7.94 49.14 41.11
CA GLY C 205 6.97 49.82 40.28
C GLY C 205 6.83 49.18 38.91
N LEU C 206 5.71 49.44 38.27
CA LEU C 206 5.38 48.75 37.03
C LEU C 206 4.42 49.58 36.20
N ALA C 207 4.68 49.66 34.89
CA ALA C 207 3.73 50.12 33.89
C ALA C 207 3.81 49.18 32.71
N ILE C 208 2.68 48.94 32.04
CA ILE C 208 2.63 48.11 30.84
C ILE C 208 1.77 48.82 29.81
N PHE C 209 2.24 48.85 28.56
CA PHE C 209 1.51 49.43 27.43
C PHE C 209 1.24 48.37 26.38
N GLU C 210 0.03 48.41 25.82
CA GLU C 210 -0.32 47.66 24.61
C GLU C 210 -0.53 48.66 23.48
N VAL C 211 0.25 48.53 22.42
CA VAL C 211 0.34 49.55 21.38
C VAL C 211 -0.19 48.95 20.09
N ARG C 212 -1.11 49.65 19.43
CA ARG C 212 -1.75 49.13 18.22
C ARG C 212 -1.83 50.21 17.16
N ALA C 213 -1.35 49.91 15.96
CA ALA C 213 -1.22 50.89 14.89
C ALA C 213 -1.82 50.37 13.59
N THR C 214 -2.36 51.28 12.79
CA THR C 214 -2.89 50.98 11.47
C THR C 214 -2.00 51.61 10.41
N LEU C 215 -1.95 51.01 9.23
CA LEU C 215 -1.19 51.55 8.10
C LEU C 215 -2.09 51.58 6.88
N HIS C 216 -2.29 52.75 6.31
CA HIS C 216 -3.02 52.88 5.05
C HIS C 216 -2.00 53.05 3.93
N LEU C 217 -1.80 52.00 3.15
CA LEU C 217 -0.77 51.93 2.13
C LEU C 217 -1.36 52.01 0.72
N PRO C 218 -0.54 52.33 -0.30
CA PRO C 218 -1.00 52.19 -1.69
C PRO C 218 -1.15 50.76 -2.18
N THR C 219 -1.52 50.60 -3.44
CA THR C 219 -1.95 49.32 -3.99
C THR C 219 -0.77 48.36 -4.17
N ASN C 220 -0.92 47.15 -3.63
CA ASN C 220 0.05 46.05 -3.71
C ASN C 220 1.43 46.46 -3.19
N ALA C 221 1.48 47.33 -2.19
CA ALA C 221 2.75 47.86 -1.72
C ALA C 221 3.51 46.82 -0.90
N MET C 222 4.83 46.92 -0.93
CA MET C 222 5.67 45.99 -0.20
C MET C 222 5.71 46.34 1.29
N VAL C 223 5.79 45.31 2.12
CA VAL C 223 5.96 45.44 3.56
C VAL C 223 7.30 44.80 3.91
N ARG C 224 8.10 45.50 4.73
CA ARG C 224 9.50 45.15 4.91
C ARG C 224 9.79 44.69 6.35
N PRO C 225 9.83 43.38 6.62
CA PRO C 225 10.08 42.91 7.99
C PRO C 225 11.55 42.71 8.33
N SER C 226 11.84 42.14 9.49
CA SER C 226 13.21 41.82 9.87
C SER C 226 13.79 40.71 9.01
N GLN C 227 15.11 40.71 8.87
CA GLN C 227 15.84 39.69 8.14
C GLN C 227 16.61 38.80 9.09
N VAL C 228 16.91 37.60 8.61
CA VAL C 228 17.59 36.58 9.40
C VAL C 228 19.09 36.66 9.14
N PHE C 229 19.88 36.72 10.21
CA PHE C 229 21.32 36.55 10.10
C PHE C 229 21.59 35.09 9.75
N THR C 230 22.12 34.84 8.56
CA THR C 230 22.34 33.47 8.13
C THR C 230 23.80 33.07 8.31
N GLU C 231 24.03 31.75 8.31
CA GLU C 231 25.35 31.24 8.67
C GLU C 231 26.34 31.35 7.51
N LYS C 232 25.84 31.22 6.28
CA LYS C 232 26.61 31.42 5.04
C LYS C 232 27.85 30.52 4.92
N ASN C 244 19.98 31.80 -1.35
CA ASN C 244 18.89 32.64 -0.87
C ASN C 244 19.44 33.84 -0.12
N SER C 245 18.94 35.01 -0.47
CA SER C 245 19.17 36.24 0.28
C SER C 245 17.82 36.78 0.73
N ARG C 246 17.85 37.68 1.70
CA ARG C 246 16.66 38.32 2.28
C ARG C 246 15.68 37.26 2.81
N VAL C 247 16.11 36.58 3.86
CA VAL C 247 15.28 35.60 4.56
C VAL C 247 14.62 36.30 5.74
N PHE C 248 13.31 36.19 5.86
CA PHE C 248 12.55 36.94 6.86
C PHE C 248 12.43 36.16 8.16
N GLN C 249 12.26 36.89 9.26
CA GLN C 249 12.01 36.30 10.57
C GLN C 249 10.52 35.98 10.68
N SER C 250 10.19 34.83 11.23
CA SER C 250 8.83 34.33 11.18
C SER C 250 8.31 33.98 12.57
N THR C 251 7.02 33.67 12.63
CA THR C 251 6.39 32.94 13.72
C THR C 251 5.11 32.34 13.15
N THR C 252 4.48 31.46 13.93
CA THR C 252 3.21 30.85 13.55
C THR C 252 2.09 31.56 14.31
N ILE C 253 1.16 32.15 13.56
CA ILE C 253 0.01 32.88 14.13
C ILE C 253 -1.24 32.21 13.62
N ASP C 254 -1.88 31.42 14.50
CA ASP C 254 -3.07 30.64 14.19
C ASP C 254 -2.85 29.70 12.99
N GLY C 255 -1.74 28.98 13.01
CA GLY C 255 -1.42 28.03 11.97
C GLY C 255 -0.71 28.59 10.75
N GLU C 256 -0.69 29.91 10.58
CA GLU C 256 -0.12 30.57 9.42
C GLU C 256 1.25 31.11 9.76
N ARG C 257 2.21 30.93 8.85
CA ARG C 257 3.53 31.53 8.99
C ARG C 257 3.47 33.02 8.65
N SER C 258 3.96 33.88 9.55
CA SER C 258 3.79 35.30 9.43
C SER C 258 5.05 36.04 9.89
N PRO C 259 5.43 37.11 9.21
CA PRO C 259 6.64 37.86 9.62
C PRO C 259 6.36 38.81 10.79
N ILE C 260 7.42 39.17 11.52
CA ILE C 260 7.24 39.77 12.84
C ILE C 260 7.92 41.11 13.05
N LEU C 261 9.02 41.42 12.37
CA LEU C 261 9.86 42.60 12.68
C LEU C 261 10.35 42.62 14.14
N GLY C 262 11.13 41.57 14.49
CA GLY C 262 12.06 41.55 15.63
C GLY C 262 11.52 41.72 17.04
N ALA C 263 12.42 41.52 18.00
CA ALA C 263 12.17 41.76 19.43
C ALA C 263 13.26 42.61 20.03
N PHE C 264 14.46 42.52 19.47
CA PHE C 264 15.57 43.40 19.80
C PHE C 264 15.68 44.56 18.82
N LYS C 265 15.14 44.40 17.61
CA LYS C 265 15.08 45.50 16.66
C LYS C 265 14.09 46.56 17.12
N THR C 266 13.00 46.15 17.76
CA THR C 266 12.05 47.11 18.32
C THR C 266 12.59 47.76 19.59
N GLY C 267 13.51 47.09 20.29
CA GLY C 267 14.18 47.73 21.41
C GLY C 267 15.20 48.76 20.97
N ALA C 268 15.71 48.63 19.75
CA ALA C 268 16.67 49.61 19.23
C ALA C 268 15.99 50.91 18.88
N ALA C 269 14.71 50.87 18.52
CA ALA C 269 14.04 52.08 18.05
C ALA C 269 13.51 52.90 19.21
N ILE C 270 13.15 52.27 20.32
CA ILE C 270 12.67 53.02 21.46
C ILE C 270 13.83 53.69 22.19
N ALA C 271 15.04 53.18 22.05
CA ALA C 271 16.21 53.72 22.70
C ALA C 271 17.03 54.66 21.82
N THR C 272 16.47 55.14 20.70
CA THR C 272 17.20 56.04 19.81
C THR C 272 16.99 57.48 20.28
N ILE C 273 17.75 57.87 21.30
CA ILE C 273 17.53 59.16 21.96
C ILE C 273 18.83 59.95 22.12
N ASP C 274 19.97 59.35 21.78
CA ASP C 274 21.27 59.92 22.12
C ASP C 274 21.63 61.04 21.16
N ASP C 275 21.51 62.29 21.63
CA ASP C 275 21.97 63.44 20.86
C ASP C 275 22.72 64.41 21.76
N TRP C 276 23.58 63.88 22.62
CA TRP C 276 24.41 64.71 23.49
C TRP C 276 25.89 64.51 23.18
N TYR C 277 26.21 63.83 22.09
CA TYR C 277 27.58 63.58 21.69
C TYR C 277 28.14 64.87 21.06
N PRO C 278 29.52 65.03 20.99
CA PRO C 278 30.12 66.34 20.64
C PRO C 278 29.69 67.07 19.36
N GLU C 279 28.93 66.43 18.46
CA GLU C 279 28.38 67.14 17.32
C GLU C 279 26.87 67.23 17.34
N ALA C 280 26.18 66.15 17.69
CA ALA C 280 24.74 66.10 17.97
C ALA C 280 23.90 66.56 16.76
N THR C 281 24.01 65.79 15.68
CA THR C 281 23.19 66.01 14.50
C THR C 281 21.95 65.12 14.49
N GLU C 282 22.14 63.82 14.63
CA GLU C 282 21.07 62.83 14.59
C GLU C 282 21.12 61.99 15.86
N PRO C 283 19.96 61.57 16.38
CA PRO C 283 19.96 60.65 17.53
C PRO C 283 20.59 59.30 17.21
N LEU C 284 21.25 58.74 18.22
CA LEU C 284 21.95 57.47 18.12
C LEU C 284 21.35 56.45 19.08
N ARG C 285 21.55 55.17 18.77
CA ARG C 285 21.13 54.13 19.70
C ARG C 285 22.07 54.12 20.90
N VAL C 286 21.50 54.05 22.10
CA VAL C 286 22.29 54.25 23.32
C VAL C 286 23.20 53.05 23.54
N GLY C 287 24.50 53.29 23.49
CA GLY C 287 25.50 52.29 23.81
C GLY C 287 26.65 52.97 24.50
N ARG C 288 27.70 52.19 24.78
CA ARG C 288 28.82 52.72 25.55
C ARG C 288 29.72 53.57 24.67
N PHE C 289 30.10 53.07 23.50
CA PHE C 289 31.07 53.74 22.65
C PHE C 289 30.44 54.46 21.48
N GLY C 290 29.19 54.91 21.63
CA GLY C 290 28.54 55.86 20.72
C GLY C 290 28.46 55.50 19.26
N VAL C 291 28.16 54.23 18.96
CA VAL C 291 28.27 53.70 17.60
C VAL C 291 27.18 54.29 16.71
N HIS C 292 27.60 54.94 15.64
CA HIS C 292 26.73 55.22 14.50
C HIS C 292 26.91 54.08 13.52
N ARG C 293 25.82 53.66 12.90
CA ARG C 293 25.83 52.45 12.09
C ARG C 293 25.80 52.72 10.59
N GLU C 294 25.20 53.83 10.17
CA GLU C 294 25.15 54.13 8.74
C GLU C 294 26.51 54.62 8.24
N ASP C 295 26.99 55.72 8.81
CA ASP C 295 28.43 55.95 8.81
C ASP C 295 29.06 54.88 9.70
N VAL C 296 30.28 54.48 9.37
CA VAL C 296 30.83 53.29 10.02
C VAL C 296 31.92 53.78 10.97
N THR C 297 31.72 54.97 11.52
CA THR C 297 32.58 55.52 12.55
C THR C 297 31.87 55.41 13.89
N CYS C 298 32.56 55.81 14.95
CA CYS C 298 31.94 55.89 16.26
C CYS C 298 32.25 57.26 16.86
N TYR C 299 31.22 57.89 17.38
CA TYR C 299 31.38 59.01 18.28
C TYR C 299 31.57 58.41 19.67
N ARG C 300 31.82 59.24 20.68
CA ARG C 300 32.19 58.81 22.05
C ARG C 300 33.38 57.86 22.03
N HIS C 301 34.40 58.17 21.25
CA HIS C 301 35.56 57.31 21.18
C HIS C 301 36.35 57.43 22.48
N PRO C 302 37.08 56.38 22.89
CA PRO C 302 37.91 56.48 24.10
C PRO C 302 38.96 57.58 24.11
N SER C 303 39.38 58.09 22.96
CA SER C 303 40.34 59.19 22.97
C SER C 303 39.69 60.51 23.36
N THR C 304 38.40 60.65 23.11
CA THR C 304 37.70 61.90 23.41
C THR C 304 37.33 62.01 24.88
N GLY C 305 37.29 60.90 25.61
CA GLY C 305 36.92 60.94 27.00
C GLY C 305 35.46 61.18 27.27
N LYS C 306 34.58 60.87 26.32
CA LYS C 306 33.15 61.05 26.49
C LYS C 306 32.39 59.74 26.42
N ASP C 307 33.08 58.61 26.41
CA ASP C 307 32.38 57.33 26.43
C ASP C 307 31.93 57.00 27.86
N PHE C 308 31.30 55.84 28.01
CA PHE C 308 30.69 55.50 29.28
C PHE C 308 31.73 55.17 30.35
N PHE C 309 32.87 54.61 29.95
CA PHE C 309 33.85 54.20 30.96
C PHE C 309 34.71 55.36 31.44
N SER C 310 34.67 56.49 30.74
CA SER C 310 35.31 57.69 31.27
C SER C 310 34.37 58.46 32.19
N ILE C 311 33.07 58.37 31.92
CA ILE C 311 32.10 59.09 32.74
C ILE C 311 31.80 58.31 34.02
N LEU C 312 31.85 56.98 33.96
CA LEU C 312 31.48 56.15 35.10
C LEU C 312 32.50 56.25 36.23
N GLN C 313 33.79 56.21 35.89
CA GLN C 313 34.93 56.33 36.79
C GLN C 313 35.04 57.68 37.44
N GLN C 314 34.27 58.69 37.05
CA GLN C 314 34.27 60.00 37.69
C GLN C 314 32.98 60.22 38.46
N ALA C 315 32.43 59.15 39.04
CA ALA C 315 31.13 59.27 39.71
C ALA C 315 31.26 59.96 41.06
N GLU C 316 32.47 59.99 41.64
CA GLU C 316 32.67 60.72 42.88
C GLU C 316 32.53 62.23 42.67
N HIS C 317 32.95 62.72 41.52
CA HIS C 317 32.83 64.14 41.22
C HIS C 317 31.39 64.53 40.92
N TYR C 318 30.59 63.61 40.38
CA TYR C 318 29.22 63.92 40.01
C TYR C 318 28.30 64.02 41.23
N ILE C 319 28.70 63.42 42.35
CA ILE C 319 27.89 63.50 43.55
C ILE C 319 28.05 64.86 44.21
N GLU C 320 29.30 65.33 44.34
CA GLU C 320 29.57 66.59 45.02
C GLU C 320 29.30 67.81 44.15
N VAL C 321 28.84 67.63 42.92
CA VAL C 321 28.30 68.73 42.12
C VAL C 321 26.78 68.77 42.19
N LEU C 322 26.14 67.59 42.10
CA LEU C 322 24.69 67.51 42.27
C LEU C 322 24.22 67.81 43.68
N SER C 323 25.11 67.69 44.68
CA SER C 323 24.75 67.97 46.06
C SER C 323 25.07 69.40 46.46
N ALA C 324 25.35 70.28 45.51
CA ALA C 324 25.68 71.66 45.83
C ALA C 324 24.98 72.64 44.91
N PRO C 328 22.09 73.55 37.52
CA PRO C 328 23.43 73.63 38.13
C PRO C 328 24.49 74.09 37.14
N ALA C 329 24.78 73.28 36.10
CA ALA C 329 25.84 73.61 35.17
C ALA C 329 25.46 73.51 33.70
N GLN C 330 24.47 72.68 33.33
CA GLN C 330 23.92 72.48 31.98
C GLN C 330 24.89 71.92 30.95
N GLU C 331 26.11 71.57 31.33
CA GLU C 331 26.98 70.73 30.52
C GLU C 331 27.27 69.41 31.22
N THR C 332 27.37 69.43 32.55
CA THR C 332 27.42 68.21 33.32
C THR C 332 26.07 67.51 33.37
N ILE C 333 24.98 68.22 33.04
CA ILE C 333 23.66 67.59 32.97
C ILE C 333 23.61 66.61 31.80
N ASN C 334 24.27 66.95 30.69
CA ASN C 334 24.27 66.06 29.54
C ASN C 334 25.10 64.81 29.79
N ASP C 335 26.05 64.87 30.71
CA ASP C 335 26.75 63.66 31.12
C ASP C 335 25.93 62.85 32.11
N MET C 336 24.94 63.47 32.75
CA MET C 336 24.10 62.73 33.67
C MET C 336 22.82 62.24 33.01
N HIS C 337 22.64 62.52 31.72
CA HIS C 337 21.57 61.88 30.97
C HIS C 337 22.09 60.65 30.25
N PHE C 338 23.33 60.68 29.80
CA PHE C 338 23.93 59.52 29.15
C PHE C 338 24.30 58.46 30.16
N LEU C 339 24.51 58.84 31.42
CA LEU C 339 24.87 57.87 32.44
C LEU C 339 23.65 57.05 32.86
N MET C 340 22.50 57.71 33.02
CA MET C 340 21.28 56.99 33.40
C MET C 340 20.82 56.06 32.29
N ALA C 341 20.92 56.51 31.04
CA ALA C 341 20.38 55.74 29.93
C ALA C 341 21.26 54.54 29.58
N ASN C 342 22.46 54.45 30.14
CA ASN C 342 23.23 53.21 30.07
C ASN C 342 22.97 52.29 31.23
N LEU C 343 22.27 52.75 32.26
CA LEU C 343 21.81 51.86 33.31
C LEU C 343 20.42 51.32 33.02
N ILE C 344 19.69 51.95 32.08
CA ILE C 344 18.40 51.43 31.67
C ILE C 344 18.54 50.36 30.60
N LYS C 345 19.54 50.49 29.72
CA LYS C 345 19.84 49.42 28.77
C LYS C 345 20.35 48.17 29.47
N GLY C 346 21.06 48.35 30.58
CA GLY C 346 21.62 47.22 31.28
C GLY C 346 22.96 46.83 30.69
N GLY C 347 23.39 45.62 31.03
CA GLY C 347 24.65 45.09 30.58
C GLY C 347 25.57 44.80 31.75
N MET C 348 26.78 44.36 31.41
CA MET C 348 27.76 43.95 32.41
C MET C 348 29.01 44.82 32.31
N PHE C 349 29.21 45.66 33.33
CA PHE C 349 30.21 46.73 33.33
C PHE C 349 31.48 46.36 34.10
N GLN C 350 32.16 45.28 33.73
CA GLN C 350 33.33 44.86 34.48
C GLN C 350 34.56 44.80 33.58
N HIS C 351 35.66 45.40 34.05
CA HIS C 351 36.92 45.35 33.31
C HIS C 351 37.90 44.35 33.89
N LYS C 352 38.34 44.57 35.13
CA LYS C 352 39.36 43.76 35.79
C LYS C 352 39.51 44.20 37.24
N LYS D 4 39.64 56.03 -4.98
CA LYS D 4 38.25 56.34 -4.62
C LYS D 4 37.56 55.05 -4.18
N LEU D 5 36.21 55.02 -4.32
CA LEU D 5 35.34 53.88 -4.05
C LEU D 5 35.54 53.31 -2.64
N PRO D 6 35.03 53.96 -1.61
CA PRO D 6 35.55 53.73 -0.25
C PRO D 6 35.07 52.46 0.44
N THR D 7 35.08 51.32 -0.26
CA THR D 7 35.05 49.94 0.26
C THR D 7 33.76 49.54 0.99
N ASN D 8 32.86 50.49 1.25
CA ASN D 8 31.52 50.19 1.74
C ASN D 8 30.63 51.36 1.33
N LEU D 9 29.96 51.23 0.19
CA LEU D 9 29.16 52.31 -0.36
C LEU D 9 27.91 51.74 -0.99
N ALA D 10 26.75 52.27 -0.62
CA ALA D 10 25.48 51.78 -1.16
C ALA D 10 24.41 52.85 -1.05
N TYR D 11 23.55 52.94 -2.06
CA TYR D 11 22.36 53.77 -1.99
C TYR D 11 21.11 52.90 -1.86
N GLU D 12 19.97 53.56 -1.76
CA GLU D 12 18.66 52.96 -1.92
C GLU D 12 17.99 53.47 -3.18
N ARG D 13 16.84 52.88 -3.51
CA ARG D 13 16.14 53.22 -4.73
C ARG D 13 15.19 54.39 -4.48
N SER D 14 14.90 55.13 -5.55
CA SER D 14 13.96 56.24 -5.44
C SER D 14 12.61 55.93 -6.06
N ILE D 15 12.54 55.00 -7.00
CA ILE D 15 11.31 54.65 -7.69
C ILE D 15 10.88 53.28 -7.21
N ASP D 16 9.65 53.17 -6.72
CA ASP D 16 9.18 51.99 -6.00
C ASP D 16 7.87 51.50 -6.60
N PRO D 17 7.93 50.66 -7.63
CA PRO D 17 6.71 50.19 -8.28
C PRO D 17 6.21 48.90 -7.67
N SER D 18 4.99 48.52 -8.06
CA SER D 18 4.41 47.25 -7.66
C SER D 18 4.09 46.42 -8.91
N ASP D 19 3.42 45.29 -8.73
CA ASP D 19 3.05 44.42 -9.84
C ASP D 19 1.59 44.60 -10.22
N VAL D 20 1.22 44.04 -11.37
CA VAL D 20 0.09 44.51 -12.16
C VAL D 20 -1.00 43.45 -12.15
N CYS D 21 -2.10 43.71 -11.44
CA CYS D 21 -3.25 42.80 -11.44
C CYS D 21 -4.08 42.95 -12.71
N PHE D 22 -4.51 41.81 -13.27
CA PHE D 22 -5.36 41.77 -14.46
C PHE D 22 -6.79 41.43 -14.08
N PHE D 23 -7.75 41.98 -14.81
CA PHE D 23 -9.17 41.74 -14.57
C PHE D 23 -9.92 41.70 -15.89
N VAL D 24 -11.10 41.09 -15.86
CA VAL D 24 -12.00 41.02 -17.01
C VAL D 24 -13.26 41.81 -16.70
N VAL D 25 -13.59 42.76 -17.56
CA VAL D 25 -14.84 43.51 -17.45
C VAL D 25 -15.85 42.88 -18.40
N TRP D 26 -16.97 42.47 -17.87
CA TRP D 26 -18.15 41.94 -18.53
C TRP D 26 -19.11 43.08 -18.84
N PRO D 27 -19.93 42.98 -19.90
CA PRO D 27 -20.67 44.16 -20.38
C PRO D 27 -21.80 44.66 -19.48
N ASP D 28 -22.10 44.04 -18.35
CA ASP D 28 -22.92 44.68 -17.33
C ASP D 28 -22.09 45.31 -16.22
N ASP D 29 -20.81 45.57 -16.50
CA ASP D 29 -19.86 46.29 -15.65
C ASP D 29 -19.66 45.58 -14.31
N ARG D 30 -19.18 44.35 -14.39
CA ARG D 30 -18.68 43.63 -13.23
C ARG D 30 -17.32 43.05 -13.56
N LYS D 31 -16.45 43.01 -12.56
CA LYS D 31 -15.06 42.60 -12.72
C LYS D 31 -14.87 41.22 -12.12
N THR D 32 -14.30 40.31 -12.89
CA THR D 32 -13.86 39.04 -12.35
C THR D 32 -12.37 38.88 -12.62
N PRO D 33 -11.63 38.17 -11.76
CA PRO D 33 -10.21 37.99 -12.03
C PRO D 33 -9.94 37.08 -13.22
N LEU D 34 -8.91 37.42 -13.97
CA LEU D 34 -8.49 36.62 -15.11
C LEU D 34 -7.77 35.36 -14.63
N THR D 35 -8.11 34.22 -15.21
CA THR D 35 -7.51 32.95 -14.86
C THR D 35 -6.80 32.35 -16.06
N TYR D 36 -6.02 31.30 -15.82
CA TYR D 36 -5.35 30.57 -16.89
C TYR D 36 -5.44 29.09 -16.61
N ASN D 37 -4.92 28.30 -17.54
CA ASN D 37 -4.88 26.85 -17.41
C ASN D 37 -3.50 26.36 -17.79
N SER D 38 -3.34 25.05 -17.68
CA SER D 38 -2.27 24.32 -18.34
C SER D 38 -2.88 23.43 -19.40
N ARG D 39 -2.21 23.34 -20.55
CA ARG D 39 -2.67 22.45 -21.60
C ARG D 39 -1.46 21.88 -22.31
N THR D 40 -1.58 20.62 -22.69
CA THR D 40 -0.51 19.89 -23.34
C THR D 40 -0.73 19.89 -24.85
N LEU D 41 0.38 19.86 -25.58
CA LEU D 41 0.36 20.02 -27.03
C LEU D 41 1.26 18.97 -27.66
N LEU D 42 1.33 18.99 -28.99
CA LEU D 42 2.12 18.04 -29.77
C LEU D 42 2.77 18.80 -30.91
N GLY D 43 4.01 19.22 -30.73
CA GLY D 43 4.68 20.00 -31.74
C GLY D 43 5.33 19.14 -32.80
N GLN D 44 6.53 19.53 -33.24
CA GLN D 44 7.31 18.74 -34.16
C GLN D 44 8.73 18.63 -33.62
N MET D 45 9.60 18.00 -34.39
CA MET D 45 11.03 17.94 -34.08
C MET D 45 11.74 18.91 -35.02
N GLU D 46 12.00 20.11 -34.52
CA GLU D 46 12.51 21.20 -35.32
C GLU D 46 13.69 21.87 -34.63
N ALA D 47 14.57 21.07 -34.04
CA ALA D 47 15.84 21.58 -33.56
C ALA D 47 16.91 21.35 -34.61
N ALA D 48 18.07 21.96 -34.40
CA ALA D 48 19.24 21.65 -35.21
C ALA D 48 20.11 20.58 -34.60
N SER D 49 19.98 20.36 -33.29
CA SER D 49 20.73 19.32 -32.61
C SER D 49 20.30 17.93 -33.04
N LEU D 50 19.05 17.76 -33.44
CA LEU D 50 18.50 16.44 -33.75
C LEU D 50 18.93 15.93 -35.10
N ALA D 51 19.44 16.78 -35.98
CA ALA D 51 19.78 16.32 -37.32
C ALA D 51 21.09 16.90 -37.84
N TYR D 52 21.92 17.48 -36.98
CA TYR D 52 23.24 17.96 -37.39
C TYR D 52 24.19 17.77 -36.21
N ASP D 53 25.28 17.05 -36.42
CA ASP D 53 26.15 16.60 -35.35
C ASP D 53 26.87 17.73 -34.61
N VAL D 54 27.84 18.36 -35.25
CA VAL D 54 28.63 19.42 -34.63
C VAL D 54 28.64 20.63 -35.55
N SER D 55 29.14 20.44 -36.77
CA SER D 55 29.15 21.47 -37.81
C SER D 55 28.48 21.01 -39.09
N GLY D 56 28.39 19.71 -39.31
CA GLY D 56 27.76 19.18 -40.49
C GLY D 56 27.80 17.68 -40.40
N GLN D 57 27.60 17.02 -41.57
CA GLN D 57 27.57 15.57 -41.71
C GLN D 57 26.55 14.97 -40.76
N PRO D 58 25.25 15.02 -41.12
CA PRO D 58 24.17 14.70 -40.17
C PRO D 58 24.26 13.31 -39.55
N ILE D 59 23.85 13.23 -38.29
CA ILE D 59 23.99 12.02 -37.49
C ILE D 59 23.03 10.98 -38.03
N LYS D 60 23.57 9.91 -38.63
CA LYS D 60 22.75 8.96 -39.37
C LYS D 60 22.07 7.93 -38.47
N SER D 61 21.40 8.41 -37.42
CA SER D 61 20.36 7.66 -36.72
C SER D 61 19.01 8.34 -36.83
N ALA D 62 19.00 9.62 -37.19
CA ALA D 62 17.77 10.38 -37.42
C ALA D 62 17.41 10.21 -38.89
N THR D 63 16.68 9.14 -39.18
CA THR D 63 16.32 8.79 -40.55
C THR D 63 15.13 9.63 -41.02
N ALA D 64 14.51 9.20 -42.11
CA ALA D 64 13.40 9.95 -42.69
C ALA D 64 12.19 9.95 -41.76
N GLU D 65 11.68 8.77 -41.43
CA GLU D 65 10.51 8.70 -40.55
C GLU D 65 10.86 8.88 -39.09
N ALA D 66 12.14 8.95 -38.73
CA ALA D 66 12.50 9.25 -37.35
C ALA D 66 12.26 10.72 -37.03
N LEU D 67 12.41 11.60 -38.02
CA LEU D 67 12.14 13.02 -37.80
C LEU D 67 10.66 13.31 -37.71
N ALA D 68 9.82 12.48 -38.31
CA ALA D 68 8.41 12.80 -38.51
C ALA D 68 7.48 12.25 -37.44
N GLN D 69 7.97 12.01 -36.23
CA GLN D 69 7.06 11.74 -35.13
C GLN D 69 6.76 13.03 -34.38
N GLY D 70 5.98 12.94 -33.32
CA GLY D 70 5.60 14.09 -32.54
C GLY D 70 6.65 14.45 -31.51
N ASN D 71 6.31 15.43 -30.69
CA ASN D 71 7.16 15.95 -29.65
C ASN D 71 6.27 16.61 -28.61
N PRO D 72 5.70 15.86 -27.67
CA PRO D 72 4.72 16.44 -26.75
C PRO D 72 5.36 17.33 -25.71
N HIS D 73 4.63 18.39 -25.35
CA HIS D 73 5.12 19.35 -24.36
C HIS D 73 3.94 19.82 -23.53
N GLN D 74 4.20 20.82 -22.69
CA GLN D 74 3.17 21.36 -21.81
C GLN D 74 3.51 22.80 -21.48
N VAL D 75 2.58 23.71 -21.78
CA VAL D 75 2.76 25.12 -21.51
C VAL D 75 1.54 25.64 -20.74
N ASP D 76 1.70 26.82 -20.14
CA ASP D 76 0.56 27.53 -19.59
C ASP D 76 -0.08 28.38 -20.68
N PHE D 77 -1.35 28.69 -20.48
CA PHE D 77 -2.10 29.34 -21.54
C PHE D 77 -3.13 30.27 -20.94
N CYS D 78 -3.10 31.53 -21.33
CA CYS D 78 -3.99 32.55 -20.81
C CYS D 78 -4.65 33.25 -21.98
N HIS D 79 -5.97 33.41 -21.93
CA HIS D 79 -6.65 34.11 -23.02
C HIS D 79 -7.87 34.84 -22.49
N VAL D 80 -8.24 35.91 -23.20
CA VAL D 80 -9.46 36.67 -22.89
C VAL D 80 -10.67 35.81 -23.25
N PRO D 81 -11.63 35.62 -22.35
CA PRO D 81 -12.77 34.73 -22.65
C PRO D 81 -13.72 35.35 -23.65
N TYR D 82 -14.64 34.52 -24.14
CA TYR D 82 -15.58 34.96 -25.16
C TYR D 82 -16.62 35.87 -24.55
N GLY D 83 -16.88 37.00 -25.23
CA GLY D 83 -17.91 37.90 -24.80
C GLY D 83 -17.49 38.92 -23.78
N ALA D 84 -16.20 39.00 -23.46
CA ALA D 84 -15.71 40.02 -22.56
C ALA D 84 -15.65 41.37 -23.28
N SER D 85 -15.58 42.44 -22.49
CA SER D 85 -15.48 43.77 -23.05
C SER D 85 -14.02 44.21 -23.19
N HIS D 86 -13.30 44.27 -22.08
CA HIS D 86 -11.93 44.77 -22.08
C HIS D 86 -11.20 44.22 -20.86
N ILE D 87 -9.87 44.39 -20.85
CA ILE D 87 -8.98 43.84 -19.84
C ILE D 87 -8.35 44.99 -19.07
N GLU D 88 -8.54 45.01 -17.75
CA GLU D 88 -8.24 46.19 -16.94
C GLU D 88 -7.09 45.95 -15.97
N CYS D 89 -6.01 46.70 -16.14
CA CYS D 89 -4.74 46.55 -15.42
C CYS D 89 -4.59 47.61 -14.34
N SER D 90 -3.77 47.33 -13.34
CA SER D 90 -3.60 48.25 -12.22
C SER D 90 -2.29 48.02 -11.50
N PHE D 91 -1.56 49.10 -11.20
CA PHE D 91 -0.42 49.03 -10.28
C PHE D 91 -0.27 50.40 -9.62
N SER D 92 0.72 50.52 -8.75
CA SER D 92 1.00 51.77 -8.05
C SER D 92 2.50 52.02 -8.06
N VAL D 93 2.88 53.29 -8.15
CA VAL D 93 4.27 53.69 -8.21
C VAL D 93 4.48 54.86 -7.26
N SER D 94 5.68 54.99 -6.72
CA SER D 94 5.96 55.96 -5.66
C SER D 94 7.32 56.60 -5.88
N PHE D 95 7.39 57.92 -5.72
CA PHE D 95 8.62 58.69 -5.88
C PHE D 95 9.04 59.29 -4.55
N SER D 96 10.32 59.21 -4.24
CA SER D 96 10.84 59.74 -2.98
C SER D 96 12.27 60.22 -3.20
N SER D 97 12.82 60.87 -2.17
CA SER D 97 14.16 61.47 -2.25
C SER D 97 15.14 60.61 -1.47
N GLU D 98 15.69 59.61 -2.14
CA GLU D 98 16.64 58.70 -1.53
C GLU D 98 18.03 58.82 -2.13
N LEU D 99 18.25 59.81 -2.99
CA LEU D 99 19.51 59.97 -3.69
C LEU D 99 20.35 61.12 -3.16
N ARG D 100 19.82 61.92 -2.25
CA ARG D 100 20.51 63.13 -1.84
C ARG D 100 21.69 62.84 -0.91
N GLN D 101 21.66 61.72 -0.19
CA GLN D 101 22.76 61.29 0.63
C GLN D 101 22.82 59.77 0.58
N PRO D 102 24.00 59.17 0.74
CA PRO D 102 24.10 57.71 0.71
C PRO D 102 23.48 57.06 1.93
N TYR D 103 23.23 55.76 1.79
CA TYR D 103 22.64 54.95 2.85
C TYR D 103 23.69 54.53 3.86
N LYS D 104 24.76 53.89 3.41
CA LYS D 104 25.95 53.65 4.23
C LYS D 104 27.15 54.09 3.41
N CYS D 105 28.14 54.73 4.06
CA CYS D 105 29.13 55.41 3.23
C CYS D 105 30.58 55.06 3.52
N ASN D 106 30.96 54.82 4.79
CA ASN D 106 32.27 54.37 5.29
C ASN D 106 33.34 55.46 5.23
N SER D 107 33.06 56.62 4.66
CA SER D 107 34.05 57.66 4.50
C SER D 107 33.47 58.97 5.01
N SER D 108 34.26 60.04 4.90
CA SER D 108 33.82 61.37 5.28
C SER D 108 34.10 62.42 4.23
N LYS D 109 34.82 62.10 3.17
CA LYS D 109 35.06 63.01 2.07
C LYS D 109 34.49 62.51 0.75
N VAL D 110 34.24 61.20 0.65
CA VAL D 110 33.40 60.68 -0.42
C VAL D 110 31.95 61.05 -0.15
N LYS D 111 31.58 61.20 1.12
CA LYS D 111 30.21 61.53 1.48
C LYS D 111 29.88 62.97 1.14
N GLN D 112 30.76 63.91 1.50
CA GLN D 112 30.48 65.31 1.19
C GLN D 112 30.64 65.61 -0.29
N THR D 113 31.34 64.76 -1.04
CA THR D 113 31.43 64.95 -2.48
C THR D 113 30.12 64.60 -3.17
N LEU D 114 29.56 63.42 -2.86
CA LEU D 114 28.36 62.96 -3.55
C LEU D 114 27.12 63.73 -3.08
N VAL D 115 27.19 64.42 -1.95
CA VAL D 115 26.12 65.33 -1.57
C VAL D 115 26.26 66.64 -2.36
N GLN D 116 27.50 67.12 -2.49
CA GLN D 116 27.76 68.33 -3.27
C GLN D 116 27.47 68.14 -4.75
N LEU D 117 27.64 66.92 -5.24
CA LEU D 117 27.44 66.66 -6.66
C LEU D 117 25.96 66.68 -7.03
N VAL D 118 25.10 66.20 -6.15
CA VAL D 118 23.67 66.19 -6.46
C VAL D 118 23.02 67.51 -6.09
N GLU D 119 23.77 68.42 -5.48
CA GLU D 119 23.23 69.76 -5.23
C GLU D 119 23.70 70.73 -6.31
N LEU D 120 24.89 70.53 -6.84
CA LEU D 120 25.37 71.37 -7.94
C LEU D 120 24.73 70.96 -9.26
N TYR D 121 24.42 69.67 -9.42
CA TYR D 121 23.62 69.22 -10.55
C TYR D 121 22.26 69.88 -10.54
N GLU D 122 21.64 69.96 -9.37
CA GLU D 122 20.27 70.46 -9.25
C GLU D 122 20.17 71.96 -9.51
N THR D 123 21.14 72.74 -9.04
CA THR D 123 21.03 74.18 -9.17
C THR D 123 21.35 74.71 -10.55
N LYS D 124 22.12 73.99 -11.36
CA LYS D 124 22.44 74.44 -12.71
C LYS D 124 21.64 73.74 -13.78
N ILE D 125 21.37 72.45 -13.62
CA ILE D 125 20.57 71.67 -14.55
C ILE D 125 19.28 71.29 -13.83
N GLY D 126 18.17 71.34 -14.53
CA GLY D 126 16.91 71.02 -13.88
C GLY D 126 16.76 69.54 -13.61
N TRP D 127 15.72 69.20 -12.87
CA TRP D 127 15.24 67.83 -12.86
C TRP D 127 14.25 67.58 -13.98
N THR D 128 14.07 68.54 -14.88
CA THR D 128 13.04 68.46 -15.92
C THR D 128 13.37 67.36 -16.93
N GLU D 129 14.64 67.20 -17.28
CA GLU D 129 15.01 66.19 -18.27
C GLU D 129 14.87 64.78 -17.71
N LEU D 130 15.10 64.60 -16.41
CA LEU D 130 14.92 63.27 -15.84
C LEU D 130 13.46 63.00 -15.50
N ALA D 131 12.74 63.99 -14.99
CA ALA D 131 11.38 63.74 -14.54
C ALA D 131 10.39 63.68 -15.69
N THR D 132 10.82 64.04 -16.91
CA THR D 132 9.96 63.80 -18.06
C THR D 132 10.17 62.42 -18.65
N ARG D 133 11.42 61.93 -18.67
CA ARG D 133 11.68 60.63 -19.27
C ARG D 133 11.08 59.49 -18.46
N TYR D 134 11.05 59.61 -17.13
CA TYR D 134 10.40 58.56 -16.36
C TYR D 134 8.88 58.63 -16.49
N LEU D 135 8.34 59.83 -16.55
CA LEU D 135 6.89 59.99 -16.53
C LEU D 135 6.28 59.68 -17.89
N MET D 136 7.05 59.76 -18.96
CA MET D 136 6.54 59.40 -20.27
C MET D 136 6.54 57.89 -20.51
N ASN D 137 7.26 57.12 -19.68
CA ASN D 137 7.15 55.67 -19.75
C ASN D 137 6.00 55.12 -18.92
N ILE D 138 5.33 55.96 -18.13
CA ILE D 138 4.14 55.51 -17.42
C ILE D 138 2.90 55.84 -18.22
N CYS D 139 2.91 57.01 -18.87
CA CYS D 139 1.71 57.53 -19.51
C CYS D 139 1.42 56.91 -20.86
N ASN D 140 2.42 56.40 -21.59
CA ASN D 140 2.13 55.76 -22.87
C ASN D 140 2.11 54.24 -22.80
N GLY D 141 2.08 53.67 -21.59
CA GLY D 141 1.90 52.24 -21.47
C GLY D 141 3.10 51.39 -21.83
N LYS D 142 4.28 51.79 -21.39
CA LYS D 142 5.47 50.98 -21.62
C LYS D 142 5.50 49.75 -20.72
N TRP D 143 4.75 49.78 -19.62
CA TRP D 143 4.75 48.76 -18.58
C TRP D 143 3.84 47.59 -18.86
N LEU D 144 3.36 47.44 -20.09
CA LEU D 144 2.59 46.28 -20.53
C LEU D 144 3.36 45.34 -21.43
N TRP D 145 4.37 45.85 -22.11
CA TRP D 145 5.48 45.22 -22.83
C TRP D 145 5.16 44.49 -24.11
N LYS D 146 4.01 43.83 -24.18
CA LYS D 146 3.67 43.01 -25.35
C LYS D 146 2.19 43.07 -25.69
N ASN D 147 1.35 43.51 -24.76
CA ASN D 147 -0.09 43.44 -24.95
C ASN D 147 -0.57 44.54 -25.86
N THR D 148 0.11 45.69 -25.83
CA THR D 148 -0.32 46.83 -26.62
C THR D 148 -0.12 46.59 -28.11
N ARG D 149 0.93 45.85 -28.47
CA ARG D 149 1.06 45.36 -29.82
C ARG D 149 -0.05 44.34 -30.06
N LYS D 150 -0.67 44.42 -31.24
CA LYS D 150 -1.84 43.62 -31.63
C LYS D 150 -3.05 43.90 -30.74
N ALA D 151 -3.29 45.17 -30.45
CA ALA D 151 -4.47 45.62 -29.73
C ALA D 151 -5.23 46.63 -30.59
N TYR D 152 -6.47 46.91 -30.22
CA TYR D 152 -7.24 47.93 -30.92
C TYR D 152 -6.96 49.32 -30.36
N CYS D 153 -6.95 49.45 -29.04
CA CYS D 153 -6.92 50.74 -28.38
C CYS D 153 -6.60 50.50 -26.92
N TRP D 154 -6.00 51.50 -26.27
CA TRP D 154 -5.88 51.44 -24.81
C TRP D 154 -5.88 52.85 -24.24
N ASN D 155 -6.25 52.93 -22.97
CA ASN D 155 -6.38 54.19 -22.25
C ASN D 155 -5.71 54.05 -20.90
N ILE D 156 -5.20 55.16 -20.37
CA ILE D 156 -4.49 55.16 -19.10
C ILE D 156 -5.00 56.30 -18.23
N VAL D 157 -5.50 55.96 -17.05
CA VAL D 157 -5.92 56.93 -16.04
C VAL D 157 -4.93 56.85 -14.89
N LEU D 158 -4.42 57.99 -14.45
CA LEU D 158 -3.52 58.01 -13.31
C LEU D 158 -4.06 58.96 -12.26
N THR D 159 -3.71 58.70 -11.01
CA THR D 159 -4.29 59.39 -9.86
C THR D 159 -3.19 59.79 -8.89
N PRO D 160 -2.81 61.07 -8.84
CA PRO D 160 -1.73 61.50 -7.96
C PRO D 160 -2.14 61.77 -6.52
N TRP D 161 -1.13 61.72 -5.65
CA TRP D 161 -1.24 62.06 -4.24
C TRP D 161 0.05 62.81 -3.90
N PRO D 162 -0.02 63.96 -3.23
CA PRO D 162 -1.20 64.73 -2.83
C PRO D 162 -1.72 65.59 -3.98
N TRP D 163 -3.04 65.77 -4.06
CA TRP D 163 -3.64 66.36 -5.24
C TRP D 163 -4.95 67.02 -4.85
N ASN D 164 -5.28 68.11 -5.55
CA ASN D 164 -6.37 69.02 -5.21
C ASN D 164 -7.20 69.35 -6.44
N GLY D 165 -7.60 68.32 -7.18
CA GLY D 165 -8.30 68.52 -8.44
C GLY D 165 -9.07 67.30 -8.91
N GLU D 166 -8.96 66.99 -10.20
CA GLU D 166 -9.64 65.85 -10.80
C GLU D 166 -8.60 64.92 -11.42
N LYS D 167 -9.04 63.76 -11.91
CA LYS D 167 -8.12 62.75 -12.40
C LYS D 167 -7.54 63.12 -13.76
N VAL D 168 -6.46 62.43 -14.11
CA VAL D 168 -5.68 62.71 -15.30
C VAL D 168 -5.79 61.53 -16.26
N GLY D 169 -6.28 61.79 -17.47
CA GLY D 169 -6.51 60.74 -18.44
C GLY D 169 -5.67 60.92 -19.68
N PHE D 170 -5.45 59.82 -20.40
CA PHE D 170 -4.67 59.81 -21.64
C PHE D 170 -5.40 58.88 -22.60
N GLU D 171 -6.26 59.44 -23.44
CA GLU D 171 -7.21 58.67 -24.24
C GLU D 171 -6.62 58.31 -25.58
N ASP D 172 -6.74 57.02 -25.95
CA ASP D 172 -6.37 56.46 -27.26
C ASP D 172 -4.89 56.71 -27.58
N ILE D 173 -4.03 56.03 -26.83
CA ILE D 173 -2.61 56.34 -26.95
C ILE D 173 -2.04 55.52 -28.09
N ARG D 174 -2.39 55.87 -29.31
CA ARG D 174 -1.66 55.47 -30.51
C ARG D 174 -1.63 56.57 -31.55
N THR D 175 -2.62 57.46 -31.53
CA THR D 175 -2.69 58.63 -32.40
C THR D 175 -2.47 59.92 -31.64
N ASN D 176 -3.14 60.08 -30.50
CA ASN D 176 -3.10 61.36 -29.79
C ASN D 176 -1.77 61.61 -29.10
N TYR D 177 -0.99 60.56 -28.80
CA TYR D 177 0.22 60.71 -27.97
C TYR D 177 1.35 59.86 -28.55
N THR D 178 2.18 60.47 -29.40
CA THR D 178 3.37 59.80 -29.93
C THR D 178 4.64 60.65 -29.84
N SER D 179 4.60 61.80 -29.17
CA SER D 179 5.76 62.67 -29.16
C SER D 179 5.85 63.43 -27.85
N ARG D 180 7.03 64.02 -27.62
CA ARG D 180 7.27 64.87 -26.46
C ARG D 180 6.31 66.05 -26.42
N GLN D 181 5.97 66.60 -27.58
CA GLN D 181 5.08 67.77 -27.61
C GLN D 181 3.63 67.37 -27.32
N ASP D 182 3.21 66.18 -27.77
CA ASP D 182 1.82 65.76 -27.63
C ASP D 182 1.42 65.55 -26.17
N PHE D 183 2.37 65.18 -25.32
CA PHE D 183 2.08 65.11 -23.90
C PHE D 183 1.96 66.48 -23.26
N LYS D 184 2.78 67.44 -23.70
CA LYS D 184 2.80 68.77 -23.10
C LYS D 184 1.60 69.64 -23.50
N ASN D 185 0.69 69.13 -24.32
CA ASN D 185 -0.52 69.84 -24.67
C ASN D 185 -1.73 69.35 -23.89
N ASN D 186 -1.53 68.88 -22.67
CA ASN D 186 -2.64 68.57 -21.78
C ASN D 186 -3.03 69.81 -20.98
N LYS D 187 -3.88 69.60 -19.99
CA LYS D 187 -4.20 70.63 -19.01
C LYS D 187 -3.63 70.31 -17.65
N ASN D 188 -2.85 69.23 -17.54
CA ASN D 188 -2.34 68.77 -16.26
C ASN D 188 -0.88 68.35 -16.31
N TRP D 189 -0.22 68.41 -17.46
CA TRP D 189 1.12 67.85 -17.60
C TRP D 189 2.16 68.67 -16.83
N SER D 190 2.03 69.99 -16.83
CA SER D 190 2.96 70.83 -16.09
C SER D 190 2.60 70.97 -14.63
N ALA D 191 1.60 70.22 -14.14
CA ALA D 191 1.30 70.17 -12.72
C ALA D 191 1.71 68.85 -12.09
N ILE D 192 1.89 67.80 -12.88
CA ILE D 192 2.35 66.52 -12.35
C ILE D 192 3.77 66.19 -12.72
N VAL D 193 4.41 66.98 -13.58
CA VAL D 193 5.84 66.78 -13.78
C VAL D 193 6.63 67.58 -12.75
N GLU D 194 5.97 68.50 -12.05
CA GLU D 194 6.63 69.28 -11.03
C GLU D 194 6.72 68.53 -9.71
N MET D 195 5.73 67.69 -9.43
CA MET D 195 5.67 66.94 -8.18
C MET D 195 6.58 65.73 -8.17
N ILE D 196 7.31 65.49 -9.25
CA ILE D 196 8.37 64.49 -9.29
C ILE D 196 9.68 65.25 -9.18
N LYS D 197 9.66 66.53 -9.60
CA LYS D 197 10.80 67.39 -9.34
C LYS D 197 10.78 67.90 -7.91
N THR D 198 9.58 68.10 -7.35
CA THR D 198 9.48 68.46 -5.94
C THR D 198 9.89 67.30 -5.04
N ALA D 199 9.55 66.08 -5.45
CA ALA D 199 9.92 64.88 -4.70
C ALA D 199 11.42 64.72 -4.65
N PHE D 200 12.09 64.84 -5.79
CA PHE D 200 13.53 64.60 -5.83
C PHE D 200 14.34 65.73 -5.21
N SER D 201 13.75 66.90 -5.02
CA SER D 201 14.52 68.04 -4.52
C SER D 201 14.50 68.11 -3.00
N SER D 202 13.31 68.11 -2.41
CA SER D 202 13.19 68.31 -0.98
C SER D 202 13.63 67.07 -0.21
N THR D 203 13.76 67.24 1.10
CA THR D 203 13.77 66.13 2.04
C THR D 203 12.34 65.93 2.50
N ASP D 204 12.00 64.67 2.83
CA ASP D 204 10.62 64.21 3.10
C ASP D 204 9.74 64.49 1.88
N GLY D 205 10.27 64.17 0.71
CA GLY D 205 9.55 64.35 -0.55
C GLY D 205 8.87 63.05 -0.93
N LEU D 206 7.60 63.17 -1.31
CA LEU D 206 6.78 61.98 -1.55
C LEU D 206 5.72 62.30 -2.59
N ALA D 207 5.60 61.42 -3.60
CA ALA D 207 4.57 61.53 -4.62
C ALA D 207 4.18 60.14 -5.08
N ILE D 208 2.89 59.82 -4.99
CA ILE D 208 2.37 58.49 -5.24
C ILE D 208 1.40 58.56 -6.41
N PHE D 209 1.41 57.55 -7.28
CA PHE D 209 0.50 57.50 -8.42
C PHE D 209 -0.20 56.15 -8.49
N GLU D 210 -1.53 56.17 -8.46
CA GLU D 210 -2.34 54.99 -8.75
C GLU D 210 -2.69 54.99 -10.24
N VAL D 211 -2.41 53.89 -10.93
CA VAL D 211 -2.54 53.86 -12.39
C VAL D 211 -3.49 52.73 -12.79
N ARG D 212 -4.53 53.07 -13.56
CA ARG D 212 -5.44 52.11 -14.16
C ARG D 212 -5.29 52.14 -15.67
N ALA D 213 -5.28 50.97 -16.31
CA ALA D 213 -5.29 50.89 -17.76
C ALA D 213 -6.38 49.95 -18.22
N THR D 214 -6.90 50.21 -19.43
CA THR D 214 -7.90 49.37 -20.08
C THR D 214 -7.38 48.98 -21.44
N LEU D 215 -7.54 47.72 -21.82
CA LEU D 215 -7.06 47.20 -23.11
C LEU D 215 -8.22 46.62 -23.90
N HIS D 216 -8.31 46.98 -25.17
CA HIS D 216 -9.28 46.41 -26.09
C HIS D 216 -8.57 45.52 -27.10
N LEU D 217 -8.97 44.27 -27.18
CA LEU D 217 -8.29 43.24 -27.94
C LEU D 217 -9.29 42.52 -28.83
N PRO D 218 -8.82 41.81 -29.88
CA PRO D 218 -9.73 40.96 -30.65
C PRO D 218 -10.33 39.80 -29.88
N THR D 219 -11.24 39.05 -30.50
CA THR D 219 -11.92 37.98 -29.80
C THR D 219 -10.98 36.81 -29.53
N ASN D 220 -11.07 36.29 -28.30
CA ASN D 220 -10.27 35.18 -27.79
C ASN D 220 -8.77 35.47 -27.84
N ALA D 221 -8.39 36.71 -27.56
CA ALA D 221 -7.00 37.12 -27.67
C ALA D 221 -6.18 36.60 -26.50
N MET D 222 -4.90 36.36 -26.76
CA MET D 222 -3.99 35.82 -25.77
C MET D 222 -3.33 36.95 -24.96
N VAL D 223 -3.28 36.76 -23.63
CA VAL D 223 -2.66 37.71 -22.71
C VAL D 223 -1.32 37.13 -22.27
N ARG D 224 -0.29 37.98 -22.21
CA ARG D 224 1.10 37.55 -22.04
C ARG D 224 1.66 38.11 -20.73
N PRO D 225 1.58 37.36 -19.62
CA PRO D 225 2.21 37.80 -18.36
C PRO D 225 3.64 37.29 -18.16
N SER D 226 4.24 37.58 -16.99
CA SER D 226 5.60 37.17 -16.67
C SER D 226 5.70 35.67 -16.42
N GLN D 227 6.94 35.18 -16.40
CA GLN D 227 7.21 33.76 -16.33
C GLN D 227 8.23 33.47 -15.22
N VAL D 228 7.96 32.40 -14.47
CA VAL D 228 8.83 32.00 -13.36
C VAL D 228 10.17 31.53 -13.91
N PHE D 229 11.26 31.84 -13.19
CA PHE D 229 12.59 31.46 -13.67
C PHE D 229 12.82 29.96 -13.63
N THR D 230 12.18 29.24 -12.71
CA THR D 230 12.39 27.79 -12.39
C THR D 230 13.82 27.23 -12.51
N GLN D 243 7.56 18.18 -17.43
CA GLN D 243 8.53 19.01 -18.13
C GLN D 243 7.79 20.22 -18.69
N ASN D 244 7.41 21.12 -17.78
CA ASN D 244 6.51 22.24 -18.05
C ASN D 244 7.34 23.46 -18.41
N SER D 245 7.49 23.72 -19.70
CA SER D 245 8.00 25.00 -20.16
C SER D 245 6.90 26.05 -20.02
N ARG D 246 7.33 27.32 -19.94
CA ARG D 246 6.43 28.49 -19.88
C ARG D 246 5.50 28.42 -18.67
N VAL D 247 6.11 28.55 -17.50
CA VAL D 247 5.38 28.58 -16.23
C VAL D 247 5.10 30.04 -15.87
N PHE D 248 3.83 30.40 -15.65
CA PHE D 248 3.45 31.78 -15.33
C PHE D 248 3.69 32.11 -13.86
N GLN D 249 3.96 33.39 -13.60
CA GLN D 249 3.99 33.91 -12.24
C GLN D 249 2.57 34.28 -11.82
N SER D 250 2.17 33.84 -10.64
CA SER D 250 0.77 33.90 -10.26
C SER D 250 0.61 34.62 -8.93
N THR D 251 -0.65 34.74 -8.50
CA THR D 251 -1.02 35.30 -7.22
C THR D 251 -2.33 34.67 -6.80
N THR D 252 -2.90 35.15 -5.69
CA THR D 252 -4.18 34.66 -5.18
C THR D 252 -5.10 35.86 -5.01
N ILE D 253 -5.94 36.10 -6.02
CA ILE D 253 -6.96 37.13 -5.97
C ILE D 253 -8.27 36.42 -5.68
N ASP D 254 -8.79 36.62 -4.47
CA ASP D 254 -10.17 36.30 -4.08
C ASP D 254 -10.47 34.81 -4.15
N GLY D 255 -9.43 33.98 -4.01
CA GLY D 255 -9.60 32.55 -4.16
C GLY D 255 -8.94 31.99 -5.40
N GLU D 256 -9.01 32.72 -6.51
CA GLU D 256 -8.51 32.19 -7.76
C GLU D 256 -7.04 32.54 -7.97
N ARG D 257 -6.45 31.85 -8.95
CA ARG D 257 -5.04 31.96 -9.28
C ARG D 257 -4.91 32.84 -10.53
N SER D 258 -4.46 34.08 -10.33
CA SER D 258 -4.35 35.07 -11.39
C SER D 258 -2.90 35.33 -11.78
N PRO D 259 -2.60 35.57 -13.05
CA PRO D 259 -1.24 35.94 -13.46
C PRO D 259 -0.97 37.42 -13.25
N ILE D 260 0.32 37.76 -13.07
CA ILE D 260 0.65 38.96 -12.29
C ILE D 260 1.56 39.97 -13.00
N LEU D 261 2.36 39.52 -13.98
CA LEU D 261 3.29 40.32 -14.80
C LEU D 261 4.48 40.92 -14.03
N GLY D 262 4.53 40.79 -12.71
CA GLY D 262 5.84 40.93 -12.07
C GLY D 262 6.12 42.33 -11.57
N ALA D 263 6.78 42.40 -10.42
CA ALA D 263 7.03 43.66 -9.72
C ALA D 263 8.38 44.28 -10.03
N PHE D 264 9.40 43.48 -10.33
CA PHE D 264 10.65 44.03 -10.82
C PHE D 264 10.64 44.27 -12.31
N LYS D 265 9.71 43.67 -13.04
CA LYS D 265 9.62 43.89 -14.47
C LYS D 265 8.85 45.17 -14.79
N THR D 266 7.98 45.60 -13.89
CA THR D 266 7.39 46.93 -14.00
C THR D 266 8.44 48.02 -13.79
N GLY D 267 9.35 47.81 -12.83
CA GLY D 267 10.41 48.78 -12.61
C GLY D 267 11.45 48.82 -13.70
N ALA D 268 11.56 47.74 -14.49
CA ALA D 268 12.46 47.75 -15.63
C ALA D 268 11.83 48.38 -16.86
N ALA D 269 10.56 48.79 -16.78
CA ALA D 269 9.88 49.35 -17.92
C ALA D 269 9.88 50.86 -17.87
N ILE D 270 9.83 51.42 -16.68
CA ILE D 270 9.71 52.86 -16.51
C ILE D 270 11.10 53.46 -16.32
N ALA D 271 12.13 52.67 -16.58
CA ALA D 271 13.50 53.13 -16.47
C ALA D 271 14.31 52.76 -17.72
N THR D 272 13.65 52.58 -18.87
CA THR D 272 14.36 52.45 -20.14
C THR D 272 14.49 53.83 -20.76
N ILE D 273 15.39 54.62 -20.19
CA ILE D 273 15.57 56.01 -20.60
C ILE D 273 16.94 56.28 -21.20
N ASP D 274 17.94 55.41 -21.00
CA ASP D 274 19.32 55.68 -21.36
C ASP D 274 19.51 55.62 -22.86
N ASP D 275 19.55 56.79 -23.50
CA ASP D 275 19.90 56.92 -24.91
C ASP D 275 21.09 57.85 -25.08
N TRP D 276 22.10 57.69 -24.22
CA TRP D 276 23.27 58.56 -24.27
C TRP D 276 24.57 57.79 -24.48
N TYR D 277 24.52 56.46 -24.64
CA TYR D 277 25.69 55.66 -24.97
C TYR D 277 26.27 56.07 -26.32
N PRO D 278 27.60 55.92 -26.52
CA PRO D 278 28.31 56.73 -27.54
C PRO D 278 27.91 56.52 -29.00
N GLU D 279 27.07 55.54 -29.34
CA GLU D 279 26.42 55.50 -30.66
C GLU D 279 24.94 55.19 -30.44
N ALA D 280 24.16 56.24 -30.21
CA ALA D 280 22.78 56.08 -29.75
C ALA D 280 21.85 55.73 -30.89
N THR D 281 21.01 54.71 -30.68
CA THR D 281 19.95 54.37 -31.62
C THR D 281 18.63 54.05 -30.96
N GLU D 282 18.57 53.82 -29.65
CA GLU D 282 17.38 53.36 -28.96
C GLU D 282 17.62 53.55 -27.45
N PRO D 283 16.56 53.53 -26.65
CA PRO D 283 16.75 53.51 -25.20
C PRO D 283 17.26 52.16 -24.70
N LEU D 284 17.81 52.20 -23.47
CA LEU D 284 18.19 51.00 -22.74
C LEU D 284 17.75 51.13 -21.29
N ARG D 285 17.60 49.99 -20.62
CA ARG D 285 17.38 49.98 -19.18
C ARG D 285 18.67 50.42 -18.50
N VAL D 286 18.58 51.35 -17.56
CA VAL D 286 19.79 51.94 -16.99
C VAL D 286 20.48 50.92 -16.09
N GLY D 287 21.80 50.84 -16.20
CA GLY D 287 22.56 49.98 -15.36
C GLY D 287 23.94 50.55 -15.15
N ARG D 288 24.92 49.70 -14.90
CA ARG D 288 26.28 50.18 -14.74
C ARG D 288 27.08 50.02 -16.01
N PHE D 289 26.71 49.05 -16.86
CA PHE D 289 27.52 48.70 -18.02
C PHE D 289 26.71 48.71 -19.30
N GLY D 290 25.52 49.32 -19.29
CA GLY D 290 24.66 49.47 -20.45
C GLY D 290 24.29 48.21 -21.21
N VAL D 291 23.79 47.20 -20.51
CA VAL D 291 23.60 45.89 -21.11
C VAL D 291 22.34 45.89 -21.96
N HIS D 292 22.52 45.56 -23.23
CA HIS D 292 21.43 45.34 -24.17
C HIS D 292 20.99 43.89 -24.10
N ARG D 293 19.74 43.65 -24.41
CA ARG D 293 19.13 42.33 -24.29
C ARG D 293 18.76 41.72 -25.64
N GLU D 294 18.28 42.56 -26.56
CA GLU D 294 18.05 42.14 -27.94
C GLU D 294 19.35 41.67 -28.58
N ASP D 295 20.42 42.44 -28.41
CA ASP D 295 21.76 41.93 -28.66
C ASP D 295 22.32 41.36 -27.38
N VAL D 296 23.43 40.64 -27.49
CA VAL D 296 23.96 39.96 -26.31
C VAL D 296 25.31 40.64 -26.04
N THR D 297 25.37 41.94 -26.31
CA THR D 297 26.57 42.72 -26.07
C THR D 297 26.23 43.89 -25.16
N CYS D 298 27.27 44.57 -24.67
CA CYS D 298 27.07 45.73 -23.81
C CYS D 298 28.11 46.81 -24.13
N TYR D 299 27.70 47.79 -24.91
CA TYR D 299 28.36 49.08 -24.86
C TYR D 299 27.98 49.80 -23.56
N ARG D 300 28.73 50.87 -23.26
CA ARG D 300 29.13 51.32 -21.90
C ARG D 300 30.09 50.31 -21.25
N HIS D 301 30.86 49.58 -22.05
CA HIS D 301 31.85 48.64 -21.52
C HIS D 301 33.06 49.40 -20.97
N PRO D 302 33.70 48.91 -19.91
CA PRO D 302 34.84 49.63 -19.31
C PRO D 302 36.08 49.77 -20.19
N SER D 303 36.17 49.10 -21.35
CA SER D 303 37.27 49.39 -22.25
C SER D 303 37.03 50.68 -23.02
N THR D 304 35.77 51.01 -23.28
CA THR D 304 35.43 52.27 -23.92
C THR D 304 35.52 53.45 -22.96
N GLY D 305 35.44 53.18 -21.65
CA GLY D 305 35.59 54.22 -20.66
C GLY D 305 34.31 54.90 -20.21
N LYS D 306 33.16 54.48 -20.73
CA LYS D 306 31.90 55.17 -20.42
C LYS D 306 31.05 54.44 -19.38
N ASP D 307 31.60 53.44 -18.68
CA ASP D 307 30.80 52.75 -17.66
C ASP D 307 30.61 53.64 -16.44
N PHE D 308 29.83 53.14 -15.48
CA PHE D 308 29.48 53.93 -14.31
C PHE D 308 30.66 54.20 -13.40
N PHE D 309 31.57 53.25 -13.26
CA PHE D 309 32.63 53.40 -12.27
C PHE D 309 33.71 54.36 -12.76
N SER D 310 34.03 54.35 -14.04
CA SER D 310 35.00 55.29 -14.57
C SER D 310 34.46 56.71 -14.69
N ILE D 311 33.14 56.89 -14.57
CA ILE D 311 32.60 58.24 -14.47
C ILE D 311 32.46 58.66 -12.99
N LEU D 312 32.26 57.70 -12.09
CA LEU D 312 32.13 58.02 -10.68
C LEU D 312 33.45 58.47 -10.07
N GLN D 313 34.58 57.91 -10.52
CA GLN D 313 35.88 58.42 -10.10
C GLN D 313 36.42 59.47 -11.08
N GLN D 314 35.52 60.38 -11.42
CA GLN D 314 35.80 61.64 -12.12
C GLN D 314 34.94 62.74 -11.51
N ALA D 315 34.36 62.50 -10.33
CA ALA D 315 33.30 63.34 -9.83
C ALA D 315 33.81 64.69 -9.33
N GLU D 316 35.07 64.75 -8.88
CA GLU D 316 35.60 66.04 -8.46
C GLU D 316 36.00 66.89 -9.66
N HIS D 317 36.08 66.29 -10.85
CA HIS D 317 36.21 67.08 -12.06
C HIS D 317 34.89 67.71 -12.46
N TYR D 318 33.77 67.03 -12.20
CA TYR D 318 32.49 67.60 -12.60
C TYR D 318 32.01 68.67 -11.63
N ILE D 319 32.60 68.73 -10.43
CA ILE D 319 32.39 69.87 -9.55
C ILE D 319 33.12 71.09 -10.11
N GLU D 320 34.22 70.85 -10.82
CA GLU D 320 35.02 71.92 -11.39
C GLU D 320 34.41 72.47 -12.66
N VAL D 321 33.50 71.72 -13.29
CA VAL D 321 32.92 72.16 -14.56
C VAL D 321 31.62 72.92 -14.33
N LEU D 322 30.86 72.53 -13.31
CA LEU D 322 29.55 73.14 -13.05
C LEU D 322 29.66 74.40 -12.20
N SER D 323 30.60 75.26 -12.57
CA SER D 323 30.73 76.58 -11.96
C SER D 323 31.04 77.71 -12.93
N ALA D 324 31.35 77.43 -14.20
CA ALA D 324 31.97 78.43 -15.05
C ALA D 324 31.24 78.51 -16.40
N ASN D 325 30.21 79.36 -16.43
CA ASN D 325 29.71 80.09 -17.61
C ASN D 325 28.97 79.18 -18.59
N LYS D 326 29.20 77.86 -18.62
CA LYS D 326 28.57 76.95 -19.57
C LYS D 326 28.96 75.51 -19.26
N THR D 327 28.02 74.59 -19.41
CA THR D 327 28.39 73.19 -19.59
C THR D 327 27.92 72.70 -20.96
N PRO D 328 28.79 72.10 -21.76
CA PRO D 328 28.41 71.74 -23.13
C PRO D 328 27.73 70.38 -23.20
N ALA D 329 26.65 70.29 -23.96
CA ALA D 329 25.89 69.05 -24.04
C ALA D 329 26.42 68.17 -25.16
N GLN D 330 27.74 67.96 -25.20
CA GLN D 330 28.30 66.97 -26.09
C GLN D 330 28.50 65.64 -25.36
N GLU D 331 29.28 65.63 -24.29
CA GLU D 331 29.40 64.45 -23.46
C GLU D 331 29.56 64.81 -21.99
N THR D 332 29.56 66.09 -21.65
CA THR D 332 29.64 66.52 -20.24
C THR D 332 28.27 66.71 -19.62
N ILE D 333 27.20 66.54 -20.40
CA ILE D 333 25.85 66.55 -19.85
C ILE D 333 25.26 65.18 -20.13
N ASN D 334 25.72 64.53 -21.20
CA ASN D 334 25.30 63.16 -21.46
C ASN D 334 26.03 62.15 -20.60
N ASP D 335 26.96 62.57 -19.75
CA ASP D 335 27.52 61.70 -18.73
C ASP D 335 27.01 62.01 -17.33
N MET D 336 26.36 63.14 -17.12
CA MET D 336 25.85 63.45 -15.79
C MET D 336 24.37 63.22 -15.65
N HIS D 337 23.63 63.02 -16.75
CA HIS D 337 22.32 62.40 -16.62
C HIS D 337 22.48 60.93 -16.27
N PHE D 338 23.51 60.30 -16.81
CA PHE D 338 23.75 58.88 -16.57
C PHE D 338 24.32 58.63 -15.18
N LEU D 339 24.97 59.63 -14.59
CA LEU D 339 25.46 59.48 -13.23
C LEU D 339 24.33 59.68 -12.22
N MET D 340 23.39 60.57 -12.53
CA MET D 340 22.21 60.74 -11.68
C MET D 340 21.19 59.64 -11.90
N ALA D 341 21.26 58.93 -13.02
CA ALA D 341 20.28 57.86 -13.27
C ALA D 341 20.68 56.59 -12.55
N ASN D 342 21.91 56.50 -12.07
CA ASN D 342 22.33 55.34 -11.30
C ASN D 342 22.36 55.59 -9.80
N LEU D 343 22.12 56.82 -9.36
CA LEU D 343 21.84 57.05 -7.96
C LEU D 343 20.35 56.93 -7.67
N ILE D 344 19.53 56.89 -8.72
CA ILE D 344 18.10 56.66 -8.56
C ILE D 344 17.80 55.16 -8.61
N LYS D 345 18.56 54.41 -9.41
CA LYS D 345 18.41 52.95 -9.43
C LYS D 345 18.93 52.32 -8.14
N GLY D 346 19.98 52.87 -7.55
CA GLY D 346 20.54 52.34 -6.33
C GLY D 346 21.43 51.13 -6.56
N GLY D 347 22.10 50.70 -5.51
CA GLY D 347 22.89 49.49 -5.60
C GLY D 347 24.04 49.51 -4.62
N MET D 348 25.07 48.73 -4.94
CA MET D 348 26.26 48.58 -4.09
C MET D 348 27.49 48.85 -4.95
N PHE D 349 28.20 49.95 -4.66
CA PHE D 349 29.31 50.38 -5.49
C PHE D 349 30.65 50.19 -4.77
N GLN D 350 30.76 49.18 -3.93
CA GLN D 350 31.76 49.27 -2.87
C GLN D 350 33.17 48.89 -3.30
N HIS D 351 33.32 47.80 -4.08
CA HIS D 351 34.62 47.28 -4.56
C HIS D 351 35.66 47.05 -3.46
N LYS E 4 28.34 31.11 -38.73
CA LYS E 4 27.14 30.43 -39.18
C LYS E 4 26.39 29.78 -38.01
N LEU E 5 25.13 30.20 -37.83
CA LEU E 5 24.22 29.79 -36.75
C LEU E 5 24.89 30.01 -35.41
N PRO E 6 25.02 31.25 -34.94
CA PRO E 6 25.97 31.59 -33.88
C PRO E 6 25.41 31.37 -32.47
N THR E 7 24.93 30.15 -32.21
CA THR E 7 24.55 29.55 -30.92
C THR E 7 23.54 30.33 -30.08
N ASN E 8 22.97 31.41 -30.62
CA ASN E 8 21.84 32.10 -30.02
C ASN E 8 21.20 32.92 -31.13
N LEU E 9 20.00 32.51 -31.55
CA LEU E 9 19.27 33.17 -32.62
C LEU E 9 17.83 32.71 -32.58
N ALA E 10 16.89 33.65 -32.52
CA ALA E 10 15.49 33.29 -32.42
C ALA E 10 14.66 34.41 -33.02
N TYR E 11 13.54 34.05 -33.63
CA TYR E 11 12.55 35.05 -34.05
C TYR E 11 11.26 34.81 -33.27
N GLU E 12 10.21 35.54 -33.64
CA GLU E 12 8.89 35.28 -33.10
C GLU E 12 7.84 35.48 -34.19
N ARG E 13 6.66 34.92 -33.95
CA ARG E 13 5.69 34.70 -35.01
C ARG E 13 4.99 35.98 -35.45
N SER E 14 4.70 36.06 -36.76
CA SER E 14 4.03 37.19 -37.37
C SER E 14 2.53 37.01 -37.47
N ILE E 15 2.02 35.80 -37.32
CA ILE E 15 0.60 35.50 -37.45
C ILE E 15 0.10 34.98 -36.12
N ASP E 16 -1.03 35.53 -35.65
CA ASP E 16 -1.48 35.32 -34.28
C ASP E 16 -2.96 34.94 -34.26
N PRO E 17 -3.29 33.66 -34.49
CA PRO E 17 -4.69 33.23 -34.44
C PRO E 17 -5.22 33.01 -33.03
N SER E 18 -6.44 32.51 -32.93
CA SER E 18 -7.05 32.16 -31.66
C SER E 18 -7.82 30.88 -31.85
N ASP E 19 -8.67 30.52 -30.88
CA ASP E 19 -9.42 29.29 -30.93
C ASP E 19 -10.88 29.53 -31.30
N VAL E 20 -11.51 28.50 -31.84
CA VAL E 20 -12.76 28.63 -32.60
C VAL E 20 -13.90 28.05 -31.77
N CYS E 21 -14.71 28.91 -31.18
CA CYS E 21 -15.80 28.47 -30.34
C CYS E 21 -17.07 28.27 -31.15
N PHE E 22 -17.66 27.07 -31.06
CA PHE E 22 -18.84 26.71 -31.83
C PHE E 22 -20.11 27.20 -31.14
N PHE E 23 -21.09 27.62 -31.94
CA PHE E 23 -22.38 28.06 -31.45
C PHE E 23 -23.49 27.41 -32.24
N VAL E 24 -24.63 27.22 -31.57
CA VAL E 24 -25.83 26.69 -32.18
C VAL E 24 -26.82 27.83 -32.36
N VAL E 25 -27.24 28.05 -33.59
CA VAL E 25 -28.32 28.98 -33.85
C VAL E 25 -29.59 28.17 -34.06
N TRP E 26 -30.71 28.81 -33.80
CA TRP E 26 -32.03 28.22 -33.90
C TRP E 26 -32.84 28.99 -34.92
N PRO E 27 -34.00 28.48 -35.34
CA PRO E 27 -34.88 29.30 -36.21
C PRO E 27 -35.47 30.53 -35.53
N ASP E 28 -35.35 30.68 -34.21
CA ASP E 28 -35.72 31.91 -33.53
C ASP E 28 -34.60 32.95 -33.56
N ASP E 29 -33.43 32.58 -34.11
CA ASP E 29 -32.17 33.31 -34.31
C ASP E 29 -31.40 33.46 -32.99
N ARG E 30 -31.90 32.91 -31.88
CA ARG E 30 -31.17 32.99 -30.63
C ARG E 30 -30.04 31.97 -30.61
N LYS E 31 -28.91 32.34 -30.03
CA LYS E 31 -27.69 31.54 -30.04
C LYS E 31 -27.46 30.86 -28.68
N THR E 32 -26.96 29.63 -28.73
CA THR E 32 -26.59 28.84 -27.56
C THR E 32 -25.32 28.07 -27.83
N PRO E 33 -24.47 27.88 -26.83
CA PRO E 33 -23.23 27.12 -27.04
C PRO E 33 -23.49 25.62 -27.20
N LEU E 34 -22.76 25.02 -28.13
CA LEU E 34 -22.79 23.58 -28.34
C LEU E 34 -22.16 22.88 -27.15
N THR E 35 -22.63 21.66 -26.84
CA THR E 35 -22.13 20.86 -25.73
C THR E 35 -21.84 19.44 -26.20
N TYR E 36 -21.41 18.60 -25.27
CA TYR E 36 -21.17 17.19 -25.55
C TYR E 36 -21.30 16.41 -24.25
N ASN E 37 -21.39 15.09 -24.38
CA ASN E 37 -21.47 14.22 -23.22
C ASN E 37 -20.56 13.01 -23.44
N SER E 38 -20.27 12.33 -22.35
CA SER E 38 -19.47 11.11 -22.39
C SER E 38 -20.38 9.90 -22.46
N ARG E 39 -20.02 8.96 -23.33
CA ARG E 39 -20.85 7.81 -23.61
C ARG E 39 -20.01 6.55 -23.59
N THR E 40 -20.50 5.51 -22.94
CA THR E 40 -19.82 4.23 -22.93
C THR E 40 -20.51 3.29 -23.92
N LEU E 41 -19.72 2.41 -24.52
CA LEU E 41 -20.16 1.67 -25.69
C LEU E 41 -19.65 0.25 -25.62
N LEU E 42 -19.84 -0.48 -26.70
CA LEU E 42 -19.45 -1.87 -26.78
C LEU E 42 -19.08 -2.18 -28.22
N GLY E 43 -17.84 -2.61 -28.42
CA GLY E 43 -17.37 -3.00 -29.74
C GLY E 43 -16.92 -4.45 -29.74
N GLN E 44 -16.44 -4.88 -30.90
CA GLN E 44 -15.92 -6.23 -31.04
C GLN E 44 -14.45 -6.24 -30.65
N MET E 45 -13.76 -7.34 -30.97
CA MET E 45 -12.35 -7.49 -30.62
C MET E 45 -11.58 -7.47 -31.94
N GLU E 46 -11.25 -6.26 -32.38
CA GLU E 46 -10.77 -6.01 -33.74
C GLU E 46 -9.28 -6.18 -33.90
N ALA E 47 -8.50 -5.94 -32.85
CA ALA E 47 -7.06 -5.76 -32.96
C ALA E 47 -6.36 -7.07 -33.34
N ALA E 48 -5.37 -6.95 -34.24
CA ALA E 48 -4.73 -8.12 -34.84
C ALA E 48 -3.88 -8.88 -33.84
N SER E 49 -3.30 -8.18 -32.86
CA SER E 49 -2.44 -8.83 -31.87
C SER E 49 -3.21 -9.72 -30.91
N LEU E 50 -4.54 -9.55 -30.83
CA LEU E 50 -5.35 -10.39 -29.96
C LEU E 50 -5.54 -11.79 -30.52
N ALA E 51 -5.28 -11.99 -31.82
CA ALA E 51 -5.46 -13.31 -32.41
C ALA E 51 -4.30 -13.72 -33.30
N TYR E 52 -3.16 -13.05 -33.19
CA TYR E 52 -2.01 -13.37 -34.02
C TYR E 52 -0.74 -12.99 -33.28
N ASP E 53 0.39 -13.29 -33.92
CA ASP E 53 1.71 -12.81 -33.55
C ASP E 53 2.55 -12.92 -34.82
N VAL E 54 3.87 -12.90 -34.69
CA VAL E 54 4.73 -13.03 -35.86
C VAL E 54 4.61 -14.45 -36.40
N SER E 55 3.86 -14.58 -37.50
CA SER E 55 3.56 -15.77 -38.29
C SER E 55 2.69 -16.81 -37.56
N GLY E 56 2.29 -16.58 -36.31
CA GLY E 56 1.62 -17.62 -35.58
C GLY E 56 0.46 -17.19 -34.71
N GLN E 57 -0.66 -17.91 -34.83
CA GLN E 57 -1.76 -17.77 -33.89
C GLN E 57 -1.31 -18.21 -32.50
N PRO E 58 -1.84 -17.61 -31.43
CA PRO E 58 -1.39 -17.98 -30.09
C PRO E 58 -1.83 -19.38 -29.69
N ILE E 59 -1.17 -19.89 -28.65
CA ILE E 59 -1.26 -21.30 -28.29
C ILE E 59 -2.55 -21.56 -27.54
N LYS E 60 -3.59 -21.94 -28.29
CA LYS E 60 -4.93 -22.32 -27.80
C LYS E 60 -5.62 -21.19 -27.04
N SER E 61 -5.19 -19.95 -27.22
CA SER E 61 -5.84 -18.81 -26.59
C SER E 61 -6.77 -18.08 -27.55
N ALA E 62 -6.57 -18.23 -28.85
CA ALA E 62 -7.47 -17.66 -29.85
C ALA E 62 -8.56 -18.68 -30.13
N THR E 63 -9.51 -18.76 -29.20
CA THR E 63 -10.64 -19.66 -29.32
C THR E 63 -11.86 -18.87 -29.81
N ALA E 64 -12.75 -19.58 -30.51
CA ALA E 64 -13.90 -18.95 -31.14
C ALA E 64 -14.91 -18.41 -30.12
N GLU E 65 -14.85 -18.87 -28.88
CA GLU E 65 -15.68 -18.31 -27.82
C GLU E 65 -15.08 -17.05 -27.21
N ALA E 66 -13.76 -16.87 -27.29
CA ALA E 66 -13.08 -15.75 -26.66
C ALA E 66 -12.74 -14.61 -27.63
N LEU E 67 -12.88 -14.83 -28.93
CA LEU E 67 -12.83 -13.72 -29.89
C LEU E 67 -14.19 -13.10 -30.11
N ALA E 68 -15.21 -13.58 -29.43
CA ALA E 68 -16.57 -13.07 -29.56
C ALA E 68 -17.05 -12.56 -28.21
N GLN E 69 -16.17 -11.90 -27.47
CA GLN E 69 -16.51 -11.34 -26.17
C GLN E 69 -16.82 -9.85 -26.29
N GLY E 70 -17.47 -9.32 -25.26
CA GLY E 70 -17.82 -7.92 -25.24
C GLY E 70 -16.67 -7.06 -24.74
N ASN E 71 -16.27 -6.08 -25.56
CA ASN E 71 -15.18 -5.18 -25.23
C ASN E 71 -15.72 -3.79 -24.96
N PRO E 72 -15.62 -3.26 -23.75
CA PRO E 72 -16.05 -1.89 -23.50
C PRO E 72 -14.95 -0.85 -23.73
N HIS E 73 -15.34 0.22 -24.42
CA HIS E 73 -14.57 1.45 -24.51
C HIS E 73 -15.43 2.58 -23.95
N GLN E 74 -14.94 3.81 -24.10
CA GLN E 74 -15.69 4.99 -23.71
C GLN E 74 -15.23 6.16 -24.54
N VAL E 75 -16.17 6.93 -25.09
CA VAL E 75 -15.86 8.07 -25.94
C VAL E 75 -16.58 9.31 -25.43
N ASP E 76 -16.13 10.46 -25.91
CA ASP E 76 -16.91 11.69 -25.86
C ASP E 76 -17.63 11.86 -27.19
N PHE E 77 -18.89 12.27 -27.14
CA PHE E 77 -19.72 12.29 -28.32
C PHE E 77 -20.39 13.66 -28.43
N CYS E 78 -20.24 14.30 -29.59
CA CYS E 78 -20.83 15.61 -29.85
C CYS E 78 -21.61 15.56 -31.16
N HIS E 79 -22.76 16.22 -31.18
CA HIS E 79 -23.57 16.28 -32.40
C HIS E 79 -24.48 17.50 -32.33
N VAL E 80 -25.10 17.80 -33.47
CA VAL E 80 -26.01 18.95 -33.57
C VAL E 80 -27.36 18.54 -32.97
N PRO E 81 -27.98 19.38 -32.14
CA PRO E 81 -29.31 19.05 -31.62
C PRO E 81 -30.37 19.06 -32.71
N TYR E 82 -31.46 18.36 -32.44
CA TYR E 82 -32.55 18.26 -33.40
C TYR E 82 -33.35 19.55 -33.40
N GLY E 83 -33.55 20.12 -34.59
CA GLY E 83 -34.32 21.34 -34.72
C GLY E 83 -33.51 22.60 -34.89
N ALA E 84 -32.18 22.52 -34.76
CA ALA E 84 -31.32 23.69 -34.88
C ALA E 84 -31.20 24.11 -36.34
N SER E 85 -31.05 25.41 -36.54
CA SER E 85 -31.00 25.96 -37.89
C SER E 85 -29.66 25.64 -38.55
N HIS E 86 -28.56 26.15 -37.99
CA HIS E 86 -27.22 25.87 -38.52
C HIS E 86 -26.18 26.08 -37.41
N ILE E 87 -24.90 26.06 -37.80
CA ILE E 87 -23.77 26.15 -36.88
C ILE E 87 -22.94 27.37 -37.26
N GLU E 88 -22.42 28.09 -36.26
CA GLU E 88 -21.53 29.22 -36.50
C GLU E 88 -20.16 28.99 -35.86
N CYS E 89 -19.15 29.70 -36.38
CA CYS E 89 -17.77 29.60 -35.92
C CYS E 89 -17.16 31.00 -35.91
N SER E 90 -16.25 31.25 -34.98
CA SER E 90 -15.76 32.62 -34.78
C SER E 90 -14.40 32.62 -34.13
N PHE E 91 -13.38 33.07 -34.84
CA PHE E 91 -12.09 33.36 -34.24
C PHE E 91 -11.58 34.69 -34.78
N SER E 92 -10.35 35.05 -34.41
CA SER E 92 -9.70 36.25 -34.90
C SER E 92 -8.26 35.94 -35.27
N VAL E 93 -7.71 36.70 -36.21
CA VAL E 93 -6.33 36.51 -36.66
C VAL E 93 -5.74 37.87 -36.98
N SER E 94 -4.47 38.07 -36.63
CA SER E 94 -3.81 39.35 -36.79
C SER E 94 -2.43 39.14 -37.41
N PHE E 95 -2.07 39.98 -38.36
CA PHE E 95 -0.78 39.87 -39.04
C PHE E 95 0.08 41.06 -38.64
N SER E 96 1.34 40.80 -38.30
CA SER E 96 2.22 41.88 -37.87
C SER E 96 3.55 41.85 -38.60
N SER E 97 4.49 42.70 -38.18
CA SER E 97 5.81 42.81 -38.81
C SER E 97 6.83 42.36 -37.79
N GLU E 98 7.12 41.07 -37.76
CA GLU E 98 8.09 40.54 -36.82
C GLU E 98 9.31 39.96 -37.50
N LEU E 99 9.26 39.75 -38.80
CA LEU E 99 10.33 39.14 -39.57
C LEU E 99 11.36 40.13 -40.07
N ARG E 100 11.23 41.41 -39.71
CA ARG E 100 12.15 42.42 -40.23
C ARG E 100 13.51 42.31 -39.58
N GLN E 101 13.55 41.84 -38.33
CA GLN E 101 14.71 41.91 -37.49
C GLN E 101 14.60 40.75 -36.51
N PRO E 102 15.71 40.10 -36.14
CA PRO E 102 15.64 39.02 -35.15
C PRO E 102 15.23 39.52 -33.77
N TYR E 103 14.85 38.56 -32.93
CA TYR E 103 14.47 38.82 -31.55
C TYR E 103 15.70 38.83 -30.63
N LYS E 104 16.46 37.75 -30.62
CA LYS E 104 17.77 37.69 -30.00
C LYS E 104 18.78 37.26 -31.06
N CYS E 105 19.96 37.86 -31.09
CA CYS E 105 20.73 37.56 -32.30
C CYS E 105 22.17 37.12 -32.06
N ASN E 106 22.87 37.68 -31.07
CA ASN E 106 24.19 37.28 -30.56
C ASN E 106 25.35 37.60 -31.51
N SER E 107 25.07 38.05 -32.73
CA SER E 107 26.15 38.25 -33.69
C SER E 107 25.66 39.28 -34.71
N SER E 108 26.32 40.43 -34.75
CA SER E 108 25.94 41.48 -35.68
C SER E 108 26.50 41.27 -37.08
N LYS E 109 27.08 40.10 -37.36
CA LYS E 109 27.56 39.75 -38.69
C LYS E 109 26.63 38.80 -39.42
N VAL E 110 25.86 37.99 -38.69
CA VAL E 110 24.71 37.31 -39.28
C VAL E 110 23.46 38.16 -39.22
N LYS E 111 23.46 39.22 -38.39
CA LYS E 111 22.31 40.10 -38.31
C LYS E 111 22.19 40.94 -39.57
N GLN E 112 23.31 41.53 -40.02
CA GLN E 112 23.26 42.38 -41.21
C GLN E 112 23.05 41.55 -42.47
N THR E 113 23.36 40.26 -42.43
CA THR E 113 23.06 39.39 -43.55
C THR E 113 21.56 39.15 -43.66
N LEU E 114 20.88 39.05 -42.52
CA LEU E 114 19.47 38.69 -42.53
C LEU E 114 18.57 39.89 -42.73
N VAL E 115 18.96 41.05 -42.17
CA VAL E 115 18.15 42.25 -42.34
C VAL E 115 18.19 42.74 -43.79
N GLN E 116 19.36 42.66 -44.42
CA GLN E 116 19.51 43.04 -45.81
C GLN E 116 18.81 42.05 -46.75
N LEU E 117 18.63 40.81 -46.29
CA LEU E 117 17.96 39.80 -47.12
C LEU E 117 16.44 40.00 -47.13
N VAL E 118 15.90 40.68 -46.13
CA VAL E 118 14.47 40.91 -46.10
C VAL E 118 14.13 42.24 -46.78
N GLU E 119 15.07 43.18 -46.78
CA GLU E 119 14.86 44.43 -47.53
C GLU E 119 14.91 44.17 -49.03
N LEU E 120 15.76 43.25 -49.47
CA LEU E 120 15.86 42.94 -50.90
C LEU E 120 14.70 42.08 -51.38
N TYR E 121 14.11 41.27 -50.51
CA TYR E 121 13.00 40.43 -50.92
C TYR E 121 11.75 41.26 -51.18
N GLU E 122 11.55 42.31 -50.39
CA GLU E 122 10.43 43.22 -50.58
C GLU E 122 10.49 43.94 -51.92
N THR E 123 11.69 44.13 -52.46
CA THR E 123 11.87 44.90 -53.69
C THR E 123 11.81 44.02 -54.93
N LYS E 124 12.64 42.98 -54.99
CA LYS E 124 12.81 42.22 -56.23
C LYS E 124 11.61 41.34 -56.52
N ILE E 125 11.24 40.48 -55.57
CA ILE E 125 10.10 39.58 -55.71
C ILE E 125 9.23 39.74 -54.46
N GLY E 126 8.26 40.65 -54.52
CA GLY E 126 7.58 41.16 -53.35
C GLY E 126 6.61 40.24 -52.63
N TRP E 127 5.76 40.81 -51.77
CA TRP E 127 4.91 40.03 -50.88
C TRP E 127 3.61 39.59 -51.54
N THR E 128 3.54 39.52 -52.85
CA THR E 128 2.26 39.20 -53.48
C THR E 128 2.01 37.69 -53.52
N GLU E 129 3.05 36.88 -53.37
CA GLU E 129 2.86 35.44 -53.44
C GLU E 129 2.54 34.86 -52.06
N LEU E 130 3.16 35.39 -51.01
CA LEU E 130 2.89 34.88 -49.68
C LEU E 130 1.56 35.38 -49.14
N ALA E 131 1.16 36.60 -49.51
CA ALA E 131 -0.04 37.18 -48.91
C ALA E 131 -1.31 36.51 -49.44
N THR E 132 -1.28 35.99 -50.66
CA THR E 132 -2.47 35.33 -51.17
C THR E 132 -2.63 33.93 -50.59
N ARG E 133 -1.53 33.24 -50.28
CA ARG E 133 -1.63 31.86 -49.83
C ARG E 133 -2.11 31.76 -48.39
N TYR E 134 -1.72 32.69 -47.52
CA TYR E 134 -2.27 32.68 -46.16
C TYR E 134 -3.72 33.14 -46.17
N LEU E 135 -4.09 33.96 -47.14
CA LEU E 135 -5.44 34.48 -47.20
C LEU E 135 -6.38 33.54 -47.92
N MET E 136 -5.86 32.69 -48.81
CA MET E 136 -6.70 31.66 -49.41
C MET E 136 -6.88 30.43 -48.53
N ASN E 137 -6.47 30.47 -47.28
CA ASN E 137 -6.88 29.46 -46.32
C ASN E 137 -7.79 30.02 -45.25
N ILE E 138 -7.80 31.34 -45.07
CA ILE E 138 -8.74 31.97 -44.15
C ILE E 138 -10.11 32.10 -44.80
N CYS E 139 -10.14 32.53 -46.06
CA CYS E 139 -11.38 32.75 -46.79
C CYS E 139 -11.81 31.53 -47.58
N ASN E 140 -11.39 30.35 -47.17
CA ASN E 140 -11.72 29.12 -47.86
C ASN E 140 -12.32 28.07 -46.93
N GLY E 141 -11.82 27.98 -45.71
CA GLY E 141 -12.33 27.01 -44.77
C GLY E 141 -11.44 25.79 -44.61
N LYS E 142 -10.13 26.00 -44.61
CA LYS E 142 -9.21 24.95 -44.22
C LYS E 142 -9.21 24.73 -42.71
N TRP E 143 -9.55 25.75 -41.94
CA TRP E 143 -9.43 25.78 -40.49
C TRP E 143 -10.59 25.09 -39.77
N LEU E 144 -11.57 24.53 -40.48
CA LEU E 144 -12.58 23.67 -39.88
C LEU E 144 -12.23 22.20 -40.00
N TRP E 145 -11.39 21.86 -40.96
CA TRP E 145 -10.59 20.65 -41.18
C TRP E 145 -11.32 19.40 -41.62
N LYS E 146 -12.53 19.14 -41.12
CA LYS E 146 -13.24 17.90 -41.48
C LYS E 146 -14.73 18.11 -41.49
N ASN E 147 -15.18 19.27 -41.04
CA ASN E 147 -16.59 19.61 -40.99
C ASN E 147 -17.10 20.14 -42.31
N THR E 148 -16.24 20.23 -43.32
CA THR E 148 -16.63 20.66 -44.64
C THR E 148 -16.85 19.50 -45.60
N ARG E 149 -16.47 18.29 -45.22
CA ARG E 149 -17.10 17.13 -45.79
C ARG E 149 -18.49 17.01 -45.17
N LYS E 150 -19.43 16.47 -45.96
CA LYS E 150 -20.80 16.17 -45.51
C LYS E 150 -21.55 17.42 -45.06
N ALA E 151 -21.36 18.52 -45.77
CA ALA E 151 -22.06 19.75 -45.48
C ALA E 151 -22.89 20.15 -46.68
N TYR E 152 -24.00 20.83 -46.41
CA TYR E 152 -24.85 21.32 -47.49
C TYR E 152 -24.28 22.58 -48.13
N CYS E 153 -23.68 23.45 -47.31
CA CYS E 153 -23.28 24.80 -47.67
C CYS E 153 -22.47 25.36 -46.51
N TRP E 154 -21.49 26.20 -46.82
CA TRP E 154 -20.87 26.99 -45.76
C TRP E 154 -20.44 28.32 -46.33
N ASN E 155 -20.46 29.34 -45.49
CA ASN E 155 -20.16 30.71 -45.91
C ASN E 155 -19.15 31.30 -44.94
N ILE E 156 -18.50 32.39 -45.36
CA ILE E 156 -17.50 33.09 -44.56
C ILE E 156 -17.70 34.60 -44.72
N VAL E 157 -17.82 35.32 -43.60
CA VAL E 157 -17.91 36.78 -43.61
C VAL E 157 -16.90 37.35 -42.62
N LEU E 158 -15.98 38.18 -43.10
CA LEU E 158 -14.87 38.68 -42.29
C LEU E 158 -14.91 40.20 -42.15
N THR E 159 -14.45 40.69 -41.00
CA THR E 159 -14.52 42.11 -40.60
C THR E 159 -13.12 42.66 -40.39
N PRO E 160 -12.48 43.23 -41.41
CA PRO E 160 -11.08 43.65 -41.26
C PRO E 160 -10.94 44.94 -40.48
N TRP E 161 -9.71 45.20 -40.02
CA TRP E 161 -9.37 46.40 -39.26
C TRP E 161 -7.95 46.81 -39.65
N PRO E 162 -7.71 48.07 -40.04
CA PRO E 162 -8.64 49.19 -40.24
C PRO E 162 -9.31 49.14 -41.61
N TRP E 163 -10.52 49.67 -41.73
CA TRP E 163 -11.34 49.40 -42.90
C TRP E 163 -12.43 50.44 -43.02
N ASN E 164 -12.48 51.13 -44.15
CA ASN E 164 -13.59 52.01 -44.48
C ASN E 164 -14.51 51.26 -45.43
N GLY E 165 -15.71 50.91 -44.97
CA GLY E 165 -16.64 50.25 -45.84
C GLY E 165 -17.52 49.22 -45.17
N GLU E 166 -17.49 47.99 -45.68
CA GLU E 166 -18.44 46.95 -45.32
C GLU E 166 -17.74 45.70 -44.83
N LYS E 167 -18.48 44.63 -44.61
CA LYS E 167 -17.88 43.34 -44.39
C LYS E 167 -17.75 42.59 -45.70
N VAL E 168 -16.68 41.83 -45.84
CA VAL E 168 -16.39 41.08 -47.04
C VAL E 168 -17.04 39.71 -46.91
N GLY E 169 -17.91 39.37 -47.85
CA GLY E 169 -18.65 38.12 -47.83
C GLY E 169 -18.08 37.13 -48.82
N PHE E 170 -18.30 35.85 -48.55
CA PHE E 170 -17.96 34.76 -49.45
C PHE E 170 -19.08 33.75 -49.42
N GLU E 171 -19.87 33.68 -50.48
CA GLU E 171 -20.98 32.76 -50.52
C GLU E 171 -20.47 31.37 -50.91
N ASP E 172 -21.41 30.44 -51.16
CA ASP E 172 -21.23 28.99 -51.05
C ASP E 172 -19.98 28.41 -51.69
N ILE E 173 -19.06 27.91 -50.86
CA ILE E 173 -17.76 27.50 -51.36
C ILE E 173 -17.77 26.00 -51.66
N ARG E 174 -18.35 25.60 -52.78
CA ARG E 174 -17.93 24.39 -53.51
C ARG E 174 -17.92 24.57 -55.01
N THR E 175 -18.69 25.51 -55.56
CA THR E 175 -18.70 25.82 -56.97
C THR E 175 -18.22 27.23 -57.27
N ASN E 176 -18.47 28.17 -56.36
CA ASN E 176 -18.14 29.57 -56.60
C ASN E 176 -16.65 29.82 -56.42
N TYR E 177 -16.13 29.58 -55.21
CA TYR E 177 -14.75 29.91 -54.88
C TYR E 177 -13.94 28.63 -54.83
N THR E 178 -13.51 28.18 -56.01
CA THR E 178 -12.78 26.93 -56.14
C THR E 178 -11.33 27.14 -56.54
N SER E 179 -11.09 27.83 -57.65
CA SER E 179 -9.74 28.09 -58.13
C SER E 179 -9.15 29.31 -57.45
N ARG E 180 -7.94 29.68 -57.87
CA ARG E 180 -7.34 30.93 -57.40
C ARG E 180 -7.91 32.11 -58.16
N GLN E 181 -8.31 31.89 -59.41
CA GLN E 181 -8.90 32.95 -60.22
C GLN E 181 -10.29 33.32 -59.72
N ASP E 182 -10.98 32.41 -59.03
CA ASP E 182 -12.30 32.68 -58.51
C ASP E 182 -12.29 33.75 -57.42
N PHE E 183 -11.29 33.68 -56.52
CA PHE E 183 -11.16 34.68 -55.47
C PHE E 183 -10.81 36.04 -56.03
N LYS E 184 -10.10 36.08 -57.16
CA LYS E 184 -9.56 37.31 -57.71
C LYS E 184 -10.66 38.19 -58.27
N ASN E 185 -11.77 37.60 -58.72
CA ASN E 185 -12.89 38.34 -59.27
C ASN E 185 -13.80 38.95 -58.20
N ASN E 186 -13.48 38.79 -56.92
CA ASN E 186 -14.28 39.37 -55.87
C ASN E 186 -14.08 40.89 -55.84
N LYS E 187 -15.06 41.59 -55.28
CA LYS E 187 -15.05 43.05 -55.31
C LYS E 187 -14.03 43.62 -54.33
N ASN E 188 -13.74 42.90 -53.25
CA ASN E 188 -12.83 43.41 -52.24
C ASN E 188 -11.63 42.49 -52.06
N TRP E 189 -11.00 42.05 -53.14
CA TRP E 189 -9.84 41.18 -53.03
C TRP E 189 -8.53 41.93 -53.17
N SER E 190 -8.46 42.92 -54.05
CA SER E 190 -7.23 43.69 -54.20
C SER E 190 -7.00 44.62 -53.03
N ALA E 191 -8.04 44.93 -52.25
CA ALA E 191 -7.88 45.81 -51.10
C ALA E 191 -7.46 45.05 -49.85
N ILE E 192 -7.71 43.74 -49.80
CA ILE E 192 -7.27 42.96 -48.65
C ILE E 192 -5.81 42.54 -48.81
N VAL E 193 -5.38 42.20 -50.03
CA VAL E 193 -3.97 41.87 -50.23
C VAL E 193 -3.10 43.12 -50.38
N GLU E 194 -3.68 44.31 -50.34
CA GLU E 194 -2.92 45.55 -50.20
C GLU E 194 -2.96 46.03 -48.75
N MET E 195 -3.15 45.09 -47.84
CA MET E 195 -3.26 45.33 -46.42
C MET E 195 -2.40 44.33 -45.66
N ILE E 196 -1.97 43.26 -46.33
CA ILE E 196 -1.08 42.24 -45.80
C ILE E 196 0.32 42.57 -46.29
N LYS E 197 0.40 43.14 -47.49
CA LYS E 197 1.69 43.60 -48.00
C LYS E 197 2.19 44.79 -47.21
N THR E 198 1.29 45.62 -46.71
CA THR E 198 1.70 46.75 -45.88
C THR E 198 2.24 46.27 -44.54
N ALA E 199 1.54 45.33 -43.91
CA ALA E 199 1.93 44.85 -42.59
C ALA E 199 3.22 44.06 -42.61
N PHE E 200 3.60 43.50 -43.75
CA PHE E 200 4.91 42.88 -43.86
C PHE E 200 6.00 43.86 -44.28
N SER E 201 5.67 45.14 -44.42
CA SER E 201 6.59 46.13 -44.96
C SER E 201 6.80 47.36 -44.09
N SER E 202 5.95 47.57 -43.09
CA SER E 202 6.15 48.68 -42.18
C SER E 202 7.11 48.25 -41.06
N THR E 203 7.26 49.10 -40.05
CA THR E 203 7.95 48.72 -38.84
C THR E 203 7.02 48.66 -37.64
N ASP E 204 5.78 49.10 -37.80
CA ASP E 204 4.68 48.86 -36.88
C ASP E 204 3.45 48.42 -37.66
N GLY E 205 3.65 47.50 -38.59
CA GLY E 205 2.56 47.04 -39.43
C GLY E 205 1.62 46.14 -38.67
N LEU E 206 0.32 46.33 -38.89
CA LEU E 206 -0.70 45.59 -38.15
C LEU E 206 -1.99 45.52 -38.96
N ALA E 207 -2.43 44.31 -39.28
CA ALA E 207 -3.74 44.07 -39.87
C ALA E 207 -4.46 42.99 -39.08
N ILE E 208 -5.70 43.26 -38.69
CA ILE E 208 -6.48 42.37 -37.84
C ILE E 208 -7.77 41.98 -38.55
N PHE E 209 -8.10 40.69 -38.53
CA PHE E 209 -9.29 40.16 -39.18
C PHE E 209 -10.16 39.41 -38.17
N GLU E 210 -11.46 39.67 -38.22
CA GLU E 210 -12.46 38.96 -37.41
C GLU E 210 -13.27 38.07 -38.34
N VAL E 211 -13.04 36.77 -38.27
CA VAL E 211 -13.55 35.81 -39.26
C VAL E 211 -14.73 35.06 -38.67
N ARG E 212 -15.83 35.00 -39.41
CA ARG E 212 -17.09 34.39 -39.00
C ARG E 212 -17.58 33.44 -40.07
N ALA E 213 -18.11 32.28 -39.68
CA ALA E 213 -18.53 31.27 -40.63
C ALA E 213 -19.90 30.73 -40.27
N THR E 214 -20.60 30.18 -41.26
CA THR E 214 -21.79 29.38 -41.03
C THR E 214 -21.58 27.97 -41.60
N LEU E 215 -22.37 27.01 -41.11
CA LEU E 215 -22.27 25.62 -41.53
C LEU E 215 -23.64 24.99 -41.61
N HIS E 216 -23.95 24.36 -42.72
CA HIS E 216 -25.21 23.65 -42.92
C HIS E 216 -24.93 22.16 -43.02
N LEU E 217 -25.32 21.43 -42.00
CA LEU E 217 -25.05 20.00 -41.88
C LEU E 217 -26.38 19.25 -41.90
N PRO E 218 -26.39 17.91 -42.11
CA PRO E 218 -27.67 17.19 -42.02
C PRO E 218 -28.19 17.02 -40.60
N THR E 219 -29.27 16.26 -40.47
CA THR E 219 -29.99 16.15 -39.21
C THR E 219 -29.22 15.27 -38.22
N ASN E 220 -29.04 15.79 -36.99
CA ASN E 220 -28.30 15.14 -35.90
C ASN E 220 -26.86 14.80 -36.29
N ALA E 221 -26.28 15.58 -37.19
CA ALA E 221 -24.96 15.27 -37.70
C ALA E 221 -23.89 15.60 -36.67
N MET E 222 -22.70 15.07 -36.90
CA MET E 222 -21.64 15.07 -35.91
C MET E 222 -20.68 16.23 -36.16
N VAL E 223 -20.13 16.77 -35.07
CA VAL E 223 -19.11 17.79 -35.10
C VAL E 223 -17.83 17.21 -34.50
N ARG E 224 -16.70 17.44 -35.16
CA ARG E 224 -15.42 16.85 -34.76
C ARG E 224 -14.39 17.90 -34.40
N PRO E 225 -14.28 18.28 -33.12
CA PRO E 225 -13.23 19.18 -32.66
C PRO E 225 -11.92 18.48 -32.35
N SER E 226 -10.96 19.20 -31.77
CA SER E 226 -9.65 18.66 -31.47
C SER E 226 -9.64 17.99 -30.10
N GLN E 227 -8.60 17.19 -29.87
CA GLN E 227 -8.53 16.27 -28.75
C GLN E 227 -7.32 16.56 -27.88
N VAL E 228 -7.41 16.23 -26.59
CA VAL E 228 -6.31 16.48 -25.66
C VAL E 228 -5.29 15.37 -25.84
N PHE E 229 -4.09 15.55 -25.29
CA PHE E 229 -3.01 14.60 -25.55
C PHE E 229 -2.99 13.41 -24.60
N THR E 230 -3.33 13.59 -23.32
CA THR E 230 -3.33 12.54 -22.27
C THR E 230 -1.94 11.91 -22.11
N GLU E 231 -1.02 12.70 -21.57
CA GLU E 231 0.32 12.21 -21.22
C GLU E 231 0.30 11.05 -20.22
N SER E 245 -9.67 7.16 -25.27
CA SER E 245 -10.96 7.55 -24.71
C SER E 245 -11.62 8.70 -25.47
N ARG E 246 -10.86 9.31 -26.39
CA ARG E 246 -11.30 10.43 -27.25
C ARG E 246 -11.82 11.59 -26.40
N VAL E 247 -10.91 12.20 -25.66
CA VAL E 247 -11.23 13.33 -24.78
C VAL E 247 -11.12 14.61 -25.59
N PHE E 248 -12.10 15.50 -25.45
CA PHE E 248 -12.16 16.74 -26.21
C PHE E 248 -11.60 17.91 -25.40
N GLN E 249 -11.00 18.87 -26.11
CA GLN E 249 -10.62 20.12 -25.48
C GLN E 249 -11.86 20.98 -25.27
N SER E 250 -11.85 21.78 -24.22
CA SER E 250 -13.03 22.59 -23.93
C SER E 250 -12.66 23.81 -23.10
N THR E 251 -13.42 24.88 -23.30
CA THR E 251 -13.42 26.02 -22.40
C THR E 251 -14.83 26.18 -21.84
N THR E 252 -15.07 27.28 -21.13
CA THR E 252 -16.34 27.54 -20.48
C THR E 252 -16.95 28.79 -21.09
N ILE E 253 -18.03 28.61 -21.83
CA ILE E 253 -18.74 29.71 -22.47
C ILE E 253 -20.06 29.87 -21.74
N ASP E 254 -20.17 30.96 -20.97
CA ASP E 254 -21.38 31.36 -20.25
C ASP E 254 -21.80 30.30 -19.23
N GLY E 255 -20.84 29.58 -18.66
CA GLY E 255 -21.12 28.56 -17.68
C GLY E 255 -21.21 27.15 -18.22
N GLU E 256 -21.46 26.99 -19.52
CA GLU E 256 -21.53 25.67 -20.13
C GLU E 256 -20.18 25.27 -20.71
N ARG E 257 -19.83 24.00 -20.52
CA ARG E 257 -18.67 23.42 -21.17
C ARG E 257 -18.94 23.29 -22.67
N SER E 258 -17.91 23.50 -23.49
CA SER E 258 -18.11 23.60 -24.93
C SER E 258 -16.81 23.34 -25.67
N PRO E 259 -16.82 22.59 -26.77
CA PRO E 259 -15.57 22.28 -27.48
C PRO E 259 -15.07 23.44 -28.35
N ILE E 260 -13.76 23.47 -28.59
CA ILE E 260 -13.12 24.70 -29.04
C ILE E 260 -12.23 24.62 -30.28
N LEU E 261 -11.85 23.42 -30.73
CA LEU E 261 -10.99 23.20 -31.90
C LEU E 261 -9.58 23.81 -31.78
N GLY E 262 -9.23 24.42 -30.65
CA GLY E 262 -7.86 24.74 -30.33
C GLY E 262 -7.33 25.97 -31.05
N ALA E 263 -6.15 26.42 -30.61
CA ALA E 263 -5.50 27.57 -31.23
C ALA E 263 -4.20 27.23 -31.94
N PHE E 264 -3.51 26.17 -31.54
CA PHE E 264 -2.31 25.77 -32.27
C PHE E 264 -2.66 24.97 -33.51
N LYS E 265 -3.91 24.57 -33.66
CA LYS E 265 -4.35 23.82 -34.83
C LYS E 265 -4.95 24.73 -35.89
N THR E 266 -5.58 25.83 -35.49
CA THR E 266 -6.08 26.78 -36.47
C THR E 266 -4.95 27.60 -37.07
N GLY E 267 -3.81 27.69 -36.39
CA GLY E 267 -2.64 28.30 -36.98
C GLY E 267 -1.83 27.37 -37.86
N ALA E 268 -2.14 26.08 -37.83
CA ALA E 268 -1.46 25.11 -38.69
C ALA E 268 -2.20 24.93 -40.01
N ALA E 269 -3.47 25.32 -40.06
CA ALA E 269 -4.21 25.29 -41.31
C ALA E 269 -3.85 26.46 -42.20
N ILE E 270 -3.66 27.64 -41.60
CA ILE E 270 -3.27 28.83 -42.33
C ILE E 270 -1.88 28.66 -42.94
N ALA E 271 -1.00 27.97 -42.24
CA ALA E 271 0.36 27.71 -42.73
C ALA E 271 0.47 26.42 -43.52
N THR E 272 -0.60 26.00 -44.19
CA THR E 272 -0.54 24.88 -45.12
C THR E 272 -0.43 25.44 -46.53
N ILE E 273 0.78 25.90 -46.87
CA ILE E 273 0.99 26.65 -48.11
C ILE E 273 2.14 26.06 -48.93
N ASP E 274 2.90 25.15 -48.33
CA ASP E 274 4.18 24.71 -48.89
C ASP E 274 3.97 23.65 -49.97
N ASP E 275 4.24 24.02 -51.23
CA ASP E 275 4.31 23.02 -52.30
C ASP E 275 5.52 23.27 -53.18
N TRP E 276 6.64 23.66 -52.58
CA TRP E 276 7.86 23.88 -53.33
C TRP E 276 8.89 22.77 -53.13
N TYR E 277 8.55 21.75 -52.34
CA TYR E 277 9.43 20.60 -52.12
C TYR E 277 9.61 19.82 -53.43
N PRO E 278 10.77 19.18 -53.64
CA PRO E 278 11.27 18.93 -55.01
C PRO E 278 10.41 18.08 -55.94
N GLU E 279 9.38 17.39 -55.44
CA GLU E 279 8.34 16.84 -56.32
C GLU E 279 7.00 16.98 -55.61
N ALA E 280 6.29 18.06 -55.92
CA ALA E 280 5.13 18.46 -55.15
C ALA E 280 3.86 17.78 -55.63
N THR E 281 2.97 17.49 -54.69
CA THR E 281 1.62 17.05 -55.02
C THR E 281 0.52 17.71 -54.19
N GLU E 282 0.81 18.27 -53.01
CA GLU E 282 -0.18 18.89 -52.14
C GLU E 282 0.50 19.78 -51.11
N PRO E 283 -0.18 20.80 -50.57
CA PRO E 283 0.47 21.70 -49.61
C PRO E 283 0.72 21.04 -48.25
N LEU E 284 1.89 21.34 -47.69
CA LEU E 284 2.32 20.81 -46.40
C LEU E 284 2.32 21.91 -45.35
N ARG E 285 2.42 21.47 -44.10
CA ARG E 285 2.73 22.38 -43.02
C ARG E 285 4.18 22.85 -43.15
N VAL E 286 4.38 24.17 -43.08
CA VAL E 286 5.72 24.73 -43.21
C VAL E 286 6.55 24.38 -41.99
N GLY E 287 7.74 23.82 -42.22
CA GLY E 287 8.57 23.40 -41.11
C GLY E 287 10.02 23.39 -41.53
N ARG E 288 10.87 23.04 -40.58
CA ARG E 288 12.31 23.07 -40.81
C ARG E 288 12.73 21.91 -41.70
N PHE E 289 12.16 20.74 -41.46
CA PHE E 289 12.53 19.55 -42.19
C PHE E 289 11.44 18.98 -43.06
N GLY E 290 10.26 19.60 -43.11
CA GLY E 290 9.27 19.27 -44.11
C GLY E 290 8.43 18.05 -43.86
N VAL E 291 7.99 17.82 -42.62
CA VAL E 291 7.30 16.58 -42.28
C VAL E 291 5.90 16.57 -42.90
N HIS E 292 5.38 15.35 -43.08
CA HIS E 292 4.10 15.13 -43.72
C HIS E 292 3.42 14.00 -42.96
N ARG E 293 2.18 14.24 -42.54
CA ARG E 293 1.65 13.57 -41.37
C ARG E 293 0.85 12.31 -41.68
N GLU E 294 0.25 12.21 -42.87
CA GLU E 294 -0.43 10.97 -43.25
C GLU E 294 0.54 9.81 -43.43
N ASP E 295 1.41 9.84 -44.43
CA ASP E 295 2.49 8.89 -44.52
C ASP E 295 3.77 9.54 -43.99
N VAL E 296 4.47 8.81 -43.12
CA VAL E 296 5.39 9.37 -42.15
C VAL E 296 6.76 9.57 -42.81
N THR E 297 6.83 9.36 -44.12
CA THR E 297 8.01 9.74 -44.88
C THR E 297 8.15 11.26 -44.86
N CYS E 298 9.35 11.73 -44.60
CA CYS E 298 9.63 13.15 -44.40
C CYS E 298 10.29 13.70 -45.65
N TYR E 299 9.51 14.38 -46.48
CA TYR E 299 10.06 15.12 -47.61
C TYR E 299 10.81 16.33 -47.07
N ARG E 300 11.65 16.93 -47.92
CA ARG E 300 12.56 18.04 -47.56
C ARG E 300 13.55 17.60 -46.48
N HIS E 301 14.07 16.38 -46.62
CA HIS E 301 15.01 15.80 -45.67
C HIS E 301 16.35 16.55 -45.73
N PRO E 302 17.15 16.54 -44.64
CA PRO E 302 18.47 17.19 -44.70
C PRO E 302 19.55 16.53 -45.55
N SER E 303 19.22 15.44 -46.26
CA SER E 303 20.19 14.84 -47.16
C SER E 303 20.25 15.59 -48.49
N THR E 304 19.10 15.93 -49.05
CA THR E 304 19.06 16.61 -50.35
C THR E 304 19.51 18.06 -50.28
N GLY E 305 19.63 18.64 -49.10
CA GLY E 305 20.05 20.01 -48.98
C GLY E 305 18.97 21.03 -49.27
N LYS E 306 17.70 20.65 -49.15
CA LYS E 306 16.60 21.55 -49.42
C LYS E 306 15.87 21.98 -48.16
N ASP E 307 16.27 21.48 -47.00
CA ASP E 307 15.65 21.92 -45.75
C ASP E 307 16.10 23.33 -45.39
N PHE E 308 15.64 23.80 -44.23
CA PHE E 308 15.83 25.20 -43.87
C PHE E 308 17.28 25.50 -43.50
N PHE E 309 17.92 24.63 -42.73
CA PHE E 309 19.26 24.92 -42.23
C PHE E 309 20.31 24.91 -43.33
N SER E 310 20.09 24.14 -44.40
CA SER E 310 21.06 24.12 -45.49
C SER E 310 20.99 25.39 -46.31
N ILE E 311 19.79 25.81 -46.70
CA ILE E 311 19.66 27.00 -47.56
C ILE E 311 19.76 28.29 -46.79
N LEU E 312 19.78 28.25 -45.46
CA LEU E 312 20.09 29.45 -44.69
C LEU E 312 21.59 29.73 -44.67
N GLN E 313 22.42 28.71 -44.81
CA GLN E 313 23.86 28.91 -44.86
C GLN E 313 24.35 29.38 -46.23
N GLN E 314 23.46 29.53 -47.20
CA GLN E 314 23.75 30.25 -48.43
C GLN E 314 23.08 31.62 -48.44
N ALA E 315 22.97 32.26 -47.27
CA ALA E 315 22.30 33.56 -47.20
C ALA E 315 23.11 34.64 -47.90
N GLU E 316 24.44 34.55 -47.87
CA GLU E 316 25.25 35.50 -48.62
C GLU E 316 25.17 35.22 -50.11
N HIS E 317 24.91 33.97 -50.49
CA HIS E 317 24.77 33.64 -51.90
C HIS E 317 23.50 34.24 -52.50
N TYR E 318 22.37 34.14 -51.78
CA TYR E 318 21.11 34.61 -52.36
C TYR E 318 20.96 36.13 -52.30
N ILE E 319 21.78 36.82 -51.51
CA ILE E 319 21.82 38.28 -51.57
C ILE E 319 22.38 38.76 -52.90
N GLU E 320 23.51 38.18 -53.32
CA GLU E 320 24.25 38.70 -54.46
C GLU E 320 23.60 38.33 -55.79
N VAL E 321 22.83 37.23 -55.81
CA VAL E 321 22.19 36.78 -57.04
C VAL E 321 21.10 37.75 -57.48
N LEU E 322 20.20 38.10 -56.58
CA LEU E 322 19.14 39.03 -56.92
C LEU E 322 19.54 40.49 -56.76
N SER E 323 20.83 40.79 -56.66
CA SER E 323 21.31 42.16 -56.79
C SER E 323 21.86 42.38 -58.20
N THR E 327 16.19 36.62 -62.69
CA THR E 327 16.37 35.63 -61.63
C THR E 327 15.49 34.39 -61.88
N PRO E 328 16.05 33.20 -61.63
CA PRO E 328 15.36 31.96 -62.02
C PRO E 328 14.32 31.54 -60.99
N ALA E 329 13.08 31.33 -61.45
CA ALA E 329 12.05 30.76 -60.59
C ALA E 329 12.05 29.24 -60.69
N GLN E 330 13.23 28.63 -60.55
CA GLN E 330 13.41 27.19 -60.64
C GLN E 330 14.01 26.61 -59.37
N GLU E 331 15.09 27.22 -58.87
CA GLU E 331 15.61 26.89 -57.56
C GLU E 331 15.86 28.12 -56.71
N THR E 332 16.05 29.30 -57.30
CA THR E 332 16.33 30.50 -56.53
C THR E 332 15.07 31.08 -55.90
N ILE E 333 14.02 31.31 -56.69
CA ILE E 333 12.83 31.92 -56.14
C ILE E 333 12.02 30.93 -55.32
N ASN E 334 12.09 29.63 -55.64
CA ASN E 334 11.39 28.64 -54.83
C ASN E 334 12.06 28.43 -53.48
N ASP E 335 13.35 28.77 -53.37
CA ASP E 335 14.00 28.70 -52.07
C ASP E 335 13.86 29.98 -51.28
N MET E 336 13.60 31.11 -51.94
CA MET E 336 13.35 32.34 -51.19
C MET E 336 11.98 32.31 -50.55
N HIS E 337 11.03 31.62 -51.16
CA HIS E 337 9.70 31.50 -50.55
C HIS E 337 9.75 30.59 -49.32
N PHE E 338 10.53 29.50 -49.39
CA PHE E 338 10.64 28.63 -48.23
C PHE E 338 11.42 29.28 -47.11
N LEU E 339 12.43 30.10 -47.45
CA LEU E 339 13.26 30.71 -46.42
C LEU E 339 12.52 31.86 -45.75
N MET E 340 11.69 32.58 -46.51
CA MET E 340 10.92 33.69 -45.92
C MET E 340 9.68 33.21 -45.19
N ALA E 341 9.27 31.95 -45.40
CA ALA E 341 8.06 31.46 -44.73
C ALA E 341 8.39 30.81 -43.40
N ASN E 342 9.62 30.32 -43.24
CA ASN E 342 10.04 29.84 -41.93
C ASN E 342 10.37 30.99 -40.99
N LEU E 343 10.68 32.17 -41.52
CA LEU E 343 10.90 33.32 -40.66
C LEU E 343 9.58 33.93 -40.20
N ILE E 344 8.49 33.66 -40.93
CA ILE E 344 7.17 34.11 -40.48
C ILE E 344 6.62 33.14 -39.44
N LYS E 345 6.98 31.85 -39.55
CA LYS E 345 6.60 30.88 -38.53
C LYS E 345 7.28 31.17 -37.19
N GLY E 346 8.56 31.50 -37.21
CA GLY E 346 9.31 31.79 -36.01
C GLY E 346 9.98 30.55 -35.43
N GLY E 347 10.88 30.78 -34.50
CA GLY E 347 11.46 29.65 -33.80
C GLY E 347 12.82 29.85 -33.17
N MET E 348 13.66 28.82 -33.30
CA MET E 348 14.94 28.74 -32.59
C MET E 348 15.95 28.20 -33.59
N PHE E 349 16.80 29.05 -34.12
CA PHE E 349 17.69 28.65 -35.22
C PHE E 349 19.14 28.68 -34.72
N GLN E 350 19.59 27.62 -34.05
CA GLN E 350 20.98 27.57 -33.64
C GLN E 350 21.40 26.13 -33.32
N HIS E 351 22.71 25.91 -33.37
CA HIS E 351 23.35 24.76 -32.75
C HIS E 351 24.81 25.15 -32.48
N LYS E 352 25.47 24.31 -31.69
CA LYS E 352 26.88 24.55 -31.37
C LYS E 352 27.79 24.10 -32.51
N LYS F 4 4.70 -7.39 -44.64
CA LYS F 4 3.27 -7.08 -44.67
C LYS F 4 2.78 -6.59 -43.32
N LEU F 5 1.75 -5.73 -43.34
CA LEU F 5 1.19 -4.99 -42.21
C LEU F 5 2.27 -4.20 -41.47
N PRO F 6 2.78 -3.08 -42.02
CA PRO F 6 3.95 -2.42 -41.45
C PRO F 6 3.60 -1.41 -40.35
N THR F 7 3.00 -1.91 -39.26
CA THR F 7 2.92 -1.36 -37.91
C THR F 7 2.15 -0.05 -37.77
N ASN F 8 1.76 0.57 -38.88
CA ASN F 8 0.94 1.79 -38.80
C ASN F 8 0.13 1.87 -40.10
N LEU F 9 -1.10 1.39 -40.05
CA LEU F 9 -2.03 1.52 -41.17
C LEU F 9 -3.43 1.70 -40.59
N ALA F 10 -4.18 2.64 -41.15
CA ALA F 10 -5.52 2.92 -40.65
C ALA F 10 -6.33 3.54 -41.76
N TYR F 11 -7.60 3.16 -41.83
CA TYR F 11 -8.59 3.76 -42.70
C TYR F 11 -9.62 4.53 -41.90
N GLU F 12 -10.35 5.39 -42.59
CA GLU F 12 -11.47 6.11 -42.01
C GLU F 12 -12.74 5.59 -42.67
N ARG F 13 -13.85 5.62 -41.92
CA ARG F 13 -15.10 5.02 -42.35
C ARG F 13 -15.68 5.78 -43.54
N SER F 14 -16.65 5.15 -44.21
CA SER F 14 -17.24 5.73 -45.40
C SER F 14 -18.76 5.68 -45.37
N ILE F 15 -19.35 5.41 -44.21
CA ILE F 15 -20.80 5.48 -44.00
C ILE F 15 -21.03 6.16 -42.67
N ASP F 16 -21.85 7.21 -42.65
CA ASP F 16 -21.98 8.12 -41.51
C ASP F 16 -23.42 8.24 -41.03
N PRO F 17 -23.92 7.26 -40.27
CA PRO F 17 -25.28 7.38 -39.72
C PRO F 17 -25.31 8.19 -38.44
N SER F 18 -26.50 8.71 -38.14
CA SER F 18 -26.72 9.56 -36.98
C SER F 18 -27.65 8.84 -36.00
N ASP F 19 -28.01 9.54 -34.92
CA ASP F 19 -29.01 9.03 -33.98
C ASP F 19 -30.39 9.03 -34.62
N VAL F 20 -31.31 8.30 -34.00
CA VAL F 20 -32.70 8.23 -34.45
C VAL F 20 -33.54 8.93 -33.38
N CYS F 21 -34.64 9.54 -33.80
CA CYS F 21 -35.50 10.28 -32.89
C CYS F 21 -36.94 9.80 -33.04
N PHE F 22 -37.63 9.63 -31.91
CA PHE F 22 -38.98 9.10 -31.89
C PHE F 22 -39.95 10.22 -31.57
N PHE F 23 -40.87 10.49 -32.50
CA PHE F 23 -41.91 11.48 -32.30
C PHE F 23 -43.28 10.81 -32.35
N VAL F 24 -44.20 11.34 -31.55
CA VAL F 24 -45.55 10.82 -31.46
C VAL F 24 -46.46 11.80 -32.15
N VAL F 25 -47.06 11.38 -33.26
CA VAL F 25 -47.96 12.23 -34.02
C VAL F 25 -49.38 11.98 -33.53
N TRP F 26 -50.10 13.05 -33.27
CA TRP F 26 -51.48 13.00 -32.81
C TRP F 26 -52.41 12.95 -34.02
N PRO F 27 -53.71 12.68 -33.83
CA PRO F 27 -54.63 12.79 -34.98
C PRO F 27 -54.77 14.19 -35.54
N ASP F 28 -54.48 15.23 -34.75
CA ASP F 28 -54.61 16.61 -35.18
C ASP F 28 -53.34 17.17 -35.77
N ASP F 29 -52.46 16.30 -36.29
CA ASP F 29 -51.22 16.65 -37.00
C ASP F 29 -50.28 17.46 -36.09
N ARG F 30 -50.10 16.97 -34.88
CA ARG F 30 -49.21 17.55 -33.90
C ARG F 30 -48.18 16.51 -33.48
N LYS F 31 -46.92 16.92 -33.40
CA LYS F 31 -45.84 16.00 -33.08
C LYS F 31 -45.18 16.39 -31.77
N THR F 32 -45.09 15.44 -30.85
CA THR F 32 -44.42 15.59 -29.57
C THR F 32 -43.34 14.53 -29.44
N PRO F 33 -42.33 14.75 -28.60
CA PRO F 33 -41.32 13.72 -28.37
C PRO F 33 -41.84 12.59 -27.49
N LEU F 34 -41.44 11.37 -27.83
CA LEU F 34 -41.84 10.16 -27.10
C LEU F 34 -41.05 10.06 -25.80
N THR F 35 -41.73 10.24 -24.67
CA THR F 35 -41.07 10.18 -23.38
C THR F 35 -41.48 8.95 -22.60
N TYR F 36 -40.54 8.44 -21.80
CA TYR F 36 -40.65 7.16 -21.11
C TYR F 36 -40.76 7.37 -19.60
N ASN F 37 -40.71 6.26 -18.85
CA ASN F 37 -40.87 6.27 -17.40
C ASN F 37 -39.76 5.46 -16.76
N SER F 38 -39.41 5.84 -15.53
CA SER F 38 -38.36 5.17 -14.77
C SER F 38 -38.92 4.69 -13.45
N ARG F 39 -38.42 3.55 -12.97
CA ARG F 39 -38.92 2.87 -11.79
C ARG F 39 -37.76 2.42 -10.92
N THR F 40 -37.88 2.67 -9.62
CA THR F 40 -36.83 2.28 -8.70
C THR F 40 -37.41 1.65 -7.43
N PRO F 72 -28.89 2.73 -9.05
CA PRO F 72 -28.60 1.44 -8.40
C PRO F 72 -29.33 0.32 -9.13
N HIS F 73 -30.47 -0.08 -8.58
CA HIS F 73 -31.45 -0.84 -9.33
C HIS F 73 -32.47 0.14 -9.90
N GLN F 74 -32.51 0.24 -11.22
CA GLN F 74 -33.42 1.15 -11.92
C GLN F 74 -33.84 0.46 -13.19
N VAL F 75 -35.14 0.48 -13.49
CA VAL F 75 -35.73 -0.23 -14.63
C VAL F 75 -36.64 0.73 -15.37
N ASP F 76 -36.52 0.77 -16.70
CA ASP F 76 -37.23 1.73 -17.53
C ASP F 76 -38.35 1.07 -18.34
N PHE F 77 -39.36 1.87 -18.68
CA PHE F 77 -40.58 1.40 -19.33
C PHE F 77 -41.03 2.43 -20.34
N CYS F 78 -41.20 2.02 -21.60
CA CYS F 78 -41.61 2.93 -22.66
C CYS F 78 -42.76 2.33 -23.47
N HIS F 79 -43.76 3.16 -23.78
CA HIS F 79 -44.95 2.71 -24.49
C HIS F 79 -45.52 3.85 -25.31
N VAL F 80 -46.35 3.48 -26.27
CA VAL F 80 -47.08 4.47 -27.07
C VAL F 80 -48.20 5.06 -26.23
N PRO F 81 -48.33 6.38 -26.16
CA PRO F 81 -49.43 6.97 -25.37
C PRO F 81 -50.78 6.76 -26.04
N TYR F 82 -51.81 6.58 -25.21
CA TYR F 82 -53.14 6.24 -25.70
C TYR F 82 -53.77 7.39 -26.48
N GLY F 83 -54.40 7.05 -27.61
CA GLY F 83 -55.02 8.01 -28.47
C GLY F 83 -54.15 8.49 -29.62
N ALA F 84 -52.91 8.03 -29.70
CA ALA F 84 -52.00 8.47 -30.73
C ALA F 84 -52.23 7.70 -32.03
N SER F 85 -51.95 8.36 -33.15
CA SER F 85 -52.13 7.72 -34.45
C SER F 85 -51.00 6.72 -34.73
N HIS F 86 -49.77 7.22 -34.83
CA HIS F 86 -48.61 6.38 -35.09
C HIS F 86 -47.35 7.07 -34.58
N ILE F 87 -46.20 6.52 -34.95
CA ILE F 87 -44.89 6.88 -34.41
C ILE F 87 -43.95 7.18 -35.58
N GLU F 88 -43.20 8.29 -35.48
CA GLU F 88 -42.28 8.68 -36.54
C GLU F 88 -40.82 8.56 -36.10
N CYS F 89 -39.95 8.36 -37.09
CA CYS F 89 -38.52 8.15 -36.89
C CYS F 89 -37.75 8.85 -37.99
N SER F 90 -36.64 9.49 -37.64
CA SER F 90 -35.86 10.24 -38.61
C SER F 90 -34.38 10.22 -38.27
N PHE F 91 -33.55 9.81 -39.23
CA PHE F 91 -32.10 9.91 -39.09
C PHE F 91 -31.54 10.38 -40.43
N SER F 92 -30.23 10.34 -40.57
CA SER F 92 -29.56 10.72 -41.81
C SER F 92 -28.28 9.92 -41.95
N VAL F 93 -27.87 9.66 -43.19
CA VAL F 93 -26.70 8.85 -43.46
C VAL F 93 -25.98 9.44 -44.67
N SER F 94 -24.66 9.28 -44.72
CA SER F 94 -23.84 9.86 -45.78
C SER F 94 -22.92 8.80 -46.37
N PHE F 95 -22.73 8.87 -47.68
CA PHE F 95 -21.90 7.92 -48.42
C PHE F 95 -20.73 8.67 -49.03
N SER F 96 -19.59 8.63 -48.37
CA SER F 96 -18.43 9.41 -48.77
C SER F 96 -17.37 8.50 -49.37
N SER F 97 -16.21 9.08 -49.68
CA SER F 97 -15.19 8.39 -50.46
C SER F 97 -13.85 8.25 -49.73
N GLU F 98 -13.87 7.82 -48.47
CA GLU F 98 -12.63 7.67 -47.71
C GLU F 98 -12.00 6.30 -47.86
N LEU F 99 -12.36 5.53 -48.88
CA LEU F 99 -11.78 4.22 -49.11
C LEU F 99 -10.77 4.20 -50.25
N ARG F 100 -10.48 5.35 -50.86
CA ARG F 100 -9.57 5.35 -51.99
C ARG F 100 -8.12 5.31 -51.53
N GLN F 101 -7.77 6.13 -50.55
CA GLN F 101 -6.45 6.09 -49.93
C GLN F 101 -6.60 5.92 -48.43
N PRO F 102 -5.61 5.31 -47.76
CA PRO F 102 -5.65 5.22 -46.30
C PRO F 102 -5.49 6.57 -45.60
N TYR F 103 -5.61 6.53 -44.27
CA TYR F 103 -5.46 7.70 -43.42
C TYR F 103 -4.03 7.89 -42.94
N LYS F 104 -3.38 6.82 -42.49
CA LYS F 104 -1.94 6.78 -42.25
C LYS F 104 -1.43 5.49 -42.87
N CYS F 105 -0.23 5.54 -43.46
CA CYS F 105 0.14 4.39 -44.29
C CYS F 105 1.51 3.80 -44.00
N ASN F 106 2.48 4.65 -43.60
CA ASN F 106 3.81 4.29 -43.08
C ASN F 106 4.73 3.65 -44.10
N SER F 107 4.26 3.34 -45.31
CA SER F 107 5.06 2.54 -46.23
C SER F 107 4.54 2.71 -47.64
N SER F 108 5.44 2.99 -48.58
CA SER F 108 5.06 3.09 -49.99
C SER F 108 5.28 1.77 -50.71
N LYS F 109 4.79 0.67 -50.12
CA LYS F 109 4.58 -0.56 -50.86
C LYS F 109 3.20 -1.08 -50.52
N VAL F 110 2.71 -0.78 -49.30
CA VAL F 110 1.31 -0.98 -49.00
C VAL F 110 0.49 0.24 -49.42
N LYS F 111 1.14 1.30 -49.89
CA LYS F 111 0.42 2.44 -50.42
C LYS F 111 -0.13 2.14 -51.81
N GLN F 112 0.75 1.88 -52.77
CA GLN F 112 0.30 1.72 -54.16
C GLN F 112 -0.35 0.38 -54.42
N THR F 113 -0.23 -0.59 -53.51
CA THR F 113 -0.93 -1.85 -53.67
C THR F 113 -2.40 -1.70 -53.33
N LEU F 114 -2.71 -1.10 -52.18
CA LEU F 114 -4.11 -0.97 -51.77
C LEU F 114 -4.82 0.14 -52.52
N VAL F 115 -4.08 1.07 -53.12
CA VAL F 115 -4.69 2.05 -54.01
C VAL F 115 -5.11 1.37 -55.32
N GLN F 116 -4.32 0.40 -55.77
CA GLN F 116 -4.60 -0.28 -57.03
C GLN F 116 -5.73 -1.29 -56.91
N LEU F 117 -5.90 -1.91 -55.73
CA LEU F 117 -6.97 -2.89 -55.54
C LEU F 117 -8.34 -2.25 -55.58
N VAL F 118 -8.50 -1.09 -54.93
CA VAL F 118 -9.77 -0.40 -54.92
C VAL F 118 -10.04 0.22 -56.30
N GLU F 119 -8.99 0.47 -57.07
CA GLU F 119 -9.12 1.05 -58.39
C GLU F 119 -9.34 0.00 -59.47
N LEU F 120 -8.90 -1.24 -59.25
CA LEU F 120 -9.22 -2.34 -60.16
C LEU F 120 -10.55 -3.00 -59.86
N TYR F 121 -11.00 -2.96 -58.61
CA TYR F 121 -12.33 -3.44 -58.26
C TYR F 121 -13.41 -2.56 -58.86
N GLU F 122 -13.12 -1.29 -59.07
CA GLU F 122 -14.06 -0.36 -59.70
C GLU F 122 -14.35 -0.75 -61.15
N THR F 123 -13.39 -1.37 -61.83
CA THR F 123 -13.53 -1.69 -63.25
C THR F 123 -14.09 -3.09 -63.48
N LYS F 124 -13.40 -4.11 -62.98
CA LYS F 124 -13.73 -5.49 -63.34
C LYS F 124 -15.01 -5.95 -62.66
N ILE F 125 -15.23 -5.56 -61.41
CA ILE F 125 -16.43 -6.00 -60.69
C ILE F 125 -17.50 -4.92 -60.75
N GLY F 126 -17.18 -3.73 -60.24
CA GLY F 126 -18.15 -2.65 -60.17
C GLY F 126 -18.74 -2.53 -58.78
N TRP F 127 -19.26 -1.34 -58.49
CA TRP F 127 -19.83 -1.05 -57.18
C TRP F 127 -21.29 -1.44 -57.07
N THR F 128 -21.78 -2.31 -57.95
CA THR F 128 -23.20 -2.62 -58.00
C THR F 128 -23.62 -3.55 -56.87
N GLU F 129 -22.82 -4.59 -56.60
CA GLU F 129 -23.24 -5.61 -55.66
C GLU F 129 -23.14 -5.12 -54.21
N LEU F 130 -22.30 -4.12 -53.95
CA LEU F 130 -22.25 -3.58 -52.60
C LEU F 130 -23.30 -2.50 -52.38
N ALA F 131 -23.51 -1.63 -53.37
CA ALA F 131 -24.41 -0.48 -53.19
C ALA F 131 -25.86 -0.93 -53.05
N THR F 132 -26.23 -2.03 -53.70
CA THR F 132 -27.60 -2.54 -53.59
C THR F 132 -27.85 -3.15 -52.22
N ARG F 133 -26.85 -3.80 -51.64
CA ARG F 133 -27.02 -4.44 -50.33
C ARG F 133 -27.10 -3.42 -49.20
N TYR F 134 -26.28 -2.37 -49.24
CA TYR F 134 -26.36 -1.32 -48.23
C TYR F 134 -27.67 -0.55 -48.31
N LEU F 135 -28.21 -0.39 -49.52
CA LEU F 135 -29.39 0.45 -49.69
C LEU F 135 -30.65 -0.26 -49.22
N MET F 136 -30.74 -1.58 -49.43
CA MET F 136 -31.95 -2.30 -49.06
C MET F 136 -32.15 -2.37 -47.56
N ASN F 137 -31.07 -2.47 -46.77
CA ASN F 137 -31.19 -2.39 -45.33
C ASN F 137 -31.61 -1.01 -44.84
N ILE F 138 -31.39 0.03 -45.66
CA ILE F 138 -31.98 1.33 -45.36
C ILE F 138 -33.45 1.34 -45.76
N CYS F 139 -33.78 0.67 -46.87
CA CYS F 139 -35.11 0.77 -47.44
C CYS F 139 -36.13 -0.09 -46.70
N ASN F 140 -35.78 -1.33 -46.36
CA ASN F 140 -36.78 -2.24 -45.82
C ASN F 140 -36.89 -2.20 -44.29
N GLY F 141 -36.44 -1.11 -43.66
CA GLY F 141 -36.65 -0.93 -42.23
C GLY F 141 -35.83 -1.84 -41.34
N LYS F 142 -34.71 -2.37 -41.83
CA LYS F 142 -33.82 -3.23 -41.04
C LYS F 142 -33.26 -2.50 -39.83
N TRP F 143 -33.06 -1.19 -39.95
CA TRP F 143 -32.58 -0.34 -38.86
C TRP F 143 -33.62 -0.15 -37.75
N LEU F 144 -34.88 -0.52 -37.98
CA LEU F 144 -35.85 -0.70 -36.90
C LEU F 144 -35.73 -2.15 -36.47
N TRP F 145 -34.99 -2.39 -35.38
CA TRP F 145 -34.57 -3.73 -34.98
C TRP F 145 -35.69 -4.68 -34.61
N LYS F 146 -36.40 -4.40 -33.52
CA LYS F 146 -37.49 -5.25 -33.05
C LYS F 146 -38.75 -4.44 -32.79
N ASN F 147 -38.86 -3.29 -33.45
CA ASN F 147 -40.04 -2.44 -33.33
C ASN F 147 -41.00 -2.67 -34.49
N THR F 148 -40.66 -3.54 -35.42
CA THR F 148 -41.54 -3.89 -36.53
C THR F 148 -42.40 -5.10 -36.21
N ARG F 149 -41.98 -5.93 -35.26
CA ARG F 149 -42.78 -7.07 -34.83
C ARG F 149 -44.07 -6.57 -34.17
N LYS F 150 -45.19 -7.16 -34.59
CA LYS F 150 -46.55 -6.72 -34.28
C LYS F 150 -46.77 -5.26 -34.71
N ALA F 151 -46.69 -5.05 -36.02
CA ALA F 151 -47.03 -3.77 -36.62
C ALA F 151 -48.00 -4.01 -37.77
N TYR F 152 -48.88 -3.04 -38.00
CA TYR F 152 -49.86 -3.18 -39.07
C TYR F 152 -49.27 -2.79 -40.42
N CYS F 153 -48.66 -1.62 -40.49
CA CYS F 153 -48.15 -1.06 -41.73
C CYS F 153 -47.07 -0.05 -41.40
N TRP F 154 -46.00 -0.05 -42.17
CA TRP F 154 -45.02 1.03 -42.04
C TRP F 154 -44.51 1.45 -43.40
N ASN F 155 -44.22 2.74 -43.52
CA ASN F 155 -43.86 3.38 -44.78
C ASN F 155 -42.58 4.18 -44.56
N ILE F 156 -41.72 4.21 -45.57
CA ILE F 156 -40.40 4.83 -45.46
C ILE F 156 -40.18 5.76 -46.65
N VAL F 157 -39.83 7.02 -46.37
CA VAL F 157 -39.67 8.06 -47.37
C VAL F 157 -38.23 8.57 -47.31
N LEU F 158 -37.54 8.53 -48.43
CA LEU F 158 -36.18 9.05 -48.55
C LEU F 158 -36.22 10.52 -48.97
N THR F 159 -35.07 11.18 -48.83
CA THR F 159 -34.92 12.56 -49.30
C THR F 159 -33.47 12.74 -49.71
N PRO F 160 -33.13 12.37 -50.94
CA PRO F 160 -31.72 12.39 -51.35
C PRO F 160 -31.26 13.80 -51.69
N TRP F 161 -29.94 13.91 -51.85
CA TRP F 161 -29.25 15.15 -52.17
C TRP F 161 -27.87 14.83 -52.71
N PRO F 162 -27.43 15.42 -53.83
CA PRO F 162 -28.07 16.38 -54.75
C PRO F 162 -29.12 15.72 -55.63
N TRP F 163 -30.24 16.40 -55.85
CA TRP F 163 -31.40 15.71 -56.40
C TRP F 163 -32.28 16.69 -57.16
N ASN F 164 -32.67 16.30 -58.37
CA ASN F 164 -33.63 17.04 -59.18
C ASN F 164 -34.84 16.14 -59.38
N GLY F 165 -35.91 16.41 -58.61
CA GLY F 165 -37.10 15.59 -58.72
C GLY F 165 -38.00 15.52 -57.50
N GLU F 166 -38.29 14.30 -57.05
CA GLU F 166 -39.41 14.03 -56.17
C GLU F 166 -38.92 13.27 -54.93
N LYS F 167 -39.69 13.40 -53.85
CA LYS F 167 -39.56 12.51 -52.69
C LYS F 167 -39.76 11.06 -53.13
N VAL F 168 -38.94 10.17 -52.61
CA VAL F 168 -39.01 8.76 -52.96
C VAL F 168 -39.81 8.05 -51.87
N GLY F 169 -40.70 7.15 -52.27
CA GLY F 169 -41.57 6.47 -51.33
C GLY F 169 -41.42 4.98 -51.39
N PHE F 170 -41.72 4.34 -50.26
CA PHE F 170 -41.77 2.88 -50.14
C PHE F 170 -42.94 2.59 -49.20
N GLU F 171 -44.10 2.28 -49.76
CA GLU F 171 -45.33 2.23 -48.99
C GLU F 171 -45.78 0.80 -48.72
N ASP F 172 -46.22 0.57 -47.47
CA ASP F 172 -46.71 -0.71 -46.94
C ASP F 172 -45.71 -1.84 -47.22
N ILE F 173 -44.56 -1.74 -46.57
CA ILE F 173 -43.36 -2.46 -46.98
C ILE F 173 -43.51 -3.96 -46.73
N ARG F 174 -44.30 -4.34 -45.71
CA ARG F 174 -44.50 -5.75 -45.38
C ARG F 174 -45.18 -6.51 -46.51
N THR F 175 -46.14 -5.89 -47.18
CA THR F 175 -46.93 -6.57 -48.20
C THR F 175 -46.65 -6.07 -49.61
N ASN F 176 -45.62 -5.25 -49.82
CA ASN F 176 -45.35 -4.77 -51.16
C ASN F 176 -43.89 -4.90 -51.58
N TYR F 177 -42.96 -4.82 -50.63
CA TYR F 177 -41.53 -4.85 -50.92
C TYR F 177 -40.88 -5.91 -50.05
N THR F 178 -40.53 -7.06 -50.63
CA THR F 178 -39.93 -8.14 -49.80
C THR F 178 -38.67 -8.76 -50.43
N SER F 179 -38.47 -8.58 -51.74
CA SER F 179 -37.31 -9.20 -52.42
C SER F 179 -36.57 -8.17 -53.27
N ARG F 180 -35.35 -8.48 -53.67
CA ARG F 180 -34.54 -7.59 -54.50
C ARG F 180 -35.30 -7.11 -55.74
N GLN F 181 -36.32 -7.85 -56.18
CA GLN F 181 -37.01 -7.53 -57.41
C GLN F 181 -38.14 -6.52 -57.23
N ASP F 182 -38.78 -6.49 -56.05
CA ASP F 182 -39.77 -5.45 -55.78
C ASP F 182 -39.14 -4.06 -55.76
N PHE F 183 -37.88 -3.96 -55.32
CA PHE F 183 -37.19 -2.68 -55.38
C PHE F 183 -36.84 -2.33 -56.82
N LYS F 184 -36.52 -3.33 -57.64
CA LYS F 184 -36.07 -3.05 -58.99
C LYS F 184 -37.23 -2.66 -59.91
N ASN F 185 -38.47 -2.92 -59.50
CA ASN F 185 -39.64 -2.42 -60.22
C ASN F 185 -39.99 -0.99 -59.86
N ASN F 186 -39.23 -0.33 -59.00
CA ASN F 186 -39.60 1.01 -58.56
C ASN F 186 -39.20 2.03 -59.63
N LYS F 187 -39.94 3.13 -59.64
CA LYS F 187 -39.67 4.25 -60.54
C LYS F 187 -38.35 4.94 -60.22
N ASN F 188 -37.90 4.89 -58.97
CA ASN F 188 -36.73 5.63 -58.51
C ASN F 188 -35.70 4.70 -57.88
N TRP F 189 -35.34 3.62 -58.57
CA TRP F 189 -34.28 2.77 -58.09
C TRP F 189 -33.03 2.89 -58.96
N SER F 190 -33.18 3.40 -60.18
CA SER F 190 -32.04 3.58 -61.07
C SER F 190 -31.18 4.77 -60.71
N ALA F 191 -31.70 5.69 -59.90
CA ALA F 191 -30.98 6.90 -59.55
C ALA F 191 -30.38 6.86 -58.16
N ILE F 192 -30.85 5.96 -57.29
CA ILE F 192 -30.39 5.89 -55.92
C ILE F 192 -29.44 4.70 -55.72
N VAL F 193 -29.48 3.69 -56.59
CA VAL F 193 -28.31 2.84 -56.77
C VAL F 193 -27.19 3.63 -57.42
N GLU F 194 -27.54 4.49 -58.36
CA GLU F 194 -26.66 5.56 -58.81
C GLU F 194 -26.52 6.59 -57.68
N MET F 195 -25.56 7.50 -57.80
CA MET F 195 -25.18 8.60 -56.89
C MET F 195 -24.56 8.08 -55.59
N ILE F 196 -24.59 6.76 -55.36
CA ILE F 196 -23.70 6.11 -54.43
C ILE F 196 -22.52 5.48 -55.17
N LYS F 197 -22.81 4.96 -56.37
CA LYS F 197 -21.77 4.43 -57.25
C LYS F 197 -20.80 5.53 -57.67
N THR F 198 -21.30 6.75 -57.90
CA THR F 198 -20.40 7.86 -58.16
C THR F 198 -19.71 8.32 -56.90
N ALA F 199 -20.36 8.17 -55.74
CA ALA F 199 -19.79 8.62 -54.47
C ALA F 199 -18.66 7.74 -53.99
N PHE F 200 -18.47 6.55 -54.56
CA PHE F 200 -17.28 5.76 -54.27
C PHE F 200 -16.25 5.83 -55.39
N SER F 201 -16.67 6.18 -56.61
CA SER F 201 -15.78 6.13 -57.75
C SER F 201 -15.03 7.44 -57.94
N SER F 202 -15.69 8.57 -57.73
CA SER F 202 -15.08 9.87 -57.95
C SER F 202 -14.40 10.36 -56.69
N THR F 203 -13.20 10.91 -56.85
CA THR F 203 -12.48 11.48 -55.72
C THR F 203 -13.18 12.74 -55.22
N ASP F 204 -13.23 12.88 -53.89
CA ASP F 204 -14.01 13.90 -53.18
C ASP F 204 -15.50 13.84 -53.58
N GLY F 205 -16.09 12.65 -53.45
CA GLY F 205 -17.50 12.47 -53.72
C GLY F 205 -18.33 12.49 -52.46
N LEU F 206 -19.63 12.60 -52.64
CA LEU F 206 -20.54 12.77 -51.51
C LEU F 206 -21.95 12.39 -51.93
N ALA F 207 -22.70 11.84 -50.98
CA ALA F 207 -24.12 11.52 -51.16
C ALA F 207 -24.76 11.46 -49.79
N ILE F 208 -25.86 12.18 -49.62
CA ILE F 208 -26.50 12.36 -48.31
C ILE F 208 -27.97 11.98 -48.45
N PHE F 209 -28.45 11.14 -47.52
CA PHE F 209 -29.84 10.68 -47.52
C PHE F 209 -30.49 11.06 -46.19
N GLU F 210 -31.58 11.80 -46.26
CA GLU F 210 -32.50 11.94 -45.14
C GLU F 210 -33.51 10.82 -45.21
N VAL F 211 -33.85 10.24 -44.06
CA VAL F 211 -34.71 9.06 -44.01
C VAL F 211 -35.81 9.33 -42.98
N ARG F 212 -37.06 9.04 -43.35
CA ARG F 212 -38.20 9.17 -42.44
C ARG F 212 -39.08 7.92 -42.53
N ALA F 213 -39.60 7.48 -41.38
CA ALA F 213 -40.45 6.30 -41.32
C ALA F 213 -41.63 6.56 -40.40
N THR F 214 -42.77 5.93 -40.69
CA THR F 214 -43.97 6.01 -39.85
C THR F 214 -44.43 4.60 -39.52
N LEU F 215 -44.57 4.31 -38.22
CA LEU F 215 -44.90 2.96 -37.74
C LEU F 215 -46.30 2.93 -37.14
N HIS F 216 -47.20 2.19 -37.77
CA HIS F 216 -48.57 1.99 -37.27
C HIS F 216 -48.58 0.74 -36.38
N LEU F 217 -48.33 0.94 -35.12
CA LEU F 217 -48.29 0.01 -34.01
C LEU F 217 -49.63 -0.02 -33.28
N PRO F 218 -50.01 -1.15 -32.64
CA PRO F 218 -51.31 -1.20 -31.96
C PRO F 218 -51.37 -0.34 -30.71
N THR F 219 -52.53 -0.29 -30.05
CA THR F 219 -52.69 0.62 -28.92
C THR F 219 -51.96 0.08 -27.69
N ASN F 220 -51.25 0.99 -27.00
CA ASN F 220 -50.37 0.72 -25.88
C ASN F 220 -49.32 -0.34 -26.23
N ALA F 221 -48.59 -0.07 -27.30
CA ALA F 221 -47.55 -0.97 -27.80
C ALA F 221 -46.19 -0.55 -27.26
N MET F 222 -45.33 -1.53 -27.01
CA MET F 222 -44.03 -1.28 -26.41
C MET F 222 -42.98 -0.93 -27.47
N VAL F 223 -42.16 0.07 -27.16
CA VAL F 223 -41.09 0.53 -28.02
C VAL F 223 -39.77 0.13 -27.38
N ARG F 224 -38.80 -0.28 -28.21
CA ARG F 224 -37.56 -0.88 -27.74
C ARG F 224 -36.36 -0.06 -28.20
N PRO F 225 -35.91 0.92 -27.40
CA PRO F 225 -34.69 1.65 -27.75
C PRO F 225 -33.42 0.97 -27.29
N SER F 226 -32.28 1.63 -27.46
CA SER F 226 -30.99 1.10 -27.02
C SER F 226 -30.86 1.19 -25.51
N GLN F 227 -29.83 0.53 -24.99
CA GLN F 227 -29.63 0.40 -23.55
C GLN F 227 -28.21 0.78 -23.17
N VAL F 228 -28.09 1.51 -22.06
CA VAL F 228 -26.79 1.93 -21.54
C VAL F 228 -26.03 0.71 -21.05
N PHE F 229 -24.70 0.72 -21.24
CA PHE F 229 -23.83 -0.41 -20.98
C PHE F 229 -23.84 -0.87 -19.53
N THR F 230 -23.34 -0.03 -18.61
CA THR F 230 -23.36 -0.25 -17.16
C THR F 230 -22.67 -1.57 -16.78
N GLU F 231 -21.34 -1.55 -16.94
CA GLU F 231 -20.45 -2.67 -16.66
C GLU F 231 -20.69 -3.31 -15.30
N LYS F 232 -21.09 -4.58 -15.32
CA LYS F 232 -21.45 -5.29 -14.10
C LYS F 232 -20.21 -5.82 -13.38
N SER F 245 -31.51 -2.61 -14.06
CA SER F 245 -31.10 -2.93 -15.43
C SER F 245 -32.08 -2.33 -16.43
N ARG F 246 -31.71 -2.40 -17.72
CA ARG F 246 -32.45 -1.82 -18.83
C ARG F 246 -32.60 -0.31 -18.64
N VAL F 247 -31.45 0.36 -18.70
CA VAL F 247 -31.38 1.82 -18.63
C VAL F 247 -31.28 2.36 -20.05
N PHE F 248 -32.19 3.26 -20.41
CA PHE F 248 -32.29 3.73 -21.78
C PHE F 248 -31.25 4.80 -22.09
N GLN F 249 -30.77 4.80 -23.34
CA GLN F 249 -29.94 5.89 -23.85
C GLN F 249 -30.86 7.04 -24.24
N SER F 250 -30.73 8.17 -23.56
CA SER F 250 -31.66 9.27 -23.73
C SER F 250 -30.97 10.49 -24.33
N THR F 251 -31.78 11.40 -24.83
CA THR F 251 -31.32 12.72 -25.25
C THR F 251 -32.43 13.71 -24.94
N THR F 252 -32.12 15.00 -25.07
CA THR F 252 -33.06 16.07 -24.79
C THR F 252 -33.55 16.65 -26.11
N ILE F 253 -34.82 16.40 -26.43
CA ILE F 253 -35.46 16.96 -27.62
C ILE F 253 -36.62 17.82 -27.15
N ASP F 254 -36.56 19.12 -27.48
CA ASP F 254 -37.54 20.14 -27.08
C ASP F 254 -37.72 20.21 -25.57
N GLY F 255 -36.64 19.99 -24.82
CA GLY F 255 -36.63 20.16 -23.39
C GLY F 255 -36.88 18.91 -22.57
N GLU F 256 -37.68 17.98 -23.07
CA GLU F 256 -37.99 16.74 -22.35
C GLU F 256 -37.17 15.59 -22.92
N ARG F 257 -36.89 14.62 -22.06
CA ARG F 257 -36.00 13.52 -22.44
C ARG F 257 -36.72 12.53 -23.35
N SER F 258 -35.95 11.87 -24.21
CA SER F 258 -36.47 10.93 -25.20
C SER F 258 -35.37 9.95 -25.56
N PRO F 259 -35.72 8.71 -25.87
CA PRO F 259 -34.70 7.73 -26.25
C PRO F 259 -34.27 7.87 -27.71
N ILE F 260 -33.16 7.23 -28.04
CA ILE F 260 -32.45 7.49 -29.30
C ILE F 260 -32.38 6.25 -30.20
N LEU F 261 -32.21 5.06 -29.61
CA LEU F 261 -31.81 3.83 -30.31
C LEU F 261 -30.44 3.97 -30.98
N GLY F 262 -29.58 4.83 -30.43
CA GLY F 262 -28.15 4.83 -30.73
C GLY F 262 -27.70 5.27 -32.10
N ALA F 263 -26.42 5.65 -32.20
CA ALA F 263 -25.80 5.93 -33.49
C ALA F 263 -24.82 4.85 -33.92
N PHE F 264 -24.27 4.11 -32.96
CA PHE F 264 -23.53 2.90 -33.29
C PHE F 264 -24.46 1.71 -33.44
N LYS F 265 -25.67 1.79 -32.88
CA LYS F 265 -26.65 0.74 -33.03
C LYS F 265 -27.21 0.70 -34.45
N THR F 266 -27.52 1.87 -35.00
CA THR F 266 -28.03 1.97 -36.37
C THR F 266 -26.93 1.94 -37.42
N GLY F 267 -25.67 1.84 -37.02
CA GLY F 267 -24.59 1.67 -37.98
C GLY F 267 -24.32 0.21 -38.16
N ALA F 268 -24.72 -0.59 -37.18
CA ALA F 268 -24.60 -2.04 -37.27
C ALA F 268 -25.65 -2.64 -38.19
N ALA F 269 -26.85 -2.05 -38.23
CA ALA F 269 -27.94 -2.61 -39.01
C ALA F 269 -27.71 -2.47 -40.51
N ILE F 270 -27.13 -1.36 -40.93
CA ILE F 270 -26.86 -1.14 -42.35
C ILE F 270 -25.71 -2.04 -42.82
N ALA F 271 -24.77 -2.37 -41.94
CA ALA F 271 -23.57 -3.10 -42.34
C ALA F 271 -23.75 -4.61 -42.40
N THR F 272 -24.93 -5.14 -42.06
CA THR F 272 -25.17 -6.59 -42.11
C THR F 272 -25.36 -7.02 -43.56
N ILE F 273 -24.24 -7.28 -44.26
CA ILE F 273 -24.31 -7.70 -45.66
C ILE F 273 -23.44 -8.94 -45.89
N ASP F 274 -22.96 -9.57 -44.82
CA ASP F 274 -21.96 -10.61 -44.93
C ASP F 274 -22.62 -11.99 -44.91
N ASP F 275 -22.66 -12.65 -46.07
CA ASP F 275 -22.99 -14.06 -46.13
C ASP F 275 -22.00 -14.80 -47.04
N TRP F 276 -20.73 -14.45 -46.97
CA TRP F 276 -19.72 -15.15 -47.74
C TRP F 276 -18.81 -16.01 -46.87
N TYR F 277 -19.06 -16.06 -45.58
CA TYR F 277 -18.46 -17.08 -44.73
C TYR F 277 -19.01 -18.44 -45.16
N PRO F 278 -18.20 -19.51 -45.07
CA PRO F 278 -18.58 -20.78 -45.73
C PRO F 278 -19.82 -21.41 -45.13
N GLU F 279 -20.69 -21.90 -46.03
CA GLU F 279 -22.02 -22.47 -45.67
C GLU F 279 -22.78 -21.41 -44.88
N ALA F 280 -23.01 -20.24 -45.50
CA ALA F 280 -23.68 -19.14 -44.80
C ALA F 280 -25.19 -19.25 -44.88
N THR F 281 -25.84 -19.17 -43.72
CA THR F 281 -27.30 -19.20 -43.66
C THR F 281 -27.94 -17.86 -43.34
N GLU F 282 -27.20 -16.91 -42.80
CA GLU F 282 -27.80 -15.69 -42.28
C GLU F 282 -26.77 -14.58 -42.47
N PRO F 283 -27.20 -13.37 -42.85
CA PRO F 283 -26.23 -12.28 -43.04
C PRO F 283 -25.71 -11.77 -41.70
N LEU F 284 -24.39 -11.64 -41.62
CA LEU F 284 -23.72 -11.15 -40.43
C LEU F 284 -23.20 -9.73 -40.63
N ARG F 285 -22.78 -9.12 -39.52
CA ARG F 285 -22.20 -7.79 -39.53
C ARG F 285 -20.73 -7.90 -39.88
N VAL F 286 -20.23 -6.92 -40.65
CA VAL F 286 -18.89 -7.00 -41.22
C VAL F 286 -17.87 -6.70 -40.13
N GLY F 287 -17.13 -7.73 -39.71
CA GLY F 287 -16.00 -7.56 -38.81
C GLY F 287 -14.82 -8.36 -39.34
N ARG F 288 -13.72 -8.31 -38.60
CA ARG F 288 -12.50 -8.97 -39.07
C ARG F 288 -12.54 -10.48 -38.86
N PHE F 289 -13.28 -10.95 -37.86
CA PHE F 289 -13.34 -12.37 -37.57
C PHE F 289 -14.75 -12.92 -37.62
N GLY F 290 -15.67 -12.24 -38.30
CA GLY F 290 -17.02 -12.74 -38.53
C GLY F 290 -17.84 -13.05 -37.30
N VAL F 291 -17.82 -12.16 -36.32
CA VAL F 291 -18.37 -12.45 -35.00
C VAL F 291 -19.89 -12.42 -35.05
N HIS F 292 -20.52 -13.47 -34.53
CA HIS F 292 -21.95 -13.50 -34.33
C HIS F 292 -22.24 -13.19 -32.87
N ARG F 293 -23.34 -12.49 -32.62
CA ARG F 293 -23.60 -11.89 -31.31
C ARG F 293 -24.54 -12.73 -30.43
N GLU F 294 -25.62 -13.27 -31.00
CA GLU F 294 -26.65 -13.94 -30.20
C GLU F 294 -26.11 -15.20 -29.53
N ASP F 295 -25.69 -16.17 -30.33
CA ASP F 295 -24.72 -17.13 -29.83
C ASP F 295 -23.34 -16.47 -29.81
N VAL F 296 -22.52 -16.89 -28.85
CA VAL F 296 -21.25 -16.22 -28.61
C VAL F 296 -20.11 -16.92 -29.33
N THR F 297 -20.42 -17.66 -30.39
CA THR F 297 -19.39 -18.15 -31.29
C THR F 297 -19.03 -17.08 -32.31
N CYS F 298 -18.01 -17.38 -33.10
CA CYS F 298 -17.68 -16.59 -34.26
C CYS F 298 -17.31 -17.53 -35.40
N TYR F 299 -17.69 -17.15 -36.62
CA TYR F 299 -17.27 -17.82 -37.84
C TYR F 299 -15.93 -17.23 -38.26
N ARG F 300 -15.50 -17.44 -39.52
CA ARG F 300 -14.39 -16.70 -40.14
C ARG F 300 -13.06 -16.82 -39.41
N HIS F 301 -12.89 -17.86 -38.58
CA HIS F 301 -11.77 -17.98 -37.66
C HIS F 301 -10.47 -18.16 -38.45
N PRO F 302 -9.33 -17.70 -37.92
CA PRO F 302 -8.06 -17.83 -38.68
C PRO F 302 -7.60 -19.26 -38.93
N SER F 303 -8.15 -20.26 -38.26
CA SER F 303 -7.87 -21.64 -38.62
C SER F 303 -8.49 -22.00 -39.97
N THR F 304 -9.60 -21.34 -40.32
CA THR F 304 -10.23 -21.60 -41.61
C THR F 304 -9.42 -21.00 -42.75
N GLY F 305 -8.75 -19.88 -42.50
CA GLY F 305 -8.05 -19.15 -43.53
C GLY F 305 -8.87 -18.10 -44.24
N LYS F 306 -9.99 -17.68 -43.64
CA LYS F 306 -10.93 -16.79 -44.32
C LYS F 306 -11.14 -15.47 -43.59
N ASP F 307 -10.34 -15.15 -42.59
CA ASP F 307 -10.46 -13.85 -41.94
C ASP F 307 -9.78 -12.77 -42.79
N PHE F 308 -9.82 -11.53 -42.29
CA PHE F 308 -9.32 -10.41 -43.08
C PHE F 308 -7.81 -10.40 -43.16
N PHE F 309 -7.13 -10.74 -42.06
CA PHE F 309 -5.68 -10.57 -42.02
C PHE F 309 -4.96 -11.65 -42.82
N SER F 310 -5.65 -12.74 -43.17
CA SER F 310 -5.08 -13.74 -44.06
C SER F 310 -5.50 -13.53 -45.50
N ILE F 311 -6.31 -12.51 -45.79
CA ILE F 311 -6.61 -12.11 -47.16
C ILE F 311 -5.88 -10.82 -47.53
N LEU F 312 -5.74 -9.91 -46.56
CA LEU F 312 -5.03 -8.65 -46.79
C LEU F 312 -3.54 -8.90 -47.07
N GLN F 313 -2.95 -9.93 -46.47
CA GLN F 313 -1.59 -10.32 -46.80
C GLN F 313 -1.47 -10.87 -48.21
N GLN F 314 -2.55 -11.37 -48.79
CA GLN F 314 -2.54 -11.95 -50.13
C GLN F 314 -2.90 -10.94 -51.21
N ALA F 315 -2.58 -9.66 -51.02
CA ALA F 315 -3.04 -8.62 -51.93
C ALA F 315 -2.37 -8.72 -53.29
N GLU F 316 -1.11 -9.17 -53.34
CA GLU F 316 -0.40 -9.23 -54.62
C GLU F 316 -0.90 -10.40 -55.46
N HIS F 317 -1.47 -11.42 -54.81
CA HIS F 317 -2.01 -12.58 -55.53
C HIS F 317 -3.22 -12.19 -56.39
N TYR F 318 -4.04 -11.25 -55.91
CA TYR F 318 -5.29 -10.95 -56.58
C TYR F 318 -5.18 -9.90 -57.67
N ILE F 319 -4.02 -9.29 -57.86
CA ILE F 319 -3.83 -8.38 -58.99
C ILE F 319 -3.79 -9.19 -60.28
N GLU F 320 -3.28 -10.42 -60.20
CA GLU F 320 -3.07 -11.26 -61.36
C GLU F 320 -4.39 -11.68 -62.02
N VAL F 321 -5.38 -12.06 -61.22
CA VAL F 321 -6.62 -12.58 -61.78
C VAL F 321 -7.51 -11.45 -62.32
N LEU F 322 -7.45 -10.28 -61.70
CA LEU F 322 -8.28 -9.16 -62.13
C LEU F 322 -7.67 -8.35 -63.27
N SER F 323 -6.45 -8.67 -63.68
CA SER F 323 -5.74 -7.89 -64.70
C SER F 323 -6.40 -7.99 -66.07
N PRO F 328 -12.44 -15.86 -63.77
CA PRO F 328 -12.46 -15.93 -62.31
C PRO F 328 -13.74 -15.38 -61.69
N ALA F 329 -14.66 -16.28 -61.33
CA ALA F 329 -15.90 -15.88 -60.69
C ALA F 329 -16.37 -16.87 -59.64
N GLN F 330 -15.45 -17.56 -58.96
CA GLN F 330 -15.84 -18.68 -58.12
C GLN F 330 -15.79 -18.35 -56.63
N GLU F 331 -14.62 -17.97 -56.12
CA GLU F 331 -14.46 -17.44 -54.76
C GLU F 331 -13.50 -16.28 -54.69
N THR F 332 -12.75 -15.98 -55.75
CA THR F 332 -11.88 -14.82 -55.76
C THR F 332 -12.70 -13.53 -55.81
N ILE F 333 -13.91 -13.61 -56.33
CA ILE F 333 -14.85 -12.50 -56.21
C ILE F 333 -15.46 -12.45 -54.82
N ASN F 334 -15.92 -13.60 -54.32
CA ASN F 334 -16.72 -13.66 -53.10
C ASN F 334 -15.95 -13.33 -51.82
N ASP F 335 -14.63 -13.14 -51.88
CA ASP F 335 -13.90 -12.63 -50.74
C ASP F 335 -13.41 -11.20 -50.91
N MET F 336 -13.41 -10.65 -52.12
CA MET F 336 -13.17 -9.22 -52.27
C MET F 336 -14.38 -8.40 -51.85
N HIS F 337 -15.58 -8.99 -51.91
CA HIS F 337 -16.74 -8.37 -51.29
C HIS F 337 -16.57 -8.27 -49.77
N PHE F 338 -15.78 -9.17 -49.20
CA PHE F 338 -15.44 -9.04 -47.78
C PHE F 338 -14.27 -8.09 -47.59
N LEU F 339 -13.37 -8.02 -48.57
CA LEU F 339 -12.23 -7.11 -48.46
C LEU F 339 -12.65 -5.67 -48.66
N MET F 340 -13.56 -5.41 -49.61
CA MET F 340 -14.07 -4.06 -49.83
C MET F 340 -14.95 -3.59 -48.67
N ALA F 341 -15.71 -4.50 -48.06
CA ALA F 341 -16.57 -4.10 -46.96
C ALA F 341 -15.81 -3.87 -45.66
N ASN F 342 -14.51 -4.20 -45.63
CA ASN F 342 -13.69 -3.86 -44.48
C ASN F 342 -13.03 -2.49 -44.65
N LEU F 343 -12.69 -2.13 -45.89
CA LEU F 343 -12.14 -0.81 -46.14
C LEU F 343 -13.20 0.27 -46.05
N ILE F 344 -14.46 -0.07 -46.34
CA ILE F 344 -15.56 0.85 -46.10
C ILE F 344 -15.85 0.95 -44.60
N LYS F 345 -15.50 -0.07 -43.82
CA LYS F 345 -15.77 -0.04 -42.39
C LYS F 345 -14.80 0.89 -41.66
N GLY F 346 -13.50 0.78 -41.95
CA GLY F 346 -12.48 1.55 -41.28
C GLY F 346 -11.52 0.65 -40.50
N GLY F 347 -10.94 1.21 -39.47
CA GLY F 347 -10.20 0.42 -38.48
C GLY F 347 -8.70 0.55 -38.61
N MET F 348 -8.01 0.31 -37.50
CA MET F 348 -6.56 0.24 -37.50
C MET F 348 -6.11 -1.16 -37.90
N PHE F 349 -5.19 -1.25 -38.85
CA PHE F 349 -4.71 -2.51 -39.43
C PHE F 349 -3.21 -2.56 -39.19
N GLN F 350 -2.78 -2.99 -38.01
CA GLN F 350 -1.38 -2.81 -37.69
C GLN F 350 -0.93 -3.79 -36.62
N HIS F 351 0.28 -4.31 -36.79
CA HIS F 351 0.93 -5.14 -35.78
C HIS F 351 2.44 -5.06 -35.91
N LEU G 4 65.37 -0.09 22.32
CA LEU G 4 66.73 0.00 21.82
C LEU G 4 67.18 1.46 21.71
N LYS G 5 67.01 2.20 22.80
CA LYS G 5 67.36 3.62 22.88
C LYS G 5 68.25 3.78 24.11
N GLU G 6 69.57 3.67 23.90
CA GLU G 6 70.52 3.45 24.98
C GLU G 6 71.21 4.74 25.41
N LEU G 7 71.76 5.48 24.46
CA LEU G 7 72.40 6.76 24.72
C LEU G 7 71.62 7.90 24.08
N ILE G 8 70.87 7.62 23.01
CA ILE G 8 69.96 8.59 22.40
C ILE G 8 68.89 9.01 23.41
N ALA G 9 68.41 8.07 24.22
CA ALA G 9 67.48 8.38 25.30
C ALA G 9 68.18 8.73 26.60
N SER G 10 69.50 8.56 26.69
CA SER G 10 70.19 8.89 27.94
C SER G 10 70.33 10.39 28.14
N ASN G 11 70.74 11.11 27.10
CA ASN G 11 70.81 12.58 27.17
C ASN G 11 70.14 13.25 25.98
N PRO G 12 68.80 13.30 25.97
CA PRO G 12 68.12 14.38 25.23
C PRO G 12 67.76 15.57 26.10
N ASP G 13 68.21 15.56 27.36
CA ASP G 13 67.94 16.59 28.37
C ASP G 13 66.44 16.75 28.62
N ASP G 14 65.78 15.66 28.98
CA ASP G 14 64.38 15.73 29.37
C ASP G 14 64.24 15.85 30.88
N LEU G 15 64.61 14.79 31.61
CA LEU G 15 64.35 14.62 33.03
C LEU G 15 64.97 13.35 33.58
N THR G 16 64.87 13.14 34.90
CA THR G 16 65.52 12.00 35.55
C THR G 16 64.81 10.70 35.24
N THR G 17 63.50 10.64 35.46
CA THR G 17 62.76 9.38 35.47
C THR G 17 62.46 8.82 34.08
N GLU G 18 63.09 9.34 33.02
CA GLU G 18 63.03 8.65 31.73
C GLU G 18 63.70 7.29 31.80
N LEU G 19 64.78 7.18 32.55
CA LEU G 19 65.44 5.90 32.73
C LEU G 19 64.64 4.99 33.65
N LYS G 20 63.99 5.57 34.66
CA LYS G 20 63.20 4.78 35.61
C LYS G 20 61.98 4.16 34.94
N ARG G 21 61.42 4.85 33.95
CA ARG G 21 60.36 4.24 33.15
C ARG G 21 60.91 3.20 32.17
N ALA G 22 62.22 3.20 31.94
CA ALA G 22 62.82 2.38 30.89
C ALA G 22 63.36 1.04 31.37
N PHE G 23 63.65 0.90 32.66
CA PHE G 23 64.04 -0.38 33.20
C PHE G 23 62.87 -1.18 33.75
N ARG G 24 61.82 -0.49 34.21
CA ARG G 24 60.64 -1.17 34.72
C ARG G 24 59.89 -1.83 33.56
N PRO G 25 59.63 -3.16 33.64
CA PRO G 25 59.30 -3.96 32.45
C PRO G 25 57.91 -3.78 31.87
N LEU G 26 57.56 -2.54 31.54
CA LEU G 26 56.35 -2.23 30.78
C LEU G 26 56.68 -1.37 29.57
N THR G 27 57.83 -1.62 28.98
CA THR G 27 58.45 -0.77 27.98
C THR G 27 59.37 -1.63 27.14
N PRO G 28 59.68 -1.22 25.91
CA PRO G 28 60.78 -1.88 25.19
C PRO G 28 62.11 -1.69 25.89
N HIS G 29 62.97 -2.68 25.74
CA HIS G 29 64.23 -2.76 26.47
C HIS G 29 65.26 -1.77 25.93
N ILE G 30 66.37 -1.67 26.65
CA ILE G 30 67.58 -1.03 26.18
C ILE G 30 68.71 -2.06 26.23
N ALA G 31 69.85 -1.71 25.63
CA ALA G 31 70.96 -2.64 25.44
C ALA G 31 72.25 -2.02 25.97
N ILE G 32 72.61 -2.37 27.21
CA ILE G 32 73.76 -1.74 27.86
C ILE G 32 75.04 -2.39 27.32
N ASP G 33 75.57 -1.81 26.24
CA ASP G 33 76.74 -2.33 25.57
C ASP G 33 77.89 -1.34 25.55
N GLY G 34 77.65 -0.11 25.10
CA GLY G 34 78.71 0.87 24.95
C GLY G 34 79.05 1.59 26.23
N ASN G 35 78.07 2.27 26.82
CA ASN G 35 78.23 2.95 28.10
C ASN G 35 77.69 2.01 29.18
N GLU G 36 78.60 1.37 29.91
CA GLU G 36 78.27 0.23 30.76
C GLU G 36 78.35 0.55 32.25
N LEU G 37 79.43 1.22 32.70
CA LEU G 37 79.57 1.48 34.13
C LEU G 37 78.64 2.59 34.59
N ASP G 38 78.22 3.48 33.68
CA ASP G 38 77.31 4.54 34.06
C ASP G 38 75.86 4.07 34.15
N ALA G 39 75.56 2.85 33.68
CA ALA G 39 74.25 2.24 33.82
C ALA G 39 74.17 1.29 35.00
N LEU G 40 75.25 0.55 35.29
CA LEU G 40 75.26 -0.30 36.47
C LEU G 40 75.43 0.49 37.75
N THR G 41 75.77 1.78 37.66
CA THR G 41 75.70 2.64 38.84
C THR G 41 74.31 3.21 39.05
N ILE G 42 73.39 2.99 38.11
CA ILE G 42 72.01 3.42 38.31
C ILE G 42 71.24 2.38 39.10
N LEU G 43 71.37 1.10 38.70
CA LEU G 43 70.62 0.02 39.33
C LEU G 43 71.09 -0.25 40.75
N VAL G 44 72.35 0.07 41.07
CA VAL G 44 72.83 0.00 42.45
C VAL G 44 72.48 1.28 43.20
N ASN G 45 71.83 2.24 42.55
CA ASN G 45 71.33 3.44 43.20
C ASN G 45 69.82 3.60 43.03
N LEU G 46 69.12 2.53 42.67
CA LEU G 46 67.66 2.50 42.60
C LEU G 46 67.04 1.70 43.74
N THR G 47 67.58 1.84 44.96
CA THR G 47 67.16 0.98 46.07
C THR G 47 66.53 1.73 47.23
N ASP G 48 66.50 3.05 47.23
CA ASP G 48 66.04 3.79 48.41
C ASP G 48 64.76 4.59 48.18
N LYS G 49 64.73 5.47 47.18
CA LYS G 49 63.59 6.36 46.85
C LYS G 49 63.10 7.21 48.04
N ALA G 60 75.23 9.72 40.40
CA ALA G 60 76.08 8.57 40.14
C ALA G 60 77.38 8.66 40.92
N LYS G 61 77.77 7.53 41.53
CA LYS G 61 79.05 7.34 42.23
C LYS G 61 79.23 8.27 43.42
N CYS G 62 78.14 8.81 43.94
CA CYS G 62 78.16 9.90 44.90
C CYS G 62 77.33 9.63 46.14
N LYS G 63 76.23 8.90 46.01
CA LYS G 63 75.30 8.61 47.10
C LYS G 63 75.52 7.18 47.60
N GLN G 64 76.80 6.85 47.75
CA GLN G 64 77.28 5.49 47.99
C GLN G 64 77.04 5.08 49.45
N LYS G 65 77.74 4.01 49.86
CA LYS G 65 77.57 3.13 51.04
C LYS G 65 76.41 2.17 50.82
N LEU G 66 75.95 2.03 49.58
CA LEU G 66 74.97 1.03 49.18
C LEU G 66 75.62 -0.16 48.48
N ARG G 67 76.91 -0.40 48.71
CA ARG G 67 77.69 -1.27 47.83
C ARG G 67 78.22 -2.52 48.51
N ASP G 68 78.95 -2.39 49.61
CA ASP G 68 79.76 -3.48 50.16
C ASP G 68 79.42 -3.74 51.63
N GLU G 69 78.13 -3.91 51.90
CA GLU G 69 77.63 -4.01 53.27
C GLU G 69 76.69 -5.21 53.34
N LYS G 70 75.88 -5.27 54.39
CA LYS G 70 74.80 -6.25 54.48
C LYS G 70 73.57 -5.85 53.65
N TRP G 71 73.72 -4.86 52.77
CA TRP G 71 72.86 -4.54 51.63
C TRP G 71 72.56 -5.78 50.78
N TRP G 72 73.56 -6.65 50.64
CA TRP G 72 73.41 -7.86 49.84
C TRP G 72 72.48 -8.87 50.48
N ALA G 73 72.21 -8.76 51.79
CA ALA G 73 71.31 -9.69 52.45
C ALA G 73 69.86 -9.42 52.04
N SER G 74 69.50 -8.16 51.88
CA SER G 74 68.21 -7.80 51.31
C SER G 74 68.19 -7.90 49.79
N CYS G 75 69.36 -7.91 49.15
CA CYS G 75 69.46 -7.98 47.71
C CYS G 75 69.41 -9.40 47.18
N ILE G 76 69.76 -10.38 48.02
CA ILE G 76 69.74 -11.77 47.59
C ILE G 76 68.35 -12.40 47.77
N ASN G 77 67.52 -11.83 48.65
CA ASN G 77 66.25 -12.45 48.98
C ASN G 77 65.20 -12.23 47.89
N CYS G 78 65.41 -11.24 47.03
CA CYS G 78 64.43 -10.92 45.99
C CYS G 78 64.57 -11.81 44.75
N VAL G 79 65.67 -12.53 44.59
CA VAL G 79 65.83 -13.32 43.38
C VAL G 79 65.01 -14.62 43.43
N ASN G 80 64.63 -15.07 44.64
CA ASN G 80 63.77 -16.23 44.76
C ASN G 80 62.35 -15.91 44.28
N TYR G 81 61.87 -14.70 44.58
CA TYR G 81 60.55 -14.25 44.17
C TYR G 81 60.70 -13.48 42.87
N ARG G 82 60.52 -14.15 41.73
CA ARG G 82 60.59 -13.44 40.46
C ARG G 82 59.37 -13.60 39.58
N GLN G 83 58.57 -14.67 39.77
CA GLN G 83 57.16 -14.74 39.34
C GLN G 83 56.97 -14.56 37.83
N SER G 84 57.33 -15.61 37.10
CA SER G 84 56.79 -15.82 35.75
C SER G 84 55.30 -15.57 35.68
N HIS G 85 54.55 -16.22 36.55
CA HIS G 85 53.12 -16.00 36.68
C HIS G 85 52.84 -15.30 38.00
N ASN G 86 51.74 -14.58 38.06
CA ASN G 86 51.41 -13.79 39.23
C ASN G 86 50.33 -14.51 40.01
N PRO G 87 50.62 -15.07 41.19
CA PRO G 87 49.56 -15.72 41.97
C PRO G 87 48.66 -14.75 42.70
N LYS G 88 49.06 -13.49 42.85
CA LYS G 88 48.23 -12.47 43.48
C LYS G 88 47.28 -11.80 42.50
N PHE G 89 47.09 -12.33 41.32
CA PHE G 89 46.12 -11.68 40.47
C PHE G 89 44.81 -12.44 40.52
N PRO G 90 43.67 -11.80 40.81
CA PRO G 90 43.48 -10.39 41.13
C PRO G 90 43.27 -10.09 42.62
N ASP G 91 43.29 -11.10 43.48
CA ASP G 91 43.11 -10.89 44.92
C ASP G 91 44.47 -10.78 45.58
N ILE G 92 44.56 -9.87 46.56
CA ILE G 92 45.86 -9.46 47.11
C ILE G 92 46.48 -10.58 47.92
N ARG G 93 45.76 -11.06 48.94
CA ARG G 93 46.31 -12.09 49.82
C ARG G 93 46.33 -13.47 49.14
N SER G 94 47.46 -13.84 48.55
CA SER G 94 47.59 -15.13 47.88
C SER G 94 49.07 -15.49 47.84
N GLU G 95 49.48 -16.40 48.73
CA GLU G 95 50.87 -16.82 48.80
C GLU G 95 51.18 -17.81 47.70
N GLY G 96 52.33 -17.63 47.05
CA GLY G 96 52.76 -18.54 46.01
C GLY G 96 53.95 -18.05 45.20
N VAL G 97 54.74 -18.99 44.68
CA VAL G 97 55.86 -18.70 43.79
C VAL G 97 55.76 -19.65 42.60
N ILE G 98 55.55 -19.11 41.40
CA ILE G 98 55.43 -19.91 40.19
C ILE G 98 56.36 -19.35 39.13
N ARG G 99 57.33 -20.16 38.69
CA ARG G 99 58.25 -19.81 37.60
C ARG G 99 58.50 -21.04 36.72
N THR G 100 57.70 -21.18 35.67
CA THR G 100 57.80 -22.30 34.74
C THR G 100 57.24 -21.83 33.40
N GLN G 101 57.84 -22.29 32.31
CA GLN G 101 57.35 -21.96 30.98
C GLN G 101 56.13 -22.80 30.62
N ALA G 102 55.75 -22.75 29.33
CA ALA G 102 54.40 -23.11 28.90
C ALA G 102 54.12 -24.60 28.94
N LEU G 103 55.15 -25.45 28.98
CA LEU G 103 55.05 -26.91 28.97
C LEU G 103 54.28 -27.40 27.73
N GLY G 104 54.93 -27.23 26.59
CA GLY G 104 54.44 -27.81 25.35
C GLY G 104 54.39 -26.84 24.18
N GLU G 105 53.28 -26.87 23.45
CA GLU G 105 53.12 -26.06 22.25
C GLU G 105 51.63 -25.93 21.95
N LEU G 106 51.31 -24.96 21.11
CA LEU G 106 49.94 -24.68 20.71
C LEU G 106 49.83 -24.59 19.20
N PRO G 107 48.67 -24.94 18.63
CA PRO G 107 48.48 -24.75 17.18
C PRO G 107 48.31 -23.30 16.78
N SER G 108 48.00 -23.08 15.50
CA SER G 108 48.25 -21.79 14.87
C SER G 108 47.26 -20.71 15.28
N PHE G 109 46.04 -21.09 15.67
CA PHE G 109 44.96 -20.13 15.86
C PHE G 109 44.54 -20.00 17.33
N LEU G 110 45.48 -20.26 18.24
CA LEU G 110 45.22 -20.18 19.68
C LEU G 110 46.28 -19.29 20.33
N LEU G 111 45.90 -18.06 20.64
CA LEU G 111 46.84 -17.13 21.25
C LEU G 111 47.02 -17.47 22.73
N SER G 112 48.28 -17.60 23.15
CA SER G 112 48.63 -17.68 24.57
C SER G 112 50.07 -17.20 24.73
N SER G 113 50.64 -17.39 25.92
CA SER G 113 51.98 -16.92 26.20
C SER G 113 53.06 -17.93 25.81
N SER G 114 52.72 -18.92 24.99
CA SER G 114 53.73 -19.66 24.25
C SER G 114 54.08 -18.97 22.94
N LYS G 115 53.21 -18.07 22.48
CA LYS G 115 53.36 -17.38 21.20
C LYS G 115 54.14 -16.08 21.32
N ILE G 116 54.43 -15.63 22.54
CA ILE G 116 55.32 -14.47 22.76
C ILE G 116 56.45 -14.94 23.66
N PRO G 117 57.66 -14.38 23.54
CA PRO G 117 58.78 -14.91 24.31
C PRO G 117 58.75 -14.44 25.76
N PRO G 118 59.14 -15.29 26.71
CA PRO G 118 58.99 -15.02 28.16
C PRO G 118 60.13 -14.26 28.86
N TYR G 119 60.14 -12.94 28.74
CA TYR G 119 61.23 -12.15 29.32
C TYR G 119 60.74 -10.87 29.99
N HIS G 120 59.68 -10.95 30.80
CA HIS G 120 59.24 -9.77 31.56
C HIS G 120 58.83 -10.14 32.99
N TRP G 121 59.60 -10.98 33.67
CA TRP G 121 59.21 -11.51 34.96
C TRP G 121 59.62 -10.53 36.08
N SER G 122 58.84 -10.50 37.17
CA SER G 122 58.93 -9.37 38.09
C SER G 122 58.59 -9.75 39.54
N TYR G 123 59.25 -9.07 40.47
CA TYR G 123 59.12 -9.34 41.90
C TYR G 123 57.74 -9.00 42.42
N SER G 124 57.05 -9.98 42.99
CA SER G 124 55.77 -9.77 43.67
C SER G 124 55.74 -10.54 44.99
N HIS G 125 56.27 -9.95 46.06
CA HIS G 125 56.09 -10.53 47.39
C HIS G 125 55.44 -9.58 48.38
N ASP G 126 55.99 -8.39 48.59
CA ASP G 126 55.45 -7.47 49.59
C ASP G 126 55.81 -6.04 49.22
N SER G 127 55.60 -5.12 50.17
CA SER G 127 55.65 -3.69 49.90
C SER G 127 57.04 -3.12 50.10
N LYS G 128 57.75 -3.57 51.16
CA LYS G 128 59.01 -2.94 51.57
C LYS G 128 60.09 -3.10 50.52
N TYR G 129 60.24 -4.32 50.00
CA TYR G 129 61.38 -4.69 49.17
C TYR G 129 61.13 -4.44 47.70
N VAL G 130 60.30 -3.46 47.36
CA VAL G 130 60.06 -3.12 45.96
C VAL G 130 61.28 -2.41 45.37
N ASN G 131 61.76 -1.38 46.05
CA ASN G 131 62.95 -0.67 45.57
C ASN G 131 64.20 -1.51 45.75
N LYS G 132 64.28 -2.26 46.86
CA LYS G 132 65.43 -3.12 47.11
C LYS G 132 65.46 -4.35 46.21
N SER G 133 64.39 -4.60 45.44
CA SER G 133 64.41 -5.58 44.37
C SER G 133 64.98 -5.04 43.08
N ALA G 134 65.68 -3.91 43.12
CA ALA G 134 66.45 -3.49 41.96
C ALA G 134 67.75 -4.28 41.92
N PHE G 135 68.56 -4.00 40.88
CA PHE G 135 69.94 -4.46 40.69
C PHE G 135 70.04 -5.95 40.36
N LEU G 136 68.97 -6.73 40.51
CA LEU G 136 69.01 -8.13 40.15
C LEU G 136 67.73 -8.63 39.48
N THR G 137 66.76 -7.75 39.23
CA THR G 137 65.50 -8.14 38.62
C THR G 137 65.17 -7.32 37.37
N ASN G 138 66.10 -6.52 36.88
CA ASN G 138 65.90 -5.70 35.69
C ASN G 138 66.72 -6.28 34.53
N GLU G 139 66.30 -5.94 33.32
CA GLU G 139 66.70 -6.65 32.11
C GLU G 139 67.30 -5.67 31.11
N PHE G 140 68.51 -5.95 30.60
CA PHE G 140 69.30 -4.90 30.00
C PHE G 140 70.08 -5.25 28.72
N CYS G 141 69.99 -6.48 28.20
CA CYS G 141 70.40 -6.86 26.83
C CYS G 141 71.87 -6.56 26.55
N TRP G 142 72.76 -7.32 27.20
CA TRP G 142 74.19 -7.00 27.24
C TRP G 142 74.89 -6.92 25.88
N ASP G 143 75.00 -8.04 25.15
CA ASP G 143 75.40 -7.92 23.74
C ASP G 143 74.52 -8.72 22.78
N GLY G 144 74.12 -9.93 23.13
CA GLY G 144 73.33 -10.81 22.31
C GLY G 144 71.97 -10.98 22.94
N GLU G 145 71.91 -12.02 23.78
CA GLU G 145 70.81 -12.33 24.68
C GLU G 145 70.16 -11.10 25.34
N ILE G 146 68.83 -11.09 25.32
CA ILE G 146 68.03 -10.28 26.23
C ILE G 146 67.94 -11.04 27.55
N SER G 147 68.54 -10.49 28.59
CA SER G 147 68.72 -11.24 29.82
C SER G 147 68.69 -10.27 31.00
N CYS G 148 68.47 -10.83 32.18
CA CYS G 148 68.41 -10.08 33.42
C CYS G 148 69.82 -9.88 33.97
N LEU G 149 69.93 -9.46 35.23
CA LEU G 149 71.23 -9.25 35.84
C LEU G 149 71.56 -10.30 36.89
N GLY G 150 70.58 -11.04 37.39
CA GLY G 150 70.81 -11.97 38.49
C GLY G 150 70.98 -13.41 38.05
N GLU G 151 70.48 -13.71 36.85
CA GLU G 151 70.72 -15.01 36.23
C GLU G 151 72.00 -15.02 35.41
N LEU G 152 72.90 -14.05 35.63
CA LEU G 152 74.19 -13.93 34.96
C LEU G 152 75.36 -13.88 35.92
N LEU G 153 75.21 -13.24 37.08
CA LEU G 153 76.29 -13.09 38.04
C LEU G 153 76.44 -14.30 38.97
N LYS G 154 75.84 -15.44 38.63
CA LYS G 154 75.91 -16.63 39.48
C LYS G 154 77.03 -17.59 39.04
N ASP G 155 78.02 -17.11 38.32
CA ASP G 155 79.17 -17.91 37.95
C ASP G 155 80.43 -17.05 37.99
N ALA G 156 81.58 -17.72 37.93
CA ALA G 156 82.86 -17.02 38.04
C ALA G 156 83.30 -16.38 36.74
N ASP G 157 83.44 -17.17 35.67
CA ASP G 157 84.01 -16.70 34.41
C ASP G 157 82.99 -15.89 33.60
N HIS G 158 82.62 -14.74 34.14
CA HIS G 158 81.63 -13.89 33.54
C HIS G 158 82.17 -12.47 33.41
N PRO G 159 82.00 -11.85 32.25
CA PRO G 159 82.45 -10.46 32.07
C PRO G 159 81.52 -9.47 32.74
N LEU G 160 81.80 -8.17 32.55
CA LEU G 160 81.17 -7.05 33.27
C LEU G 160 81.09 -7.30 34.79
N TRP G 161 82.16 -7.91 35.31
CA TRP G 161 82.31 -8.28 36.70
C TRP G 161 83.61 -7.76 37.28
N ASN G 162 84.60 -7.44 36.42
CA ASN G 162 85.68 -6.55 36.78
C ASN G 162 85.19 -5.11 36.87
N THR G 163 84.03 -4.81 36.28
CA THR G 163 83.37 -3.54 36.47
C THR G 163 82.62 -3.46 37.79
N LEU G 164 82.38 -4.60 38.44
CA LEU G 164 82.03 -4.56 39.86
C LEU G 164 83.22 -4.13 40.68
N LYS G 165 84.44 -4.42 40.19
CA LYS G 165 85.68 -3.98 40.78
C LYS G 165 86.16 -2.65 40.19
N LYS G 166 85.39 -2.06 39.28
CA LYS G 166 85.60 -0.65 38.94
C LYS G 166 85.31 0.23 40.15
N LEU G 167 84.32 -0.14 40.94
CA LEU G 167 84.09 0.47 42.23
C LEU G 167 85.03 -0.20 43.23
N GLY G 168 85.96 0.57 43.79
CA GLY G 168 86.91 0.03 44.73
C GLY G 168 86.36 -0.14 46.13
N CYS G 169 85.28 -0.87 46.27
CA CYS G 169 84.65 -1.11 47.56
C CYS G 169 84.41 -2.58 47.84
N SER G 170 84.02 -3.35 46.83
CA SER G 170 83.61 -4.74 47.04
C SER G 170 84.86 -5.60 47.17
N GLN G 171 85.17 -6.00 48.40
CA GLN G 171 86.25 -6.95 48.67
C GLN G 171 85.93 -8.31 48.07
N LYS G 172 86.97 -9.10 47.82
CA LYS G 172 86.76 -10.44 47.27
C LYS G 172 86.65 -11.49 48.39
N THR G 173 85.79 -11.16 49.35
CA THR G 173 85.08 -12.12 50.18
C THR G 173 83.58 -11.90 50.14
N CYS G 174 83.11 -10.72 49.72
CA CYS G 174 81.75 -10.55 49.27
C CYS G 174 81.56 -11.05 47.84
N LYS G 175 82.64 -11.27 47.09
CA LYS G 175 82.53 -12.05 45.87
C LYS G 175 82.28 -13.52 46.19
N ALA G 176 82.78 -13.98 47.33
CA ALA G 176 82.73 -15.41 47.65
C ALA G 176 81.32 -15.84 48.04
N MET G 177 80.44 -14.90 48.37
CA MET G 177 79.05 -15.27 48.60
C MET G 177 78.25 -15.28 47.31
N ALA G 178 78.55 -14.37 46.37
CA ALA G 178 77.85 -14.36 45.09
C ALA G 178 78.25 -15.54 44.21
N LYS G 179 79.35 -16.22 44.57
CA LYS G 179 79.70 -17.50 43.95
C LYS G 179 78.59 -18.53 44.17
N GLN G 180 78.24 -18.76 45.44
CA GLN G 180 77.53 -19.97 45.84
C GLN G 180 76.12 -19.74 46.36
N LEU G 181 75.70 -18.49 46.59
CA LEU G 181 74.31 -18.22 46.96
C LEU G 181 73.33 -18.62 45.87
N ALA G 182 73.39 -17.95 44.72
CA ALA G 182 72.50 -18.26 43.61
C ALA G 182 73.03 -19.47 42.87
N ASP G 183 72.50 -20.65 43.19
CA ASP G 183 72.97 -21.88 42.55
C ASP G 183 71.91 -22.58 41.72
N ILE G 184 70.77 -22.98 42.29
CA ILE G 184 69.71 -23.68 41.57
C ILE G 184 68.37 -23.12 42.01
N THR G 185 67.77 -22.27 41.20
CA THR G 185 66.53 -21.62 41.61
C THR G 185 65.44 -21.61 40.54
N LEU G 186 65.77 -21.61 39.26
CA LEU G 186 64.86 -21.12 38.23
C LEU G 186 63.98 -22.20 37.61
N THR G 187 63.33 -23.05 38.43
CA THR G 187 62.32 -23.94 37.88
C THR G 187 61.15 -24.24 38.82
N THR G 188 60.99 -23.54 39.94
CA THR G 188 60.11 -24.04 41.00
C THR G 188 58.66 -23.65 40.78
N ILE G 189 57.77 -24.39 41.44
CA ILE G 189 56.36 -24.03 41.63
C ILE G 189 56.00 -24.36 43.07
N ASN G 190 55.61 -23.34 43.84
CA ASN G 190 55.27 -23.55 45.26
C ASN G 190 53.96 -22.84 45.58
N VAL G 191 52.85 -23.55 45.41
CA VAL G 191 51.55 -23.15 45.94
C VAL G 191 51.02 -24.29 46.80
N THR G 192 50.42 -23.92 47.93
CA THR G 192 49.73 -24.86 48.80
C THR G 192 48.25 -24.50 48.78
N LEU G 193 47.41 -25.49 48.54
CA LEU G 193 46.01 -25.23 48.26
C LEU G 193 45.18 -24.90 49.49
N ALA G 194 45.68 -25.19 50.70
CA ALA G 194 44.89 -24.90 51.89
C ALA G 194 45.79 -24.66 53.08
N PRO G 195 45.58 -23.58 53.85
CA PRO G 195 44.61 -22.50 53.64
C PRO G 195 45.10 -21.41 52.68
N ASN G 196 44.38 -21.22 51.57
CA ASN G 196 44.84 -20.26 50.57
C ASN G 196 43.63 -19.71 49.82
N TYR G 197 43.81 -18.53 49.23
CA TYR G 197 42.78 -17.82 48.51
C TYR G 197 42.84 -18.08 47.01
N LEU G 198 43.50 -19.16 46.60
CA LEU G 198 43.55 -19.52 45.19
C LEU G 198 42.19 -20.00 44.70
N THR G 199 41.89 -19.66 43.45
CA THR G 199 40.77 -20.25 42.74
C THR G 199 41.15 -21.60 42.15
N GLN G 200 40.17 -22.49 42.06
CA GLN G 200 40.36 -23.79 41.40
C GLN G 200 39.01 -24.36 41.01
N ILE G 201 39.01 -25.11 39.91
CA ILE G 201 37.83 -25.71 39.31
C ILE G 201 38.13 -27.17 39.05
N SER G 202 37.19 -27.86 38.39
CA SER G 202 37.43 -29.21 37.93
C SER G 202 36.68 -29.45 36.63
N LEU G 203 37.33 -30.18 35.72
CA LEU G 203 36.82 -30.44 34.39
C LEU G 203 37.04 -31.90 34.05
N PRO G 204 36.15 -32.50 33.26
CA PRO G 204 36.39 -33.88 32.80
C PRO G 204 37.51 -33.93 31.77
N ASP G 205 38.34 -34.95 31.88
CA ASP G 205 39.36 -35.25 30.88
C ASP G 205 38.93 -36.35 29.92
N SER G 206 38.05 -37.23 30.38
CA SER G 206 37.34 -38.19 29.56
C SER G 206 36.00 -38.43 30.26
N ASP G 207 35.32 -39.53 29.91
CA ASP G 207 34.12 -39.91 30.64
C ASP G 207 34.41 -40.90 31.75
N THR G 208 35.60 -40.85 32.33
CA THR G 208 36.01 -41.71 33.44
C THR G 208 36.50 -40.92 34.65
N SER G 209 37.26 -39.85 34.43
CA SER G 209 37.84 -39.11 35.54
C SER G 209 37.63 -37.60 35.41
N TYR G 210 38.27 -36.84 36.30
CA TYR G 210 38.18 -35.40 36.32
C TYR G 210 39.51 -34.82 36.75
N ILE G 211 39.88 -33.69 36.18
CA ILE G 211 41.14 -33.03 36.45
C ILE G 211 40.86 -31.66 37.07
N SER G 212 41.42 -31.41 38.23
CA SER G 212 41.35 -30.08 38.83
C SER G 212 42.48 -29.22 38.28
N LEU G 213 42.24 -27.91 38.23
CA LEU G 213 43.18 -26.98 37.63
C LEU G 213 42.89 -25.59 38.13
N SER G 214 43.96 -24.81 38.30
CA SER G 214 43.89 -23.47 38.86
C SER G 214 44.43 -22.48 37.85
N PRO G 215 43.62 -21.59 37.29
CA PRO G 215 44.14 -20.61 36.33
C PRO G 215 44.97 -19.53 37.02
N VAL G 216 46.10 -19.20 36.40
CA VAL G 216 46.96 -18.12 36.87
C VAL G 216 47.10 -17.08 35.75
N ALA G 217 47.79 -15.99 36.05
CA ALA G 217 47.89 -14.86 35.14
C ALA G 217 49.34 -14.64 34.77
N SER G 218 49.68 -14.87 33.51
CA SER G 218 51.03 -14.60 33.04
C SER G 218 51.23 -13.10 32.89
N LEU G 219 52.25 -12.57 33.57
CA LEU G 219 52.55 -11.16 33.44
C LEU G 219 53.55 -10.87 32.32
N SER G 220 53.65 -11.75 31.32
CA SER G 220 54.19 -11.34 30.04
C SER G 220 53.08 -10.91 29.11
N MET G 221 51.93 -11.59 29.18
CA MET G 221 50.77 -11.17 28.40
C MET G 221 50.14 -9.90 28.98
N GLN G 222 50.29 -9.68 30.28
CA GLN G 222 49.81 -8.43 30.86
C GLN G 222 50.68 -7.27 30.43
N SER G 223 52.00 -7.51 30.30
CA SER G 223 52.88 -6.46 29.81
C SER G 223 52.66 -6.22 28.33
N HIS G 224 52.52 -7.28 27.55
CA HIS G 224 52.43 -7.17 26.10
C HIS G 224 51.15 -6.49 25.65
N PHE G 225 50.03 -6.77 26.32
CA PHE G 225 48.80 -6.13 25.90
C PHE G 225 48.74 -4.67 26.37
N HIS G 226 49.44 -4.35 27.46
CA HIS G 226 49.43 -2.99 27.97
C HIS G 226 50.23 -2.05 27.07
N GLN G 227 51.50 -2.36 26.81
CA GLN G 227 52.39 -1.46 26.06
C GLN G 227 52.21 -1.56 24.53
N ARG G 228 51.10 -2.10 24.06
CA ARG G 228 50.73 -2.04 22.66
C ARG G 228 49.34 -1.44 22.45
N LEU G 229 48.55 -1.31 23.51
CA LEU G 229 47.19 -0.76 23.43
C LEU G 229 47.05 0.61 24.07
N GLN G 230 48.13 1.37 24.25
CA GLN G 230 48.03 2.61 25.02
C GLN G 230 47.68 3.81 24.15
N ASP G 231 47.44 3.62 22.86
CA ASP G 231 47.02 4.72 22.01
C ASP G 231 45.84 4.42 21.09
N GLU G 232 45.09 3.33 21.32
CA GLU G 232 43.83 3.14 20.63
C GLU G 232 42.73 2.92 21.67
N ASN G 233 41.65 3.69 21.52
CA ASN G 233 40.62 3.79 22.54
C ASN G 233 39.34 3.07 22.19
N ARG G 234 39.15 2.66 20.94
CA ARG G 234 38.02 1.82 20.58
C ARG G 234 38.22 0.37 21.00
N HIS G 235 39.39 0.00 21.49
CA HIS G 235 39.71 -1.39 21.77
C HIS G 235 40.39 -1.55 23.12
N SER G 236 40.08 -0.70 24.09
CA SER G 236 40.77 -0.76 25.37
C SER G 236 39.87 -0.22 26.48
N ALA G 237 39.81 -0.97 27.58
CA ALA G 237 38.95 -0.63 28.72
C ALA G 237 39.78 -0.68 29.99
N ILE G 238 39.77 0.41 30.76
CA ILE G 238 40.68 0.59 31.87
C ILE G 238 40.07 -0.01 33.14
N THR G 239 40.86 -0.82 33.84
CA THR G 239 40.40 -1.57 35.02
C THR G 239 41.37 -1.30 36.16
N ARG G 240 40.92 -0.61 37.19
CA ARG G 240 41.81 -0.15 38.25
C ARG G 240 41.77 -1.05 39.48
N PHE G 241 42.83 -0.93 40.29
CA PHE G 241 42.97 -1.62 41.58
C PHE G 241 43.50 -0.62 42.60
N SER G 242 43.40 -0.95 43.88
CA SER G 242 43.60 0.05 44.93
C SER G 242 44.85 -0.13 45.78
N ARG G 243 45.48 -1.31 45.80
CA ARG G 243 46.75 -1.47 46.49
C ARG G 243 47.75 -1.97 45.46
N THR G 244 48.39 -1.03 44.76
CA THR G 244 49.27 -1.36 43.66
C THR G 244 50.61 -1.90 44.11
N THR G 245 51.04 -1.54 45.33
CA THR G 245 52.35 -1.97 45.81
C THR G 245 52.38 -3.46 46.14
N ASN G 246 51.28 -4.00 46.64
CA ASN G 246 51.24 -5.40 47.06
C ASN G 246 51.19 -6.36 45.87
N MET G 247 50.67 -5.91 44.73
CA MET G 247 50.60 -6.73 43.54
C MET G 247 51.94 -6.96 42.87
N GLY G 248 52.95 -6.16 43.17
CA GLY G 248 54.23 -6.23 42.48
C GLY G 248 54.47 -5.01 41.63
N VAL G 249 55.69 -4.97 41.04
CA VAL G 249 56.12 -3.78 40.33
C VAL G 249 55.43 -3.63 38.97
N THR G 250 54.80 -4.68 38.46
CA THR G 250 54.12 -4.56 37.18
C THR G 250 52.84 -3.74 37.32
N ALA G 251 52.12 -3.94 38.41
CA ALA G 251 50.92 -3.16 38.71
C ALA G 251 51.22 -1.85 39.40
N MET G 252 52.49 -1.55 39.62
CA MET G 252 52.94 -0.30 40.21
C MET G 252 53.48 0.68 39.18
N THR G 253 54.19 0.15 38.17
CA THR G 253 54.76 0.97 37.10
C THR G 253 53.66 1.64 36.28
N CYS G 254 52.65 0.87 35.87
CA CYS G 254 51.49 1.41 35.16
C CYS G 254 50.34 1.64 36.11
N GLY G 255 50.65 2.10 37.33
CA GLY G 255 49.87 1.90 38.54
C GLY G 255 48.36 2.05 38.48
N GLY G 256 47.67 0.92 38.65
CA GLY G 256 46.24 0.85 38.52
C GLY G 256 45.72 0.48 37.15
N ALA G 257 46.25 1.06 36.08
CA ALA G 257 45.58 1.22 34.79
C ALA G 257 45.05 -0.05 34.12
N PHE G 258 45.94 -0.95 33.68
CA PHE G 258 45.59 -2.26 33.12
C PHE G 258 44.68 -2.16 31.89
N ARG G 259 45.24 -1.66 30.80
CA ARG G 259 44.54 -1.69 29.51
C ARG G 259 44.26 -3.13 29.08
N MET G 260 42.99 -3.45 28.84
CA MET G 260 42.67 -4.84 28.45
C MET G 260 41.45 -4.88 27.52
N LEU G 261 41.72 -4.82 26.21
CA LEU G 261 41.01 -5.39 25.08
C LEU G 261 39.48 -5.36 25.15
N LYS G 262 38.91 -4.16 25.06
CA LYS G 262 37.46 -3.97 25.06
C LYS G 262 36.83 -4.65 23.83
N SER G 263 35.52 -4.89 23.92
CA SER G 263 34.78 -5.75 23.00
C SER G 263 34.85 -5.30 21.54
N GLY G 264 34.97 -3.99 21.30
CA GLY G 264 35.20 -3.51 19.95
C GLY G 264 34.11 -2.61 19.41
N ALA G 265 32.85 -2.97 19.66
CA ALA G 265 31.71 -2.15 19.29
C ALA G 265 30.53 -2.54 20.17
N LYS G 266 29.50 -1.69 20.16
CA LYS G 266 28.24 -2.04 20.80
C LYS G 266 27.60 -3.20 20.05
N PHE G 267 26.95 -4.09 20.79
CA PHE G 267 26.41 -5.32 20.24
C PHE G 267 25.29 -5.04 19.25
N SER G 268 25.29 -5.80 18.15
CA SER G 268 24.38 -5.61 17.04
C SER G 268 23.51 -6.86 16.92
N SER G 269 22.22 -6.67 16.69
CA SER G 269 21.28 -7.79 16.58
C SER G 269 20.67 -7.83 15.18
N PRO G 270 21.21 -8.65 14.28
CA PRO G 270 20.61 -8.80 12.96
C PRO G 270 19.40 -9.70 13.02
N PRO G 271 18.67 -9.89 11.91
CA PRO G 271 17.72 -11.00 11.85
C PRO G 271 18.41 -12.34 12.01
N HIS G 272 17.68 -13.29 12.58
CA HIS G 272 18.31 -14.49 13.11
C HIS G 272 18.63 -15.50 12.01
N HIS G 273 17.59 -16.01 11.35
CA HIS G 273 17.76 -16.90 10.21
C HIS G 273 16.83 -16.46 9.12
N ARG G 274 17.24 -16.66 7.87
CA ARG G 274 16.37 -16.44 6.73
C ARG G 274 16.18 -17.79 6.03
N LEU G 275 15.21 -18.55 6.54
CA LEU G 275 14.78 -19.79 5.91
C LEU G 275 13.38 -19.60 5.33
N ASN G 276 12.88 -20.66 4.68
CA ASN G 276 11.55 -20.68 4.10
C ASN G 276 10.43 -20.60 5.15
N ASN G 384 19.66 -40.56 14.11
CA ASN G 384 19.47 -40.42 15.55
C ASN G 384 18.50 -39.28 15.86
N GLY G 385 19.05 -38.10 16.14
CA GLY G 385 18.24 -36.94 16.46
C GLY G 385 18.56 -36.34 17.81
N SER G 386 17.53 -36.29 18.68
CA SER G 386 17.64 -35.87 20.09
C SER G 386 18.16 -34.43 20.22
N PHE G 387 17.36 -33.48 19.72
CA PHE G 387 17.69 -32.07 19.80
C PHE G 387 16.73 -31.40 20.79
N LEU G 388 17.27 -30.94 21.91
CA LEU G 388 16.48 -30.28 22.96
C LEU G 388 16.75 -28.79 22.93
N VAL G 389 15.72 -28.00 23.18
CA VAL G 389 15.83 -26.54 23.17
C VAL G 389 15.68 -26.02 24.59
N LEU G 390 16.24 -24.83 24.82
CA LEU G 390 16.05 -24.06 26.03
C LEU G 390 15.92 -22.58 25.63
N PRO G 391 14.71 -22.04 25.60
CA PRO G 391 14.53 -20.68 25.07
C PRO G 391 14.82 -19.58 26.09
N ASN G 392 15.48 -18.55 25.59
CA ASN G 392 15.72 -17.20 26.16
C ASN G 392 16.00 -17.19 27.68
N ILE G 393 17.09 -17.87 28.04
CA ILE G 393 17.65 -17.76 29.38
C ILE G 393 18.15 -16.34 29.61
N ARG G 394 17.77 -15.74 30.74
CA ARG G 394 18.19 -14.38 31.08
C ARG G 394 19.12 -14.42 32.28
N VAL G 395 20.29 -13.79 32.15
CA VAL G 395 21.33 -13.82 33.17
C VAL G 395 21.46 -12.43 33.76
N CYS G 396 21.48 -12.35 35.10
CA CYS G 396 21.55 -11.08 35.83
C CYS G 396 22.90 -10.96 36.52
N GLY G 397 23.81 -10.21 35.93
CA GLY G 397 25.05 -9.87 36.59
C GLY G 397 26.11 -10.94 36.58
N ALA G 398 26.39 -11.51 35.41
CA ALA G 398 27.53 -12.39 35.24
C ALA G 398 28.78 -11.57 34.92
N THR G 399 29.93 -12.06 35.36
CA THR G 399 31.17 -11.33 35.20
C THR G 399 31.66 -11.39 33.76
N ALA G 400 32.44 -10.38 33.37
CA ALA G 400 32.95 -10.26 32.01
C ALA G 400 34.45 -10.42 31.92
N LEU G 401 35.18 -10.29 33.03
CA LEU G 401 36.63 -10.43 33.04
C LEU G 401 36.96 -11.91 32.91
N SER G 402 36.89 -12.40 31.69
CA SER G 402 36.96 -13.84 31.42
C SER G 402 38.38 -14.36 31.55
N SER G 403 39.27 -13.88 30.71
CA SER G 403 40.70 -14.08 30.88
C SER G 403 41.26 -12.94 31.72
N PRO G 404 42.51 -13.01 32.16
CA PRO G 404 43.12 -11.82 32.79
C PRO G 404 43.43 -10.66 31.83
N VAL G 405 43.12 -10.78 30.54
CA VAL G 405 43.50 -9.76 29.56
C VAL G 405 42.35 -9.34 28.65
N THR G 406 41.17 -9.93 28.77
CA THR G 406 40.05 -9.59 27.89
C THR G 406 38.82 -9.18 28.69
N VAL G 407 37.94 -8.43 28.03
CA VAL G 407 36.69 -7.93 28.60
C VAL G 407 35.60 -8.07 27.53
N GLY G 408 34.48 -8.69 27.88
CA GLY G 408 33.40 -8.83 26.93
C GLY G 408 32.43 -9.95 27.24
N ILE G 409 32.17 -10.83 26.28
CA ILE G 409 31.36 -12.02 26.52
C ILE G 409 32.16 -12.97 27.42
N PRO G 410 31.52 -13.67 28.37
CA PRO G 410 32.28 -14.55 29.27
C PRO G 410 32.96 -15.72 28.54
N SER G 411 33.84 -16.38 29.28
CA SER G 411 34.60 -17.50 28.72
C SER G 411 33.67 -18.64 28.40
N LEU G 412 33.90 -19.29 27.26
CA LEU G 412 33.01 -20.34 26.81
C LEU G 412 33.25 -21.66 27.52
N THR G 413 34.25 -21.75 28.39
CA THR G 413 34.31 -22.85 29.35
C THR G 413 33.29 -22.69 30.47
N ALA G 414 32.69 -21.52 30.61
CA ALA G 414 31.57 -21.38 31.53
C ALA G 414 30.25 -21.76 30.87
N PHE G 415 30.18 -21.65 29.54
CA PHE G 415 29.04 -22.24 28.83
C PHE G 415 29.15 -23.75 28.79
N PHE G 416 30.36 -24.29 28.94
CA PHE G 416 30.51 -25.74 29.03
C PHE G 416 30.08 -26.25 30.39
N GLY G 417 30.48 -25.58 31.46
CA GLY G 417 30.13 -26.03 32.79
C GLY G 417 28.65 -25.90 33.10
N PHE G 418 27.96 -24.96 32.42
CA PHE G 418 26.52 -24.82 32.58
C PHE G 418 25.79 -26.01 31.97
N VAL G 419 26.39 -26.61 30.94
CA VAL G 419 25.80 -27.79 30.31
C VAL G 419 26.12 -29.05 31.13
N HIS G 420 27.37 -29.19 31.55
CA HIS G 420 27.77 -30.43 32.22
C HIS G 420 27.23 -30.52 33.65
N ALA G 421 26.91 -29.39 34.28
CA ALA G 421 26.20 -29.46 35.55
C ALA G 421 24.70 -29.66 35.33
N PHE G 422 24.23 -29.49 34.10
CA PHE G 422 22.83 -29.77 33.78
C PHE G 422 22.63 -31.24 33.43
N GLU G 423 23.63 -31.86 32.79
CA GLU G 423 23.45 -33.25 32.41
C GLU G 423 23.71 -34.19 33.59
N ARG G 424 24.38 -33.70 34.64
CA ARG G 424 24.53 -34.50 35.85
C ARG G 424 23.27 -34.45 36.71
N ASN G 425 22.44 -33.42 36.55
CA ASN G 425 21.20 -33.35 37.31
C ASN G 425 20.15 -34.30 36.76
N ILE G 426 20.15 -34.53 35.45
CA ILE G 426 19.18 -35.46 34.88
C ILE G 426 19.62 -36.90 35.12
N ASN G 427 20.94 -37.14 35.15
CA ASN G 427 21.49 -38.47 35.42
C ASN G 427 21.25 -38.94 36.85
N ARG G 428 20.76 -38.06 37.72
CA ARG G 428 20.21 -38.42 39.02
C ARG G 428 18.91 -39.21 38.89
N THR G 429 18.23 -39.14 37.75
CA THR G 429 17.00 -39.87 37.51
C THR G 429 17.19 -40.99 36.49
N THR G 430 17.65 -40.68 35.29
CA THR G 430 18.00 -41.67 34.28
C THR G 430 19.46 -41.46 33.91
N SER G 431 20.31 -42.44 34.21
CA SER G 431 21.76 -42.24 34.09
C SER G 431 22.29 -42.64 32.73
N SER G 432 21.66 -42.18 31.66
CA SER G 432 22.18 -42.36 30.30
C SER G 432 21.89 -41.12 29.45
N PHE G 433 22.16 -39.92 29.99
CA PHE G 433 21.75 -38.71 29.28
C PHE G 433 22.72 -38.36 28.15
N ARG G 434 23.99 -38.11 28.48
CA ARG G 434 25.11 -38.00 27.53
C ARG G 434 24.90 -36.87 26.50
N VAL G 435 25.04 -35.64 26.99
CA VAL G 435 24.64 -34.44 26.25
C VAL G 435 25.49 -34.20 24.99
N GLU G 436 26.81 -34.48 25.04
CA GLU G 436 27.71 -34.68 23.89
C GLU G 436 28.05 -33.41 23.09
N SER G 437 27.29 -32.32 23.26
CA SER G 437 27.48 -31.05 22.53
C SER G 437 26.47 -30.02 23.04
N PHE G 438 26.62 -28.79 22.55
CA PHE G 438 25.72 -27.67 22.86
C PHE G 438 25.95 -26.56 21.84
N ALA G 439 25.00 -25.64 21.75
CA ALA G 439 25.06 -24.60 20.74
C ALA G 439 24.48 -23.29 21.28
N ILE G 440 25.20 -22.18 21.10
CA ILE G 440 24.93 -20.92 21.78
C ILE G 440 24.34 -19.92 20.79
N CYS G 441 23.36 -19.12 21.25
CA CYS G 441 22.61 -18.18 20.41
C CYS G 441 22.40 -16.88 21.20
N VAL G 442 23.28 -15.91 21.00
CA VAL G 442 23.29 -14.70 21.83
C VAL G 442 22.30 -13.69 21.25
N HIS G 443 21.30 -13.30 22.04
CA HIS G 443 20.29 -12.34 21.61
C HIS G 443 20.56 -10.94 22.13
N GLN G 444 21.03 -10.80 23.36
CA GLN G 444 21.41 -9.50 23.89
C GLN G 444 22.77 -9.61 24.54
N LEU G 445 23.47 -8.48 24.59
CA LEU G 445 24.77 -8.36 25.20
C LEU G 445 24.91 -6.94 25.73
N HIS G 446 25.41 -6.83 26.96
CA HIS G 446 25.57 -5.53 27.60
C HIS G 446 26.65 -5.68 28.64
N VAL G 447 27.73 -4.90 28.53
CA VAL G 447 28.81 -4.91 29.50
C VAL G 447 28.94 -3.50 30.08
N GLU G 448 29.23 -3.43 31.38
CA GLU G 448 29.48 -2.15 32.07
C GLU G 448 30.18 -2.43 33.39
N LYS G 449 30.63 -1.36 34.04
CA LYS G 449 31.18 -1.42 35.38
C LYS G 449 30.07 -1.21 36.42
N ARG G 450 30.05 -2.06 37.44
CA ARG G 450 29.00 -1.96 38.45
C ARG G 450 29.54 -2.00 39.87
N GLY G 451 30.67 -2.66 40.09
CA GLY G 451 31.21 -2.75 41.42
C GLY G 451 30.62 -3.88 42.23
N LEU G 452 31.48 -4.72 42.81
CA LEU G 452 31.04 -5.82 43.65
C LEU G 452 31.48 -5.57 45.07
N THR G 453 30.53 -5.22 45.94
CA THR G 453 30.80 -4.96 47.35
C THR G 453 31.08 -6.28 48.06
N ALA G 454 32.33 -6.50 48.46
CA ALA G 454 32.65 -7.62 49.33
C ALA G 454 32.29 -7.28 50.76
N GLU G 455 32.09 -8.31 51.58
CA GLU G 455 31.61 -8.09 52.94
C GLU G 455 32.73 -8.24 53.97
N PHE G 456 32.37 -7.99 55.21
CA PHE G 456 33.32 -7.77 56.29
C PHE G 456 34.08 -9.04 56.65
N VAL G 457 35.40 -8.91 56.79
CA VAL G 457 36.25 -10.01 57.23
C VAL G 457 36.98 -9.57 58.49
N GLU G 458 37.57 -10.56 59.16
CA GLU G 458 38.48 -10.33 60.28
C GLU G 458 39.85 -10.03 59.70
N LYS G 459 40.28 -8.76 59.82
CA LYS G 459 41.41 -8.25 59.04
C LYS G 459 42.72 -8.89 59.46
N GLY G 460 43.06 -8.81 60.75
CA GLY G 460 44.29 -9.42 61.20
C GLY G 460 45.00 -8.67 62.30
N ASP G 461 44.71 -7.39 62.50
CA ASP G 461 45.28 -6.73 63.66
C ASP G 461 44.32 -6.75 64.85
N GLY G 462 43.19 -6.04 64.76
CA GLY G 462 42.14 -6.23 65.73
C GLY G 462 40.74 -5.92 65.23
N THR G 463 40.59 -5.59 63.96
CA THR G 463 39.41 -4.88 63.49
C THR G 463 38.64 -5.69 62.45
N ILE G 464 37.43 -5.20 62.18
CA ILE G 464 36.50 -5.81 61.23
C ILE G 464 36.16 -4.75 60.20
N SER G 465 36.83 -4.77 59.06
CA SER G 465 36.51 -3.88 57.96
C SER G 465 36.40 -4.69 56.68
N ALA G 466 36.20 -4.00 55.57
CA ALA G 466 36.06 -4.64 54.28
C ALA G 466 37.42 -4.92 53.67
N PRO G 467 37.52 -5.91 52.76
CA PRO G 467 38.80 -6.12 52.05
C PRO G 467 39.07 -5.07 50.99
N ALA G 468 40.12 -5.29 50.19
CA ALA G 468 40.61 -4.27 49.26
C ALA G 468 39.64 -4.03 48.10
N THR G 469 39.72 -2.84 47.55
CA THR G 469 38.78 -2.38 46.53
C THR G 469 39.35 -2.63 45.14
N ARG G 470 38.49 -3.04 44.22
CA ARG G 470 38.86 -3.20 42.82
C ARG G 470 37.75 -2.64 41.94
N ASP G 471 37.94 -2.69 40.64
CA ASP G 471 36.86 -2.56 39.68
C ASP G 471 36.53 -3.94 39.13
N ASP G 472 35.28 -4.09 38.67
CA ASP G 472 34.83 -5.31 38.04
C ASP G 472 34.29 -5.00 36.66
N TRP G 473 33.77 -6.02 36.01
CA TRP G 473 32.98 -5.85 34.80
C TRP G 473 31.87 -6.88 34.84
N GLN G 474 30.64 -6.45 34.66
CA GLN G 474 29.50 -7.35 34.73
C GLN G 474 28.71 -7.28 33.44
N CYS G 475 27.98 -8.36 33.17
CA CYS G 475 27.38 -8.59 31.87
C CYS G 475 25.92 -8.96 32.04
N ASP G 476 25.24 -9.08 30.90
CA ASP G 476 23.80 -9.38 30.87
C ASP G 476 23.55 -10.12 29.56
N VAL G 477 23.44 -11.44 29.63
CA VAL G 477 23.32 -12.28 28.44
C VAL G 477 21.91 -12.85 28.37
N VAL G 478 21.24 -12.61 27.26
CA VAL G 478 20.00 -13.31 26.93
C VAL G 478 20.33 -14.27 25.79
N PHE G 479 20.33 -15.58 26.09
CA PHE G 479 20.78 -16.57 25.13
C PHE G 479 19.83 -17.77 25.17
N SER G 480 20.05 -18.69 24.24
CA SER G 480 19.24 -19.89 24.12
C SER G 480 20.12 -21.01 23.60
N LEU G 481 19.79 -22.25 23.95
CA LEU G 481 20.69 -23.37 23.69
C LEU G 481 20.01 -24.47 22.89
N ILE G 482 20.80 -25.12 22.03
CA ILE G 482 20.41 -26.35 21.34
C ILE G 482 21.34 -27.46 21.86
N LEU G 483 20.77 -28.61 22.20
CA LEU G 483 21.53 -29.70 22.81
C LEU G 483 21.32 -30.97 22.01
N ASN G 484 22.41 -31.54 21.49
CA ASN G 484 22.36 -32.76 20.67
C ASN G 484 22.85 -33.95 21.51
N THR G 485 21.93 -34.51 22.30
CA THR G 485 22.24 -35.66 23.13
C THR G 485 22.01 -36.95 22.32
N ASN G 486 22.10 -38.11 22.98
CA ASN G 486 21.81 -39.37 22.35
C ASN G 486 20.50 -40.00 22.82
N PHE G 487 19.85 -39.40 23.82
CA PHE G 487 18.66 -39.95 24.45
C PHE G 487 17.51 -39.81 23.47
N ALA G 488 17.19 -40.90 22.76
CA ALA G 488 16.18 -40.88 21.70
C ALA G 488 14.78 -41.14 22.25
N GLN G 489 14.37 -40.34 23.23
CA GLN G 489 13.11 -40.54 23.91
C GLN G 489 12.75 -39.23 24.58
N HIS G 490 11.48 -39.07 24.94
CA HIS G 490 11.00 -37.88 25.63
C HIS G 490 11.61 -37.77 27.02
N ILE G 491 11.83 -36.53 27.48
CA ILE G 491 12.48 -36.36 28.77
C ILE G 491 11.43 -36.33 29.87
N ASP G 492 10.69 -35.22 29.96
CA ASP G 492 9.57 -34.97 30.87
C ASP G 492 9.03 -33.58 30.53
N GLN G 493 8.13 -33.06 31.34
CA GLN G 493 7.85 -31.63 31.39
C GLN G 493 8.30 -31.00 32.71
N ASP G 494 8.12 -31.71 33.82
CA ASP G 494 8.34 -31.17 35.16
C ASP G 494 9.81 -31.18 35.56
N THR G 495 10.45 -32.36 35.58
CA THR G 495 11.82 -32.47 36.07
C THR G 495 12.85 -31.98 35.08
N LEU G 496 12.45 -31.52 33.90
CA LEU G 496 13.34 -30.80 33.00
C LEU G 496 13.46 -29.33 33.40
N VAL G 497 12.60 -28.86 34.29
CA VAL G 497 12.72 -27.54 34.90
C VAL G 497 13.47 -27.61 36.22
N THR G 498 13.20 -28.64 37.02
CA THR G 498 13.79 -28.77 38.35
C THR G 498 15.29 -29.08 38.27
N SER G 499 15.75 -29.60 37.14
CA SER G 499 17.14 -30.00 36.98
C SER G 499 18.01 -28.93 36.34
N LEU G 500 17.47 -27.73 36.14
CA LEU G 500 18.27 -26.62 35.63
C LEU G 500 19.17 -26.06 36.74
N PRO G 501 20.43 -25.77 36.43
CA PRO G 501 21.26 -25.04 37.39
C PRO G 501 20.88 -23.57 37.42
N LYS G 502 21.41 -22.87 38.43
CA LYS G 502 20.96 -21.52 38.72
C LYS G 502 22.06 -20.49 38.57
N ARG G 503 23.14 -20.80 37.86
CA ARG G 503 24.22 -19.84 37.75
C ARG G 503 24.99 -20.03 36.45
N LEU G 504 25.48 -18.91 35.93
CA LEU G 504 26.32 -18.88 34.73
C LEU G 504 27.35 -17.76 34.93
N ALA G 505 28.59 -18.16 35.21
CA ALA G 505 29.73 -17.27 35.45
C ALA G 505 29.40 -16.22 36.51
N ARG G 506 29.14 -16.72 37.73
CA ARG G 506 28.77 -15.98 38.95
C ARG G 506 27.42 -15.29 38.84
N GLY G 507 26.58 -15.66 37.88
CA GLY G 507 25.35 -14.93 37.63
C GLY G 507 24.11 -15.68 38.09
N SER G 508 22.97 -15.24 37.57
CA SER G 508 21.69 -15.89 37.79
C SER G 508 21.21 -16.53 36.50
N ALA G 509 20.27 -17.47 36.62
CA ALA G 509 19.76 -18.20 35.45
C ALA G 509 18.28 -18.51 35.65
N LYS G 510 17.43 -17.64 35.11
CA LYS G 510 15.98 -17.79 35.21
C LYS G 510 15.39 -17.68 33.81
N ILE G 511 14.16 -18.20 33.64
CA ILE G 511 13.57 -18.10 32.32
C ILE G 511 12.30 -17.26 32.37
N ALA G 512 11.21 -17.84 32.88
CA ALA G 512 9.87 -17.29 32.93
C ALA G 512 8.97 -18.36 33.54
N ILE G 513 7.71 -18.01 33.74
CA ILE G 513 6.70 -19.04 33.97
C ILE G 513 6.14 -19.45 32.62
N ASP G 514 5.77 -18.46 31.81
CA ASP G 514 5.05 -18.74 30.57
C ASP G 514 5.94 -19.16 29.41
N ASP G 515 7.26 -19.24 29.61
CA ASP G 515 8.15 -19.81 28.60
C ASP G 515 8.50 -21.26 28.89
N PHE G 516 7.74 -21.93 29.75
CA PHE G 516 7.91 -23.36 29.97
C PHE G 516 7.14 -24.19 28.96
N LYS G 517 6.45 -23.54 28.02
CA LYS G 517 5.69 -24.21 26.99
C LYS G 517 6.41 -24.23 25.65
N HIS G 518 7.57 -23.57 25.58
CA HIS G 518 8.42 -23.61 24.40
C HIS G 518 9.53 -24.64 24.53
N ILE G 519 9.67 -25.29 25.69
CA ILE G 519 10.70 -26.30 25.89
C ILE G 519 10.21 -27.61 25.27
N ASN G 520 10.89 -28.06 24.22
CA ASN G 520 10.51 -29.27 23.52
C ASN G 520 11.75 -29.99 23.03
N SER G 521 11.60 -31.25 22.67
CA SER G 521 12.66 -32.02 22.05
C SER G 521 12.28 -32.34 20.60
N PHE G 522 13.31 -32.58 19.78
CA PHE G 522 13.13 -32.82 18.36
C PHE G 522 14.12 -33.88 17.90
N SER G 523 13.99 -34.28 16.63
CA SER G 523 14.91 -35.23 16.03
C SER G 523 15.43 -34.73 14.68
N THR G 524 15.24 -33.44 14.40
CA THR G 524 15.74 -32.83 13.17
C THR G 524 16.06 -31.38 13.46
N LEU G 525 17.34 -31.03 13.33
CA LEU G 525 17.87 -29.74 13.78
C LEU G 525 17.57 -28.59 12.85
N GLU G 526 16.82 -28.80 11.77
CA GLU G 526 16.39 -27.70 10.92
C GLU G 526 15.01 -27.18 11.27
N THR G 527 14.17 -28.00 11.90
CA THR G 527 12.97 -27.48 12.54
C THR G 527 13.25 -27.05 13.97
N ALA G 528 14.43 -27.36 14.50
CA ALA G 528 14.75 -27.00 15.88
C ALA G 528 15.08 -25.53 16.04
N ILE G 529 15.58 -24.88 14.98
CA ILE G 529 15.79 -23.43 15.05
C ILE G 529 14.54 -22.65 14.73
N GLU G 530 13.44 -23.32 14.40
CA GLU G 530 12.16 -22.66 14.23
C GLU G 530 11.41 -22.51 15.54
N SER G 531 11.80 -23.26 16.56
CA SER G 531 11.10 -23.25 17.84
C SER G 531 11.51 -22.09 18.74
N LEU G 532 12.50 -21.32 18.34
CA LEU G 532 12.97 -20.18 19.13
C LEU G 532 12.07 -18.99 18.87
N PRO G 533 11.30 -18.50 19.85
CA PRO G 533 10.28 -17.47 19.60
C PRO G 533 10.78 -16.03 19.74
N ILE G 534 11.94 -15.73 19.16
CA ILE G 534 12.48 -14.39 19.27
C ILE G 534 12.94 -13.79 17.94
N GLU G 535 13.78 -14.53 17.20
CA GLU G 535 14.18 -14.26 15.82
C GLU G 535 15.00 -12.97 15.67
N ALA G 536 15.89 -12.66 16.60
CA ALA G 536 16.75 -11.49 16.42
C ALA G 536 18.15 -11.77 16.94
N GLY G 537 18.65 -12.99 16.74
CA GLY G 537 19.90 -13.37 17.37
C GLY G 537 21.11 -13.41 16.47
N ARG G 538 22.00 -14.37 16.76
CA ARG G 538 23.31 -14.57 16.16
C ARG G 538 23.83 -15.89 16.69
N TRP G 539 24.55 -16.64 15.85
CA TRP G 539 25.18 -17.88 16.29
C TRP G 539 26.68 -17.64 16.46
N LEU G 540 27.40 -18.67 16.94
CA LEU G 540 28.79 -18.49 17.31
C LEU G 540 29.66 -19.63 16.79
N SER G 541 30.84 -19.28 16.25
CA SER G 541 31.85 -20.27 15.91
C SER G 541 33.22 -19.72 16.28
N LEU G 542 34.26 -20.37 15.78
CA LEU G 542 35.65 -20.00 16.05
C LEU G 542 36.33 -19.61 14.75
N TYR G 543 37.25 -18.66 14.84
CA TYR G 543 37.89 -18.05 13.68
C TYR G 543 39.24 -18.72 13.49
N ALA G 544 39.36 -19.52 12.43
CA ALA G 544 40.51 -20.39 12.23
C ALA G 544 41.60 -19.74 11.39
N GLN G 545 42.06 -18.56 11.82
CA GLN G 545 43.19 -17.90 11.18
C GLN G 545 44.23 -17.52 12.23
N SER G 546 45.49 -17.48 11.82
CA SER G 546 46.61 -17.44 12.74
C SER G 546 46.70 -16.10 13.46
N ASN G 547 47.01 -16.16 14.75
CA ASN G 547 46.97 -15.03 15.66
C ASN G 547 48.19 -14.99 16.56
N ASN G 548 49.39 -15.07 15.94
CA ASN G 548 50.67 -15.23 16.65
C ASN G 548 51.00 -14.07 17.60
N ASN G 549 50.38 -12.90 17.44
CA ASN G 549 50.59 -11.81 18.39
C ASN G 549 49.27 -11.07 18.58
N LEU G 550 49.33 -9.96 19.34
CA LEU G 550 48.16 -9.11 19.49
C LEU G 550 47.86 -8.31 18.24
N SER G 551 48.87 -8.02 17.41
CA SER G 551 48.66 -7.22 16.22
C SER G 551 47.87 -7.97 15.15
N ASP G 552 47.88 -9.30 15.20
CA ASP G 552 47.07 -10.08 14.27
C ASP G 552 45.58 -9.91 14.56
N LEU G 553 45.20 -9.81 15.83
CA LEU G 553 43.80 -9.75 16.17
C LEU G 553 43.19 -8.39 15.83
N LEU G 554 43.85 -7.30 16.23
CA LEU G 554 43.31 -5.95 16.03
C LEU G 554 43.18 -5.59 14.55
N ALA G 555 44.04 -6.16 13.69
CA ALA G 555 43.88 -5.98 12.26
C ALA G 555 42.61 -6.66 11.76
N ALA G 556 42.31 -7.84 12.30
CA ALA G 556 41.05 -8.50 11.98
C ALA G 556 39.88 -7.88 12.72
N MET G 557 40.14 -7.09 13.76
CA MET G 557 39.11 -6.50 14.59
C MET G 557 38.75 -5.10 14.13
N THR G 558 39.52 -4.53 13.21
CA THR G 558 39.21 -3.25 12.58
C THR G 558 38.63 -3.41 11.18
N GLU G 559 38.74 -4.61 10.60
CA GLU G 559 38.05 -4.90 9.36
C GLU G 559 36.58 -5.25 9.62
N ASP G 560 36.29 -5.81 10.79
CA ASP G 560 34.96 -6.31 11.13
C ASP G 560 34.23 -5.42 12.11
N HIS G 561 34.89 -5.04 13.21
CA HIS G 561 34.33 -4.50 14.47
C HIS G 561 33.05 -5.20 14.91
N GLN G 562 32.98 -6.52 14.71
CA GLN G 562 31.83 -7.33 15.12
C GLN G 562 32.26 -8.69 15.67
N LEU G 563 33.53 -8.87 16.00
CA LEU G 563 34.03 -10.13 16.49
C LEU G 563 34.54 -9.99 17.92
N MET G 564 34.34 -11.04 18.71
CA MET G 564 34.59 -11.05 20.13
C MET G 564 35.75 -11.99 20.45
N ALA G 565 36.40 -11.72 21.57
CA ALA G 565 37.51 -12.55 22.05
C ALA G 565 37.23 -12.97 23.48
N SER G 566 37.61 -14.20 23.83
CA SER G 566 37.41 -14.73 25.16
C SER G 566 38.36 -15.91 25.39
N CYS G 567 38.28 -16.48 26.57
CA CYS G 567 39.05 -17.67 26.93
C CYS G 567 38.27 -18.90 26.52
N VAL G 568 38.83 -19.66 25.57
CA VAL G 568 38.15 -20.85 25.08
C VAL G 568 38.69 -22.13 25.70
N GLY G 569 39.90 -22.12 26.24
CA GLY G 569 40.44 -23.30 26.88
C GLY G 569 41.56 -22.93 27.82
N TYR G 570 42.17 -23.95 28.42
CA TYR G 570 43.27 -23.75 29.34
C TYR G 570 44.55 -24.36 28.75
N HIS G 571 45.64 -24.30 29.52
CA HIS G 571 46.95 -24.75 29.04
C HIS G 571 47.82 -25.11 30.22
N LEU G 572 48.11 -26.40 30.37
CA LEU G 572 48.69 -26.93 31.59
C LEU G 572 50.16 -26.55 31.73
N LEU G 573 50.61 -26.50 32.98
CA LEU G 573 52.02 -26.38 33.33
C LEU G 573 52.50 -27.63 34.03
N GLU G 574 51.72 -28.71 34.01
CA GLU G 574 51.91 -29.84 34.89
C GLU G 574 51.40 -31.08 34.17
N GLU G 575 51.77 -32.26 34.69
CA GLU G 575 51.51 -33.52 34.02
C GLU G 575 50.08 -34.09 34.11
N PRO G 576 49.28 -33.93 35.20
CA PRO G 576 49.29 -33.35 36.56
C PRO G 576 49.61 -34.31 37.70
N LYS G 577 49.57 -33.81 38.93
CA LYS G 577 50.07 -34.50 40.11
C LYS G 577 48.96 -34.57 41.15
N ASP G 578 49.09 -35.51 42.09
CA ASP G 578 48.17 -35.64 43.22
C ASP G 578 48.63 -34.74 44.35
N LYS G 579 47.87 -33.68 44.61
CA LYS G 579 48.12 -32.76 45.69
C LYS G 579 47.07 -32.95 46.79
N PRO G 580 47.44 -32.71 48.07
CA PRO G 580 46.57 -33.17 49.18
C PRO G 580 45.19 -32.54 49.26
N ASN G 581 45.09 -31.22 49.27
CA ASN G 581 43.82 -30.54 49.47
C ASN G 581 43.20 -30.09 48.15
N SER G 582 43.36 -30.87 47.10
CA SER G 582 42.74 -30.58 45.81
C SER G 582 41.23 -30.70 45.89
N LEU G 583 40.56 -29.90 45.08
CA LEU G 583 39.12 -29.70 45.22
C LEU G 583 38.38 -30.87 44.58
N ARG G 584 37.58 -31.57 45.40
CA ARG G 584 37.03 -32.91 45.18
C ARG G 584 38.10 -34.01 45.08
N GLY G 585 39.33 -33.70 45.47
CA GLY G 585 40.37 -34.71 45.68
C GLY G 585 40.85 -35.42 44.44
N TYR G 586 40.69 -34.82 43.26
CA TYR G 586 40.94 -35.58 42.04
C TYR G 586 42.41 -35.64 41.62
N LYS G 587 42.90 -34.57 41.00
CA LYS G 587 44.24 -34.42 40.41
C LYS G 587 44.42 -32.96 40.03
N HIS G 588 45.50 -32.31 40.44
CA HIS G 588 45.59 -30.85 40.36
C HIS G 588 46.78 -30.38 39.54
N ALA G 589 46.51 -29.63 38.48
CA ALA G 589 47.50 -28.97 37.65
C ALA G 589 47.40 -27.45 37.84
N ILE G 590 48.16 -26.71 37.05
CA ILE G 590 48.12 -25.25 37.03
C ILE G 590 48.10 -24.79 35.57
N ALA G 591 47.14 -23.94 35.22
CA ALA G 591 46.85 -23.65 33.83
C ALA G 591 47.00 -22.17 33.51
N GLU G 592 47.04 -21.89 32.21
CA GLU G 592 46.94 -20.56 31.63
C GLU G 592 45.59 -20.42 30.93
N CYS G 593 45.43 -19.31 30.22
CA CYS G 593 44.21 -19.03 29.48
C CYS G 593 44.50 -18.92 27.99
N ILE G 594 43.61 -19.47 27.17
CA ILE G 594 43.77 -19.52 25.72
C ILE G 594 42.83 -18.53 25.09
N ILE G 595 43.36 -17.46 24.50
CA ILE G 595 42.52 -16.48 23.83
C ILE G 595 42.07 -17.06 22.48
N GLY G 596 40.84 -16.75 22.08
CA GLY G 596 40.32 -17.17 20.80
C GLY G 596 39.48 -16.09 20.15
N LEU G 597 38.81 -16.38 19.05
CA LEU G 597 38.05 -15.36 18.34
C LEU G 597 36.68 -15.92 17.94
N ILE G 598 35.63 -15.12 18.16
CA ILE G 598 34.25 -15.60 18.07
C ILE G 598 33.56 -14.89 16.90
N ASN G 599 32.68 -15.62 16.20
CA ASN G 599 32.21 -15.23 14.89
C ASN G 599 30.68 -15.14 14.85
N SER G 600 30.16 -14.50 13.80
CA SER G 600 28.73 -14.41 13.54
C SER G 600 28.32 -15.36 12.43
N ILE G 601 27.18 -16.05 12.61
CA ILE G 601 26.64 -16.98 11.62
C ILE G 601 25.15 -16.72 11.53
N THR G 602 24.63 -16.70 10.30
CA THR G 602 23.20 -16.51 10.06
C THR G 602 22.45 -17.83 9.90
N PHE G 603 23.13 -18.89 9.45
CA PHE G 603 22.58 -20.22 9.14
C PHE G 603 21.47 -20.11 8.09
N SER G 604 21.89 -19.73 6.88
CA SER G 604 20.92 -19.34 5.86
C SER G 604 20.21 -20.53 5.23
N SER G 605 20.92 -21.35 4.46
CA SER G 605 20.41 -22.66 4.06
C SER G 605 21.51 -23.71 3.94
N GLU G 606 22.77 -23.35 4.11
CA GLU G 606 23.87 -24.14 3.58
C GLU G 606 25.02 -24.35 4.55
N THR G 607 25.16 -23.52 5.58
CA THR G 607 26.22 -23.69 6.56
C THR G 607 25.96 -24.96 7.37
N ASP G 608 26.86 -25.93 7.22
CA ASP G 608 26.75 -27.20 7.93
C ASP G 608 26.86 -26.99 9.44
N PRO G 609 26.19 -27.82 10.24
CA PRO G 609 26.21 -27.62 11.69
C PRO G 609 27.51 -28.00 12.38
N ASN G 610 28.51 -28.52 11.67
CA ASN G 610 29.78 -28.88 12.31
C ASN G 610 30.56 -27.64 12.75
N THR G 611 30.28 -26.47 12.19
CA THR G 611 30.82 -25.21 12.69
C THR G 611 30.06 -24.70 13.92
N ILE G 612 29.05 -25.43 14.36
CA ILE G 612 28.28 -25.17 15.58
C ILE G 612 28.55 -26.44 16.40
N PHE G 613 27.89 -26.60 17.54
CA PHE G 613 27.86 -27.84 18.33
C PHE G 613 29.25 -28.21 18.85
N TRP G 614 29.73 -27.38 19.77
CA TRP G 614 31.12 -27.45 20.19
C TRP G 614 31.29 -28.61 21.18
N SER G 615 32.54 -28.88 21.58
CA SER G 615 32.82 -29.99 22.48
C SER G 615 34.13 -29.72 23.22
N LEU G 616 34.61 -30.75 23.92
CA LEU G 616 35.85 -30.72 24.70
C LEU G 616 36.67 -31.92 24.29
N LYS G 617 37.92 -31.71 23.88
CA LYS G 617 38.66 -32.76 23.19
C LYS G 617 39.90 -33.29 23.86
N ASN G 618 40.49 -32.56 24.83
CA ASN G 618 41.57 -33.05 25.71
C ASN G 618 42.82 -33.45 24.92
N TYR G 619 43.53 -32.42 24.44
CA TYR G 619 44.72 -32.60 23.62
C TYR G 619 46.00 -32.71 24.44
N GLN G 620 45.90 -33.27 25.65
CA GLN G 620 46.99 -33.80 26.49
C GLN G 620 47.87 -32.73 27.15
N ASN G 621 47.76 -31.48 26.73
CA ASN G 621 48.27 -30.38 27.53
C ASN G 621 47.40 -29.12 27.46
N TYR G 622 46.34 -29.12 26.64
CA TYR G 622 45.43 -27.99 26.59
C TYR G 622 44.02 -28.49 26.35
N LEU G 623 43.07 -27.93 27.08
CA LEU G 623 41.67 -28.38 27.13
C LEU G 623 40.77 -27.45 26.33
N VAL G 624 41.20 -27.03 25.14
CA VAL G 624 40.48 -26.01 24.37
C VAL G 624 39.13 -26.53 23.90
N VAL G 625 38.11 -25.69 24.05
CA VAL G 625 36.78 -25.91 23.48
C VAL G 625 36.73 -25.28 22.09
N GLN G 626 36.46 -26.09 21.08
CA GLN G 626 36.30 -25.64 19.71
C GLN G 626 35.19 -26.45 19.08
N PRO G 627 34.55 -25.95 18.02
CA PRO G 627 33.50 -26.73 17.36
C PRO G 627 34.06 -27.95 16.64
N ARG G 628 33.14 -28.85 16.28
CA ARG G 628 33.49 -30.18 15.83
C ARG G 628 33.76 -30.27 14.33
N SER G 629 34.03 -29.15 13.67
CA SER G 629 34.42 -29.18 12.26
C SER G 629 35.92 -29.32 12.06
N ILE G 630 36.73 -28.94 13.04
CA ILE G 630 38.18 -28.95 12.87
C ILE G 630 38.77 -30.34 13.05
N LYS H 2 -56.34 -15.77 22.87
CA LYS H 2 -57.27 -16.87 22.68
C LYS H 2 -57.48 -17.16 21.20
N TRP H 3 -56.68 -16.50 20.36
CA TRP H 3 -56.54 -16.90 18.97
C TRP H 3 -55.78 -18.23 18.89
N TYR H 4 -55.81 -18.88 17.72
CA TYR H 4 -54.93 -20.00 17.46
C TYR H 4 -53.90 -19.65 16.39
N TYR H 5 -53.01 -20.60 16.14
CA TYR H 5 -52.00 -20.47 15.10
C TYR H 5 -51.62 -21.86 14.60
N LYS H 6 -51.43 -21.99 13.29
CA LYS H 6 -51.01 -23.25 12.67
C LYS H 6 -49.72 -22.97 11.91
N THR H 7 -48.59 -23.09 12.60
CA THR H 7 -47.29 -22.86 12.00
C THR H 7 -46.97 -23.97 11.00
N ILE H 8 -46.64 -23.59 9.78
CA ILE H 8 -46.28 -24.54 8.74
C ILE H 8 -44.76 -24.55 8.63
N THR H 9 -44.21 -25.57 8.00
CA THR H 9 -42.77 -25.63 7.77
C THR H 9 -42.50 -25.89 6.29
N PHE H 10 -41.72 -25.00 5.69
CA PHE H 10 -41.55 -24.92 4.25
C PHE H 10 -40.10 -25.30 3.94
N LEU H 11 -39.86 -26.60 3.93
CA LEU H 11 -38.56 -27.25 4.04
C LEU H 11 -37.66 -27.44 2.80
N PRO H 12 -38.17 -27.92 1.61
CA PRO H 12 -37.30 -28.74 0.74
C PRO H 12 -36.18 -28.05 -0.04
N GLU H 13 -35.88 -26.78 0.27
CA GLU H 13 -34.67 -26.03 -0.10
C GLU H 13 -34.62 -25.66 -1.58
N LEU H 14 -35.51 -26.22 -2.41
CA LEU H 14 -35.70 -25.75 -3.78
C LEU H 14 -37.21 -25.63 -4.00
N CYS H 15 -37.69 -24.40 -4.00
CA CYS H 15 -39.10 -24.06 -3.88
C CYS H 15 -39.27 -22.56 -4.09
N ASN H 16 -40.40 -22.18 -4.68
CA ASN H 16 -40.72 -20.78 -4.87
C ASN H 16 -41.52 -20.29 -3.67
N ASN H 17 -41.30 -19.03 -3.31
CA ASN H 17 -41.99 -18.41 -2.19
C ASN H 17 -43.31 -17.78 -2.57
N GLU H 18 -43.54 -17.54 -3.86
CA GLU H 18 -44.77 -16.93 -4.35
C GLU H 18 -45.82 -17.96 -4.74
N SER H 19 -45.38 -19.00 -5.47
CA SER H 19 -46.29 -20.05 -6.00
C SER H 19 -46.81 -20.99 -4.90
N LEU H 20 -46.14 -21.04 -3.74
CA LEU H 20 -46.57 -21.93 -2.67
C LEU H 20 -47.31 -21.17 -1.58
N ALA H 21 -47.06 -19.86 -1.46
CA ALA H 21 -47.87 -19.03 -0.59
C ALA H 21 -49.20 -18.69 -1.25
N ALA H 22 -49.29 -18.87 -2.57
CA ALA H 22 -50.55 -18.64 -3.26
C ALA H 22 -51.39 -19.90 -3.30
N LYS H 23 -50.77 -21.06 -3.50
CA LYS H 23 -51.53 -22.29 -3.61
C LYS H 23 -52.00 -22.77 -2.24
N CYS H 24 -51.27 -22.44 -1.18
CA CYS H 24 -51.79 -22.67 0.16
C CYS H 24 -52.85 -21.65 0.52
N LEU H 25 -52.93 -20.56 -0.23
CA LEU H 25 -54.01 -19.60 -0.07
C LEU H 25 -55.12 -19.82 -1.09
N ARG H 26 -54.83 -20.49 -2.21
CA ARG H 26 -55.90 -20.85 -3.14
C ARG H 26 -56.77 -21.96 -2.55
N VAL H 27 -56.18 -22.88 -1.79
CA VAL H 27 -56.99 -23.86 -1.07
C VAL H 27 -57.73 -23.24 0.10
N LEU H 28 -57.32 -22.04 0.53
CA LEU H 28 -58.16 -21.22 1.38
C LEU H 28 -59.18 -20.43 0.57
N HIS H 29 -58.88 -20.17 -0.71
CA HIS H 29 -59.81 -19.45 -1.56
C HIS H 29 -60.96 -20.32 -2.04
N GLY H 30 -60.75 -21.65 -2.13
CA GLY H 30 -61.87 -22.55 -2.34
C GLY H 30 -62.77 -22.61 -1.12
N PHE H 31 -62.19 -22.46 0.06
CA PHE H 31 -62.95 -22.21 1.27
C PHE H 31 -63.53 -20.79 1.22
N ASN H 32 -64.57 -20.56 2.03
CA ASN H 32 -65.46 -19.41 2.09
C ASN H 32 -66.34 -19.27 0.85
N TYR H 33 -66.29 -20.23 -0.07
CA TYR H 33 -67.26 -20.38 -1.13
C TYR H 33 -68.06 -21.67 -0.96
N GLN H 34 -67.72 -22.50 0.03
CA GLN H 34 -68.51 -23.64 0.44
C GLN H 34 -69.00 -23.51 1.87
N TYR H 35 -68.10 -23.27 2.82
CA TYR H 35 -68.46 -22.87 4.19
C TYR H 35 -68.11 -21.39 4.29
N GLU H 36 -69.10 -20.54 4.06
CA GLU H 36 -68.90 -19.09 3.92
C GLU H 36 -68.68 -18.46 5.28
N THR H 37 -67.42 -18.34 5.68
CA THR H 37 -67.02 -17.68 6.92
C THR H 37 -66.19 -16.44 6.58
N ARG H 38 -65.72 -15.77 7.63
CA ARG H 38 -64.96 -14.53 7.46
C ARG H 38 -63.79 -14.40 8.44
N ASN H 39 -63.19 -15.50 8.89
CA ASN H 39 -62.47 -15.49 10.14
C ASN H 39 -61.00 -15.92 10.11
N ILE H 40 -60.43 -16.19 8.94
CA ILE H 40 -59.09 -16.80 8.86
C ILE H 40 -58.13 -15.79 8.24
N GLY H 41 -56.98 -15.60 8.89
CA GLY H 41 -56.09 -14.50 8.61
C GLY H 41 -54.88 -14.87 7.80
N VAL H 42 -53.87 -14.00 7.85
CA VAL H 42 -52.75 -14.02 6.91
C VAL H 42 -51.48 -14.50 7.60
N SER H 43 -50.97 -13.69 8.54
CA SER H 43 -49.96 -14.02 9.55
C SER H 43 -48.70 -14.74 9.06
N PHE H 44 -47.82 -14.05 8.34
CA PHE H 44 -46.51 -14.59 8.00
C PHE H 44 -45.55 -14.38 9.16
N PRO H 45 -45.01 -15.43 9.78
CA PRO H 45 -44.02 -15.20 10.85
C PRO H 45 -42.67 -14.77 10.32
N LEU H 46 -42.18 -15.40 9.26
CA LEU H 46 -40.86 -15.13 8.72
C LEU H 46 -40.92 -14.25 7.48
N TRP H 47 -41.78 -13.24 7.50
CA TRP H 47 -41.66 -12.12 6.57
C TRP H 47 -40.31 -11.46 6.78
N CYS H 48 -39.57 -11.27 5.69
CA CYS H 48 -38.39 -10.41 5.68
C CYS H 48 -38.48 -9.49 4.48
N ASP H 49 -37.45 -8.67 4.27
CA ASP H 49 -37.50 -7.66 3.23
C ASP H 49 -37.28 -8.27 1.86
N ALA H 50 -36.11 -8.89 1.65
CA ALA H 50 -35.78 -9.53 0.39
C ALA H 50 -35.88 -11.03 0.55
N THR H 51 -36.61 -11.69 -0.36
CA THR H 51 -36.76 -13.15 -0.46
C THR H 51 -37.36 -13.72 0.84
N VAL H 52 -38.65 -13.45 1.00
CA VAL H 52 -39.50 -13.89 2.12
C VAL H 52 -39.31 -15.38 2.41
N GLY H 53 -39.34 -15.75 3.69
CA GLY H 53 -38.83 -17.03 4.12
C GLY H 53 -39.79 -18.21 3.99
N LYS H 54 -40.00 -18.90 5.11
CA LYS H 54 -40.60 -20.23 5.10
C LYS H 54 -42.00 -20.26 5.72
N LYS H 55 -42.13 -19.81 6.96
CA LYS H 55 -43.32 -20.06 7.77
C LYS H 55 -44.50 -19.20 7.32
N ILE H 56 -45.69 -19.82 7.31
CA ILE H 56 -46.97 -19.11 7.30
C ILE H 56 -47.81 -19.68 8.43
N SER H 57 -48.87 -18.97 8.80
CA SER H 57 -49.73 -19.39 9.89
C SER H 57 -51.19 -19.16 9.51
N PHE H 58 -52.09 -19.51 10.44
CA PHE H 58 -53.54 -19.41 10.24
C PHE H 58 -54.16 -19.09 11.59
N VAL H 59 -54.82 -17.95 11.69
CA VAL H 59 -55.24 -17.38 12.98
C VAL H 59 -56.74 -17.13 12.95
N SER H 60 -57.45 -17.56 14.00
CA SER H 60 -58.89 -17.34 14.15
C SER H 60 -59.29 -17.44 15.61
N LYS H 61 -60.44 -16.83 15.94
CA LYS H 61 -61.03 -16.95 17.27
C LYS H 61 -62.10 -18.01 17.41
N ASN H 62 -62.88 -18.29 16.36
CA ASN H 62 -63.79 -19.43 16.42
C ASN H 62 -63.02 -20.75 16.42
N LYS H 63 -61.80 -20.73 15.84
CA LYS H 63 -60.65 -21.57 16.16
C LYS H 63 -60.86 -23.09 16.07
N ILE H 64 -61.95 -23.51 15.45
CA ILE H 64 -62.14 -24.91 15.10
C ILE H 64 -62.30 -25.12 13.61
N GLU H 65 -62.58 -24.06 12.84
CA GLU H 65 -62.54 -24.13 11.39
C GLU H 65 -61.11 -24.16 10.85
N LEU H 66 -60.12 -23.77 11.67
CA LEU H 66 -58.73 -23.81 11.25
C LEU H 66 -58.21 -25.23 11.06
N ASP H 67 -58.82 -26.22 11.71
CA ASP H 67 -58.57 -27.62 11.40
C ASP H 67 -59.52 -28.14 10.35
N LEU H 68 -60.73 -27.57 10.27
CA LEU H 68 -61.65 -27.89 9.18
C LEU H 68 -61.09 -27.39 7.85
N LEU H 69 -60.45 -26.21 7.86
CA LEU H 69 -59.77 -25.74 6.66
C LEU H 69 -58.55 -26.59 6.34
N LEU H 70 -57.90 -27.13 7.37
CA LEU H 70 -56.63 -27.82 7.20
C LEU H 70 -56.79 -29.20 6.57
N LYS H 71 -58.00 -29.76 6.59
CA LYS H 71 -58.26 -31.06 5.97
C LYS H 71 -59.27 -30.81 4.84
N GLN H 72 -58.75 -30.34 3.70
CA GLN H 72 -59.56 -29.97 2.54
C GLN H 72 -58.89 -30.38 1.24
N HIS H 73 -58.42 -31.64 1.19
CA HIS H 73 -57.88 -32.27 -0.03
C HIS H 73 -56.59 -31.58 -0.50
N TYR H 74 -55.86 -30.95 0.43
CA TYR H 74 -54.50 -30.53 0.10
C TYR H 74 -53.45 -31.13 1.03
N PHE H 75 -53.65 -31.07 2.35
CA PHE H 75 -52.75 -31.81 3.22
C PHE H 75 -53.08 -33.30 3.23
N VAL H 76 -54.33 -33.65 2.90
CA VAL H 76 -54.68 -35.05 2.66
C VAL H 76 -54.21 -35.50 1.28
N GLN H 77 -53.71 -34.57 0.46
CA GLN H 77 -53.09 -34.91 -0.81
C GLN H 77 -51.58 -34.68 -0.85
N MET H 78 -51.01 -33.90 0.08
CA MET H 78 -49.57 -33.68 0.14
C MET H 78 -48.94 -34.23 1.42
N GLU H 79 -49.31 -35.44 1.85
CA GLU H 79 -48.97 -35.87 3.20
C GLU H 79 -47.66 -36.67 3.26
N GLN H 80 -47.46 -37.61 2.34
CA GLN H 80 -46.38 -38.59 2.48
C GLN H 80 -45.03 -38.09 2.00
N LEU H 81 -44.97 -37.52 0.81
CA LEU H 81 -43.80 -36.76 0.41
C LEU H 81 -43.86 -35.44 1.19
N GLN H 82 -43.21 -35.44 2.36
CA GLN H 82 -43.54 -34.55 3.47
C GLN H 82 -43.12 -33.12 3.17
N TYR H 83 -43.98 -32.40 2.44
CA TYR H 83 -43.74 -30.98 2.19
C TYR H 83 -44.01 -30.15 3.42
N PHE H 84 -45.11 -30.43 4.12
CA PHE H 84 -45.57 -29.62 5.25
C PHE H 84 -46.03 -30.57 6.36
N HIS H 85 -46.28 -30.00 7.55
CA HIS H 85 -46.87 -30.79 8.62
C HIS H 85 -47.73 -29.89 9.49
N ILE H 86 -48.66 -30.53 10.20
CA ILE H 86 -49.66 -29.87 11.02
C ILE H 86 -49.02 -29.38 12.32
N SER H 87 -49.41 -28.18 12.77
CA SER H 87 -48.97 -27.64 14.04
C SER H 87 -49.76 -28.26 15.20
N ASN H 88 -49.65 -27.68 16.39
CA ASN H 88 -50.19 -28.29 17.60
C ASN H 88 -51.50 -27.68 18.06
N THR H 89 -52.04 -26.69 17.34
CA THR H 89 -53.35 -26.07 17.57
C THR H 89 -53.42 -25.45 18.97
N VAL H 90 -52.62 -24.41 19.14
CA VAL H 90 -52.29 -23.83 20.44
C VAL H 90 -52.88 -22.44 20.54
N LEU H 91 -53.39 -22.09 21.73
CA LEU H 91 -53.82 -20.72 22.02
C LEU H 91 -52.68 -19.74 21.85
N VAL H 92 -52.96 -18.61 21.21
CA VAL H 92 -51.94 -17.58 20.99
C VAL H 92 -51.69 -16.86 22.31
N PRO H 93 -50.44 -16.77 22.77
CA PRO H 93 -50.13 -15.94 23.94
C PRO H 93 -50.38 -14.47 23.62
N GLU H 94 -50.97 -13.78 24.59
CA GLU H 94 -51.58 -12.48 24.35
C GLU H 94 -50.58 -11.33 24.36
N ASP H 95 -49.29 -11.62 24.47
CA ASP H 95 -48.22 -10.63 24.30
C ASP H 95 -47.26 -11.18 23.25
N CYS H 96 -47.21 -10.51 22.10
CA CYS H 96 -46.38 -10.94 20.98
C CYS H 96 -46.16 -9.74 20.07
N THR H 97 -45.51 -9.99 18.94
CA THR H 97 -45.43 -8.96 17.91
C THR H 97 -46.77 -8.87 17.18
N TYR H 98 -46.94 -7.78 16.43
CA TYR H 98 -48.29 -7.34 16.09
C TYR H 98 -48.23 -6.54 14.80
N VAL H 99 -48.67 -7.15 13.70
CA VAL H 99 -48.54 -6.58 12.36
C VAL H 99 -49.93 -6.45 11.72
N SER H 100 -49.99 -6.02 10.46
CA SER H 100 -51.23 -5.99 9.71
C SER H 100 -50.96 -6.30 8.24
N PHE H 101 -51.87 -7.03 7.61
CA PHE H 101 -51.77 -7.42 6.20
C PHE H 101 -52.98 -6.86 5.46
N ARG H 102 -52.72 -6.01 4.48
CA ARG H 102 -53.77 -5.36 3.70
C ARG H 102 -53.39 -5.31 2.23
N ARG H 103 -54.38 -5.55 1.37
CA ARG H 103 -54.20 -5.41 -0.07
C ARG H 103 -54.05 -3.94 -0.43
N CYS H 104 -52.92 -3.59 -1.04
CA CYS H 104 -52.66 -2.20 -1.36
C CYS H 104 -53.46 -1.75 -2.58
N GLN H 105 -53.31 -2.49 -3.69
CA GLN H 105 -54.07 -2.37 -4.96
C GLN H 105 -53.73 -1.08 -5.72
N SER H 106 -52.91 -0.20 -5.14
CA SER H 106 -52.46 1.00 -5.83
C SER H 106 -51.38 0.68 -6.85
N ILE H 107 -50.58 -0.35 -6.59
CA ILE H 107 -49.47 -0.72 -7.47
C ILE H 107 -49.99 -1.32 -8.77
N ASP H 108 -51.12 -2.04 -8.71
CA ASP H 108 -51.73 -2.67 -9.87
C ASP H 108 -52.18 -1.65 -10.92
N LYS H 109 -52.51 -0.42 -10.50
CA LYS H 109 -52.90 0.63 -11.43
C LYS H 109 -51.76 1.62 -11.69
N LEU H 110 -50.51 1.17 -11.65
CA LEU H 110 -49.36 2.00 -12.00
C LEU H 110 -48.70 1.58 -13.30
N THR H 111 -48.78 0.31 -13.68
CA THR H 111 -48.17 -0.21 -14.89
C THR H 111 -48.86 0.42 -16.11
N ALA H 112 -48.10 0.51 -17.22
CA ALA H 112 -48.52 1.30 -18.38
C ALA H 112 -49.80 0.75 -19.01
N ALA H 113 -49.99 -0.56 -18.96
CA ALA H 113 -51.27 -1.14 -19.39
C ALA H 113 -52.38 -0.77 -18.42
N GLY H 114 -52.05 -0.61 -17.14
CA GLY H 114 -53.06 -0.28 -16.16
C GLY H 114 -53.51 1.16 -16.21
N LEU H 115 -52.60 2.07 -16.62
CA LEU H 115 -52.99 3.46 -16.75
C LEU H 115 -53.79 3.68 -18.04
N ALA H 116 -53.54 2.86 -19.06
CA ALA H 116 -54.40 2.88 -20.24
C ALA H 116 -55.73 2.18 -19.94
N ARG H 117 -55.73 1.29 -18.95
CA ARG H 117 -56.99 0.73 -18.45
C ARG H 117 -57.78 1.79 -17.69
N LYS H 118 -57.08 2.76 -17.11
CA LYS H 118 -57.72 3.79 -16.30
C LYS H 118 -58.29 4.90 -17.16
N ILE H 119 -57.48 5.50 -18.03
CA ILE H 119 -57.94 6.63 -18.84
C ILE H 119 -58.91 6.22 -19.93
N ARG H 120 -59.06 4.92 -20.19
CA ARG H 120 -60.19 4.45 -20.98
C ARG H 120 -61.49 4.60 -20.21
N ARG H 121 -61.47 4.34 -18.90
CA ARG H 121 -62.68 4.47 -18.11
C ARG H 121 -63.05 5.93 -17.89
N LEU H 122 -62.06 6.80 -17.71
CA LEU H 122 -62.32 8.23 -17.56
C LEU H 122 -62.80 8.87 -18.87
N GLU H 123 -62.61 8.20 -20.00
CA GLU H 123 -63.12 8.69 -21.27
C GLU H 123 -64.64 8.67 -21.31
N LYS H 124 -65.25 7.60 -20.78
CA LYS H 124 -66.66 7.37 -21.06
C LYS H 124 -67.56 7.86 -19.93
N ARG H 125 -67.08 7.84 -18.68
CA ARG H 125 -67.95 8.23 -17.57
C ARG H 125 -68.11 9.75 -17.43
N ALA H 126 -67.51 10.54 -18.30
CA ALA H 126 -67.73 11.98 -18.34
C ALA H 126 -68.69 12.36 -19.47
N LEU H 127 -69.73 11.52 -19.64
CA LEU H 127 -70.66 11.67 -20.75
C LEU H 127 -71.55 12.90 -20.60
N SER H 128 -71.61 13.49 -19.42
CA SER H 128 -72.19 14.82 -19.24
C SER H 128 -71.32 15.82 -20.00
N ARG H 129 -71.85 16.35 -21.10
CA ARG H 129 -71.06 17.06 -22.09
C ARG H 129 -70.75 18.49 -21.62
N GLY H 130 -70.29 19.31 -22.56
CA GLY H 130 -69.56 20.51 -22.20
C GLY H 130 -68.24 20.55 -22.94
N GLU H 131 -67.15 20.38 -22.20
CA GLU H 131 -65.81 20.31 -22.78
C GLU H 131 -65.66 19.11 -23.71
N GLN H 132 -64.65 19.19 -24.58
CA GLN H 132 -64.25 18.10 -25.45
C GLN H 132 -62.77 17.82 -25.15
N PHE H 133 -62.54 17.00 -24.14
CA PHE H 133 -61.19 16.81 -23.60
C PHE H 133 -60.37 15.90 -24.51
N ASP H 134 -59.05 16.00 -24.34
CA ASP H 134 -58.07 15.21 -25.05
C ASP H 134 -57.40 14.22 -24.10
N PRO H 135 -56.93 13.09 -24.61
CA PRO H 135 -56.08 12.21 -23.80
C PRO H 135 -54.62 12.63 -23.74
N SER H 136 -54.26 13.84 -24.22
CA SER H 136 -52.88 14.29 -24.17
C SER H 136 -52.46 14.67 -22.76
N SER H 137 -53.36 15.27 -21.99
CA SER H 137 -53.06 15.70 -20.63
C SER H 137 -53.30 14.59 -19.61
N PHE H 138 -52.74 13.41 -19.87
CA PHE H 138 -52.81 12.29 -18.93
C PHE H 138 -51.48 11.54 -19.06
N ALA H 139 -50.64 11.61 -18.04
CA ALA H 139 -49.34 10.98 -18.11
C ALA H 139 -48.85 10.61 -16.71
N GLN H 140 -48.02 9.58 -16.67
CA GLN H 140 -47.14 9.32 -15.53
C GLN H 140 -45.78 9.91 -15.87
N LYS H 141 -45.16 10.60 -14.91
CA LYS H 141 -44.22 11.62 -15.33
C LYS H 141 -42.85 11.07 -15.68
N GLU H 142 -42.00 10.80 -14.68
CA GLU H 142 -40.74 10.11 -14.89
C GLU H 142 -40.39 9.20 -13.72
N HIS H 143 -41.03 9.44 -12.57
CA HIS H 143 -40.46 9.04 -11.29
C HIS H 143 -41.55 8.42 -10.41
N THR H 144 -41.47 7.11 -10.21
CA THR H 144 -42.22 6.41 -9.17
C THR H 144 -41.25 5.49 -8.44
N ALA H 145 -40.99 5.80 -7.17
CA ALA H 145 -40.03 5.05 -6.35
C ALA H 145 -40.78 3.99 -5.55
N ILE H 146 -40.64 2.73 -5.95
CA ILE H 146 -41.37 1.61 -5.37
C ILE H 146 -40.34 0.63 -4.81
N ALA H 147 -40.34 0.44 -3.49
CA ALA H 147 -39.28 -0.35 -2.85
C ALA H 147 -39.54 -1.85 -2.92
N HIS H 148 -40.59 -2.32 -2.25
CA HIS H 148 -40.81 -3.76 -2.09
C HIS H 148 -42.24 -4.01 -1.64
N TYR H 149 -42.91 -4.98 -2.26
CA TYR H 149 -44.26 -5.33 -1.85
C TYR H 149 -44.60 -6.81 -1.86
N HIS H 150 -43.73 -7.69 -2.36
CA HIS H 150 -43.87 -9.17 -2.31
C HIS H 150 -45.19 -9.65 -2.92
N SER H 151 -45.28 -9.47 -4.23
CA SER H 151 -46.48 -9.79 -4.98
C SER H 151 -46.76 -11.30 -5.00
N LEU H 152 -48.04 -11.64 -5.06
CA LEU H 152 -48.48 -13.04 -5.09
C LEU H 152 -49.40 -13.24 -6.28
N GLY H 153 -48.93 -13.99 -7.27
CA GLY H 153 -49.72 -14.24 -8.46
C GLY H 153 -50.82 -15.26 -8.23
N GLU H 154 -51.92 -15.10 -8.96
CA GLU H 154 -53.09 -15.95 -8.78
C GLU H 154 -53.88 -16.01 -10.08
N SER H 155 -54.29 -17.22 -10.46
CA SER H 155 -55.19 -17.40 -11.59
C SER H 155 -56.63 -17.18 -11.14
N SER H 156 -57.44 -16.64 -12.05
CA SER H 156 -58.83 -16.37 -11.73
C SER H 156 -59.64 -17.65 -11.68
N LYS H 157 -60.67 -17.63 -10.82
CA LYS H 157 -61.58 -18.77 -10.72
C LYS H 157 -62.44 -18.90 -11.96
N GLN H 158 -63.10 -17.81 -12.36
CA GLN H 158 -64.10 -17.87 -13.41
C GLN H 158 -63.46 -17.94 -14.80
N THR H 159 -62.47 -17.09 -15.07
CA THR H 159 -61.86 -17.04 -16.40
C THR H 159 -60.34 -17.17 -16.34
N ASN H 160 -59.69 -16.95 -17.48
CA ASN H 160 -58.25 -17.18 -17.62
C ASN H 160 -57.52 -15.85 -17.53
N ARG H 161 -57.31 -15.38 -16.30
CA ARG H 161 -56.59 -14.15 -16.04
C ARG H 161 -55.50 -14.42 -15.01
N ASN H 162 -54.29 -13.95 -15.29
CA ASN H 162 -53.18 -14.09 -14.37
C ASN H 162 -53.01 -12.79 -13.58
N PHE H 163 -53.96 -12.56 -12.67
CA PHE H 163 -53.94 -11.34 -11.87
C PHE H 163 -52.99 -11.52 -10.69
N ARG H 164 -52.87 -10.51 -9.84
CA ARG H 164 -51.80 -10.50 -8.86
C ARG H 164 -52.21 -9.64 -7.67
N LEU H 165 -51.62 -9.94 -6.51
CA LEU H 165 -51.93 -9.27 -5.26
C LEU H 165 -50.71 -8.49 -4.77
N ASN H 166 -50.93 -7.61 -3.79
CA ASN H 166 -49.85 -6.74 -3.30
C ASN H 166 -50.15 -6.32 -1.86
N ILE H 167 -49.41 -6.90 -0.90
CA ILE H 167 -49.66 -6.74 0.53
C ILE H 167 -48.32 -6.51 1.23
N ARG H 168 -48.24 -5.49 2.08
CA ARG H 168 -47.02 -5.12 2.78
C ARG H 168 -47.33 -5.09 4.30
N MET H 169 -46.39 -4.58 5.10
CA MET H 169 -46.39 -4.71 6.55
C MET H 169 -46.71 -3.38 7.23
N LEU H 170 -47.60 -3.42 8.22
CA LEU H 170 -47.90 -2.26 9.07
C LEU H 170 -48.09 -2.76 10.50
N SER H 171 -47.27 -2.28 11.44
CA SER H 171 -47.21 -2.85 12.79
C SER H 171 -47.45 -1.79 13.86
N GLU H 172 -48.71 -1.53 14.19
CA GLU H 172 -49.13 -0.58 15.21
C GLU H 172 -50.62 -0.86 15.50
N GLN H 173 -51.28 0.06 16.25
CA GLN H 173 -52.72 0.18 16.46
C GLN H 173 -53.35 -1.04 17.14
N PRO H 174 -53.24 -1.15 18.48
CA PRO H 174 -53.58 -2.40 19.16
C PRO H 174 -55.06 -2.79 19.20
N ARG H 175 -55.99 -2.05 18.59
CA ARG H 175 -57.42 -2.41 18.69
C ARG H 175 -58.18 -2.01 17.42
N GLU H 176 -58.32 -2.97 16.50
CA GLU H 176 -59.32 -2.97 15.43
C GLU H 176 -59.62 -4.41 15.06
N GLY H 177 -60.81 -4.63 14.49
CA GLY H 177 -61.09 -5.86 13.79
C GLY H 177 -61.26 -7.14 14.60
N ASN H 178 -62.40 -7.30 15.26
CA ASN H 178 -62.66 -8.58 15.93
C ASN H 178 -63.03 -9.66 14.93
N SER H 179 -62.03 -10.15 14.17
CA SER H 179 -62.12 -11.26 13.21
C SER H 179 -63.17 -10.97 12.12
N ILE H 180 -62.88 -9.94 11.34
CA ILE H 180 -63.79 -9.47 10.29
C ILE H 180 -63.12 -9.58 8.92
N PHE H 181 -62.31 -10.61 8.73
CA PHE H 181 -61.55 -10.88 7.51
C PHE H 181 -62.48 -11.21 6.33
N SER H 182 -61.88 -11.50 5.18
CA SER H 182 -62.64 -11.75 3.95
C SER H 182 -61.99 -12.89 3.19
N SER H 183 -62.32 -12.98 1.89
CA SER H 183 -61.99 -14.12 1.04
C SER H 183 -60.49 -14.39 0.97
N TYR H 184 -59.69 -13.34 0.89
CA TYR H 184 -58.24 -13.49 0.83
C TYR H 184 -57.56 -13.20 2.17
N GLY H 185 -58.27 -12.58 3.12
CA GLY H 185 -57.65 -12.09 4.33
C GLY H 185 -57.14 -10.69 4.09
N LEU H 186 -57.63 -9.71 4.85
CA LEU H 186 -57.46 -8.32 4.43
C LEU H 186 -57.39 -7.41 5.64
N SER H 187 -56.91 -6.20 5.41
CA SER H 187 -57.10 -5.09 6.33
C SER H 187 -57.34 -3.81 5.57
N ASN H 188 -58.15 -3.85 4.52
CA ASN H 188 -58.39 -2.57 3.86
C ASN H 188 -59.85 -2.26 3.55
N SER H 189 -60.62 -3.24 3.13
CA SER H 189 -61.85 -2.99 2.37
C SER H 189 -63.09 -3.15 3.24
N GLU H 190 -63.83 -2.04 3.40
CA GLU H 190 -65.22 -1.98 3.83
C GLU H 190 -65.49 -2.41 5.27
N ASN H 191 -64.47 -2.90 5.98
CA ASN H 191 -64.66 -3.25 7.38
C ASN H 191 -63.77 -2.47 8.34
N SER H 192 -62.45 -2.52 8.16
CA SER H 192 -61.48 -1.95 9.10
C SER H 192 -60.10 -2.05 8.47
N PHE H 193 -59.09 -1.70 9.28
CA PHE H 193 -57.69 -1.92 8.94
C PHE H 193 -57.11 -2.95 9.92
N GLN H 194 -57.84 -4.06 10.11
CA GLN H 194 -57.63 -5.05 11.17
C GLN H 194 -56.20 -5.59 11.27
N PRO H 195 -55.54 -5.45 12.42
CA PRO H 195 -54.19 -5.97 12.57
C PRO H 195 -54.19 -7.48 12.83
N VAL H 196 -52.99 -8.04 12.79
CA VAL H 196 -52.76 -9.48 12.92
C VAL H 196 -51.75 -9.71 14.05
N PRO H 197 -51.96 -10.65 14.96
CA PRO H 197 -50.98 -10.94 16.01
C PRO H 197 -49.76 -11.75 15.56
N LEU H 198 -49.59 -11.98 14.26
CA LEU H 198 -48.51 -12.80 13.66
C LEU H 198 -48.47 -14.23 14.22
N MET I 1 -51.80 -19.21 -43.70
CA MET I 1 -52.85 -20.03 -43.11
C MET I 1 -53.63 -20.75 -44.20
N PHE I 2 -53.99 -22.01 -43.90
CA PHE I 2 -54.96 -22.82 -44.63
C PHE I 2 -54.54 -23.04 -46.08
N LEU I 3 -53.44 -23.79 -46.21
CA LEU I 3 -53.01 -24.31 -47.50
C LEU I 3 -53.95 -25.43 -47.92
N GLN I 4 -54.74 -25.18 -48.96
CA GLN I 4 -55.89 -26.02 -49.31
C GLN I 4 -55.43 -27.37 -49.85
N ARG I 5 -55.94 -28.45 -49.23
CA ARG I 5 -55.86 -29.85 -49.63
C ARG I 5 -54.45 -30.33 -49.92
N PRO I 6 -53.62 -30.57 -48.89
CA PRO I 6 -52.39 -31.35 -49.13
C PRO I 6 -52.71 -32.74 -49.64
N LYS I 7 -52.38 -32.98 -50.90
CA LYS I 7 -52.74 -34.18 -51.64
C LYS I 7 -51.87 -35.43 -51.42
N PRO I 8 -50.54 -35.31 -51.22
CA PRO I 8 -49.61 -36.15 -51.97
C PRO I 8 -49.53 -37.58 -51.47
N TYR I 9 -48.73 -38.37 -52.17
CA TYR I 9 -48.45 -39.76 -51.87
C TYR I 9 -46.98 -39.88 -51.48
N SER I 10 -46.53 -41.11 -51.26
CA SER I 10 -45.17 -41.34 -50.76
C SER I 10 -44.17 -41.23 -51.92
N ASP I 11 -42.93 -41.65 -51.66
CA ASP I 11 -41.84 -41.71 -52.63
C ASP I 11 -41.55 -40.33 -53.23
N GLU I 12 -41.09 -39.43 -52.37
CA GLU I 12 -40.75 -38.08 -52.81
C GLU I 12 -39.64 -37.55 -51.93
N SER I 13 -38.74 -36.77 -52.54
CA SER I 13 -37.58 -36.20 -51.84
C SER I 13 -37.85 -34.80 -51.30
N LEU I 14 -39.12 -34.48 -51.02
CA LEU I 14 -39.62 -33.31 -50.28
C LEU I 14 -39.50 -32.01 -51.06
N GLU I 15 -38.81 -32.01 -52.19
CA GLU I 15 -38.58 -30.77 -52.90
C GLU I 15 -39.76 -30.42 -53.80
N SER I 16 -40.47 -31.43 -54.30
CA SER I 16 -41.69 -31.17 -55.04
C SER I 16 -42.90 -30.99 -54.14
N PHE I 17 -42.77 -31.26 -52.83
CA PHE I 17 -43.88 -30.99 -51.92
C PHE I 17 -44.15 -29.50 -51.82
N PHE I 18 -43.09 -28.69 -51.82
CA PHE I 18 -43.25 -27.24 -51.87
C PHE I 18 -43.61 -26.78 -53.27
N ILE I 19 -43.27 -27.55 -54.30
CA ILE I 19 -43.65 -27.23 -55.66
C ILE I 19 -45.13 -27.53 -55.91
N ARG I 20 -45.64 -28.62 -55.32
CA ARG I 20 -47.05 -28.96 -55.49
C ARG I 20 -47.95 -27.98 -54.74
N VAL I 21 -47.47 -27.42 -53.62
CA VAL I 21 -48.22 -26.35 -52.96
C VAL I 21 -47.92 -25.01 -53.59
N ALA I 22 -46.96 -24.94 -54.52
CA ALA I 22 -46.73 -23.74 -55.30
C ALA I 22 -47.63 -23.66 -56.53
N ASN I 23 -47.90 -24.78 -57.19
CA ASN I 23 -48.70 -24.74 -58.41
C ASN I 23 -50.18 -24.50 -58.15
N LYS I 24 -50.63 -24.56 -56.90
CA LYS I 24 -52.00 -24.22 -56.57
C LYS I 24 -52.15 -22.73 -56.32
N ASN I 25 -53.36 -22.22 -56.60
CA ASN I 25 -53.89 -20.90 -56.24
C ASN I 25 -53.27 -19.76 -57.05
N GLY I 26 -52.22 -20.03 -57.81
CA GLY I 26 -51.61 -19.04 -58.67
C GLY I 26 -50.50 -18.29 -57.97
N TYR I 27 -49.26 -18.80 -58.09
CA TYR I 27 -48.09 -18.21 -57.41
C TYR I 27 -46.82 -18.44 -58.22
N GLY I 28 -45.95 -17.43 -58.29
CA GLY I 28 -44.68 -17.52 -59.02
C GLY I 28 -43.60 -18.23 -58.21
N ASP I 29 -42.90 -19.18 -58.83
CA ASP I 29 -41.82 -19.99 -58.21
C ASP I 29 -42.16 -20.40 -56.76
N VAL I 30 -41.27 -20.15 -55.80
CA VAL I 30 -41.49 -20.54 -54.37
C VAL I 30 -40.89 -19.48 -53.45
N HIS I 31 -40.41 -18.36 -53.99
CA HIS I 31 -39.77 -17.30 -53.17
C HIS I 31 -40.82 -16.55 -52.33
N ARG I 32 -42.07 -16.49 -52.82
CA ARG I 32 -43.15 -15.78 -52.09
C ARG I 32 -43.60 -16.62 -50.90
N PHE I 33 -44.13 -17.81 -51.16
CA PHE I 33 -44.60 -18.73 -50.09
C PHE I 33 -43.44 -19.07 -49.16
N LEU I 34 -42.23 -19.15 -49.71
CA LEU I 34 -41.04 -19.47 -48.93
C LEU I 34 -40.61 -18.30 -48.05
N GLU I 35 -40.91 -17.07 -48.49
CA GLU I 35 -40.79 -15.93 -47.59
C GLU I 35 -41.99 -15.84 -46.65
N ALA I 36 -43.18 -16.20 -47.13
CA ALA I 36 -44.37 -16.12 -46.29
C ALA I 36 -44.37 -17.21 -45.23
N THR I 37 -43.65 -18.30 -45.47
CA THR I 37 -43.40 -19.26 -44.40
C THR I 37 -42.44 -18.68 -43.36
N LYS I 38 -41.30 -18.16 -43.80
CA LYS I 38 -40.32 -17.64 -42.86
C LYS I 38 -40.76 -16.32 -42.24
N ARG I 39 -41.84 -15.76 -42.78
CA ARG I 39 -42.51 -14.55 -42.26
C ARG I 39 -43.42 -15.05 -41.14
N PHE I 40 -44.10 -16.19 -41.39
CA PHE I 40 -44.94 -16.86 -40.40
C PHE I 40 -44.08 -17.45 -39.29
N LEU I 41 -42.86 -17.87 -39.62
CA LEU I 41 -41.90 -18.21 -38.58
C LEU I 41 -41.40 -16.96 -37.85
N GLN I 42 -41.26 -15.84 -38.58
CA GLN I 42 -40.99 -14.56 -37.92
C GLN I 42 -42.20 -14.06 -37.15
N ASP I 43 -43.39 -14.59 -37.44
CA ASP I 43 -44.61 -14.25 -36.71
C ASP I 43 -44.64 -15.03 -35.38
N ILE I 44 -45.82 -15.09 -34.75
CA ILE I 44 -46.05 -15.48 -33.36
C ILE I 44 -45.38 -16.79 -32.91
N ASP I 45 -44.84 -16.76 -31.69
CA ASP I 45 -44.45 -17.94 -30.90
C ASP I 45 -43.37 -18.79 -31.57
N HIS I 46 -42.28 -18.13 -31.95
CA HIS I 46 -41.19 -18.84 -32.60
C HIS I 46 -39.88 -18.14 -32.28
N ASN I 47 -38.79 -18.91 -32.36
CA ASN I 47 -37.47 -18.45 -31.93
C ASN I 47 -36.34 -18.70 -32.92
N GLY I 48 -36.55 -19.51 -33.96
CA GLY I 48 -35.48 -19.89 -34.85
C GLY I 48 -35.70 -19.60 -36.32
N TYR I 49 -36.27 -18.44 -36.64
CA TYR I 49 -36.67 -18.16 -38.02
C TYR I 49 -35.53 -17.67 -38.90
N GLN I 50 -34.38 -17.31 -38.33
CA GLN I 50 -33.38 -16.55 -39.08
C GLN I 50 -32.66 -17.41 -40.12
N THR I 51 -32.66 -18.72 -39.94
CA THR I 51 -31.83 -19.60 -40.76
C THR I 51 -32.63 -20.41 -41.77
N PHE I 52 -33.94 -20.28 -41.80
CA PHE I 52 -34.78 -20.92 -42.81
C PHE I 52 -34.44 -20.32 -44.17
N PRO I 53 -34.18 -21.14 -45.21
CA PRO I 53 -33.42 -20.66 -46.38
C PRO I 53 -34.16 -19.72 -47.31
N THR I 54 -33.51 -19.36 -48.42
CA THR I 54 -34.02 -18.37 -49.36
C THR I 54 -34.17 -18.85 -50.80
N ASP I 55 -33.45 -19.89 -51.21
CA ASP I 55 -33.30 -20.22 -52.63
C ASP I 55 -34.10 -21.46 -53.00
N ILE I 56 -33.90 -21.91 -54.25
CA ILE I 56 -34.54 -23.13 -54.76
C ILE I 56 -34.03 -24.36 -54.00
N THR I 57 -32.72 -24.45 -53.79
CA THR I 57 -32.15 -25.54 -53.02
C THR I 57 -32.20 -25.20 -51.53
N ARG I 58 -31.46 -25.98 -50.73
CA ARG I 58 -31.09 -25.74 -49.34
C ARG I 58 -32.30 -25.85 -48.38
N ILE I 59 -33.45 -26.29 -48.86
CA ILE I 59 -34.54 -26.64 -47.94
C ILE I 59 -34.18 -27.90 -47.15
N ASN I 60 -33.24 -28.69 -47.67
CA ASN I 60 -32.51 -29.82 -47.11
C ASN I 60 -32.05 -29.55 -45.68
N PRO I 61 -32.40 -30.42 -44.72
CA PRO I 61 -31.93 -30.22 -43.35
C PRO I 61 -30.60 -30.90 -43.01
N TYR I 62 -29.60 -30.77 -43.89
CA TYR I 62 -28.21 -30.94 -43.45
C TYR I 62 -27.29 -29.94 -44.14
N SER I 63 -27.84 -28.90 -44.76
CA SER I 63 -27.04 -27.98 -45.56
C SER I 63 -26.34 -26.92 -44.72
N ALA I 64 -26.73 -26.75 -43.46
CA ALA I 64 -26.08 -25.83 -42.55
C ALA I 64 -25.30 -26.61 -41.50
N LYS I 65 -24.27 -25.97 -40.93
CA LYS I 65 -23.48 -26.62 -39.89
C LYS I 65 -24.27 -26.81 -38.61
N ASN I 66 -25.16 -25.85 -38.29
CA ASN I 66 -25.78 -25.86 -36.98
C ASN I 66 -27.25 -25.47 -37.00
N SER I 67 -27.84 -25.27 -38.17
CA SER I 67 -29.28 -25.04 -38.26
C SER I 67 -30.03 -26.34 -38.55
N SER I 68 -29.37 -27.49 -38.39
CA SER I 68 -30.04 -28.78 -38.50
C SER I 68 -31.10 -28.92 -37.42
N SER I 69 -30.75 -28.57 -36.18
CA SER I 69 -31.71 -28.62 -35.08
C SER I 69 -32.74 -27.50 -35.19
N ALA I 70 -32.45 -26.48 -36.00
CA ALA I 70 -33.41 -25.41 -36.21
C ALA I 70 -34.33 -25.69 -37.41
N ARG I 71 -33.89 -26.55 -38.33
CA ARG I 71 -34.67 -26.78 -39.54
C ARG I 71 -35.83 -27.73 -39.25
N THR I 72 -35.60 -28.74 -38.42
CA THR I 72 -36.67 -29.65 -38.03
C THR I 72 -37.70 -28.97 -37.13
N ALA I 73 -37.24 -28.09 -36.24
CA ALA I 73 -38.16 -27.31 -35.42
C ALA I 73 -38.95 -26.33 -36.28
N SER I 74 -38.31 -25.80 -37.33
CA SER I 74 -39.02 -25.06 -38.36
C SER I 74 -40.02 -25.93 -39.09
N PHE I 75 -39.63 -27.19 -39.37
CA PHE I 75 -40.52 -28.09 -40.09
C PHE I 75 -41.59 -28.69 -39.19
N LEU I 76 -41.54 -28.43 -37.89
CA LEU I 76 -42.54 -29.01 -36.98
C LEU I 76 -43.88 -28.31 -37.14
N LYS I 77 -43.90 -26.98 -36.94
CA LYS I 77 -45.12 -26.21 -37.10
C LYS I 77 -45.38 -25.80 -38.54
N LEU I 78 -44.56 -26.25 -39.49
CA LEU I 78 -44.79 -26.01 -40.91
C LEU I 78 -45.76 -27.04 -41.51
N ALA I 79 -46.32 -27.92 -40.69
CA ALA I 79 -47.31 -28.88 -41.13
C ALA I 79 -48.60 -28.82 -40.33
N GLN I 80 -48.54 -28.42 -39.06
CA GLN I 80 -49.67 -28.59 -38.15
C GLN I 80 -50.75 -27.52 -38.34
N LEU I 81 -50.39 -26.26 -38.09
CA LEU I 81 -51.37 -25.18 -38.04
C LEU I 81 -51.44 -24.40 -39.36
N THR I 82 -50.85 -24.93 -40.42
CA THR I 82 -50.94 -24.33 -41.74
C THR I 82 -51.60 -25.24 -42.77
N PHE I 83 -52.01 -26.45 -42.40
CA PHE I 83 -52.72 -27.35 -43.30
C PHE I 83 -54.01 -27.83 -42.66
N ASN I 84 -55.11 -27.77 -43.43
CA ASN I 84 -56.21 -28.68 -43.17
C ASN I 84 -55.74 -30.10 -43.45
N GLU I 85 -56.07 -31.03 -42.52
CA GLU I 85 -55.57 -32.41 -42.42
C GLU I 85 -54.05 -32.47 -42.60
N PRO I 86 -53.29 -32.16 -41.53
CA PRO I 86 -51.81 -32.07 -41.63
C PRO I 86 -51.17 -33.34 -42.18
N PRO I 87 -50.51 -33.24 -43.34
CA PRO I 87 -50.14 -34.44 -44.10
C PRO I 87 -48.91 -35.15 -43.55
N GLU I 88 -48.46 -36.18 -44.28
CA GLU I 88 -47.17 -36.78 -44.01
C GLU I 88 -46.07 -35.85 -44.52
N LEU I 89 -45.65 -34.93 -43.66
CA LEU I 89 -44.58 -33.97 -43.96
C LEU I 89 -43.28 -34.37 -43.27
N LEU I 90 -43.33 -34.56 -41.96
CA LEU I 90 -42.16 -34.97 -41.22
C LEU I 90 -41.86 -36.45 -41.48
N GLY I 91 -40.57 -36.75 -41.63
CA GLY I 91 -40.11 -38.03 -42.10
C GLY I 91 -39.66 -38.01 -43.55
N LEU I 92 -40.17 -37.07 -44.34
CA LEU I 92 -39.67 -36.85 -45.70
C LEU I 92 -38.32 -36.17 -45.70
N ALA I 93 -37.92 -35.57 -44.57
CA ALA I 93 -36.71 -34.76 -44.52
C ALA I 93 -35.46 -35.62 -44.56
N ILE I 94 -34.60 -35.34 -45.54
CA ILE I 94 -33.34 -36.06 -45.70
C ILE I 94 -32.37 -35.45 -44.68
N ASN I 95 -32.33 -36.05 -43.50
CA ASN I 95 -31.57 -35.50 -42.38
C ASN I 95 -30.12 -35.96 -42.47
N ARG I 96 -29.36 -35.75 -41.40
CA ARG I 96 -28.10 -36.46 -41.19
C ARG I 96 -28.22 -37.23 -39.89
N THR I 97 -27.20 -38.05 -39.60
CA THR I 97 -27.25 -38.95 -38.46
C THR I 97 -25.89 -38.97 -37.78
N ASN I 98 -25.73 -39.89 -36.82
CA ASN I 98 -24.46 -40.15 -36.18
C ASN I 98 -23.75 -41.38 -36.73
N MET I 99 -24.41 -42.14 -37.60
CA MET I 99 -23.85 -43.39 -38.09
C MET I 99 -22.78 -43.15 -39.13
N LYS I 100 -21.93 -44.16 -39.33
CA LYS I 100 -20.93 -44.20 -40.40
C LYS I 100 -20.96 -45.61 -41.01
N TYR I 101 -20.00 -45.87 -41.89
CA TYR I 101 -19.70 -47.23 -42.34
C TYR I 101 -18.29 -47.59 -41.87
N SER I 102 -17.81 -48.74 -42.31
CA SER I 102 -16.42 -49.15 -42.13
C SER I 102 -15.39 -48.44 -43.03
N PRO I 103 -15.69 -48.09 -44.32
CA PRO I 103 -14.70 -47.27 -45.06
C PRO I 103 -14.74 -45.78 -44.76
N SER I 104 -15.34 -45.39 -43.63
CA SER I 104 -15.40 -44.01 -43.12
C SER I 104 -16.15 -43.10 -44.10
N THR I 105 -17.36 -43.52 -44.43
CA THR I 105 -18.27 -42.75 -45.27
C THR I 105 -19.44 -42.30 -44.43
N SER I 106 -19.88 -41.06 -44.63
CA SER I 106 -20.91 -40.46 -43.78
C SER I 106 -22.27 -41.05 -44.12
N ALA I 107 -22.97 -41.55 -43.10
CA ALA I 107 -24.30 -42.08 -43.29
C ALA I 107 -25.33 -40.94 -43.26
N VAL I 108 -26.47 -41.18 -43.90
CA VAL I 108 -27.48 -40.15 -44.07
C VAL I 108 -28.88 -40.76 -44.16
N VAL I 109 -29.77 -40.35 -43.25
CA VAL I 109 -31.06 -41.00 -43.04
C VAL I 109 -32.15 -40.19 -43.73
N ARG I 110 -32.98 -40.86 -44.54
CA ARG I 110 -34.11 -40.17 -45.18
C ARG I 110 -35.36 -40.31 -44.33
N GLY I 111 -35.91 -41.52 -44.23
CA GLY I 111 -36.88 -41.79 -43.18
C GLY I 111 -36.55 -43.06 -42.42
N ALA I 112 -35.98 -44.02 -43.15
CA ALA I 112 -35.40 -45.20 -42.53
C ALA I 112 -34.18 -45.71 -43.29
N GLU I 113 -33.74 -45.05 -44.35
CA GLU I 113 -32.85 -45.63 -45.33
C GLU I 113 -31.58 -44.80 -45.45
N VAL I 114 -30.47 -45.48 -45.72
CA VAL I 114 -29.14 -44.89 -45.64
C VAL I 114 -28.45 -44.96 -47.00
N PHE I 115 -28.05 -43.79 -47.49
CA PHE I 115 -27.27 -43.65 -48.72
C PHE I 115 -25.79 -43.89 -48.40
N PRO I 116 -24.95 -44.27 -49.37
CA PRO I 116 -23.54 -44.60 -49.03
C PRO I 116 -22.72 -43.42 -48.55
N ARG I 117 -22.88 -42.26 -49.18
CA ARG I 117 -22.11 -41.08 -48.84
C ARG I 117 -22.92 -39.85 -49.23
N SER I 118 -22.77 -38.78 -48.46
CA SER I 118 -23.49 -37.53 -48.71
C SER I 118 -22.72 -36.65 -49.71
N LEU I 119 -22.50 -37.22 -50.89
CA LEU I 119 -21.67 -36.59 -51.92
C LEU I 119 -22.28 -36.70 -53.31
N LEU I 120 -23.20 -37.65 -53.51
CA LEU I 120 -23.46 -38.37 -54.76
C LEU I 120 -23.50 -37.56 -56.05
N ARG I 121 -24.51 -36.71 -56.23
CA ARG I 121 -24.43 -35.76 -57.33
C ARG I 121 -24.59 -34.32 -56.89
N THR I 122 -25.72 -34.01 -56.25
CA THR I 122 -26.14 -32.71 -55.70
C THR I 122 -26.34 -31.62 -56.77
N HIS I 123 -26.04 -31.91 -58.05
CA HIS I 123 -26.12 -30.96 -59.14
C HIS I 123 -26.04 -31.66 -60.50
N SER I 124 -26.67 -31.07 -61.51
CA SER I 124 -26.64 -31.52 -62.92
C SER I 124 -27.15 -32.96 -63.07
N ILE I 125 -28.43 -33.14 -62.75
CA ILE I 125 -29.03 -34.47 -62.70
C ILE I 125 -30.02 -34.64 -63.85
N PRO I 126 -30.24 -35.86 -64.34
CA PRO I 126 -31.32 -36.09 -65.30
C PRO I 126 -32.67 -36.13 -64.59
N CYS I 127 -33.73 -36.03 -65.39
CA CYS I 127 -35.09 -35.95 -64.87
C CYS I 127 -36.08 -36.38 -65.94
N CYS I 128 -37.13 -37.10 -65.52
CA CYS I 128 -38.15 -37.59 -66.44
C CYS I 128 -39.53 -37.01 -66.08
N PRO I 129 -40.37 -36.73 -67.08
CA PRO I 129 -41.66 -36.09 -66.81
C PRO I 129 -42.75 -37.06 -66.39
N LEU I 130 -43.96 -36.51 -66.29
CA LEU I 130 -45.23 -37.26 -66.17
C LEU I 130 -45.32 -38.02 -64.84
N CYS I 131 -44.70 -37.48 -63.80
CA CYS I 131 -44.94 -37.87 -62.43
C CYS I 131 -44.93 -36.60 -61.59
N LEU I 132 -45.06 -36.74 -60.28
CA LEU I 132 -44.79 -35.61 -59.39
C LEU I 132 -44.13 -36.08 -58.08
N ARG I 133 -42.78 -36.09 -58.06
CA ARG I 133 -41.97 -36.26 -59.27
C ARG I 133 -41.11 -37.52 -59.14
N GLU I 134 -40.30 -37.59 -58.09
CA GLU I 134 -39.55 -38.80 -57.73
C GLU I 134 -39.02 -38.65 -56.31
N ASN I 135 -38.49 -39.76 -55.79
CA ASN I 135 -37.68 -39.75 -54.58
C ASN I 135 -36.20 -39.96 -54.87
N GLY I 136 -35.88 -40.72 -55.93
CA GLY I 136 -34.60 -41.38 -56.07
C GLY I 136 -33.53 -40.73 -56.93
N TYR I 137 -33.83 -39.65 -57.65
CA TYR I 137 -32.79 -38.97 -58.41
C TYR I 137 -31.90 -38.13 -57.47
N ALA I 138 -30.98 -37.37 -58.08
CA ALA I 138 -29.79 -36.79 -57.42
C ALA I 138 -29.04 -37.86 -56.64
N SER I 139 -28.84 -39.00 -57.29
CA SER I 139 -28.11 -40.13 -56.73
C SER I 139 -27.31 -40.79 -57.85
N TYR I 140 -26.58 -41.85 -57.50
CA TYR I 140 -25.67 -42.46 -58.46
C TYR I 140 -26.41 -43.33 -59.47
N LEU I 141 -27.19 -44.29 -59.00
CA LEU I 141 -27.81 -45.29 -59.88
C LEU I 141 -29.30 -45.39 -59.54
N TRP I 142 -30.10 -44.55 -60.20
CA TRP I 142 -31.55 -44.68 -60.18
C TRP I 142 -32.06 -44.00 -61.44
N HIS I 143 -32.42 -44.78 -62.46
CA HIS I 143 -32.59 -44.25 -63.81
C HIS I 143 -34.03 -44.27 -64.29
N PHE I 144 -34.68 -45.43 -64.35
CA PHE I 144 -35.86 -45.61 -65.18
C PHE I 144 -37.11 -45.99 -64.41
N GLN I 145 -37.01 -47.00 -63.53
CA GLN I 145 -38.09 -47.62 -62.75
C GLN I 145 -39.32 -47.95 -63.64
N GLY I 146 -39.09 -48.90 -64.54
CA GLY I 146 -40.14 -49.42 -65.39
C GLY I 146 -40.24 -48.86 -66.80
N TYR I 147 -40.30 -47.54 -66.97
CA TYR I 147 -40.29 -46.95 -68.30
C TYR I 147 -38.88 -46.45 -68.59
N GLU I 148 -38.33 -46.90 -69.71
CA GLU I 148 -36.91 -46.77 -70.02
C GLU I 148 -36.67 -45.68 -71.05
N TYR I 149 -35.38 -45.47 -71.36
CA TYR I 149 -34.90 -44.55 -72.40
C TYR I 149 -35.36 -43.11 -72.15
N CYS I 150 -35.24 -42.66 -70.90
CA CYS I 150 -35.65 -41.32 -70.50
C CYS I 150 -34.50 -40.67 -69.73
N HIS I 151 -33.59 -40.02 -70.47
CA HIS I 151 -32.52 -39.23 -69.85
C HIS I 151 -32.90 -37.75 -69.81
N SER I 152 -33.29 -37.21 -70.97
CA SER I 152 -33.91 -35.88 -71.13
C SER I 152 -32.98 -34.74 -70.67
N HIS I 153 -31.84 -34.64 -71.34
CA HIS I 153 -31.00 -33.45 -71.23
C HIS I 153 -31.40 -32.48 -72.34
N ASN I 154 -31.54 -31.19 -71.99
CA ASN I 154 -32.29 -30.26 -72.82
C ASN I 154 -31.34 -29.47 -73.72
N VAL I 155 -30.75 -30.16 -74.69
CA VAL I 155 -30.06 -29.48 -75.79
C VAL I 155 -31.03 -28.72 -76.70
N PRO I 156 -32.24 -29.27 -77.11
CA PRO I 156 -33.18 -28.41 -77.84
C PRO I 156 -33.88 -27.35 -76.99
N LEU I 157 -34.91 -26.73 -77.58
CA LEU I 157 -35.58 -25.54 -77.08
C LEU I 157 -36.16 -25.65 -75.67
N ILE I 158 -36.52 -24.50 -75.10
CA ILE I 158 -36.94 -24.36 -73.71
C ILE I 158 -38.35 -24.90 -73.55
N THR I 159 -38.67 -25.39 -72.34
CA THR I 159 -39.99 -25.83 -71.89
C THR I 159 -40.50 -27.01 -72.72
N THR I 160 -39.79 -28.13 -72.53
CA THR I 160 -40.27 -29.43 -73.00
C THR I 160 -41.21 -30.08 -71.99
N CYS I 161 -40.80 -30.14 -70.73
CA CYS I 161 -41.64 -30.67 -69.66
C CYS I 161 -42.57 -29.58 -69.15
N SER I 162 -43.80 -29.99 -68.82
CA SER I 162 -44.85 -29.04 -68.41
C SER I 162 -44.96 -29.02 -66.89
N CYS I 163 -44.02 -28.32 -66.28
CA CYS I 163 -44.12 -28.05 -64.84
C CYS I 163 -43.99 -26.57 -64.50
N GLY I 164 -43.06 -25.86 -65.15
CA GLY I 164 -42.87 -24.45 -64.87
C GLY I 164 -41.55 -24.09 -64.24
N LYS I 165 -40.50 -24.85 -64.58
CA LYS I 165 -39.10 -24.58 -64.20
C LYS I 165 -38.89 -24.59 -62.69
N GLU I 166 -39.66 -25.38 -61.94
CA GLU I 166 -39.46 -25.43 -60.50
C GLU I 166 -38.36 -26.42 -60.11
N PHE I 167 -38.57 -27.71 -60.38
CA PHE I 167 -37.55 -28.72 -60.05
C PHE I 167 -36.61 -28.88 -61.23
N ASP I 168 -37.13 -29.47 -62.32
CA ASP I 168 -36.75 -29.34 -63.73
C ASP I 168 -35.27 -29.11 -64.03
N TYR I 169 -34.40 -29.93 -63.43
CA TYR I 169 -32.96 -29.74 -63.58
C TYR I 169 -32.54 -30.17 -64.97
N ARG I 170 -32.46 -29.22 -65.89
CA ARG I 170 -32.00 -29.45 -67.25
C ARG I 170 -31.35 -28.19 -67.76
N VAL I 171 -30.23 -28.35 -68.46
CA VAL I 171 -29.44 -27.22 -68.94
C VAL I 171 -29.32 -27.30 -70.46
N SER I 172 -28.96 -26.16 -71.06
CA SER I 172 -28.80 -26.06 -72.50
C SER I 172 -27.40 -25.57 -72.86
N GLU I 195 -29.83 -57.48 -70.54
CA GLU I 195 -30.08 -56.25 -69.82
C GLU I 195 -30.04 -56.47 -68.31
N ALA I 196 -29.14 -55.75 -67.63
CA ALA I 196 -28.98 -55.87 -66.20
C ALA I 196 -29.27 -54.58 -65.44
N ALA I 197 -29.43 -53.45 -66.14
CA ALA I 197 -29.68 -52.19 -65.46
C ALA I 197 -31.13 -52.06 -65.00
N CYS I 198 -32.05 -52.81 -65.62
CA CYS I 198 -33.46 -52.72 -65.22
C CYS I 198 -33.72 -53.51 -63.95
N THR I 199 -32.91 -54.53 -63.68
CA THR I 199 -33.10 -55.33 -62.46
C THR I 199 -32.60 -54.56 -61.24
N VAL I 200 -31.43 -53.92 -61.35
CA VAL I 200 -30.87 -53.18 -60.23
C VAL I 200 -31.64 -51.89 -59.98
N SER I 201 -32.29 -51.33 -61.01
CA SER I 201 -33.12 -50.15 -60.81
C SER I 201 -34.41 -50.51 -60.10
N ASN I 202 -34.97 -51.69 -60.39
CA ASN I 202 -36.12 -52.17 -59.65
C ASN I 202 -35.73 -52.65 -58.26
N TRP I 203 -34.46 -53.01 -58.07
CA TRP I 203 -33.99 -53.45 -56.76
C TRP I 203 -33.83 -52.26 -55.81
N LEU I 204 -33.31 -51.15 -56.31
CA LEU I 204 -33.14 -49.96 -55.48
C LEU I 204 -34.41 -49.15 -55.32
N ALA I 205 -35.42 -49.37 -56.16
CA ALA I 205 -36.71 -48.72 -56.00
C ALA I 205 -37.66 -49.51 -55.10
N GLY I 206 -37.44 -50.81 -54.98
CA GLY I 206 -38.23 -51.65 -54.10
C GLY I 206 -39.26 -52.50 -54.81
N HIS I 207 -38.91 -53.76 -55.05
CA HIS I 207 -39.79 -54.75 -55.67
C HIS I 207 -39.47 -56.11 -55.07
N GLU I 208 -39.94 -57.18 -55.71
CA GLU I 208 -39.66 -58.52 -55.22
C GLU I 208 -38.23 -58.93 -55.54
N SER I 209 -37.86 -58.88 -56.83
CA SER I 209 -36.50 -59.12 -57.35
C SER I 209 -36.03 -60.53 -57.00
N LYS I 210 -36.68 -61.50 -57.65
CA LYS I 210 -36.44 -62.93 -57.41
C LYS I 210 -34.98 -63.41 -57.44
N PRO I 211 -34.07 -62.93 -58.30
CA PRO I 211 -32.66 -63.36 -58.16
C PRO I 211 -31.94 -62.75 -56.96
N LEU I 212 -32.53 -61.80 -56.24
CA LEU I 212 -31.86 -61.13 -55.15
C LEU I 212 -32.52 -61.46 -53.82
N PRO I 213 -31.76 -61.58 -52.72
CA PRO I 213 -32.31 -62.18 -51.49
C PRO I 213 -33.18 -61.27 -50.63
N ASN I 214 -33.66 -60.16 -51.18
CA ASN I 214 -34.66 -59.27 -50.55
C ASN I 214 -34.17 -58.71 -49.22
N LEU I 215 -33.12 -57.91 -49.29
CA LEU I 215 -32.55 -57.18 -48.17
C LEU I 215 -32.92 -55.69 -48.28
N PRO I 216 -33.14 -55.00 -47.16
CA PRO I 216 -33.72 -53.65 -47.21
C PRO I 216 -32.73 -52.61 -47.72
N LYS I 217 -33.26 -51.40 -47.95
CA LYS I 217 -32.55 -50.39 -48.71
C LYS I 217 -31.41 -49.74 -47.92
N SER I 218 -31.38 -49.95 -46.60
CA SER I 218 -30.20 -49.56 -45.83
C SER I 218 -29.03 -50.48 -46.17
N TYR I 219 -29.32 -51.73 -46.50
CA TYR I 219 -28.27 -52.67 -46.90
C TYR I 219 -28.08 -52.71 -48.40
N ARG I 220 -29.08 -52.24 -49.17
CA ARG I 220 -28.93 -52.17 -50.62
C ARG I 220 -27.89 -51.14 -51.01
N TRP I 221 -28.10 -49.88 -50.61
CA TRP I 221 -27.08 -48.85 -50.82
C TRP I 221 -25.88 -49.06 -49.93
N GLY I 222 -26.05 -49.77 -48.81
CA GLY I 222 -24.92 -50.02 -47.92
C GLY I 222 -23.89 -50.95 -48.52
N LEU I 223 -24.30 -51.78 -49.48
CA LEU I 223 -23.38 -52.73 -50.08
C LEU I 223 -23.01 -52.40 -51.52
N VAL I 224 -23.65 -51.39 -52.13
CA VAL I 224 -23.21 -50.90 -53.43
C VAL I 224 -21.84 -50.25 -53.31
N HIS I 225 -21.65 -49.43 -52.27
CA HIS I 225 -20.33 -48.87 -52.00
C HIS I 225 -19.35 -49.95 -51.56
N TRP I 226 -19.83 -51.01 -50.93
CA TRP I 226 -18.95 -52.13 -50.56
C TRP I 226 -18.42 -52.83 -51.79
N TRP I 227 -19.20 -52.87 -52.88
CA TRP I 227 -18.65 -53.31 -54.15
C TRP I 227 -17.83 -52.21 -54.82
N MET I 228 -18.17 -50.95 -54.56
CA MET I 228 -17.40 -49.84 -55.12
C MET I 228 -16.09 -49.64 -54.38
N GLY I 229 -16.06 -49.95 -53.08
CA GLY I 229 -14.86 -49.79 -52.29
C GLY I 229 -13.78 -50.82 -52.59
N ILE I 230 -14.19 -52.08 -52.83
CA ILE I 230 -13.23 -53.14 -53.13
C ILE I 230 -12.78 -53.13 -54.58
N LYS I 231 -13.45 -52.37 -55.44
CA LYS I 231 -13.10 -52.28 -56.87
C LYS I 231 -12.60 -50.86 -57.12
N ASP I 232 -11.28 -50.69 -57.12
CA ASP I 232 -10.67 -49.39 -57.36
C ASP I 232 -9.30 -49.53 -57.96
N ASP I 236 -20.86 -50.06 -64.09
CA ASP I 236 -20.41 -51.44 -64.00
C ASP I 236 -21.55 -52.40 -63.64
N HIS I 237 -22.67 -52.27 -64.36
CA HIS I 237 -23.85 -53.08 -64.06
C HIS I 237 -23.65 -54.53 -64.51
N PHE I 238 -22.82 -54.77 -65.51
CA PHE I 238 -22.50 -56.14 -65.88
C PHE I 238 -21.54 -56.77 -64.89
N SER I 239 -20.62 -55.97 -64.33
CA SER I 239 -19.77 -56.43 -63.25
C SER I 239 -20.51 -56.47 -61.92
N PHE I 240 -21.68 -55.83 -61.84
CA PHE I 240 -22.48 -55.87 -60.62
C PHE I 240 -23.19 -57.21 -60.48
N VAL I 241 -23.92 -57.63 -61.51
CA VAL I 241 -24.79 -58.80 -61.42
C VAL I 241 -24.03 -60.12 -61.49
N GLN I 242 -22.75 -60.11 -61.88
CA GLN I 242 -21.97 -61.35 -61.84
C GLN I 242 -21.62 -61.77 -60.43
N PHE I 243 -21.61 -60.83 -59.49
CA PHE I 243 -21.44 -61.14 -58.07
C PHE I 243 -22.75 -61.60 -57.44
N PHE I 244 -23.88 -61.33 -58.08
CA PHE I 244 -25.19 -61.66 -57.54
C PHE I 244 -25.91 -62.78 -58.29
N SER I 245 -25.39 -63.21 -59.44
CA SER I 245 -26.01 -64.33 -60.15
C SER I 245 -25.69 -65.65 -59.49
N ASN I 246 -24.56 -65.73 -58.78
CA ASN I 246 -24.16 -66.91 -58.03
C ASN I 246 -24.02 -66.57 -56.56
N TRP I 247 -25.04 -65.91 -56.02
CA TRP I 247 -25.00 -65.38 -54.65
C TRP I 247 -24.76 -66.41 -53.53
N PRO I 248 -25.25 -67.66 -53.57
CA PRO I 248 -24.74 -68.65 -52.61
C PRO I 248 -23.39 -69.26 -52.96
N ARG I 249 -22.66 -68.71 -53.92
CA ARG I 249 -21.35 -69.25 -54.29
C ARG I 249 -20.33 -68.12 -54.36
N SER I 250 -20.78 -66.89 -54.59
CA SER I 250 -19.87 -65.79 -54.89
C SER I 250 -19.10 -65.34 -53.66
N PHE I 251 -19.78 -65.21 -52.52
CA PHE I 251 -19.08 -64.77 -51.31
C PHE I 251 -18.20 -65.88 -50.75
N HIS I 252 -18.57 -67.14 -50.99
CA HIS I 252 -17.75 -68.25 -50.54
C HIS I 252 -16.53 -68.45 -51.44
N SER I 253 -16.60 -67.96 -52.69
CA SER I 253 -15.45 -68.10 -53.58
C SER I 253 -14.50 -66.91 -53.44
N ILE I 254 -15.03 -65.74 -53.08
CA ILE I 254 -14.16 -64.57 -52.95
C ILE I 254 -13.42 -64.60 -51.61
N ILE I 255 -13.89 -65.41 -50.66
CA ILE I 255 -13.22 -65.51 -49.36
C ILE I 255 -12.15 -66.60 -49.35
N GLU I 256 -12.18 -67.53 -50.30
CA GLU I 256 -11.24 -68.64 -50.32
C GLU I 256 -10.03 -68.40 -51.24
N ASP I 257 -10.13 -67.47 -52.19
CA ASP I 257 -9.00 -67.13 -53.04
C ASP I 257 -8.22 -65.92 -52.56
N GLU I 258 -8.79 -65.14 -51.63
CA GLU I 258 -8.09 -64.03 -51.02
C GLU I 258 -7.46 -64.39 -49.69
N VAL I 259 -7.81 -65.54 -49.11
CA VAL I 259 -7.18 -66.00 -47.89
C VAL I 259 -5.84 -66.68 -48.18
N GLU I 260 -5.64 -67.22 -49.39
CA GLU I 260 -4.34 -67.72 -49.77
C GLU I 260 -3.37 -66.60 -50.13
N PHE I 261 -3.89 -65.41 -50.42
CA PHE I 261 -3.04 -64.24 -50.61
C PHE I 261 -2.51 -63.76 -49.27
N ASN I 262 -1.27 -63.24 -49.30
CA ASN I 262 -0.55 -62.70 -48.14
C ASN I 262 -0.38 -63.76 -47.03
N LEU I 263 0.21 -64.89 -47.41
CA LEU I 263 0.63 -65.91 -46.46
C LEU I 263 2.13 -66.12 -46.44
N GLU I 264 2.81 -65.96 -47.58
CA GLU I 264 4.27 -66.03 -47.64
C GLU I 264 4.92 -64.71 -47.26
N HIS I 265 4.14 -63.66 -47.01
CA HIS I 265 4.64 -62.34 -46.64
C HIS I 265 4.44 -62.06 -45.16
N ALA I 266 4.65 -63.07 -44.31
CA ALA I 266 4.49 -62.91 -42.87
C ALA I 266 5.59 -62.01 -42.30
N VAL I 267 5.35 -61.53 -41.08
CA VAL I 267 6.16 -60.46 -40.53
C VAL I 267 7.04 -60.90 -39.37
N VAL I 268 6.65 -61.92 -38.60
CA VAL I 268 7.43 -62.22 -37.40
C VAL I 268 8.62 -63.09 -37.75
N SER I 269 8.38 -64.36 -38.08
CA SER I 269 9.41 -65.14 -38.76
C SER I 269 8.87 -65.78 -40.03
N THR I 270 7.87 -66.65 -39.87
CA THR I 270 7.17 -67.32 -40.97
C THR I 270 5.67 -67.36 -40.80
N SER I 271 5.14 -67.25 -39.59
CA SER I 271 3.71 -67.36 -39.32
C SER I 271 3.38 -66.47 -38.12
N GLU I 272 2.22 -66.72 -37.52
CA GLU I 272 1.64 -65.89 -36.44
C GLU I 272 1.55 -64.43 -36.86
N LEU I 273 0.81 -64.22 -37.95
CA LEU I 273 0.74 -62.91 -38.59
C LEU I 273 -0.12 -61.95 -37.79
N ARG I 274 0.33 -60.70 -37.70
CA ARG I 274 -0.31 -59.70 -36.86
C ARG I 274 -1.52 -59.09 -37.59
N LEU I 275 -2.04 -58.01 -37.04
CA LEU I 275 -3.20 -57.32 -37.60
C LEU I 275 -2.79 -56.57 -38.87
N LYS I 276 -3.79 -56.25 -39.70
CA LYS I 276 -3.80 -55.44 -40.92
C LYS I 276 -3.20 -56.21 -42.11
N ASP I 277 -2.58 -57.38 -41.90
CA ASP I 277 -1.96 -58.12 -42.98
C ASP I 277 -2.75 -59.36 -43.40
N LEU I 278 -3.56 -59.94 -42.51
CA LEU I 278 -4.39 -61.08 -42.84
C LEU I 278 -5.85 -60.65 -42.74
N LEU I 279 -6.55 -60.66 -43.89
CA LEU I 279 -7.90 -60.14 -44.11
C LEU I 279 -8.13 -58.76 -43.49
N GLY I 280 -7.13 -57.88 -43.60
CA GLY I 280 -7.25 -56.52 -43.08
C GLY I 280 -8.14 -55.64 -43.92
N ARG I 281 -8.45 -56.03 -45.15
CA ARG I 281 -9.35 -55.30 -46.03
C ARG I 281 -10.76 -55.91 -46.04
N LEU I 282 -10.88 -57.23 -45.99
CA LEU I 282 -12.18 -57.87 -46.04
C LEU I 282 -12.92 -57.76 -44.71
N PHE I 283 -12.23 -57.97 -43.59
CA PHE I 283 -12.89 -57.91 -42.29
C PHE I 283 -13.16 -56.48 -41.83
N PHE I 284 -12.28 -55.53 -42.20
CA PHE I 284 -12.46 -54.13 -41.85
C PHE I 284 -13.22 -53.36 -42.91
N GLY I 285 -13.97 -54.04 -43.77
CA GLY I 285 -14.73 -53.39 -44.81
C GLY I 285 -16.19 -53.82 -44.86
N SER I 286 -16.53 -54.86 -44.10
CA SER I 286 -17.86 -55.45 -44.15
C SER I 286 -18.57 -55.44 -42.78
N ILE I 287 -17.92 -54.91 -41.75
CA ILE I 287 -18.52 -54.87 -40.42
C ILE I 287 -19.29 -53.56 -40.25
N ARG I 288 -20.51 -53.67 -39.72
CA ARG I 288 -21.51 -52.60 -39.47
C ARG I 288 -21.69 -51.69 -40.69
N LEU I 289 -22.23 -52.28 -41.76
CA LEU I 289 -22.64 -51.55 -42.96
C LEU I 289 -24.14 -51.63 -43.18
N PRO I 290 -24.94 -50.75 -42.57
CA PRO I 290 -24.62 -49.86 -41.45
C PRO I 290 -25.09 -50.40 -40.11
N GLU I 291 -26.07 -51.30 -40.14
CA GLU I 291 -26.73 -51.84 -38.96
C GLU I 291 -26.29 -53.28 -38.74
N ARG I 292 -26.18 -53.67 -37.47
CA ARG I 292 -25.61 -54.96 -37.08
C ARG I 292 -26.66 -56.08 -37.01
N ASN I 293 -27.45 -56.22 -38.08
CA ASN I 293 -28.49 -57.25 -38.13
C ASN I 293 -27.94 -58.48 -38.85
N LEU I 294 -28.20 -59.65 -38.28
CA LEU I 294 -27.83 -60.92 -38.89
C LEU I 294 -28.96 -61.56 -39.69
N GLN I 295 -30.17 -60.99 -39.62
CA GLN I 295 -31.29 -61.53 -40.38
C GLN I 295 -31.17 -61.19 -41.86
N HIS I 296 -30.84 -59.94 -42.17
CA HIS I 296 -30.76 -59.46 -43.55
C HIS I 296 -29.33 -59.38 -44.06
N ASN I 297 -28.43 -58.75 -43.31
CA ASN I 297 -27.02 -58.66 -43.70
C ASN I 297 -26.37 -60.01 -43.42
N ILE I 298 -26.47 -60.91 -44.40
CA ILE I 298 -25.88 -62.24 -44.29
C ILE I 298 -24.41 -62.26 -44.70
N ILE I 299 -23.82 -61.10 -44.99
CA ILE I 299 -22.38 -61.03 -45.20
C ILE I 299 -21.63 -61.32 -43.91
N LEU I 300 -22.13 -60.76 -42.80
CA LEU I 300 -21.46 -60.91 -41.51
C LEU I 300 -21.55 -62.34 -40.99
N GLY I 301 -22.63 -63.04 -41.32
CA GLY I 301 -22.76 -64.43 -40.90
C GLY I 301 -21.93 -65.38 -41.72
N GLU I 302 -21.73 -65.07 -43.01
CA GLU I 302 -20.98 -65.96 -43.88
C GLU I 302 -19.48 -65.73 -43.79
N LEU I 303 -19.05 -64.51 -43.45
CA LEU I 303 -17.63 -64.32 -43.18
C LEU I 303 -17.25 -64.94 -41.84
N LEU I 304 -18.20 -64.99 -40.92
CA LEU I 304 -17.98 -65.68 -39.65
C LEU I 304 -18.00 -67.20 -39.85
N CYS I 305 -18.66 -67.65 -40.92
CA CYS I 305 -18.75 -69.08 -41.19
C CYS I 305 -17.42 -69.64 -41.70
N TYR I 306 -16.92 -69.09 -42.82
CA TYR I 306 -15.69 -69.60 -43.43
C TYR I 306 -14.46 -69.34 -42.56
N LEU I 307 -14.47 -68.29 -41.75
CA LEU I 307 -13.36 -68.07 -40.83
C LEU I 307 -13.44 -69.01 -39.63
N GLU I 308 -14.65 -69.44 -39.25
CA GLU I 308 -14.81 -70.27 -38.06
C GLU I 308 -15.71 -71.46 -38.35
N ASN I 309 -15.52 -72.09 -39.49
CA ASN I 309 -15.77 -73.53 -39.63
C ASN I 309 -14.47 -74.32 -39.57
N ARG I 310 -13.35 -73.62 -39.47
CA ARG I 310 -12.00 -74.17 -39.56
C ARG I 310 -11.14 -73.59 -38.44
N LEU I 311 -11.66 -73.73 -37.21
CA LEU I 311 -11.14 -73.05 -36.02
C LEU I 311 -9.66 -73.32 -35.76
N TRP I 312 -9.31 -74.58 -35.56
CA TRP I 312 -7.91 -74.98 -35.33
C TRP I 312 -7.46 -75.85 -36.49
N GLN I 313 -6.92 -75.19 -37.53
CA GLN I 313 -6.35 -75.92 -38.66
C GLN I 313 -4.88 -76.26 -38.39
N ASP I 314 -4.06 -75.25 -38.16
CA ASP I 314 -2.66 -75.41 -37.80
C ASP I 314 -2.39 -74.64 -36.52
N LYS I 315 -1.13 -74.60 -36.11
CA LYS I 315 -0.72 -73.86 -34.92
C LYS I 315 -0.45 -72.41 -35.31
N GLY I 316 -1.46 -71.57 -35.13
CA GLY I 316 -1.33 -70.16 -35.44
C GLY I 316 -1.78 -69.80 -36.85
N LEU I 317 -3.01 -70.17 -37.20
CA LEU I 317 -3.54 -69.90 -38.53
C LEU I 317 -4.71 -68.93 -38.53
N ILE I 318 -5.65 -69.06 -37.58
CA ILE I 318 -6.76 -68.12 -37.45
C ILE I 318 -6.82 -67.57 -36.03
N ALA I 319 -6.93 -68.48 -35.05
CA ALA I 319 -7.19 -68.06 -33.67
C ALA I 319 -5.94 -67.53 -32.98
N ASN I 320 -4.80 -68.19 -33.17
CA ASN I 320 -3.58 -67.83 -32.46
C ASN I 320 -2.82 -66.78 -33.28
N LEU I 321 -3.35 -65.56 -33.26
CA LEU I 321 -2.74 -64.42 -33.94
C LEU I 321 -2.66 -63.25 -32.96
N LYS I 322 -2.12 -62.14 -33.45
CA LYS I 322 -1.98 -60.95 -32.61
C LYS I 322 -3.11 -59.97 -32.89
N MET I 323 -3.81 -59.55 -31.84
CA MET I 323 -4.92 -58.63 -31.94
C MET I 323 -4.76 -57.52 -30.91
N ASN I 324 -5.49 -56.43 -31.13
CA ASN I 324 -5.46 -55.26 -30.27
C ASN I 324 -6.84 -55.00 -29.68
N ALA I 325 -6.86 -54.35 -28.52
CA ALA I 325 -8.12 -54.04 -27.85
C ALA I 325 -8.87 -52.90 -28.50
N LEU I 326 -8.19 -52.07 -29.31
CA LEU I 326 -8.87 -50.97 -29.98
C LEU I 326 -9.75 -51.47 -31.12
N GLU I 327 -9.27 -52.46 -31.87
CA GLU I 327 -10.05 -53.09 -32.92
C GLU I 327 -10.90 -54.25 -32.41
N ALA I 328 -10.93 -54.46 -31.10
CA ALA I 328 -11.80 -55.45 -30.49
C ALA I 328 -13.12 -54.86 -30.00
N THR I 329 -13.19 -53.55 -29.78
CA THR I 329 -14.41 -52.91 -29.33
C THR I 329 -15.40 -52.66 -30.46
N VAL I 330 -15.01 -52.90 -31.71
CA VAL I 330 -15.96 -52.78 -32.82
C VAL I 330 -16.90 -53.99 -32.84
N MET I 331 -16.49 -55.10 -32.24
CA MET I 331 -17.36 -56.27 -32.06
C MET I 331 -17.94 -56.34 -30.66
N LEU I 332 -17.16 -55.95 -29.65
CA LEU I 332 -17.56 -56.05 -28.25
C LEU I 332 -18.51 -54.92 -27.83
N ASN I 333 -18.63 -53.86 -28.63
CA ASN I 333 -19.48 -52.68 -28.38
C ASN I 333 -19.13 -52.03 -27.04
N CYS I 334 -17.91 -51.48 -26.99
CA CYS I 334 -17.42 -50.78 -25.82
C CYS I 334 -16.95 -49.38 -26.21
N SER I 335 -16.59 -48.60 -25.20
CA SER I 335 -16.06 -47.25 -25.35
C SER I 335 -14.84 -47.06 -24.46
N LEU I 336 -13.96 -48.06 -24.46
CA LEU I 336 -12.70 -48.13 -23.68
C LEU I 336 -12.89 -47.85 -22.19
N ASP I 337 -14.07 -48.21 -21.65
CA ASP I 337 -14.35 -48.06 -20.23
C ASP I 337 -14.65 -49.38 -19.51
N GLN I 338 -15.02 -50.44 -20.24
CA GLN I 338 -15.26 -51.74 -19.64
C GLN I 338 -13.99 -52.58 -19.57
N ILE I 339 -12.97 -52.24 -20.36
CA ILE I 339 -11.70 -52.97 -20.38
C ILE I 339 -10.97 -52.83 -19.04
N ALA I 340 -11.18 -51.73 -18.33
CA ALA I 340 -10.63 -51.56 -16.99
C ALA I 340 -11.36 -52.37 -15.93
N SER I 341 -12.43 -53.09 -16.29
CA SER I 341 -13.14 -53.96 -15.36
C SER I 341 -13.21 -55.40 -15.80
N MET I 342 -12.67 -55.74 -16.97
CA MET I 342 -12.71 -57.11 -17.50
C MET I 342 -11.38 -57.83 -17.37
N VAL I 343 -10.27 -57.20 -17.77
CA VAL I 343 -8.98 -57.88 -17.72
C VAL I 343 -8.45 -57.99 -16.29
N GLU I 344 -8.88 -57.10 -15.39
CA GLU I 344 -8.55 -57.24 -13.98
C GLU I 344 -9.46 -58.22 -13.25
N GLN I 345 -10.60 -58.57 -13.86
CA GLN I 345 -11.49 -59.58 -13.32
C GLN I 345 -11.16 -60.97 -13.85
N ARG I 346 -10.11 -61.06 -14.68
CA ARG I 346 -9.52 -62.31 -15.18
C ARG I 346 -10.50 -63.12 -16.03
N ILE I 347 -11.06 -62.48 -17.04
CA ILE I 347 -11.73 -63.20 -18.12
C ILE I 347 -10.78 -63.39 -19.30
N LEU I 348 -10.21 -62.28 -19.79
CA LEU I 348 -9.25 -62.31 -20.89
C LEU I 348 -7.85 -62.35 -20.29
N LYS I 349 -7.17 -63.48 -20.47
CA LYS I 349 -5.88 -63.69 -19.81
C LYS I 349 -4.78 -62.92 -20.54
N PRO I 350 -3.93 -62.18 -19.81
CA PRO I 350 -2.84 -61.45 -20.47
C PRO I 350 -1.72 -62.40 -20.89
N ASN I 351 -1.42 -62.41 -22.19
CA ASN I 351 -0.39 -63.27 -22.75
C ASN I 351 0.85 -62.46 -23.08
N ASP I 361 -2.60 -51.74 -21.27
CA ASP I 361 -2.07 -51.79 -22.62
C ASP I 361 -3.19 -51.49 -23.61
N VAL I 362 -3.02 -50.41 -24.39
CA VAL I 362 -4.06 -49.92 -25.29
C VAL I 362 -3.65 -50.06 -26.75
N THR I 363 -2.37 -49.93 -27.07
CA THR I 363 -1.93 -49.80 -28.46
C THR I 363 -1.15 -50.99 -28.98
N ASP I 364 -0.84 -51.98 -28.15
CA ASP I 364 -0.04 -53.11 -28.58
C ASP I 364 -0.91 -54.24 -29.14
N TYR I 365 -0.30 -55.05 -30.02
CA TYR I 365 -0.95 -56.25 -30.55
C TYR I 365 -0.70 -57.38 -29.54
N LEU I 366 -1.51 -57.38 -28.48
CA LEU I 366 -1.24 -58.19 -27.30
C LEU I 366 -2.04 -59.49 -27.28
N PHE I 367 -3.37 -59.40 -27.39
CA PHE I 367 -4.23 -60.56 -27.17
C PHE I 367 -4.43 -61.31 -28.49
N HIS I 368 -5.35 -62.28 -28.47
CA HIS I 368 -5.57 -63.17 -29.61
C HIS I 368 -7.03 -63.09 -30.03
N PHE I 369 -7.29 -63.51 -31.27
CA PHE I 369 -8.64 -63.41 -31.83
C PHE I 369 -9.57 -64.47 -31.26
N GLY I 370 -9.03 -65.63 -30.87
CA GLY I 370 -9.89 -66.72 -30.41
C GLY I 370 -10.46 -66.47 -29.03
N ASP I 371 -9.73 -65.77 -28.17
CA ASP I 371 -10.20 -65.56 -26.81
C ASP I 371 -11.14 -64.35 -26.72
N ILE I 372 -10.88 -63.33 -27.54
CA ILE I 372 -11.73 -62.13 -27.52
C ILE I 372 -13.10 -62.43 -28.12
N PHE I 373 -13.13 -63.24 -29.18
CA PHE I 373 -14.41 -63.58 -29.83
C PHE I 373 -15.27 -64.47 -28.95
N CYS I 374 -14.65 -65.31 -28.12
CA CYS I 374 -15.42 -66.26 -27.34
C CYS I 374 -16.05 -65.60 -26.12
N LEU I 375 -15.39 -64.60 -25.53
CA LEU I 375 -16.04 -63.83 -24.46
C LEU I 375 -17.08 -62.88 -25.03
N TRP I 376 -16.95 -62.49 -26.29
CA TRP I 376 -18.02 -61.80 -26.99
C TRP I 376 -19.26 -62.69 -27.11
N LEU I 377 -19.05 -63.97 -27.43
CA LEU I 377 -20.17 -64.89 -27.55
C LEU I 377 -20.72 -65.29 -26.18
N ALA I 378 -19.93 -65.12 -25.12
CA ALA I 378 -20.34 -65.53 -23.79
C ALA I 378 -20.94 -64.39 -22.97
N GLU I 379 -20.58 -63.14 -23.25
CA GLU I 379 -21.05 -62.03 -22.43
C GLU I 379 -21.45 -60.78 -23.20
N PHE I 380 -21.51 -60.82 -24.54
CA PHE I 380 -21.82 -59.63 -25.32
C PHE I 380 -22.75 -59.96 -26.49
N GLN I 381 -23.79 -60.75 -26.22
CA GLN I 381 -24.75 -61.11 -27.26
C GLN I 381 -25.93 -60.13 -27.28
N SER I 382 -26.88 -60.39 -28.15
CA SER I 382 -28.09 -59.56 -28.29
C SER I 382 -29.21 -60.45 -28.79
N ASP I 383 -30.30 -59.83 -29.26
CA ASP I 383 -31.42 -60.56 -29.86
C ASP I 383 -31.36 -60.60 -31.37
N GLU I 384 -30.92 -59.53 -32.02
CA GLU I 384 -30.74 -59.48 -33.46
C GLU I 384 -29.29 -59.53 -33.90
N PHE I 385 -28.37 -59.07 -33.06
CA PHE I 385 -26.93 -59.18 -33.32
C PHE I 385 -26.41 -60.36 -32.51
N ASN I 386 -26.66 -61.56 -33.04
CA ASN I 386 -26.50 -62.79 -32.28
C ASN I 386 -26.07 -63.89 -33.24
N ARG I 387 -26.08 -65.14 -32.75
CA ARG I 387 -25.54 -66.30 -33.45
C ARG I 387 -26.59 -67.12 -34.18
N SER I 388 -27.86 -67.04 -33.77
CA SER I 388 -28.88 -68.00 -34.21
C SER I 388 -29.55 -67.58 -35.52
N PHE I 389 -28.86 -66.86 -36.39
CA PHE I 389 -29.43 -66.44 -37.67
C PHE I 389 -28.69 -66.96 -38.89
N TYR I 390 -27.41 -67.29 -38.80
CA TYR I 390 -26.67 -67.83 -39.93
C TYR I 390 -26.80 -69.36 -39.92
N VAL I 391 -25.94 -70.05 -40.69
CA VAL I 391 -26.01 -71.50 -40.83
C VAL I 391 -25.80 -72.20 -39.48
N SER I 392 -26.60 -73.24 -39.21
CA SER I 392 -27.62 -73.80 -40.10
C SER I 392 -28.98 -73.11 -40.00
N ARG I 393 -29.60 -72.92 -41.16
CA ARG I 393 -30.89 -72.24 -41.26
C ARG I 393 -32.02 -73.11 -40.71
N MET M 1 -13.03 -90.19 -25.81
CA MET M 1 -14.44 -90.28 -25.44
C MET M 1 -15.34 -90.15 -26.66
N PHE M 2 -16.14 -91.18 -26.93
CA PHE M 2 -17.07 -91.20 -28.04
C PHE M 2 -18.49 -91.29 -27.47
N LEU M 3 -19.34 -90.33 -27.84
CA LEU M 3 -20.68 -90.23 -27.32
C LEU M 3 -21.70 -90.33 -28.45
N GLN M 4 -22.86 -90.90 -28.14
CA GLN M 4 -23.98 -90.98 -29.07
C GLN M 4 -24.98 -89.88 -28.74
N ARG M 5 -25.40 -89.14 -29.76
CA ARG M 5 -26.26 -88.01 -29.45
C ARG M 5 -27.74 -88.43 -29.39
N PRO M 6 -28.54 -87.79 -28.54
CA PRO M 6 -29.98 -88.10 -28.51
C PRO M 6 -30.75 -87.35 -29.57
N LYS M 7 -32.07 -87.49 -29.54
CA LYS M 7 -32.92 -86.75 -30.47
C LYS M 7 -32.94 -85.27 -30.11
N PRO M 8 -32.69 -84.37 -31.05
CA PRO M 8 -32.66 -82.94 -30.71
C PRO M 8 -34.04 -82.35 -30.52
N TYR M 9 -34.09 -81.31 -29.70
CA TYR M 9 -35.32 -80.57 -29.43
C TYR M 9 -35.00 -79.09 -29.31
N SER M 10 -35.81 -78.26 -29.95
CA SER M 10 -35.57 -76.81 -29.93
C SER M 10 -35.99 -76.16 -28.61
N ASP M 11 -36.89 -76.80 -27.86
CA ASP M 11 -37.36 -76.26 -26.58
C ASP M 11 -36.77 -76.98 -25.37
N GLU M 12 -35.65 -77.68 -25.55
CA GLU M 12 -35.01 -78.38 -24.44
C GLU M 12 -34.02 -77.46 -23.75
N SER M 13 -33.99 -77.53 -22.42
CA SER M 13 -33.07 -76.71 -21.63
C SER M 13 -31.65 -77.27 -21.73
N LEU M 14 -30.70 -76.50 -21.20
CA LEU M 14 -29.29 -76.87 -21.32
C LEU M 14 -28.90 -77.93 -20.31
N GLU M 15 -29.40 -77.82 -19.07
CA GLU M 15 -29.04 -78.77 -18.02
C GLU M 15 -29.62 -80.15 -18.30
N SER M 16 -30.85 -80.20 -18.83
CA SER M 16 -31.50 -81.47 -19.12
C SER M 16 -30.82 -82.21 -20.26
N PHE M 17 -30.12 -81.50 -21.14
CA PHE M 17 -29.39 -82.14 -22.21
C PHE M 17 -28.19 -82.92 -21.68
N PHE M 18 -27.52 -82.39 -20.65
CA PHE M 18 -26.44 -83.13 -20.02
C PHE M 18 -26.97 -84.30 -19.19
N ILE M 19 -28.22 -84.19 -18.73
CA ILE M 19 -28.82 -85.27 -17.96
C ILE M 19 -29.26 -86.40 -18.89
N ARG M 20 -29.88 -86.06 -20.02
CA ARG M 20 -30.37 -87.09 -20.94
C ARG M 20 -29.25 -87.67 -21.79
N VAL M 21 -28.07 -87.04 -21.80
CA VAL M 21 -26.92 -87.69 -22.42
C VAL M 21 -26.18 -88.50 -21.38
N ALA M 22 -26.43 -88.25 -20.09
CA ALA M 22 -25.92 -89.11 -19.04
C ALA M 22 -26.82 -90.32 -18.81
N ASN M 23 -28.05 -90.29 -19.31
CA ASN M 23 -28.94 -91.43 -19.19
C ASN M 23 -28.64 -92.46 -20.27
N LYS M 24 -28.37 -91.99 -21.49
CA LYS M 24 -28.10 -92.88 -22.62
C LYS M 24 -26.65 -93.31 -22.71
N ASN M 25 -25.82 -92.97 -21.73
CA ASN M 25 -24.40 -93.36 -21.73
C ASN M 25 -24.01 -94.11 -20.46
N GLY M 26 -24.99 -94.53 -19.66
CA GLY M 26 -24.71 -95.35 -18.50
C GLY M 26 -24.11 -94.63 -17.32
N TYR M 27 -24.86 -93.72 -16.73
CA TYR M 27 -24.45 -93.04 -15.50
C TYR M 27 -25.55 -93.17 -14.46
N GLY M 28 -25.15 -93.40 -13.22
CA GLY M 28 -26.08 -93.43 -12.10
C GLY M 28 -26.65 -92.05 -11.85
N ASP M 29 -25.76 -91.08 -11.70
CA ASP M 29 -26.17 -89.68 -11.67
C ASP M 29 -25.34 -88.86 -12.65
N VAL M 30 -25.73 -87.61 -12.87
CA VAL M 30 -25.18 -86.82 -13.96
C VAL M 30 -23.82 -86.20 -13.60
N HIS M 31 -23.50 -86.09 -12.31
CA HIS M 31 -22.22 -85.51 -11.91
C HIS M 31 -21.03 -86.40 -12.24
N ARG M 32 -21.27 -87.69 -12.51
CA ARG M 32 -20.19 -88.56 -12.93
C ARG M 32 -19.75 -88.25 -14.37
N PHE M 33 -20.68 -87.75 -15.19
CA PHE M 33 -20.31 -87.34 -16.55
C PHE M 33 -19.52 -86.05 -16.54
N LEU M 34 -19.80 -85.15 -15.59
CA LEU M 34 -19.07 -83.88 -15.53
C LEU M 34 -17.65 -84.08 -15.06
N GLU M 35 -17.39 -85.13 -14.26
CA GLU M 35 -16.03 -85.44 -13.85
C GLU M 35 -15.25 -86.07 -14.99
N ALA M 36 -15.91 -86.91 -15.78
CA ALA M 36 -15.25 -87.55 -16.92
C ALA M 36 -15.03 -86.58 -18.06
N THR M 37 -15.87 -85.55 -18.18
CA THR M 37 -15.68 -84.54 -19.20
C THR M 37 -14.50 -83.64 -18.86
N LYS M 38 -14.32 -83.33 -17.57
CA LYS M 38 -13.18 -82.54 -17.13
C LYS M 38 -11.87 -83.31 -17.31
N ARG M 39 -11.91 -84.65 -17.17
CA ARG M 39 -10.74 -85.47 -17.46
C ARG M 39 -10.48 -85.52 -18.95
N PHE M 40 -11.53 -85.47 -19.77
CA PHE M 40 -11.35 -85.48 -21.23
C PHE M 40 -10.82 -84.14 -21.73
N LEU M 41 -11.24 -83.03 -21.10
CA LEU M 41 -10.68 -81.73 -21.47
C LEU M 41 -9.24 -81.58 -20.99
N GLN M 42 -8.87 -82.30 -19.94
CA GLN M 42 -7.48 -82.29 -19.48
C GLN M 42 -6.57 -83.05 -20.44
N ASP M 43 -7.09 -84.09 -21.09
CA ASP M 43 -6.28 -84.90 -22.00
C ASP M 43 -6.03 -84.18 -23.32
N ILE M 44 -7.01 -83.41 -23.81
CA ILE M 44 -6.86 -82.70 -25.08
C ILE M 44 -6.21 -81.34 -24.91
N ASP M 45 -5.97 -80.91 -23.67
CA ASP M 45 -5.25 -79.67 -23.31
C ASP M 45 -5.95 -78.41 -23.85
N HIS M 46 -7.27 -78.45 -23.98
CA HIS M 46 -8.04 -77.25 -24.27
C HIS M 46 -8.14 -76.42 -22.99
N ASN M 47 -8.19 -75.08 -23.16
CA ASN M 47 -7.97 -74.13 -22.07
C ASN M 47 -9.01 -74.22 -20.95
N GLY M 48 -10.14 -74.87 -21.18
CA GLY M 48 -11.14 -74.98 -20.15
C GLY M 48 -10.98 -76.11 -19.14
N TYR M 49 -9.78 -76.68 -18.98
CA TYR M 49 -9.66 -77.80 -18.04
C TYR M 49 -9.39 -77.32 -16.61
N GLN M 50 -9.05 -76.04 -16.41
CA GLN M 50 -8.93 -75.54 -15.05
C GLN M 50 -10.29 -75.24 -14.43
N THR M 51 -11.22 -74.69 -15.21
CA THR M 51 -12.45 -74.12 -14.67
C THR M 51 -13.71 -74.85 -15.14
N PHE M 52 -13.60 -76.09 -15.60
CA PHE M 52 -14.80 -76.85 -15.96
C PHE M 52 -15.46 -77.36 -14.69
N PRO M 53 -16.72 -77.00 -14.42
CA PRO M 53 -17.35 -77.39 -13.16
C PRO M 53 -17.82 -78.83 -13.17
N THR M 54 -17.68 -79.49 -12.01
CA THR M 54 -18.21 -80.83 -11.80
C THR M 54 -19.56 -80.81 -11.09
N ASP M 55 -20.27 -79.69 -11.16
CA ASP M 55 -21.56 -79.52 -10.50
C ASP M 55 -22.59 -79.11 -11.54
N ILE M 56 -23.84 -79.51 -11.29
CA ILE M 56 -24.86 -79.42 -12.34
C ILE M 56 -25.49 -78.02 -12.46
N THR M 57 -25.57 -77.26 -11.37
CA THR M 57 -26.22 -75.96 -11.44
C THR M 57 -25.29 -74.85 -11.91
N ARG M 58 -23.99 -75.13 -12.06
CA ARG M 58 -23.03 -74.13 -12.54
C ARG M 58 -22.50 -74.49 -13.92
N ILE M 59 -23.21 -75.33 -14.67
CA ILE M 59 -22.82 -75.67 -16.03
C ILE M 59 -23.13 -74.54 -17.00
N ASN M 60 -24.00 -73.60 -16.59
CA ASN M 60 -24.30 -72.45 -17.43
C ASN M 60 -23.12 -71.47 -17.46
N PRO M 61 -22.95 -70.76 -18.57
CA PRO M 61 -21.84 -69.78 -18.65
C PRO M 61 -22.03 -68.55 -17.78
N TYR M 62 -23.26 -68.20 -17.39
CA TYR M 62 -23.44 -67.03 -16.53
C TYR M 62 -23.13 -67.32 -15.07
N SER M 63 -23.09 -68.59 -14.68
CA SER M 63 -22.74 -68.94 -13.31
C SER M 63 -21.25 -68.77 -13.01
N ALA M 64 -20.40 -68.85 -14.03
CA ALA M 64 -18.97 -68.63 -13.85
C ALA M 64 -18.70 -67.14 -13.69
N LYS M 65 -18.00 -66.77 -12.62
CA LYS M 65 -17.75 -65.37 -12.34
C LYS M 65 -16.64 -64.79 -13.21
N ASN M 66 -15.70 -65.63 -13.67
CA ASN M 66 -14.59 -65.14 -14.47
C ASN M 66 -14.19 -66.04 -15.63
N SER M 67 -14.90 -67.15 -15.86
CA SER M 67 -14.51 -68.11 -16.89
C SER M 67 -15.66 -68.40 -17.82
N SER M 68 -16.39 -67.37 -18.24
CA SER M 68 -17.41 -67.55 -19.26
C SER M 68 -16.79 -67.77 -20.64
N SER M 69 -15.60 -67.19 -20.87
CA SER M 69 -14.89 -67.45 -22.12
C SER M 69 -14.31 -68.86 -22.15
N ALA M 70 -13.89 -69.37 -21.00
CA ALA M 70 -13.42 -70.75 -20.94
C ALA M 70 -14.59 -71.75 -20.98
N ARG M 71 -15.80 -71.28 -20.66
CA ARG M 71 -16.95 -72.17 -20.65
C ARG M 71 -17.46 -72.43 -22.05
N THR M 72 -17.62 -71.36 -22.85
CA THR M 72 -18.18 -71.50 -24.18
C THR M 72 -17.15 -72.02 -25.18
N ALA M 73 -15.86 -71.85 -24.89
CA ALA M 73 -14.83 -72.43 -25.75
C ALA M 73 -14.78 -73.94 -25.59
N SER M 74 -15.02 -74.44 -24.37
CA SER M 74 -15.13 -75.87 -24.17
C SER M 74 -16.42 -76.42 -24.77
N PHE M 75 -17.44 -75.57 -24.90
CA PHE M 75 -18.67 -75.98 -25.58
C PHE M 75 -18.44 -76.14 -27.08
N LEU M 76 -17.48 -75.39 -27.63
CA LEU M 76 -17.14 -75.54 -29.04
C LEU M 76 -16.37 -76.81 -29.30
N LYS M 77 -15.53 -77.23 -28.34
CA LYS M 77 -14.72 -78.42 -28.55
C LYS M 77 -15.53 -79.69 -28.36
N LEU M 78 -16.51 -79.67 -27.45
CA LEU M 78 -17.36 -80.85 -27.25
C LEU M 78 -18.34 -81.02 -28.40
N ALA M 79 -18.70 -79.91 -29.06
CA ALA M 79 -19.67 -79.99 -30.15
C ALA M 79 -19.10 -80.56 -31.43
N GLN M 80 -17.77 -80.61 -31.57
CA GLN M 80 -17.15 -81.04 -32.82
C GLN M 80 -16.29 -82.29 -32.69
N LEU M 81 -16.02 -82.77 -31.48
CA LEU M 81 -15.10 -83.88 -31.29
C LEU M 81 -15.79 -85.13 -30.76
N THR M 82 -16.48 -85.04 -29.62
CA THR M 82 -16.99 -86.25 -28.98
C THR M 82 -18.31 -86.74 -29.56
N PHE M 83 -18.90 -86.02 -30.52
CA PHE M 83 -20.11 -86.45 -31.19
C PHE M 83 -19.81 -86.79 -32.64
N ASN M 84 -20.53 -87.77 -33.18
CA ASN M 84 -20.38 -88.14 -34.58
C ASN M 84 -20.97 -87.07 -35.50
N GLU M 85 -22.10 -86.49 -35.11
CA GLU M 85 -22.71 -85.38 -35.81
C GLU M 85 -22.78 -84.18 -34.87
N PRO M 86 -22.35 -83.00 -35.30
CA PRO M 86 -22.34 -81.83 -34.40
C PRO M 86 -23.74 -81.33 -34.12
N PRO M 87 -24.13 -81.25 -32.85
CA PRO M 87 -25.46 -80.73 -32.50
C PRO M 87 -25.44 -79.21 -32.38
N GLU M 88 -26.63 -78.65 -32.22
CA GLU M 88 -26.79 -77.22 -31.98
C GLU M 88 -26.79 -77.00 -30.47
N LEU M 89 -25.64 -76.60 -29.93
CA LEU M 89 -25.49 -76.40 -28.49
C LEU M 89 -25.34 -74.94 -28.10
N LEU M 90 -24.85 -74.08 -29.00
CA LEU M 90 -24.74 -72.66 -28.69
C LEU M 90 -26.11 -72.00 -28.60
N GLY M 91 -27.11 -72.52 -29.33
CA GLY M 91 -28.48 -72.08 -29.13
C GLY M 91 -29.09 -72.56 -27.83
N LEU M 92 -28.53 -73.62 -27.24
CA LEU M 92 -28.99 -74.12 -25.96
C LEU M 92 -28.33 -73.43 -24.78
N ALA M 93 -27.16 -72.82 -24.99
CA ALA M 93 -26.44 -72.17 -23.91
C ALA M 93 -27.07 -70.82 -23.56
N ILE M 94 -26.78 -70.37 -22.35
CA ILE M 94 -27.35 -69.13 -21.81
C ILE M 94 -26.16 -68.20 -21.54
N ASN M 95 -25.99 -67.19 -22.39
CA ASN M 95 -24.82 -66.32 -22.34
C ASN M 95 -25.23 -64.90 -21.95
N ARG M 96 -24.33 -64.21 -21.25
CA ARG M 96 -24.64 -62.88 -20.75
C ARG M 96 -24.63 -61.85 -21.88
N THR M 97 -24.96 -60.61 -21.53
CA THR M 97 -24.94 -59.51 -22.48
C THR M 97 -24.61 -58.22 -21.75
N ASN M 98 -24.20 -57.22 -22.54
CA ASN M 98 -23.95 -55.89 -22.01
C ASN M 98 -25.17 -54.99 -22.05
N MET M 99 -26.23 -55.40 -22.75
CA MET M 99 -27.44 -54.59 -22.85
C MET M 99 -28.22 -54.67 -21.55
N LYS M 100 -28.51 -53.51 -20.97
CA LYS M 100 -29.17 -53.40 -19.68
C LYS M 100 -30.67 -53.15 -19.85
N TYR M 101 -31.40 -53.31 -18.75
CA TYR M 101 -32.82 -52.96 -18.68
C TYR M 101 -33.02 -51.76 -17.77
N SER M 102 -34.19 -51.16 -17.90
CA SER M 102 -34.51 -49.98 -17.10
C SER M 102 -34.91 -50.40 -15.69
N PRO M 103 -34.41 -49.72 -14.64
CA PRO M 103 -33.40 -48.66 -14.73
C PRO M 103 -31.96 -49.14 -14.74
N SER M 104 -31.64 -50.20 -13.97
CA SER M 104 -30.28 -50.70 -13.87
C SER M 104 -30.23 -52.22 -13.81
N THR M 105 -31.18 -52.90 -14.46
CA THR M 105 -31.25 -54.35 -14.45
C THR M 105 -30.45 -54.91 -15.63
N SER M 106 -29.59 -55.89 -15.36
CA SER M 106 -28.83 -56.53 -16.41
C SER M 106 -29.70 -57.57 -17.13
N ALA M 107 -29.14 -58.21 -18.15
CA ALA M 107 -29.89 -59.17 -18.95
C ALA M 107 -28.98 -60.33 -19.34
N VAL M 108 -29.61 -61.39 -19.84
CA VAL M 108 -28.90 -62.59 -20.27
C VAL M 108 -29.60 -63.13 -21.51
N VAL M 109 -28.83 -63.83 -22.36
CA VAL M 109 -29.27 -64.23 -23.69
C VAL M 109 -29.18 -65.75 -23.81
N ARG M 110 -30.26 -66.38 -24.25
CA ARG M 110 -30.25 -67.79 -24.61
C ARG M 110 -30.68 -67.92 -26.07
N GLY M 111 -29.77 -68.41 -26.91
CA GLY M 111 -30.04 -68.59 -28.32
C GLY M 111 -30.24 -67.29 -29.07
N ALA M 112 -31.48 -67.00 -29.46
CA ALA M 112 -31.84 -65.73 -30.09
C ALA M 112 -32.84 -64.95 -29.24
N GLU M 113 -32.79 -65.13 -27.92
CA GLU M 113 -33.77 -64.55 -27.02
C GLU M 113 -33.07 -63.97 -25.80
N VAL M 114 -33.42 -62.75 -25.45
CA VAL M 114 -32.82 -62.03 -24.33
C VAL M 114 -33.76 -62.13 -23.13
N PHE M 115 -33.24 -62.61 -22.00
CA PHE M 115 -33.97 -62.79 -20.77
C PHE M 115 -33.51 -61.77 -19.71
N PRO M 116 -34.40 -61.36 -18.80
CA PRO M 116 -33.99 -60.47 -17.73
C PRO M 116 -33.21 -61.20 -16.64
N ARG M 117 -32.62 -60.39 -15.74
CA ARG M 117 -31.86 -60.89 -14.60
C ARG M 117 -32.67 -60.88 -13.31
N SER M 118 -33.54 -59.88 -13.12
CA SER M 118 -34.37 -59.82 -11.92
C SER M 118 -35.43 -60.92 -11.90
N LEU M 119 -35.78 -61.48 -13.05
CA LEU M 119 -36.70 -62.60 -13.13
C LEU M 119 -35.99 -63.96 -13.12
N LEU M 120 -34.65 -63.96 -13.13
CA LEU M 120 -33.90 -65.21 -13.02
C LEU M 120 -34.03 -65.78 -11.62
N ARG M 121 -34.42 -67.04 -11.53
CA ARG M 121 -34.58 -67.70 -10.25
C ARG M 121 -33.22 -68.14 -9.71
N THR M 122 -32.79 -67.54 -8.60
CA THR M 122 -31.60 -67.96 -7.90
C THR M 122 -31.89 -69.04 -6.86
N HIS M 123 -33.06 -69.68 -6.94
CA HIS M 123 -33.47 -70.73 -6.02
C HIS M 123 -33.87 -71.96 -6.83
N SER M 124 -34.52 -72.93 -6.19
CA SER M 124 -34.95 -74.14 -6.86
C SER M 124 -36.04 -73.84 -7.89
N ILE M 125 -36.01 -74.59 -8.97
CA ILE M 125 -36.92 -74.40 -10.11
C ILE M 125 -38.02 -75.45 -10.01
N PRO M 126 -39.30 -75.07 -10.15
CA PRO M 126 -40.39 -76.06 -10.09
C PRO M 126 -40.46 -76.95 -11.32
N CYS M 127 -41.46 -77.83 -11.35
CA CYS M 127 -41.54 -78.84 -12.40
C CYS M 127 -42.99 -79.15 -12.76
N CYS M 128 -43.21 -79.41 -14.04
CA CYS M 128 -44.42 -80.06 -14.54
C CYS M 128 -44.07 -81.52 -14.79
N PRO M 129 -44.38 -82.43 -13.85
CA PRO M 129 -43.80 -83.78 -13.92
C PRO M 129 -44.38 -84.66 -15.00
N LEU M 130 -45.60 -84.41 -15.48
CA LEU M 130 -46.15 -85.24 -16.53
C LEU M 130 -45.55 -84.93 -17.90
N CYS M 131 -44.98 -83.74 -18.08
CA CYS M 131 -44.13 -83.52 -19.26
C CYS M 131 -42.83 -84.29 -19.14
N LEU M 132 -42.30 -84.40 -17.92
CA LEU M 132 -41.14 -85.25 -17.67
C LEU M 132 -41.50 -86.73 -17.65
N ARG M 133 -42.78 -87.05 -17.52
CA ARG M 133 -43.23 -88.44 -17.53
C ARG M 133 -43.56 -88.92 -18.94
N GLU M 134 -44.09 -88.04 -19.79
CA GLU M 134 -44.43 -88.39 -21.17
C GLU M 134 -43.27 -88.09 -22.13
N ASN M 135 -42.86 -86.83 -22.20
CA ASN M 135 -41.79 -86.45 -23.11
C ASN M 135 -40.42 -86.78 -22.55
N GLY M 136 -40.19 -86.48 -21.27
CA GLY M 136 -38.94 -86.78 -20.61
C GLY M 136 -37.91 -85.67 -20.62
N TYR M 137 -38.15 -84.59 -21.36
CA TYR M 137 -37.23 -83.46 -21.41
C TYR M 137 -37.95 -82.21 -20.91
N ALA M 138 -37.17 -81.31 -20.30
CA ALA M 138 -37.70 -80.10 -19.69
C ALA M 138 -37.70 -78.95 -20.69
N SER M 139 -38.37 -77.87 -20.31
CA SER M 139 -38.46 -76.66 -21.11
C SER M 139 -37.51 -75.59 -20.59
N TYR M 140 -37.15 -74.66 -21.47
CA TYR M 140 -36.25 -73.58 -21.10
C TYR M 140 -36.97 -72.40 -20.46
N LEU M 141 -38.31 -72.39 -20.48
CA LEU M 141 -39.06 -71.29 -19.90
C LEU M 141 -39.15 -71.36 -18.39
N TRP M 142 -38.72 -72.47 -17.79
CA TRP M 142 -38.82 -72.64 -16.34
C TRP M 142 -37.74 -71.87 -15.59
N HIS M 143 -36.67 -71.45 -16.27
CA HIS M 143 -35.56 -70.79 -15.61
C HIS M 143 -35.87 -69.36 -15.20
N PHE M 144 -36.96 -68.78 -15.70
CA PHE M 144 -37.25 -67.37 -15.48
C PHE M 144 -38.70 -67.21 -15.05
N GLN M 145 -38.95 -66.16 -14.28
CA GLN M 145 -40.28 -65.92 -13.73
C GLN M 145 -41.24 -65.45 -14.82
N GLY M 146 -42.52 -65.42 -14.47
CA GLY M 146 -43.55 -65.03 -15.41
C GLY M 146 -44.26 -66.22 -16.03
N TYR M 147 -43.50 -67.27 -16.34
CA TYR M 147 -44.05 -68.50 -16.91
C TYR M 147 -44.54 -69.35 -15.75
N GLU M 148 -45.81 -69.17 -15.38
CA GLU M 148 -46.40 -69.85 -14.23
C GLU M 148 -47.13 -71.13 -14.60
N TYR M 149 -47.93 -71.12 -15.66
CA TYR M 149 -48.64 -72.31 -16.11
C TYR M 149 -47.97 -72.89 -17.34
N CYS M 150 -48.30 -74.16 -17.61
CA CYS M 150 -47.78 -74.84 -18.79
C CYS M 150 -48.57 -74.44 -20.02
N HIS M 151 -47.86 -74.18 -21.13
CA HIS M 151 -48.50 -73.78 -22.36
C HIS M 151 -48.90 -74.95 -23.25
N SER M 152 -48.61 -76.18 -22.83
CA SER M 152 -48.94 -77.37 -23.60
C SER M 152 -50.08 -78.18 -23.01
N HIS M 153 -50.14 -78.29 -21.67
CA HIS M 153 -51.16 -79.08 -21.00
C HIS M 153 -52.11 -78.26 -20.15
N ASN M 154 -51.86 -76.93 -20.03
CA ASN M 154 -52.68 -76.00 -19.24
C ASN M 154 -52.77 -76.42 -17.77
N VAL M 155 -51.66 -76.92 -17.23
CA VAL M 155 -51.60 -77.36 -15.83
C VAL M 155 -50.56 -76.52 -15.10
N PRO M 156 -50.73 -76.27 -13.80
CA PRO M 156 -49.75 -75.45 -13.08
C PRO M 156 -48.48 -76.22 -12.79
N LEU M 157 -47.39 -75.46 -12.64
CA LEU M 157 -46.11 -76.03 -12.25
C LEU M 157 -46.13 -76.39 -10.77
N ILE M 158 -45.93 -77.67 -10.46
CA ILE M 158 -45.93 -78.13 -9.08
C ILE M 158 -44.55 -77.92 -8.50
N THR M 159 -44.46 -77.12 -7.45
CA THR M 159 -43.16 -76.72 -6.90
C THR M 159 -42.59 -77.80 -5.99
N THR M 160 -43.33 -78.19 -4.96
CA THR M 160 -42.83 -79.09 -3.92
C THR M 160 -43.77 -80.29 -3.78
N CYS M 161 -43.48 -81.13 -2.79
CA CYS M 161 -44.27 -82.31 -2.50
C CYS M 161 -45.40 -81.99 -1.54
N SER M 162 -46.20 -83.01 -1.21
CA SER M 162 -47.21 -82.88 -0.17
C SER M 162 -46.60 -82.93 1.23
N CYS M 163 -45.38 -83.42 1.37
CA CYS M 163 -44.73 -83.50 2.67
C CYS M 163 -43.76 -82.35 2.94
N GLY M 164 -43.07 -81.85 1.91
CA GLY M 164 -42.20 -80.71 2.10
C GLY M 164 -40.91 -80.73 1.31
N LYS M 165 -40.52 -81.90 0.81
CA LYS M 165 -39.28 -82.03 0.04
C LYS M 165 -39.59 -81.66 -1.40
N GLU M 166 -39.05 -80.52 -1.85
CA GLU M 166 -39.26 -80.10 -3.23
C GLU M 166 -38.37 -80.91 -4.18
N PHE M 167 -38.92 -81.22 -5.36
CA PHE M 167 -38.15 -81.88 -6.40
C PHE M 167 -37.68 -80.87 -7.42
N ASP M 168 -36.45 -81.07 -7.92
CA ASP M 168 -35.95 -80.38 -9.09
C ASP M 168 -35.30 -81.41 -9.99
N TYR M 169 -35.44 -81.21 -11.29
CA TYR M 169 -34.98 -82.19 -12.27
C TYR M 169 -33.47 -82.19 -12.48
N ARG M 170 -32.74 -81.28 -11.82
CA ARG M 170 -31.31 -81.12 -12.08
C ARG M 170 -30.45 -82.17 -11.38
N VAL M 171 -30.98 -82.91 -10.42
CA VAL M 171 -30.20 -83.83 -9.60
C VAL M 171 -30.54 -85.29 -9.89
N SER M 172 -31.79 -85.68 -9.66
CA SER M 172 -32.13 -87.10 -9.69
C SER M 172 -32.33 -87.62 -11.11
N GLY M 173 -32.50 -86.73 -12.07
CA GLY M 173 -32.90 -87.18 -13.39
C GLY M 173 -34.35 -86.77 -13.63
N LEU M 174 -34.74 -86.77 -14.91
CA LEU M 174 -36.03 -86.22 -15.29
C LEU M 174 -37.16 -87.24 -15.30
N LYS M 175 -37.14 -88.27 -14.44
CA LYS M 175 -38.33 -89.08 -14.29
C LYS M 175 -39.39 -88.36 -13.46
N GLY M 176 -38.98 -87.45 -12.57
CA GLY M 176 -39.89 -86.55 -11.89
C GLY M 176 -40.20 -86.90 -10.44
N ILE M 177 -39.50 -87.84 -9.82
CA ILE M 177 -39.85 -88.38 -8.52
C ILE M 177 -38.71 -88.10 -7.55
N CYS M 178 -39.07 -87.72 -6.32
CA CYS M 178 -38.16 -87.11 -5.34
C CYS M 178 -37.07 -88.07 -4.86
N CYS M 179 -36.22 -87.54 -3.97
CA CYS M 179 -35.08 -88.28 -3.43
C CYS M 179 -35.38 -88.85 -2.05
N LYS M 180 -35.78 -87.97 -1.13
CA LYS M 180 -35.95 -88.37 0.27
C LYS M 180 -37.20 -89.23 0.45
N CYS M 181 -38.36 -88.68 0.09
CA CYS M 181 -39.60 -89.44 0.18
C CYS M 181 -39.82 -90.32 -1.04
N LYS M 182 -39.48 -89.82 -2.23
CA LYS M 182 -39.54 -90.53 -3.50
C LYS M 182 -40.97 -91.03 -3.78
N GLU M 183 -41.86 -90.06 -3.95
CA GLU M 183 -43.26 -90.31 -4.24
C GLU M 183 -43.63 -89.62 -5.55
N PRO M 184 -44.67 -90.07 -6.26
CA PRO M 184 -45.06 -89.42 -7.53
C PRO M 184 -45.59 -88.01 -7.31
N ILE M 185 -44.88 -87.03 -7.86
CA ILE M 185 -45.29 -85.64 -7.81
C ILE M 185 -46.30 -85.39 -8.93
N GLU M 195 -58.43 -67.76 -15.98
CA GLU M 195 -58.21 -67.60 -17.41
C GLU M 195 -57.01 -66.70 -17.70
N ALA M 196 -56.77 -65.68 -16.87
CA ALA M 196 -55.76 -64.68 -17.17
C ALA M 196 -54.34 -65.23 -17.04
N ALA M 197 -54.11 -66.12 -16.08
CA ALA M 197 -52.82 -66.79 -16.00
C ALA M 197 -52.67 -67.80 -17.13
N CYS M 198 -53.77 -68.43 -17.53
CA CYS M 198 -53.75 -69.25 -18.74
C CYS M 198 -53.61 -68.40 -19.99
N THR M 199 -54.13 -67.16 -19.96
CA THR M 199 -53.93 -66.24 -21.07
C THR M 199 -52.47 -65.88 -21.24
N VAL M 200 -51.81 -65.43 -20.17
CA VAL M 200 -50.41 -65.02 -20.28
C VAL M 200 -49.47 -66.21 -20.46
N SER M 201 -49.97 -67.44 -20.34
CA SER M 201 -49.18 -68.61 -20.69
C SER M 201 -49.10 -68.80 -22.20
N ASN M 202 -50.23 -68.75 -22.89
CA ASN M 202 -50.30 -69.30 -24.25
C ASN M 202 -49.96 -68.31 -25.36
N TRP M 203 -49.39 -67.14 -25.04
CA TRP M 203 -48.70 -66.34 -26.03
C TRP M 203 -47.28 -66.01 -25.58
N LEU M 204 -46.60 -66.95 -24.95
CA LEU M 204 -45.17 -66.83 -24.66
C LEU M 204 -44.30 -67.66 -25.60
N ALA M 205 -44.74 -68.85 -25.99
CA ALA M 205 -43.94 -69.71 -26.85
C ALA M 205 -44.08 -69.37 -28.33
N GLY M 206 -44.67 -68.23 -28.67
CA GLY M 206 -44.77 -67.80 -30.04
C GLY M 206 -46.10 -68.05 -30.72
N HIS M 207 -47.17 -68.28 -29.97
CA HIS M 207 -48.46 -68.59 -30.54
C HIS M 207 -49.19 -67.31 -30.91
N GLU M 208 -49.46 -67.16 -32.21
CA GLU M 208 -50.03 -65.93 -32.76
C GLU M 208 -51.55 -65.99 -32.86
N SER M 209 -52.26 -66.40 -31.80
CA SER M 209 -53.72 -66.43 -31.86
C SER M 209 -54.35 -66.06 -30.52
N LYS M 210 -54.55 -64.73 -30.30
CA LYS M 210 -55.58 -64.04 -29.50
C LYS M 210 -55.32 -62.55 -29.63
N PRO M 211 -56.28 -61.64 -29.33
CA PRO M 211 -56.02 -60.20 -29.51
C PRO M 211 -55.11 -59.54 -28.47
N LEU M 212 -54.50 -60.32 -27.57
CA LEU M 212 -53.37 -59.82 -26.81
C LEU M 212 -52.23 -59.49 -27.77
N PRO M 213 -51.46 -58.42 -27.54
CA PRO M 213 -50.53 -57.93 -28.56
C PRO M 213 -49.36 -58.88 -28.77
N ASN M 214 -48.92 -58.94 -30.03
CA ASN M 214 -47.93 -59.91 -30.46
C ASN M 214 -46.65 -59.19 -30.84
N LEU M 215 -45.55 -59.63 -30.26
CA LEU M 215 -44.21 -59.09 -30.47
C LEU M 215 -43.29 -60.25 -30.84
N PRO M 216 -42.14 -59.95 -31.45
CA PRO M 216 -41.06 -60.94 -31.44
C PRO M 216 -40.63 -61.16 -30.00
N LYS M 217 -40.85 -62.36 -29.48
CA LYS M 217 -40.99 -62.60 -28.04
C LYS M 217 -39.69 -62.47 -27.24
N SER M 218 -38.59 -62.06 -27.87
CA SER M 218 -37.47 -61.51 -27.11
C SER M 218 -37.86 -60.18 -26.47
N TYR M 219 -38.61 -59.36 -27.22
CA TYR M 219 -39.08 -58.07 -26.70
C TYR M 219 -40.19 -58.24 -25.68
N ARG M 220 -40.85 -59.40 -25.68
CA ARG M 220 -42.01 -59.63 -24.82
C ARG M 220 -41.61 -59.74 -23.35
N TRP M 221 -40.41 -60.25 -23.08
CA TRP M 221 -39.94 -60.32 -21.71
C TRP M 221 -39.63 -58.93 -21.16
N GLY M 222 -39.28 -57.99 -22.03
CA GLY M 222 -39.19 -56.60 -21.62
C GLY M 222 -40.55 -56.02 -21.29
N LEU M 223 -41.59 -56.47 -22.00
CA LEU M 223 -42.95 -56.07 -21.65
C LEU M 223 -43.40 -56.71 -20.34
N VAL M 224 -42.90 -57.91 -20.05
CA VAL M 224 -43.12 -58.52 -18.74
C VAL M 224 -42.35 -57.76 -17.66
N HIS M 225 -41.11 -57.36 -17.98
CA HIS M 225 -40.30 -56.63 -17.01
C HIS M 225 -40.80 -55.20 -16.80
N TRP M 226 -41.48 -54.63 -17.81
CA TRP M 226 -42.04 -53.29 -17.64
C TRP M 226 -43.25 -53.33 -16.70
N TRP M 227 -43.96 -54.45 -16.66
CA TRP M 227 -45.15 -54.55 -15.81
C TRP M 227 -44.76 -54.68 -14.35
N MET M 228 -43.60 -55.26 -14.07
CA MET M 228 -43.16 -55.42 -12.69
C MET M 228 -42.52 -54.15 -12.14
N GLY M 229 -41.92 -53.34 -13.01
CA GLY M 229 -41.28 -52.11 -12.55
C GLY M 229 -42.23 -51.01 -12.19
N ILE M 230 -43.38 -50.94 -12.87
CA ILE M 230 -44.36 -49.89 -12.59
C ILE M 230 -45.17 -50.23 -11.35
N LYS M 231 -45.67 -51.46 -11.28
CA LYS M 231 -46.54 -51.87 -10.17
C LYS M 231 -45.76 -52.11 -8.88
N ASP M 232 -44.44 -52.31 -8.96
CA ASP M 232 -43.55 -52.58 -7.81
C ASP M 232 -44.01 -53.81 -7.03
N SER M 233 -44.29 -54.89 -7.76
CA SER M 233 -44.78 -56.13 -7.17
C SER M 233 -44.45 -57.26 -8.14
N GLU M 234 -45.07 -58.43 -7.94
CA GLU M 234 -44.90 -59.54 -8.86
C GLU M 234 -45.67 -59.26 -10.16
N PHE M 235 -45.40 -60.09 -11.17
CA PHE M 235 -46.01 -59.93 -12.48
C PHE M 235 -47.46 -60.38 -12.41
N ASP M 236 -48.36 -59.41 -12.23
CA ASP M 236 -49.78 -59.67 -12.13
C ASP M 236 -50.33 -60.09 -13.50
N HIS M 237 -51.41 -60.87 -13.48
CA HIS M 237 -51.97 -61.44 -14.69
C HIS M 237 -53.38 -60.95 -15.00
N PHE M 238 -54.20 -60.70 -13.98
CA PHE M 238 -55.60 -60.34 -14.21
C PHE M 238 -55.72 -58.94 -14.77
N SER M 239 -55.07 -57.96 -14.13
CA SER M 239 -55.06 -56.60 -14.66
C SER M 239 -54.16 -56.46 -15.88
N PHE M 240 -53.25 -57.42 -16.10
CA PHE M 240 -52.41 -57.41 -17.30
C PHE M 240 -53.25 -57.67 -18.55
N VAL M 241 -54.23 -58.56 -18.45
CA VAL M 241 -55.19 -58.78 -19.53
C VAL M 241 -56.10 -57.57 -19.66
N GLN M 242 -56.52 -57.00 -18.53
CA GLN M 242 -57.46 -55.88 -18.52
C GLN M 242 -56.82 -54.62 -19.08
N PHE M 243 -55.53 -54.44 -18.85
CA PHE M 243 -54.85 -53.24 -19.37
C PHE M 243 -54.65 -53.33 -20.88
N PHE M 244 -54.41 -54.52 -21.41
CA PHE M 244 -54.26 -54.70 -22.85
C PHE M 244 -55.59 -54.93 -23.56
N SER M 245 -56.68 -55.12 -22.82
CA SER M 245 -57.99 -55.19 -23.45
C SER M 245 -58.54 -53.80 -23.74
N ASN M 246 -58.09 -52.79 -22.99
CA ASN M 246 -58.48 -51.40 -23.20
C ASN M 246 -57.35 -50.58 -23.81
N TRP M 247 -56.52 -51.20 -24.65
CA TRP M 247 -55.35 -50.72 -25.37
C TRP M 247 -55.73 -50.18 -26.73
N PRO M 248 -55.21 -49.01 -27.14
CA PRO M 248 -54.36 -48.12 -26.34
C PRO M 248 -55.15 -46.96 -25.73
N ARG M 249 -56.41 -47.21 -25.36
CA ARG M 249 -57.27 -46.15 -24.86
C ARG M 249 -57.00 -45.82 -23.39
N SER M 250 -56.85 -46.84 -22.54
CA SER M 250 -56.56 -46.60 -21.14
C SER M 250 -55.08 -46.37 -20.86
N PHE M 251 -54.22 -46.50 -21.88
CA PHE M 251 -52.81 -46.20 -21.70
C PHE M 251 -52.59 -44.69 -21.59
N HIS M 252 -53.17 -43.92 -22.51
CA HIS M 252 -52.94 -42.48 -22.53
C HIS M 252 -53.67 -41.77 -21.40
N SER M 253 -54.67 -42.42 -20.79
CA SER M 253 -55.33 -41.83 -19.63
C SER M 253 -54.42 -41.88 -18.40
N ILE M 254 -53.69 -42.98 -18.23
CA ILE M 254 -52.76 -43.09 -17.10
C ILE M 254 -51.55 -42.20 -17.32
N ILE M 255 -51.16 -41.98 -18.58
CA ILE M 255 -50.15 -40.98 -18.89
C ILE M 255 -50.65 -39.59 -18.54
N GLU M 256 -51.92 -39.30 -18.85
CA GLU M 256 -52.47 -37.97 -18.58
C GLU M 256 -52.73 -37.77 -17.08
N ASP M 257 -53.12 -38.83 -16.37
CA ASP M 257 -53.42 -38.69 -14.95
C ASP M 257 -52.14 -38.57 -14.12
N GLU M 258 -51.01 -39.02 -14.65
CA GLU M 258 -49.76 -38.94 -13.90
C GLU M 258 -49.00 -37.65 -14.19
N VAL M 259 -49.12 -37.10 -15.41
CA VAL M 259 -48.54 -35.78 -15.66
C VAL M 259 -49.39 -34.70 -15.01
N GLU M 260 -50.67 -34.98 -14.77
CA GLU M 260 -51.49 -34.09 -13.96
C GLU M 260 -51.14 -34.22 -12.48
N PHE M 261 -50.65 -35.39 -12.08
CA PHE M 261 -50.39 -35.68 -10.67
C PHE M 261 -49.25 -34.84 -10.12
N ASN M 262 -48.07 -34.98 -10.70
CA ASN M 262 -46.89 -34.29 -10.21
C ASN M 262 -46.77 -32.85 -10.72
N LEU M 263 -47.75 -32.37 -11.49
CA LEU M 263 -47.83 -30.96 -11.83
C LEU M 263 -48.81 -30.22 -10.92
N GLU M 264 -49.90 -30.86 -10.51
CA GLU M 264 -50.74 -30.30 -9.47
C GLU M 264 -50.01 -30.25 -8.14
N HIS M 265 -49.20 -31.27 -7.86
CA HIS M 265 -48.43 -31.35 -6.62
C HIS M 265 -46.96 -31.11 -6.88
N ALA M 266 -46.65 -30.18 -7.78
CA ALA M 266 -45.27 -29.81 -8.06
C ALA M 266 -44.70 -29.00 -6.91
N VAL M 267 -43.40 -29.17 -6.66
CA VAL M 267 -42.82 -28.63 -5.44
C VAL M 267 -42.26 -27.22 -5.67
N VAL M 268 -41.70 -26.94 -6.84
CA VAL M 268 -41.01 -25.66 -7.03
C VAL M 268 -41.97 -24.62 -7.59
N SER M 269 -42.42 -24.81 -8.82
CA SER M 269 -43.20 -23.81 -9.55
C SER M 269 -43.80 -24.45 -10.79
N THR M 270 -44.35 -23.62 -11.68
CA THR M 270 -44.74 -24.06 -13.01
C THR M 270 -43.61 -23.98 -14.01
N SER M 271 -42.49 -23.37 -13.64
CA SER M 271 -41.29 -23.33 -14.47
C SER M 271 -40.08 -23.39 -13.57
N GLU M 272 -38.90 -23.42 -14.21
CA GLU M 272 -37.62 -23.76 -13.57
C GLU M 272 -37.73 -25.11 -12.85
N LEU M 273 -38.00 -26.16 -13.64
CA LEU M 273 -38.09 -27.52 -13.15
C LEU M 273 -37.26 -28.44 -14.02
N ARG M 274 -36.79 -29.52 -13.41
CA ARG M 274 -36.16 -30.62 -14.13
C ARG M 274 -37.27 -31.52 -14.68
N LEU M 275 -36.91 -32.49 -15.53
CA LEU M 275 -37.94 -33.42 -16.00
C LEU M 275 -38.34 -34.45 -14.96
N LYS M 276 -37.66 -34.50 -13.82
CA LYS M 276 -38.22 -35.19 -12.66
C LYS M 276 -39.42 -34.40 -12.14
N ASP M 277 -40.39 -35.15 -11.60
CA ASP M 277 -41.67 -34.65 -11.09
C ASP M 277 -42.50 -33.96 -12.18
N LEU M 278 -42.23 -34.27 -13.44
CA LEU M 278 -43.18 -34.11 -14.54
C LEU M 278 -43.24 -35.38 -15.38
N LEU M 279 -42.10 -36.02 -15.62
CA LEU M 279 -42.00 -37.41 -16.10
C LEU M 279 -40.97 -38.09 -15.21
N GLY M 280 -41.42 -38.65 -14.09
CA GLY M 280 -40.50 -39.23 -13.13
C GLY M 280 -40.22 -40.71 -13.35
N ARG M 281 -41.28 -41.52 -13.41
CA ARG M 281 -41.14 -42.95 -13.60
C ARG M 281 -41.58 -43.42 -14.98
N LEU M 282 -42.31 -42.58 -15.72
CA LEU M 282 -42.77 -42.97 -17.06
C LEU M 282 -41.63 -42.93 -18.08
N PHE M 283 -40.68 -42.02 -17.91
CA PHE M 283 -39.59 -41.85 -18.86
C PHE M 283 -38.37 -42.68 -18.52
N PHE M 284 -37.97 -42.71 -17.24
CA PHE M 284 -36.78 -43.45 -16.84
C PHE M 284 -36.99 -44.95 -16.74
N GLY M 285 -38.24 -45.42 -16.76
CA GLY M 285 -38.54 -46.82 -16.61
C GLY M 285 -38.96 -47.55 -17.87
N SER M 286 -38.81 -46.94 -19.05
CA SER M 286 -39.23 -47.56 -20.29
C SER M 286 -38.23 -47.31 -21.42
N ILE M 287 -36.95 -47.23 -21.10
CA ILE M 287 -35.94 -46.85 -22.07
C ILE M 287 -35.44 -48.05 -22.85
N ARG M 288 -34.83 -49.00 -22.15
CA ARG M 288 -34.04 -50.07 -22.74
C ARG M 288 -34.67 -51.44 -22.44
N LEU M 289 -35.62 -51.85 -23.28
CA LEU M 289 -36.29 -53.15 -23.11
C LEU M 289 -36.42 -53.88 -24.44
N PRO M 290 -35.33 -54.48 -24.96
CA PRO M 290 -33.90 -54.32 -24.64
C PRO M 290 -33.29 -53.20 -25.48
N GLU M 291 -34.01 -52.81 -26.53
CA GLU M 291 -33.56 -51.84 -27.51
C GLU M 291 -34.72 -50.91 -27.84
N ARG M 292 -34.39 -49.69 -28.27
CA ARG M 292 -35.37 -48.64 -28.54
C ARG M 292 -36.04 -48.78 -29.92
N ASN M 293 -36.01 -49.95 -30.54
CA ASN M 293 -36.66 -50.13 -31.84
C ASN M 293 -38.16 -50.14 -31.60
N LEU M 294 -38.76 -48.97 -31.67
CA LEU M 294 -40.10 -48.70 -31.12
C LEU M 294 -41.23 -49.24 -32.00
N GLN M 295 -40.93 -49.80 -33.16
CA GLN M 295 -41.90 -50.66 -33.83
C GLN M 295 -42.12 -51.93 -33.02
N HIS M 296 -41.07 -52.45 -32.39
CA HIS M 296 -41.19 -53.65 -31.59
C HIS M 296 -41.74 -53.36 -30.19
N ASN M 297 -41.01 -52.57 -29.40
CA ASN M 297 -41.50 -52.18 -28.08
C ASN M 297 -42.26 -50.87 -28.22
N ILE M 298 -43.59 -50.99 -28.32
CA ILE M 298 -44.47 -49.85 -28.57
C ILE M 298 -44.83 -49.15 -27.26
N ILE M 299 -44.19 -49.56 -26.16
CA ILE M 299 -44.28 -48.80 -24.92
C ILE M 299 -43.40 -47.55 -25.00
N LEU M 300 -42.43 -47.55 -25.92
CA LEU M 300 -41.66 -46.35 -26.19
C LEU M 300 -42.16 -45.67 -27.46
N GLY M 301 -42.83 -46.41 -28.34
CA GLY M 301 -43.36 -45.81 -29.55
C GLY M 301 -44.57 -44.92 -29.28
N GLU M 302 -45.28 -45.19 -28.19
CA GLU M 302 -46.40 -44.34 -27.80
C GLU M 302 -46.00 -43.35 -26.71
N LEU M 303 -44.93 -43.63 -25.98
CA LEU M 303 -44.39 -42.64 -25.05
C LEU M 303 -43.74 -41.48 -25.81
N LEU M 304 -42.99 -41.81 -26.86
CA LEU M 304 -42.41 -40.78 -27.72
C LEU M 304 -43.40 -40.25 -28.74
N CYS M 305 -44.61 -40.84 -28.80
CA CYS M 305 -45.71 -40.18 -29.48
C CYS M 305 -46.32 -39.08 -28.63
N TYR M 306 -46.39 -39.31 -27.31
CA TYR M 306 -46.86 -38.27 -26.40
C TYR M 306 -45.85 -37.14 -26.28
N LEU M 307 -44.57 -37.44 -26.50
CA LEU M 307 -43.54 -36.40 -26.46
C LEU M 307 -43.52 -35.58 -27.75
N GLU M 308 -44.18 -36.06 -28.81
CA GLU M 308 -44.22 -35.30 -30.05
C GLU M 308 -45.41 -34.34 -30.09
N ASN M 309 -46.61 -34.86 -29.84
CA ASN M 309 -47.84 -34.09 -30.02
C ASN M 309 -48.14 -33.14 -28.87
N ARG M 310 -47.34 -33.16 -27.80
CA ARG M 310 -47.60 -32.32 -26.63
C ARG M 310 -46.38 -31.48 -26.27
N LEU M 311 -45.82 -30.78 -27.25
CA LEU M 311 -44.61 -30.00 -27.01
C LEU M 311 -44.92 -28.55 -26.62
N TRP M 312 -45.65 -27.84 -27.47
CA TRP M 312 -45.71 -26.38 -27.43
C TRP M 312 -47.10 -25.86 -27.10
N GLN M 313 -47.73 -26.47 -26.11
CA GLN M 313 -48.99 -25.99 -25.56
C GLN M 313 -48.75 -25.43 -24.16
N ASP M 314 -49.71 -24.60 -23.71
CA ASP M 314 -49.69 -23.92 -22.40
C ASP M 314 -48.42 -23.07 -22.23
N LYS M 315 -48.16 -22.23 -23.24
CA LYS M 315 -47.06 -21.26 -23.26
C LYS M 315 -45.69 -21.94 -23.11
N GLY M 316 -45.55 -23.11 -23.72
CA GLY M 316 -44.30 -23.86 -23.59
C GLY M 316 -44.10 -24.49 -22.23
N LEU M 317 -45.15 -25.09 -21.68
CA LEU M 317 -45.03 -25.77 -20.39
C LEU M 317 -44.19 -27.03 -20.51
N ILE M 318 -44.19 -27.66 -21.67
CA ILE M 318 -43.37 -28.85 -21.88
C ILE M 318 -41.99 -28.49 -22.43
N ALA M 319 -41.86 -27.36 -23.11
CA ALA M 319 -40.58 -26.99 -23.70
C ALA M 319 -39.64 -26.28 -22.73
N ASN M 320 -40.05 -26.07 -21.47
CA ASN M 320 -39.14 -25.48 -20.49
C ASN M 320 -38.78 -26.48 -19.39
N LEU M 321 -38.75 -27.76 -19.72
CA LEU M 321 -38.19 -28.74 -18.80
C LEU M 321 -36.67 -28.73 -18.92
N LYS M 322 -36.00 -28.57 -17.79
CA LYS M 322 -34.56 -28.36 -17.77
C LYS M 322 -33.84 -29.70 -17.66
N MET M 323 -32.81 -29.88 -18.47
CA MET M 323 -32.03 -31.12 -18.45
C MET M 323 -30.55 -30.83 -18.27
N ASN M 324 -29.84 -31.85 -17.84
CA ASN M 324 -28.40 -31.85 -17.70
C ASN M 324 -27.76 -32.47 -18.94
N ALA M 325 -26.46 -32.70 -18.89
CA ALA M 325 -25.75 -33.20 -20.06
C ALA M 325 -25.82 -34.71 -20.20
N LEU M 326 -25.86 -35.45 -19.09
CA LEU M 326 -25.73 -36.91 -19.18
C LEU M 326 -27.04 -37.59 -19.51
N GLU M 327 -28.16 -36.87 -19.53
CA GLU M 327 -29.41 -37.49 -19.99
C GLU M 327 -29.39 -37.70 -21.49
N ALA M 328 -28.60 -36.91 -22.23
CA ALA M 328 -28.41 -37.18 -23.65
C ALA M 328 -27.60 -38.44 -23.87
N THR M 329 -26.70 -38.77 -22.94
CA THR M 329 -25.97 -40.03 -23.03
C THR M 329 -26.88 -41.22 -22.71
N VAL M 330 -27.90 -41.01 -21.90
CA VAL M 330 -28.83 -42.09 -21.57
C VAL M 330 -29.90 -42.21 -22.65
N MET M 331 -30.50 -41.08 -23.04
CA MET M 331 -31.60 -41.14 -24.01
C MET M 331 -31.09 -41.32 -25.43
N LEU M 332 -30.20 -40.44 -25.88
CA LEU M 332 -29.88 -40.30 -27.30
C LEU M 332 -28.74 -41.20 -27.76
N ASN M 333 -28.24 -42.06 -26.87
CA ASN M 333 -27.20 -43.07 -27.17
C ASN M 333 -25.91 -42.41 -27.67
N CYS M 334 -25.30 -41.62 -26.79
CA CYS M 334 -24.04 -40.96 -27.10
C CYS M 334 -23.15 -41.00 -25.85
N SER M 335 -22.06 -40.25 -25.89
CA SER M 335 -21.11 -40.19 -24.79
C SER M 335 -20.93 -38.74 -24.37
N LEU M 336 -20.18 -38.54 -23.28
CA LEU M 336 -19.94 -37.20 -22.77
C LEU M 336 -18.97 -36.41 -23.65
N ASP M 337 -18.07 -37.12 -24.34
CA ASP M 337 -17.13 -36.43 -25.23
C ASP M 337 -17.83 -35.98 -26.51
N GLN M 338 -18.90 -36.65 -26.91
CA GLN M 338 -19.62 -36.24 -28.12
C GLN M 338 -20.50 -35.04 -27.85
N ILE M 339 -20.89 -34.81 -26.60
CA ILE M 339 -21.65 -33.60 -26.25
C ILE M 339 -20.75 -32.37 -26.37
N ALA M 340 -19.46 -32.52 -26.03
CA ALA M 340 -18.53 -31.40 -26.12
C ALA M 340 -18.23 -31.05 -27.58
N SER M 341 -18.38 -32.02 -28.49
CA SER M 341 -18.28 -31.72 -29.91
C SER M 341 -19.51 -30.96 -30.40
N MET M 342 -20.65 -31.14 -29.73
CA MET M 342 -21.87 -30.42 -30.12
C MET M 342 -21.80 -28.96 -29.68
N VAL M 343 -21.00 -28.66 -28.66
CA VAL M 343 -20.93 -27.29 -28.13
C VAL M 343 -19.90 -26.47 -28.90
N GLU M 344 -18.76 -27.09 -29.23
CA GLU M 344 -17.67 -26.36 -29.89
C GLU M 344 -18.03 -26.02 -31.34
N GLN M 345 -18.82 -26.86 -32.00
CA GLN M 345 -19.26 -26.59 -33.36
C GLN M 345 -20.73 -26.19 -33.42
N ARG M 346 -21.32 -25.83 -32.29
CA ARG M 346 -22.54 -25.04 -32.14
C ARG M 346 -23.82 -25.72 -32.61
N ILE M 347 -23.82 -27.03 -32.80
CA ILE M 347 -25.04 -27.70 -33.26
C ILE M 347 -26.06 -27.75 -32.13
N LEU M 348 -25.60 -28.07 -30.92
CA LEU M 348 -26.40 -27.91 -29.71
C LEU M 348 -26.07 -26.54 -29.12
N LYS M 349 -27.10 -25.82 -28.69
CA LYS M 349 -26.92 -24.47 -28.18
C LYS M 349 -27.31 -24.41 -26.71
N PRO M 350 -26.37 -24.14 -25.80
CA PRO M 350 -26.70 -24.12 -24.37
C PRO M 350 -27.47 -22.86 -23.99
N ASN M 351 -27.82 -22.79 -22.71
CA ASN M 351 -28.53 -21.64 -22.17
C ASN M 351 -28.16 -21.43 -20.71
N ASP M 361 -19.85 -28.92 -17.76
CA ASP M 361 -20.05 -29.83 -16.65
C ASP M 361 -21.11 -30.87 -17.02
N VAL M 362 -20.98 -32.06 -16.42
CA VAL M 362 -21.88 -33.16 -16.74
C VAL M 362 -23.22 -32.99 -16.04
N THR M 363 -23.19 -32.67 -14.75
CA THR M 363 -24.38 -32.76 -13.91
C THR M 363 -25.24 -31.51 -13.90
N ASP M 364 -24.71 -30.35 -14.30
CA ASP M 364 -25.47 -29.11 -14.19
C ASP M 364 -26.58 -29.05 -15.25
N TYR M 365 -27.70 -28.43 -14.88
CA TYR M 365 -28.90 -28.43 -15.71
C TYR M 365 -28.89 -27.19 -16.59
N LEU M 366 -28.72 -27.39 -17.90
CA LEU M 366 -28.40 -26.29 -18.80
C LEU M 366 -29.17 -26.31 -20.11
N PHE M 367 -29.80 -27.41 -20.50
CA PHE M 367 -30.36 -27.55 -21.83
C PHE M 367 -31.89 -27.42 -21.74
N HIS M 368 -32.57 -27.64 -22.88
CA HIS M 368 -34.01 -27.43 -22.95
C HIS M 368 -34.66 -28.49 -23.83
N PHE M 369 -35.99 -28.62 -23.68
CA PHE M 369 -36.72 -29.80 -24.14
C PHE M 369 -37.13 -29.74 -25.60
N GLY M 370 -37.73 -28.62 -26.03
CA GLY M 370 -37.98 -28.44 -27.45
C GLY M 370 -36.70 -28.27 -28.25
N ASP M 371 -35.63 -27.84 -27.58
CA ASP M 371 -34.30 -27.82 -28.19
C ASP M 371 -33.77 -29.24 -28.41
N ILE M 372 -34.02 -30.14 -27.46
CA ILE M 372 -33.40 -31.46 -27.54
C ILE M 372 -34.28 -32.46 -28.30
N PHE M 373 -35.58 -32.21 -28.43
CA PHE M 373 -36.43 -33.12 -29.18
C PHE M 373 -36.24 -32.94 -30.68
N CYS M 374 -35.98 -31.70 -31.10
CA CYS M 374 -35.70 -31.45 -32.51
C CYS M 374 -34.22 -31.64 -32.83
N LEU M 375 -33.41 -31.92 -31.81
CA LEU M 375 -31.99 -32.19 -32.04
C LEU M 375 -31.79 -33.61 -32.55
N TRP M 376 -32.51 -34.58 -31.99
CA TRP M 376 -32.28 -35.97 -32.36
C TRP M 376 -33.03 -36.38 -33.61
N LEU M 377 -33.95 -35.55 -34.10
CA LEU M 377 -34.49 -35.78 -35.43
C LEU M 377 -33.53 -35.30 -36.51
N ALA M 378 -32.52 -34.52 -36.13
CA ALA M 378 -31.58 -33.96 -37.08
C ALA M 378 -30.19 -34.55 -36.97
N GLU M 379 -29.81 -35.09 -35.81
CA GLU M 379 -28.44 -35.55 -35.61
C GLU M 379 -28.37 -36.96 -35.05
N PHE M 380 -29.39 -37.37 -34.30
CA PHE M 380 -29.33 -38.60 -33.52
C PHE M 380 -30.48 -39.54 -33.86
N GLN M 381 -30.69 -39.78 -35.14
CA GLN M 381 -31.75 -40.66 -35.62
C GLN M 381 -31.12 -41.75 -36.48
N SER M 382 -31.18 -42.98 -36.01
CA SER M 382 -30.63 -44.12 -36.73
C SER M 382 -31.74 -44.83 -37.48
N ASP M 383 -31.36 -45.82 -38.29
CA ASP M 383 -32.34 -46.56 -39.09
C ASP M 383 -33.21 -47.45 -38.20
N GLU M 384 -32.66 -47.97 -37.11
CA GLU M 384 -33.43 -48.74 -36.16
C GLU M 384 -34.22 -47.85 -35.20
N PHE M 385 -33.61 -46.75 -34.74
CA PHE M 385 -34.28 -45.80 -33.86
C PHE M 385 -34.78 -44.64 -34.73
N ASN M 386 -35.94 -44.85 -35.33
CA ASN M 386 -36.64 -43.84 -36.10
C ASN M 386 -37.86 -43.35 -35.33
N ARG M 387 -38.37 -42.21 -35.76
CA ARG M 387 -39.62 -41.66 -35.24
C ARG M 387 -40.77 -41.87 -36.20
N SER M 388 -40.49 -42.19 -37.46
CA SER M 388 -41.51 -42.41 -38.48
C SER M 388 -42.28 -43.72 -38.30
N PHE M 389 -41.89 -44.58 -37.34
CA PHE M 389 -42.52 -45.88 -37.18
C PHE M 389 -43.94 -45.81 -36.62
N TYR M 390 -44.39 -44.66 -36.12
CA TYR M 390 -45.72 -44.56 -35.55
C TYR M 390 -46.59 -43.50 -36.20
N VAL M 391 -46.34 -43.16 -37.46
CA VAL M 391 -47.06 -42.08 -38.15
C VAL M 391 -48.49 -42.51 -38.49
N SER M 392 -48.76 -43.81 -38.44
CA SER M 392 -50.10 -44.34 -38.68
C SER M 392 -50.78 -44.83 -37.41
N ARG M 393 -50.21 -44.55 -36.24
CA ARG M 393 -50.80 -44.98 -34.98
C ARG M 393 -51.62 -43.91 -34.28
N TRP M 394 -51.16 -42.65 -34.29
CA TRP M 394 -51.87 -41.57 -33.63
C TRP M 394 -53.04 -41.08 -34.47
#